data_3ZE2
#
_entry.id   3ZE2
#
_cell.length_a   233.210
_cell.length_b   143.560
_cell.length_c   104.730
_cell.angle_alpha   90.00
_cell.angle_beta   90.00
_cell.angle_gamma   90.00
#
_symmetry.space_group_name_H-M   'P 21 21 2'
#
loop_
_entity.id
_entity.type
_entity.pdbx_description
1 polymer 'INTEGRIN ALPHA-IIB'
2 polymer 'INTEGRIN BETA-3'
3 polymer '10E5 FAB HEAVY CHAIN'
4 polymer '10E5 FAB LIGHT CHAIN'
5 polymer 'RGD PEPTIDE'
6 branched alpha-D-mannopyranose-(1-3)-alpha-D-mannopyranose-(1-6)-[alpha-D-mannopyranose-(1-3)]beta-D-mannopyranose-(1-4)-2-acetamido-2-deoxy-beta-D-glucopyranose-(1-4)-2-acetamido-2-deoxy-beta-D-glucopyranose
7 branched 2-acetamido-2-deoxy-beta-D-glucopyranose-(1-4)-2-acetamido-2-deoxy-beta-D-glucopyranose
8 branched alpha-D-mannopyranose-(1-3)-beta-D-mannopyranose-(1-4)-2-acetamido-2-deoxy-beta-D-glucopyranose-(1-4)-2-acetamido-2-deoxy-beta-D-glucopyranose
9 non-polymer GLYCEROL
10 non-polymer 'SULFATE ION'
11 non-polymer 'CALCIUM ION'
12 non-polymer 'MANGANESE (II) ION'
13 non-polymer 2-acetamido-2-deoxy-beta-D-glucopyranose
14 water water
#
loop_
_entity_poly.entity_id
_entity_poly.type
_entity_poly.pdbx_seq_one_letter_code
_entity_poly.pdbx_strand_id
1 'polypeptide(L)'
;LNLDPVQLTFYAGPNGSQFGFSLDFHKDSHGRVAIVVGAPRTLGPSQEETGGVFLCPWRAEGGQCPSLLFDLRDETRNVG
SQTLQTFKARQGLGASVVSWSDVIVACAPWQHWNVLEKTEEAEKTPVGSCFLAQPESGRRAEYSPCRGNTLSRIYVENDF
SWDKRYCEAGFSSVVTQAGELVLGAPGGYYFLGLLAQAPVADIFSSYRPGILLWHVSSQSLSFDSSNPEYFDGYWGYSVA
VGEFDGDLNTTEYVVGAPTWSWTLGAVEILDSYYQRLHRLRGEQMASYFGHSVAVTDVNGDGRHDLLVGAPLYMESRADR
KLAEVGRVYLFLQPRGPHALGAPSLLLTGTQLYGRFGSAIAPLGDLDRDGYNDIAVAAPYGGPSGRGQVLVFLGQSEGLR
SRPSQVLDSPFPTGSAFGFSLRGAVDIDDNGYPDLIVGAYGANQVAVYRAQPVVKAS
;
A,C
2 'polypeptide(L)'
;GPNICTTRGVSSCQQCLAVSPMCAWCSDEALPLGSPRCDLKENLLKDNCAPESIEFPVSEARVLEDRPLSDKGSGDSSQV
TQVSPQRIALRLRPDDSKNFSIQVRQVEDYPVDIYYLMDLSYSMKDDLWSIQNLGTKLATQMRKLTSNLRIGFGAFVDKP
VSPYMYISPPEALENPCYDMKTTCLPMFGYKHVLTLTDQVTRFNEEVKKQSVSRNRDAPEGGFDAIMQATVCDEKIGWRN
DASHLLVFTTDAKTHIALDGRLAGIVQPNDGQCHVGSDNHYSASTTMDYPSLGLMTEKLSQKNINLIFAVTENVVNLYQN
YSELIPGTTVGVLSMDSSNVLQLIVDAYGKIRSKVELEVRDLPEELSLSFNATCLNNEVIPGLKSCMGLKIGDTVSFSIE
AKVRGCPQEKEKSFTIKPVGFKDSLIVQVTFDCDCACQAQAEPNSHRCNNGNGTFECGVCRCGPGWLGSQCE
;
B,D
3 'polypeptide(L)'
;EVQLQQSGAELVKPGASVKLSCTASGFNIKDTYVHWVKQRPEQGLEWIGRIDPANGYTKYDPKFQGKATITADTSSNTAY
LQLSSLTSEDTAVYYCVRPLYDYYAMDYWGQGTSVTVSSAKTTAPSVYPLAPVCGDTTGSSVTLGCLVKGYFPEPVTLTW
NSGSLSSGVHTFPAVLQSDLYTLSSSVTVTSSTWPSQSITCNVAHPASSTKVDKKIEPRGP
;
E,H
4 'polypeptide(L)'
;DILMTQSPSSMSVSLGDTVSITCHASQGISSNIGWLQQKPGKSFMGLIYYGTNLVDGVPSRFSGSGSGADYSLTISSLDS
EDFADYYCVQYAQLPYTFGGGTKLEIKRADAAPTVSIFPPSSEQLTSGGASVVCFLNNFYPKDINVKWKIDGSERQNGVL
NSWTDQDSKDSTYSMSSTLTLTKDEYERHNSYTCEATHKTSTSPIVKSFNRNEC
;
F,L
5 'polypeptide(L)' GRGDSP I,J
#
loop_
_chem_comp.id
_chem_comp.type
_chem_comp.name
_chem_comp.formula
BMA D-saccharide, beta linking beta-D-mannopyranose 'C6 H12 O6'
CA non-polymer 'CALCIUM ION' 'Ca 2'
GOL non-polymer GLYCEROL 'C3 H8 O3'
MAN D-saccharide, alpha linking alpha-D-mannopyranose 'C6 H12 O6'
MN non-polymer 'MANGANESE (II) ION' 'Mn 2'
NAG D-saccharide, beta linking 2-acetamido-2-deoxy-beta-D-glucopyranose 'C8 H15 N O6'
SO4 non-polymer 'SULFATE ION' 'O4 S -2'
#
# COMPACT_ATOMS: atom_id res chain seq x y z
N LEU A 1 -7.81 13.66 44.46
CA LEU A 1 -7.53 14.78 45.40
C LEU A 1 -7.97 14.42 46.81
N ASN A 2 -9.24 14.07 46.96
CA ASN A 2 -9.84 13.90 48.28
C ASN A 2 -10.27 12.46 48.60
N LEU A 3 -9.65 11.49 47.96
CA LEU A 3 -9.77 10.10 48.41
C LEU A 3 -8.91 9.96 49.67
N ASP A 4 -9.36 9.14 50.61
CA ASP A 4 -8.64 8.94 51.87
C ASP A 4 -7.70 7.73 51.77
N PRO A 5 -6.39 7.97 51.76
CA PRO A 5 -5.40 6.89 51.61
C PRO A 5 -4.91 6.38 52.96
N VAL A 6 -5.46 6.93 54.03
CA VAL A 6 -5.02 6.57 55.38
C VAL A 6 -5.86 5.44 55.96
N GLN A 7 -7.19 5.55 55.85
CA GLN A 7 -8.09 4.53 56.37
C GLN A 7 -8.79 3.74 55.26
N LEU A 8 -8.15 2.66 54.81
CA LEU A 8 -8.70 1.86 53.72
C LEU A 8 -9.54 0.71 54.26
N THR A 9 -10.29 0.09 53.37
CA THR A 9 -11.04 -1.12 53.70
C THR A 9 -10.57 -2.22 52.78
N PHE A 10 -10.36 -3.40 53.33
CA PHE A 10 -9.84 -4.53 52.56
C PHE A 10 -10.80 -5.71 52.55
N TYR A 11 -11.09 -6.21 51.35
CA TYR A 11 -11.80 -7.47 51.20
C TYR A 11 -10.84 -8.51 50.63
N ALA A 12 -11.04 -9.77 51.01
CA ALA A 12 -10.11 -10.82 50.61
C ALA A 12 -10.83 -12.08 50.17
N GLY A 13 -10.24 -12.77 49.20
CA GLY A 13 -10.73 -14.06 48.75
C GLY A 13 -9.70 -15.13 49.03
N PRO A 14 -9.98 -16.37 48.62
CA PRO A 14 -9.06 -17.50 48.86
C PRO A 14 -7.73 -17.35 48.12
N ASN A 15 -6.67 -17.88 48.70
CA ASN A 15 -5.37 -17.89 48.04
C ASN A 15 -5.44 -18.52 46.65
N GLY A 16 -4.82 -17.85 45.68
CA GLY A 16 -4.73 -18.38 44.34
C GLY A 16 -5.98 -18.21 43.50
N SER A 17 -7.00 -17.57 44.07
CA SER A 17 -8.28 -17.42 43.40
C SER A 17 -8.29 -16.24 42.43
N GLN A 18 -7.30 -15.35 42.55
CA GLN A 18 -7.26 -14.12 41.77
C GLN A 18 -8.48 -13.24 42.06
N PHE A 19 -8.98 -13.36 43.29
CA PHE A 19 -10.01 -12.47 43.81
C PHE A 19 -9.59 -11.03 43.56
N GLY A 20 -10.43 -10.29 42.85
CA GLY A 20 -10.15 -8.89 42.55
C GLY A 20 -9.79 -8.66 41.09
N PHE A 21 -9.73 -9.74 40.33
CA PHE A 21 -9.43 -9.65 38.90
C PHE A 21 -10.41 -8.71 38.21
N SER A 22 -11.69 -8.81 38.59
CA SER A 22 -12.71 -7.90 38.10
C SER A 22 -13.65 -7.54 39.25
N LEU A 23 -14.32 -6.40 39.13
CA LEU A 23 -15.23 -5.96 40.18
C LEU A 23 -16.19 -4.89 39.68
N ASP A 24 -17.27 -4.68 40.43
CA ASP A 24 -18.22 -3.63 40.11
C ASP A 24 -19.06 -3.34 41.35
N PHE A 25 -19.70 -2.18 41.36
CA PHE A 25 -20.66 -1.86 42.43
C PHE A 25 -21.99 -2.48 42.08
N HIS A 26 -22.73 -2.92 43.10
CA HIS A 26 -24.05 -3.51 42.89
C HIS A 26 -25.08 -2.95 43.87
N LYS A 27 -26.18 -2.46 43.34
CA LYS A 27 -27.30 -1.98 44.16
C LYS A 27 -28.40 -3.02 44.23
N ASP A 28 -28.79 -3.41 45.45
CA ASP A 28 -29.95 -4.27 45.60
C ASP A 28 -31.22 -3.44 45.44
N SER A 29 -32.38 -4.09 45.48
CA SER A 29 -33.65 -3.41 45.23
C SER A 29 -33.97 -2.37 46.29
N HIS A 30 -33.31 -2.45 47.43
CA HIS A 30 -33.54 -1.49 48.51
C HIS A 30 -32.59 -0.30 48.44
N GLY A 31 -31.76 -0.27 47.40
CA GLY A 31 -30.85 0.85 47.19
C GLY A 31 -29.55 0.75 47.96
N ARG A 32 -29.30 -0.39 48.58
CA ARG A 32 -28.06 -0.60 49.32
C ARG A 32 -26.94 -1.06 48.40
N VAL A 33 -25.79 -0.38 48.47
CA VAL A 33 -24.66 -0.67 47.60
C VAL A 33 -23.74 -1.75 48.19
N ALA A 34 -23.40 -2.72 47.36
CA ALA A 34 -22.43 -3.77 47.72
C ALA A 34 -21.37 -3.84 46.65
N ILE A 35 -20.44 -4.78 46.79
CA ILE A 35 -19.39 -4.96 45.79
C ILE A 35 -19.38 -6.39 45.28
N VAL A 36 -19.48 -6.55 43.96
CA VAL A 36 -19.35 -7.87 43.35
C VAL A 36 -17.91 -8.02 42.89
N VAL A 37 -17.28 -9.14 43.25
CA VAL A 37 -15.89 -9.40 42.92
C VAL A 37 -15.72 -10.71 42.16
N GLY A 38 -15.03 -10.65 41.03
CA GLY A 38 -14.73 -11.85 40.27
C GLY A 38 -13.42 -12.45 40.72
N ALA A 39 -13.36 -13.78 40.77
CA ALA A 39 -12.16 -14.50 41.19
C ALA A 39 -11.96 -15.69 40.26
N PRO A 40 -11.40 -15.46 39.07
CA PRO A 40 -11.37 -16.42 37.95
C PRO A 40 -10.65 -17.75 38.20
N ARG A 41 -9.89 -17.89 39.28
CA ARG A 41 -9.19 -19.15 39.52
C ARG A 41 -9.65 -19.86 40.80
N THR A 42 -10.81 -19.44 41.31
CA THR A 42 -11.39 -20.08 42.48
C THR A 42 -11.61 -21.56 42.17
N LEU A 43 -11.42 -22.41 43.17
CA LEU A 43 -11.59 -23.85 42.98
C LEU A 43 -13.05 -24.24 43.04
N GLY A 44 -13.46 -25.14 42.14
CA GLY A 44 -14.81 -25.67 42.15
C GLY A 44 -14.88 -26.91 43.02
N PRO A 45 -15.99 -27.65 42.90
CA PRO A 45 -16.17 -28.90 43.67
C PRO A 45 -15.21 -29.98 43.21
N SER A 46 -14.92 -30.00 41.92
CA SER A 46 -14.03 -31.00 41.33
C SER A 46 -12.58 -30.80 41.79
N GLN A 47 -12.33 -29.77 42.60
CA GLN A 47 -11.01 -29.47 43.12
C GLN A 47 -10.15 -28.75 42.08
N GLU A 48 -10.69 -28.57 40.87
CA GLU A 48 -9.96 -27.88 39.81
C GLU A 48 -10.36 -26.40 39.76
N GLU A 49 -9.55 -25.61 39.09
CA GLU A 49 -9.84 -24.19 38.92
C GLU A 49 -11.01 -24.00 37.96
N THR A 50 -12.03 -23.27 38.41
CA THR A 50 -13.19 -22.96 37.58
CA THR A 50 -13.16 -22.95 37.54
C THR A 50 -13.56 -21.47 37.61
N GLY A 51 -13.16 -20.78 38.68
CA GLY A 51 -13.51 -19.38 38.84
C GLY A 51 -14.72 -19.28 39.75
N GLY A 52 -14.99 -18.08 40.23
CA GLY A 52 -16.11 -17.86 41.15
C GLY A 52 -16.41 -16.39 41.30
N VAL A 53 -17.53 -16.10 41.95
CA VAL A 53 -17.97 -14.73 42.15
C VAL A 53 -18.31 -14.52 43.62
N PHE A 54 -17.99 -13.34 44.14
CA PHE A 54 -18.28 -13.01 45.53
C PHE A 54 -19.08 -11.72 45.62
N LEU A 55 -20.03 -11.69 46.54
CA LEU A 55 -20.84 -10.48 46.75
C LEU A 55 -20.55 -9.93 48.15
N CYS A 56 -19.79 -8.84 48.19
CA CYS A 56 -19.33 -8.27 49.45
C CYS A 56 -20.22 -7.12 49.91
N PRO A 57 -20.91 -7.29 51.05
CA PRO A 57 -21.67 -6.15 51.57
C PRO A 57 -20.73 -5.07 52.05
N TRP A 58 -21.21 -3.83 52.12
CA TRP A 58 -20.36 -2.74 52.58
C TRP A 58 -20.16 -2.78 54.10
N ARG A 59 -18.89 -2.74 54.49
CA ARG A 59 -18.49 -2.74 55.90
C ARG A 59 -17.16 -2.00 55.96
N ALA A 60 -17.06 -1.01 56.82
CA ALA A 60 -15.83 -0.25 56.93
C ALA A 60 -14.66 -1.18 57.23
N GLU A 61 -14.94 -2.29 57.91
CA GLU A 61 -13.91 -3.22 58.35
C GLU A 61 -13.48 -4.17 57.23
N GLY A 62 -14.34 -4.36 56.24
CA GLY A 62 -14.06 -5.29 55.16
C GLY A 62 -14.16 -6.73 55.63
N GLY A 63 -13.26 -7.58 55.13
CA GLY A 63 -13.21 -8.98 55.54
C GLY A 63 -13.55 -9.96 54.43
N GLN A 64 -14.08 -11.11 54.82
CA GLN A 64 -14.47 -12.15 53.87
C GLN A 64 -15.83 -11.84 53.28
N CYS A 65 -16.17 -12.51 52.18
CA CYS A 65 -17.40 -12.22 51.47
C CYS A 65 -18.16 -13.50 51.15
N PRO A 66 -19.50 -13.44 51.22
CA PRO A 66 -20.34 -14.58 50.82
C PRO A 66 -20.15 -14.89 49.35
N SER A 67 -20.08 -16.18 49.03
CA SER A 67 -19.97 -16.62 47.66
C SER A 67 -21.29 -16.39 46.92
N LEU A 68 -21.20 -16.10 45.63
CA LEU A 68 -22.38 -16.06 44.77
C LEU A 68 -22.35 -17.29 43.86
N LEU A 69 -23.14 -18.30 44.21
CA LEU A 69 -23.02 -19.62 43.61
C LEU A 69 -23.59 -19.72 42.19
N PHE A 70 -22.88 -20.44 41.34
CA PHE A 70 -23.33 -20.76 39.99
C PHE A 70 -23.08 -22.24 39.73
N ASP A 71 -23.84 -22.82 38.82
CA ASP A 71 -23.70 -24.24 38.51
C ASP A 71 -22.38 -24.48 37.79
N LEU A 72 -21.51 -25.28 38.41
CA LEU A 72 -20.15 -25.50 37.89
C LEU A 72 -19.96 -26.88 37.28
N ARG A 73 -21.02 -27.66 37.13
CA ARG A 73 -20.93 -29.00 36.56
C ARG A 73 -20.88 -28.95 35.03
N ASP A 74 -20.05 -29.81 34.44
CA ASP A 74 -20.04 -29.98 32.99
C ASP A 74 -21.37 -30.57 32.53
N GLU A 75 -21.84 -30.13 31.37
CA GLU A 75 -23.12 -30.56 30.84
C GLU A 75 -22.96 -31.36 29.57
N THR A 76 -23.80 -32.36 29.39
CA THR A 76 -23.81 -33.16 28.18
C THR A 76 -25.25 -33.38 27.73
N ARG A 77 -25.53 -33.08 26.48
CA ARG A 77 -26.87 -33.29 25.94
C ARG A 77 -26.83 -34.06 24.62
N ASN A 78 -27.44 -35.24 24.62
CA ASN A 78 -27.55 -36.03 23.41
C ASN A 78 -28.87 -35.75 22.73
N VAL A 79 -28.83 -34.93 21.69
CA VAL A 79 -30.04 -34.48 21.03
C VAL A 79 -29.80 -34.32 19.54
N GLY A 80 -30.84 -34.57 18.74
CA GLY A 80 -30.72 -34.50 17.30
C GLY A 80 -29.58 -35.33 16.77
N SER A 81 -29.32 -36.46 17.44
CA SER A 81 -28.24 -37.36 17.04
C SER A 81 -26.87 -36.70 17.16
N GLN A 82 -26.79 -35.65 17.96
CA GLN A 82 -25.52 -34.99 18.25
C GLN A 82 -25.27 -35.05 19.75
N THR A 83 -24.04 -34.79 20.15
CA THR A 83 -23.69 -34.71 21.56
C THR A 83 -23.10 -33.34 21.87
N LEU A 84 -23.84 -32.53 22.62
CA LEU A 84 -23.39 -31.21 23.01
C LEU A 84 -22.62 -31.30 24.33
N GLN A 85 -21.51 -30.57 24.43
CA GLN A 85 -20.66 -30.65 25.61
C GLN A 85 -20.19 -29.28 26.08
N THR A 86 -20.35 -29.02 27.38
CA THR A 86 -19.75 -27.83 27.99
C THR A 86 -18.63 -28.28 28.92
N PHE A 87 -17.56 -27.49 28.96
CA PHE A 87 -16.40 -27.79 29.80
C PHE A 87 -16.06 -26.56 30.60
N LYS A 88 -16.18 -26.65 31.92
CA LYS A 88 -16.03 -25.49 32.79
C LYS A 88 -14.68 -25.47 33.52
N ALA A 89 -13.85 -26.48 33.28
CA ALA A 89 -12.52 -26.50 33.87
C ALA A 89 -11.71 -25.33 33.35
N ARG A 90 -11.14 -24.54 34.26
CA ARG A 90 -10.32 -23.39 33.91
C ARG A 90 -11.05 -22.40 33.00
N GLN A 91 -12.36 -22.28 33.20
CA GLN A 91 -13.19 -21.40 32.38
C GLN A 91 -13.01 -19.93 32.75
N GLY A 92 -12.50 -19.67 33.95
CA GLY A 92 -12.26 -18.32 34.39
C GLY A 92 -13.51 -17.55 34.75
N LEU A 93 -14.49 -18.25 35.34
CA LEU A 93 -15.69 -17.59 35.80
C LEU A 93 -15.32 -16.42 36.70
N GLY A 94 -15.74 -15.22 36.33
CA GLY A 94 -15.43 -14.03 37.09
C GLY A 94 -14.27 -13.23 36.51
N ALA A 95 -13.81 -13.62 35.32
CA ALA A 95 -12.78 -12.86 34.63
C ALA A 95 -13.35 -11.48 34.28
N SER A 96 -14.66 -11.39 34.28
CA SER A 96 -15.35 -10.11 34.18
C SER A 96 -16.66 -10.20 34.93
N VAL A 97 -17.03 -9.10 35.57
CA VAL A 97 -18.32 -9.01 36.23
C VAL A 97 -18.88 -7.62 36.01
N VAL A 98 -20.20 -7.52 35.97
CA VAL A 98 -20.85 -6.24 35.82
C VAL A 98 -22.23 -6.31 36.44
N SER A 99 -22.71 -5.19 36.96
CA SER A 99 -24.02 -5.14 37.58
C SER A 99 -24.93 -4.18 36.82
N TRP A 100 -26.18 -4.59 36.63
CA TRP A 100 -27.20 -3.70 36.09
C TRP A 100 -28.49 -3.94 36.84
N SER A 101 -29.09 -2.88 37.37
CA SER A 101 -30.33 -3.00 38.12
C SER A 101 -30.11 -3.98 39.29
N ASP A 102 -30.97 -4.98 39.40
CA ASP A 102 -30.83 -5.98 40.46
C ASP A 102 -30.21 -7.28 39.94
N VAL A 103 -29.47 -7.19 38.84
CA VAL A 103 -28.88 -8.36 38.21
C VAL A 103 -27.35 -8.27 38.19
N ILE A 104 -26.70 -9.42 38.37
CA ILE A 104 -25.27 -9.50 38.23
C ILE A 104 -24.91 -10.43 37.06
N VAL A 105 -23.98 -9.99 36.22
CA VAL A 105 -23.51 -10.79 35.11
C VAL A 105 -22.03 -11.12 35.31
N ALA A 106 -21.73 -12.41 35.44
CA ALA A 106 -20.35 -12.87 35.62
C ALA A 106 -19.99 -13.80 34.48
N CYS A 107 -18.87 -13.50 33.81
CA CYS A 107 -18.52 -14.22 32.61
C CYS A 107 -17.35 -15.18 32.79
N ALA A 108 -17.38 -16.26 32.00
CA ALA A 108 -16.32 -17.24 31.95
C ALA A 108 -15.84 -17.33 30.51
N PRO A 109 -14.91 -16.45 30.13
CA PRO A 109 -14.49 -16.35 28.73
C PRO A 109 -13.76 -17.59 28.19
N TRP A 110 -13.29 -18.47 29.06
CA TRP A 110 -12.56 -19.65 28.58
C TRP A 110 -13.34 -20.95 28.78
N GLN A 111 -14.64 -20.84 29.00
CA GLN A 111 -15.49 -22.02 29.02
C GLN A 111 -15.43 -22.64 27.63
N HIS A 112 -15.21 -23.96 27.57
CA HIS A 112 -15.07 -24.65 26.30
C HIS A 112 -16.35 -25.36 25.88
N TRP A 113 -16.42 -25.67 24.59
CA TRP A 113 -17.62 -26.21 23.97
C TRP A 113 -17.21 -27.16 22.85
N ASN A 114 -17.98 -28.24 22.70
CA ASN A 114 -17.78 -29.14 21.57
C ASN A 114 -19.09 -29.81 21.21
N VAL A 115 -19.15 -30.33 19.98
CA VAL A 115 -20.31 -31.06 19.51
C VAL A 115 -19.82 -32.25 18.71
N LEU A 116 -20.25 -33.45 19.12
CA LEU A 116 -19.84 -34.68 18.46
C LEU A 116 -20.97 -35.25 17.62
N GLU A 117 -20.61 -35.81 16.47
CA GLU A 117 -21.58 -36.49 15.61
C GLU A 117 -20.86 -37.63 14.91
N LYS A 118 -21.08 -38.85 15.41
CA LYS A 118 -20.37 -40.02 14.92
C LYS A 118 -18.86 -39.82 15.12
N THR A 119 -18.10 -39.78 14.02
CA THR A 119 -16.65 -39.62 14.12
C THR A 119 -16.23 -38.16 13.97
N GLU A 120 -17.17 -37.29 13.59
CA GLU A 120 -16.86 -35.88 13.40
C GLU A 120 -17.08 -35.07 14.67
N GLU A 121 -16.61 -33.83 14.67
CA GLU A 121 -16.81 -32.94 15.80
C GLU A 121 -16.72 -31.48 15.36
N ALA A 122 -17.17 -30.58 16.22
CA ALA A 122 -17.07 -29.15 15.97
C ALA A 122 -15.66 -28.66 16.26
N GLU A 123 -14.97 -29.37 17.14
CA GLU A 123 -13.69 -28.97 17.74
C GLU A 123 -13.97 -28.37 19.12
N LYS A 124 -13.16 -28.80 20.10
CA LYS A 124 -13.30 -28.30 21.46
C LYS A 124 -12.64 -26.93 21.57
N THR A 125 -13.46 -25.90 21.76
CA THR A 125 -12.98 -24.51 21.67
C THR A 125 -13.59 -23.61 22.76
N PRO A 126 -12.92 -22.49 23.06
CA PRO A 126 -13.38 -21.55 24.09
C PRO A 126 -14.39 -20.54 23.59
N VAL A 127 -15.65 -20.97 23.48
CA VAL A 127 -16.73 -20.07 23.07
C VAL A 127 -17.02 -19.05 24.17
N GLY A 128 -16.63 -19.36 25.39
CA GLY A 128 -16.92 -18.50 26.52
C GLY A 128 -18.40 -18.58 26.87
N SER A 129 -18.75 -18.09 28.05
CA SER A 129 -20.14 -18.09 28.48
C SER A 129 -20.36 -17.09 29.60
N CYS A 130 -21.59 -16.60 29.73
CA CYS A 130 -21.92 -15.66 30.80
C CYS A 130 -23.00 -16.22 31.70
N PHE A 131 -22.80 -16.02 33.01
CA PHE A 131 -23.79 -16.41 34.00
C PHE A 131 -24.49 -15.16 34.53
N LEU A 132 -25.80 -15.21 34.61
CA LEU A 132 -26.58 -14.10 35.15
C LEU A 132 -27.27 -14.51 36.44
N ALA A 133 -27.28 -13.61 37.42
CA ALA A 133 -27.88 -13.91 38.71
C ALA A 133 -28.75 -12.76 39.18
N GLN A 134 -29.86 -13.10 39.81
CA GLN A 134 -30.68 -12.13 40.52
C GLN A 134 -30.60 -12.53 41.99
N PRO A 135 -29.58 -12.01 42.69
CA PRO A 135 -29.21 -12.49 44.03
C PRO A 135 -30.40 -12.58 45.00
N GLU A 136 -31.26 -11.57 45.01
CA GLU A 136 -32.36 -11.52 45.97
C GLU A 136 -33.40 -12.62 45.75
N SER A 137 -33.69 -12.93 44.49
CA SER A 137 -34.70 -13.94 44.17
C SER A 137 -34.10 -15.34 44.02
N GLY A 138 -32.82 -15.41 43.66
CA GLY A 138 -32.16 -16.68 43.46
C GLY A 138 -32.18 -17.15 42.01
N ARG A 139 -32.86 -16.39 41.15
CA ARG A 139 -32.95 -16.73 39.73
C ARG A 139 -31.57 -16.80 39.07
N ARG A 140 -31.44 -17.71 38.13
CA ARG A 140 -30.20 -17.89 37.39
C ARG A 140 -30.49 -18.04 35.90
N ALA A 141 -29.59 -17.52 35.06
CA ALA A 141 -29.67 -17.75 33.63
C ALA A 141 -28.26 -17.77 33.06
N GLU A 142 -28.15 -18.17 31.80
CA GLU A 142 -26.86 -18.19 31.12
C GLU A 142 -27.01 -17.59 29.74
N TYR A 143 -25.89 -17.17 29.16
CA TYR A 143 -25.89 -16.62 27.82
C TYR A 143 -24.56 -16.97 27.15
N SER A 144 -24.64 -17.73 26.06
CA SER A 144 -23.45 -18.20 25.38
C SER A 144 -23.67 -18.15 23.87
N PRO A 145 -23.65 -16.94 23.29
CA PRO A 145 -24.07 -16.67 21.91
C PRO A 145 -23.20 -17.30 20.84
N CYS A 146 -21.98 -17.71 21.18
CA CYS A 146 -21.05 -18.22 20.18
C CYS A 146 -21.11 -19.74 20.01
N ARG A 147 -21.89 -20.43 20.84
CA ARG A 147 -22.06 -21.86 20.70
C ARG A 147 -22.72 -22.19 19.36
N GLY A 148 -22.26 -23.27 18.73
CA GLY A 148 -22.82 -23.72 17.47
C GLY A 148 -22.91 -25.24 17.42
N ASN A 149 -23.52 -25.76 16.36
CA ASN A 149 -23.64 -27.19 16.15
C ASN A 149 -23.14 -27.59 14.77
N THR A 150 -22.27 -26.76 14.21
CA THR A 150 -21.68 -27.05 12.91
C THR A 150 -20.41 -27.87 13.08
N LEU A 151 -20.24 -28.87 12.22
CA LEU A 151 -19.08 -29.74 12.28
C LEU A 151 -17.86 -29.08 11.64
N SER A 152 -16.69 -29.48 12.10
CA SER A 152 -15.42 -28.95 11.63
C SER A 152 -15.34 -28.88 10.10
N ARG A 153 -15.75 -29.96 9.45
CA ARG A 153 -15.63 -30.08 8.00
C ARG A 153 -16.26 -28.90 7.26
N ILE A 154 -17.37 -28.40 7.77
CA ILE A 154 -18.11 -27.32 7.12
C ILE A 154 -17.33 -26.00 7.14
N TYR A 155 -16.67 -25.72 8.25
CA TYR A 155 -15.85 -24.51 8.34
C TYR A 155 -14.73 -24.55 7.31
N VAL A 156 -14.15 -25.73 7.11
CA VAL A 156 -13.07 -25.90 6.15
C VAL A 156 -13.57 -25.59 4.74
N GLU A 157 -14.81 -26.00 4.45
CA GLU A 157 -15.41 -25.80 3.13
C GLU A 157 -15.70 -24.33 2.85
N ASN A 158 -15.94 -23.55 3.90
CA ASN A 158 -16.28 -22.13 3.74
C ASN A 158 -15.12 -21.20 4.07
N ASP A 159 -13.91 -21.73 4.06
CA ASP A 159 -12.72 -20.94 4.37
CA ASP A 159 -12.72 -20.94 4.37
C ASP A 159 -12.83 -20.30 5.75
N PHE A 160 -13.47 -21.01 6.68
CA PHE A 160 -13.56 -20.58 8.07
C PHE A 160 -14.25 -19.22 8.23
N SER A 161 -15.27 -18.97 7.44
CA SER A 161 -16.03 -17.74 7.54
C SER A 161 -17.06 -17.87 8.66
N TRP A 162 -17.38 -16.76 9.31
CA TRP A 162 -18.38 -16.76 10.38
C TRP A 162 -18.05 -17.82 11.43
N ASP A 163 -16.77 -17.88 11.79
CA ASP A 163 -16.27 -18.89 12.73
C ASP A 163 -16.26 -18.35 14.15
N LYS A 164 -17.24 -18.74 14.95
CA LYS A 164 -17.43 -18.19 16.29
C LYS A 164 -16.91 -19.13 17.39
N ARG A 165 -16.12 -20.13 17.00
CA ARG A 165 -15.72 -21.19 17.92
C ARG A 165 -14.75 -20.75 19.02
N TYR A 166 -14.02 -19.66 18.79
CA TYR A 166 -13.02 -19.21 19.76
C TYR A 166 -13.37 -17.82 20.31
N CYS A 167 -14.66 -17.50 20.32
CA CYS A 167 -15.15 -16.17 20.72
C CYS A 167 -14.57 -15.66 22.02
N GLU A 168 -14.60 -16.52 23.04
CA GLU A 168 -14.31 -16.10 24.42
C GLU A 168 -15.24 -14.97 24.82
N ALA A 169 -16.53 -15.14 24.53
CA ALA A 169 -17.54 -14.15 24.88
C ALA A 169 -17.52 -13.89 26.38
N GLY A 170 -17.62 -12.62 26.75
CA GLY A 170 -17.54 -12.23 28.14
C GLY A 170 -16.13 -11.82 28.54
N PHE A 171 -15.21 -11.94 27.60
CA PHE A 171 -13.84 -11.45 27.80
C PHE A 171 -13.94 -10.02 28.35
N SER A 172 -14.85 -9.24 27.76
CA SER A 172 -15.21 -7.93 28.30
C SER A 172 -16.72 -7.82 28.26
N SER A 173 -17.29 -6.94 29.06
CA SER A 173 -18.74 -6.81 29.10
C SER A 173 -19.17 -5.44 29.63
N VAL A 174 -20.40 -5.07 29.26
CA VAL A 174 -20.99 -3.82 29.71
C VAL A 174 -22.49 -3.93 29.49
N VAL A 175 -23.26 -3.16 30.25
CA VAL A 175 -24.71 -3.16 30.08
C VAL A 175 -25.20 -1.73 29.88
N THR A 176 -26.07 -1.54 28.90
CA THR A 176 -26.65 -0.23 28.64
C THR A 176 -27.65 0.10 29.74
N GLN A 177 -27.98 1.38 29.87
CA GLN A 177 -28.94 1.82 30.87
C GLN A 177 -30.28 1.13 30.68
N ALA A 178 -30.63 0.84 29.43
CA ALA A 178 -31.88 0.17 29.10
C ALA A 178 -31.84 -1.34 29.37
N GLY A 179 -30.70 -1.84 29.83
CA GLY A 179 -30.59 -3.24 30.18
C GLY A 179 -30.24 -4.18 29.03
N GLU A 180 -29.45 -3.69 28.09
CA GLU A 180 -28.95 -4.54 27.01
C GLU A 180 -27.53 -5.00 27.32
N LEU A 181 -27.35 -6.29 27.49
CA LEU A 181 -26.03 -6.85 27.78
C LEU A 181 -25.19 -6.88 26.52
N VAL A 182 -23.99 -6.33 26.60
CA VAL A 182 -23.08 -6.30 25.46
C VAL A 182 -21.79 -7.02 25.83
N LEU A 183 -21.47 -8.07 25.08
CA LEU A 183 -20.29 -8.87 25.36
C LEU A 183 -19.21 -8.67 24.31
N GLY A 184 -17.99 -8.43 24.76
CA GLY A 184 -16.85 -8.43 23.87
C GLY A 184 -16.31 -9.84 23.74
N ALA A 185 -16.00 -10.25 22.51
CA ALA A 185 -15.50 -11.59 22.22
C ALA A 185 -14.33 -11.50 21.25
N PRO A 186 -13.13 -11.22 21.77
CA PRO A 186 -11.97 -10.90 20.95
C PRO A 186 -11.49 -12.04 20.05
N GLY A 187 -11.90 -13.27 20.33
CA GLY A 187 -11.52 -14.39 19.50
C GLY A 187 -12.51 -14.65 18.36
N GLY A 188 -13.58 -13.86 18.32
CA GLY A 188 -14.64 -14.06 17.35
C GLY A 188 -14.19 -14.02 15.91
N TYR A 189 -14.85 -14.82 15.07
CA TYR A 189 -14.56 -14.84 13.63
C TYR A 189 -13.08 -15.06 13.38
N TYR A 190 -12.55 -16.12 13.97
CA TYR A 190 -11.15 -16.50 13.81
C TYR A 190 -10.22 -15.36 14.21
N PHE A 191 -10.54 -14.76 15.36
CA PHE A 191 -9.65 -13.83 16.04
C PHE A 191 -9.71 -12.39 15.52
N LEU A 192 -10.73 -12.09 14.70
CA LEU A 192 -11.04 -10.70 14.37
C LEU A 192 -11.61 -10.03 15.59
N GLY A 193 -12.51 -10.74 16.24
CA GLY A 193 -13.24 -10.20 17.37
C GLY A 193 -14.66 -9.88 16.96
N LEU A 194 -15.59 -9.97 17.90
CA LEU A 194 -16.98 -9.62 17.64
C LEU A 194 -17.65 -9.16 18.92
N LEU A 195 -18.81 -8.53 18.77
CA LEU A 195 -19.66 -8.15 19.89
C LEU A 195 -20.98 -8.89 19.80
N ALA A 196 -21.51 -9.27 20.96
CA ALA A 196 -22.82 -9.92 21.03
C ALA A 196 -23.68 -9.13 22.00
N GLN A 197 -24.92 -8.83 21.59
CA GLN A 197 -25.82 -8.06 22.45
C GLN A 197 -27.17 -8.72 22.57
N ALA A 198 -27.75 -8.63 23.77
CA ALA A 198 -29.09 -9.16 24.01
C ALA A 198 -29.69 -8.53 25.26
N PRO A 199 -30.99 -8.21 25.21
CA PRO A 199 -31.64 -7.69 26.43
C PRO A 199 -31.53 -8.70 27.56
N VAL A 200 -31.24 -8.22 28.77
CA VAL A 200 -31.14 -9.09 29.93
C VAL A 200 -32.47 -9.82 30.16
N ALA A 201 -33.58 -9.10 29.99
CA ALA A 201 -34.89 -9.69 30.21
C ALA A 201 -35.12 -10.88 29.28
N ASP A 202 -34.68 -10.77 28.03
CA ASP A 202 -34.90 -11.82 27.05
C ASP A 202 -33.98 -13.02 27.27
N ILE A 203 -32.81 -12.76 27.85
CA ILE A 203 -31.90 -13.84 28.22
C ILE A 203 -32.54 -14.67 29.32
N PHE A 204 -33.15 -14.00 30.30
CA PHE A 204 -33.81 -14.70 31.40
C PHE A 204 -35.06 -15.45 30.94
N SER A 205 -35.83 -14.84 30.04
CA SER A 205 -37.10 -15.42 29.63
C SER A 205 -36.94 -16.52 28.58
N SER A 206 -35.75 -16.64 28.00
CA SER A 206 -35.51 -17.65 26.96
C SER A 206 -34.69 -18.82 27.48
N TYR A 207 -34.02 -18.63 28.61
CA TYR A 207 -33.12 -19.64 29.15
C TYR A 207 -33.83 -20.73 29.95
N ARG A 208 -33.45 -21.98 29.71
CA ARG A 208 -33.86 -23.09 30.55
C ARG A 208 -32.63 -23.98 30.72
N PRO A 209 -32.39 -24.46 31.96
CA PRO A 209 -31.23 -25.32 32.19
C PRO A 209 -31.29 -26.62 31.37
N GLY A 210 -30.15 -27.03 30.85
CA GLY A 210 -30.05 -28.30 30.14
C GLY A 210 -30.15 -28.19 28.63
N ILE A 211 -30.69 -27.08 28.13
CA ILE A 211 -30.91 -26.93 26.70
C ILE A 211 -29.59 -26.71 25.96
N LEU A 212 -28.79 -25.78 26.47
CA LEU A 212 -27.44 -25.50 25.95
C LEU A 212 -27.46 -24.73 24.64
N LEU A 213 -28.34 -25.12 23.72
CA LEU A 213 -28.45 -24.46 22.43
C LEU A 213 -29.89 -23.99 22.21
N TRP A 214 -30.11 -22.68 22.32
CA TRP A 214 -31.45 -22.13 22.15
C TRP A 214 -31.41 -20.77 21.44
N HIS A 215 -32.56 -20.33 20.94
CA HIS A 215 -32.65 -19.08 20.18
C HIS A 215 -32.97 -17.89 21.08
N VAL A 216 -32.22 -16.81 20.88
CA VAL A 216 -32.56 -15.53 21.47
C VAL A 216 -32.80 -14.57 20.31
N SER A 217 -34.06 -14.46 19.91
CA SER A 217 -34.40 -13.77 18.66
C SER A 217 -34.04 -12.28 18.66
N SER A 218 -33.93 -11.68 19.83
CA SER A 218 -33.61 -10.27 19.92
C SER A 218 -32.11 -10.02 19.99
N GLN A 219 -31.31 -11.08 19.96
CA GLN A 219 -29.87 -10.90 20.07
C GLN A 219 -29.31 -10.33 18.77
N SER A 220 -28.17 -9.68 18.87
CA SER A 220 -27.55 -9.03 17.72
C SER A 220 -26.03 -9.13 17.81
N LEU A 221 -25.41 -9.77 16.82
CA LEU A 221 -23.96 -9.93 16.78
C LEU A 221 -23.34 -9.09 15.67
N SER A 222 -22.09 -8.66 15.87
CA SER A 222 -21.38 -7.92 14.84
C SER A 222 -21.03 -8.89 13.71
N PHE A 223 -20.29 -8.40 12.71
CA PHE A 223 -20.13 -9.15 11.47
C PHE A 223 -18.69 -9.55 11.18
N ASP A 224 -18.55 -10.66 10.45
CA ASP A 224 -17.26 -11.13 9.98
C ASP A 224 -16.74 -10.16 8.92
N SER A 225 -15.48 -10.29 8.55
CA SER A 225 -14.89 -9.37 7.60
C SER A 225 -13.79 -10.08 6.83
N SER A 226 -13.52 -9.61 5.62
CA SER A 226 -12.43 -10.15 4.82
C SER A 226 -11.35 -9.10 4.62
N ASN A 227 -11.45 -8.00 5.37
CA ASN A 227 -10.41 -6.98 5.36
C ASN A 227 -9.29 -7.33 6.34
N PRO A 228 -8.10 -7.72 5.81
CA PRO A 228 -7.01 -8.19 6.67
C PRO A 228 -6.54 -7.19 7.72
N GLU A 229 -6.92 -5.93 7.58
CA GLU A 229 -6.66 -4.93 8.62
C GLU A 229 -7.24 -5.38 9.96
N TYR A 230 -8.30 -6.19 9.90
CA TYR A 230 -9.00 -6.62 11.10
C TYR A 230 -8.48 -7.95 11.64
N PHE A 231 -7.69 -8.66 10.84
CA PHE A 231 -7.22 -9.99 11.22
C PHE A 231 -6.42 -9.93 12.53
N ASP A 232 -6.79 -10.79 13.46
CA ASP A 232 -6.11 -10.90 14.75
C ASP A 232 -6.13 -9.57 15.53
N GLY A 233 -7.19 -8.79 15.32
CA GLY A 233 -7.29 -7.49 15.95
C GLY A 233 -7.84 -7.52 17.36
N TYR A 234 -8.42 -8.64 17.75
CA TYR A 234 -9.01 -8.79 19.09
C TYR A 234 -10.00 -7.67 19.36
N TRP A 235 -10.76 -7.36 18.32
CA TRP A 235 -11.87 -6.42 18.39
C TRP A 235 -12.82 -6.94 19.46
N GLY A 236 -12.88 -6.26 20.60
CA GLY A 236 -13.70 -6.70 21.71
C GLY A 236 -12.91 -7.01 22.96
N TYR A 237 -11.60 -6.79 22.91
CA TYR A 237 -10.73 -6.92 24.06
C TYR A 237 -11.25 -6.05 25.20
N SER A 238 -11.86 -4.92 24.85
CA SER A 238 -12.47 -4.03 25.83
C SER A 238 -13.68 -3.36 25.23
N VAL A 239 -14.65 -3.00 26.06
CA VAL A 239 -15.86 -2.34 25.59
C VAL A 239 -16.39 -1.33 26.60
N ALA A 240 -17.18 -0.39 26.10
CA ALA A 240 -17.86 0.59 26.94
C ALA A 240 -19.04 1.13 26.17
N VAL A 241 -19.87 1.94 26.82
CA VAL A 241 -20.99 2.57 26.16
C VAL A 241 -21.04 4.06 26.45
N GLY A 242 -21.75 4.81 25.61
CA GLY A 242 -21.89 6.23 25.81
C GLY A 242 -22.75 6.85 24.72
N GLU A 243 -22.83 8.18 24.75
CA GLU A 243 -23.64 8.93 23.81
C GLU A 243 -22.74 9.74 22.90
N PHE A 244 -22.73 9.41 21.61
CA PHE A 244 -21.81 10.03 20.66
C PHE A 244 -22.44 10.46 19.33
N ASP A 245 -23.75 10.31 19.19
CA ASP A 245 -24.40 10.62 17.89
C ASP A 245 -25.51 11.67 18.00
N GLY A 246 -25.73 12.23 19.18
CA GLY A 246 -26.70 13.29 19.35
C GLY A 246 -28.12 12.82 19.58
N ASP A 247 -28.39 11.54 19.34
CA ASP A 247 -29.70 10.96 19.58
C ASP A 247 -29.70 10.27 20.94
N LEU A 248 -30.38 10.86 21.91
CA LEU A 248 -30.38 10.35 23.27
C LEU A 248 -31.19 9.05 23.39
N ASN A 249 -31.98 8.75 22.37
CA ASN A 249 -32.77 7.52 22.35
C ASN A 249 -31.91 6.30 22.06
N THR A 250 -30.68 6.53 21.58
CA THR A 250 -29.80 5.45 21.15
C THR A 250 -28.50 5.43 21.93
N THR A 251 -28.01 4.23 22.22
CA THR A 251 -26.74 4.06 22.88
C THR A 251 -25.67 3.64 21.88
N GLU A 252 -24.48 4.22 22.00
CA GLU A 252 -23.38 3.90 21.11
C GLU A 252 -22.38 3.03 21.86
N TYR A 253 -21.67 2.19 21.12
CA TYR A 253 -20.69 1.27 21.70
C TYR A 253 -19.28 1.73 21.42
N VAL A 254 -18.40 1.59 22.41
CA VAL A 254 -16.99 1.88 22.24
C VAL A 254 -16.23 0.56 22.34
N VAL A 255 -15.46 0.23 21.30
CA VAL A 255 -14.80 -1.08 21.23
C VAL A 255 -13.30 -0.95 21.02
N GLY A 256 -12.53 -1.64 21.85
CA GLY A 256 -11.09 -1.65 21.72
C GLY A 256 -10.62 -2.87 20.94
N ALA A 257 -9.74 -2.62 19.96
CA ALA A 257 -9.12 -3.69 19.17
C ALA A 257 -7.62 -3.48 19.23
N PRO A 258 -7.00 -3.90 20.33
CA PRO A 258 -5.62 -3.53 20.65
C PRO A 258 -4.56 -4.01 19.66
N THR A 259 -4.88 -4.95 18.78
CA THR A 259 -3.91 -5.43 17.80
C THR A 259 -4.36 -5.17 16.36
N TRP A 260 -5.39 -4.36 16.21
CA TRP A 260 -5.93 -4.00 14.90
C TRP A 260 -4.81 -3.54 13.96
N SER A 261 -4.95 -3.91 12.68
CA SER A 261 -4.03 -3.45 11.64
C SER A 261 -2.57 -3.76 11.99
N TRP A 262 -2.26 -5.05 12.08
CA TRP A 262 -0.91 -5.51 12.36
C TRP A 262 -0.31 -4.88 13.62
N THR A 263 -1.11 -4.93 14.69
CA THR A 263 -0.70 -4.48 16.03
C THR A 263 -0.55 -2.96 16.17
N LEU A 264 -1.08 -2.20 15.21
CA LEU A 264 -1.14 -0.75 15.36
C LEU A 264 -2.08 -0.39 16.53
N GLY A 265 -3.17 -1.13 16.63
CA GLY A 265 -4.18 -0.85 17.65
C GLY A 265 -5.24 0.12 17.14
N ALA A 266 -6.45 -0.04 17.65
CA ALA A 266 -7.53 0.86 17.28
C ALA A 266 -8.65 0.83 18.31
N VAL A 267 -9.45 1.88 18.33
CA VAL A 267 -10.67 1.91 19.10
C VAL A 267 -11.75 2.43 18.17
N GLU A 268 -12.93 1.82 18.20
CA GLU A 268 -14.02 2.25 17.34
C GLU A 268 -15.26 2.62 18.15
N ILE A 269 -16.01 3.59 17.61
CA ILE A 269 -17.28 3.98 18.20
C ILE A 269 -18.35 3.61 17.17
N LEU A 270 -19.33 2.82 17.59
CA LEU A 270 -20.34 2.33 16.66
C LEU A 270 -21.73 2.59 17.22
N ASP A 271 -22.73 2.62 16.33
CA ASP A 271 -24.11 2.63 16.79
C ASP A 271 -24.49 1.21 17.18
N SER A 272 -25.70 1.02 17.68
CA SER A 272 -26.11 -0.28 18.20
C SER A 272 -26.36 -1.31 17.10
N TYR A 273 -26.17 -0.90 15.84
CA TYR A 273 -26.23 -1.83 14.71
C TYR A 273 -24.82 -2.20 14.25
N TYR A 274 -23.80 -1.72 14.96
CA TYR A 274 -22.40 -1.98 14.62
C TYR A 274 -21.96 -1.24 13.35
N GLN A 275 -22.65 -0.15 13.02
CA GLN A 275 -22.19 0.74 11.97
C GLN A 275 -21.21 1.74 12.58
N ARG A 276 -20.02 1.82 12.00
CA ARG A 276 -18.94 2.61 12.57
C ARG A 276 -19.18 4.12 12.45
N LEU A 277 -19.01 4.83 13.57
CA LEU A 277 -19.14 6.28 13.60
C LEU A 277 -17.77 6.95 13.63
N HIS A 278 -16.84 6.36 14.36
CA HIS A 278 -15.48 6.88 14.44
C HIS A 278 -14.47 5.74 14.55
N ARG A 279 -13.28 5.95 14.02
CA ARG A 279 -12.17 5.07 14.30
C ARG A 279 -10.97 5.87 14.79
N LEU A 280 -10.40 5.43 15.91
N LEU A 280 -10.43 5.44 15.93
CA LEU A 280 -9.19 6.06 16.45
CA LEU A 280 -9.20 6.00 16.46
C LEU A 280 -8.05 5.05 16.37
C LEU A 280 -8.09 4.99 16.24
N ARG A 281 -6.99 5.44 15.67
CA ARG A 281 -5.87 4.55 15.42
C ARG A 281 -4.78 4.72 16.47
N GLY A 282 -4.08 3.63 16.76
CA GLY A 282 -2.98 3.67 17.69
C GLY A 282 -1.86 4.51 17.13
N GLU A 283 -0.93 4.89 18.02
CA GLU A 283 0.14 5.80 17.67
C GLU A 283 1.43 5.01 17.40
N GLN A 284 1.52 3.84 18.01
CA GLN A 284 2.76 3.07 18.03
C GLN A 284 2.45 1.58 18.06
N MET A 285 3.03 0.83 17.13
CA MET A 285 2.78 -0.60 17.04
C MET A 285 3.16 -1.30 18.35
N ALA A 286 2.31 -2.24 18.77
CA ALA A 286 2.55 -3.07 19.95
C ALA A 286 2.30 -2.35 21.27
N SER A 287 1.85 -1.10 21.22
CA SER A 287 1.61 -0.34 22.45
C SER A 287 0.32 -0.80 23.13
N TYR A 288 -0.47 -1.57 22.41
CA TYR A 288 -1.75 -2.09 22.89
C TYR A 288 -2.79 -0.99 23.10
N PHE A 289 -2.80 -0.03 22.17
CA PHE A 289 -3.80 1.03 22.14
C PHE A 289 -5.16 0.37 21.99
N GLY A 290 -6.02 0.54 23.00
CA GLY A 290 -7.31 -0.11 23.02
C GLY A 290 -7.43 -1.15 24.13
N HIS A 291 -6.33 -1.38 24.86
CA HIS A 291 -6.36 -2.31 25.97
C HIS A 291 -7.52 -1.94 26.88
N SER A 292 -7.71 -0.65 27.09
CA SER A 292 -8.79 -0.18 27.94
C SER A 292 -9.41 1.08 27.37
N VAL A 293 -10.71 1.22 27.60
CA VAL A 293 -11.45 2.38 27.12
C VAL A 293 -12.40 2.84 28.23
N ALA A 294 -12.58 4.14 28.34
CA ALA A 294 -13.49 4.69 29.33
C ALA A 294 -14.27 5.85 28.73
N VAL A 295 -15.53 5.96 29.12
CA VAL A 295 -16.39 7.03 28.62
C VAL A 295 -16.90 7.87 29.78
N THR A 296 -16.68 9.18 29.68
CA THR A 296 -17.15 10.11 30.69
C THR A 296 -16.93 11.53 30.19
N ASP A 297 -17.84 12.43 30.53
CA ASP A 297 -17.69 13.84 30.18
C ASP A 297 -16.81 14.54 31.20
N VAL A 298 -15.59 14.88 30.81
CA VAL A 298 -14.63 15.43 31.76
C VAL A 298 -14.59 16.96 31.78
N ASN A 299 -15.12 17.61 30.75
CA ASN A 299 -15.04 19.07 30.67
C ASN A 299 -16.39 19.78 30.84
N GLY A 300 -17.37 19.08 31.40
CA GLY A 300 -18.61 19.70 31.83
C GLY A 300 -19.45 20.36 30.75
N ASP A 301 -19.41 19.83 29.53
CA ASP A 301 -20.25 20.37 28.46
C ASP A 301 -21.41 19.43 28.12
N GLY A 302 -21.54 18.36 28.90
CA GLY A 302 -22.64 17.43 28.71
C GLY A 302 -22.42 16.45 27.58
N ARG A 303 -21.25 16.51 26.95
CA ARG A 303 -20.93 15.58 25.88
C ARG A 303 -19.84 14.59 26.32
N HIS A 304 -20.17 13.30 26.25
CA HIS A 304 -19.24 12.25 26.64
C HIS A 304 -17.92 12.34 25.89
N ASP A 305 -16.83 12.16 26.63
CA ASP A 305 -15.50 12.18 26.05
C ASP A 305 -14.89 10.79 26.18
N LEU A 306 -13.90 10.49 25.34
CA LEU A 306 -13.32 9.16 25.27
C LEU A 306 -11.91 9.14 25.82
N LEU A 307 -11.60 8.08 26.57
CA LEU A 307 -10.25 7.86 27.05
C LEU A 307 -9.78 6.49 26.60
N VAL A 308 -8.57 6.43 26.06
CA VAL A 308 -8.00 5.19 25.58
C VAL A 308 -6.66 4.95 26.23
N GLY A 309 -6.45 3.74 26.74
CA GLY A 309 -5.20 3.37 27.35
C GLY A 309 -4.35 2.53 26.42
N ALA A 310 -3.06 2.86 26.37
CA ALA A 310 -2.08 2.05 25.63
C ALA A 310 -0.93 1.72 26.59
N PRO A 311 -1.11 0.66 27.39
CA PRO A 311 -0.23 0.40 28.53
C PRO A 311 1.22 0.08 28.18
N LEU A 312 1.49 -0.27 26.93
CA LEU A 312 2.85 -0.64 26.53
C LEU A 312 3.50 0.40 25.62
N TYR A 313 2.91 1.60 25.57
CA TYR A 313 3.50 2.66 24.77
C TYR A 313 4.91 2.95 25.24
N MET A 314 5.83 3.10 24.28
CA MET A 314 7.22 3.40 24.58
C MET A 314 7.53 4.87 24.29
N GLU A 315 7.86 5.61 25.35
CA GLU A 315 8.15 7.02 25.26
C GLU A 315 9.57 7.25 24.75
N SER A 316 9.75 8.29 23.95
CA SER A 316 11.06 8.62 23.42
C SER A 316 11.94 9.26 24.49
N ARG A 317 13.12 8.68 24.70
CA ARG A 317 14.09 9.20 25.66
C ARG A 317 15.33 9.71 24.94
N ALA A 318 16.22 10.35 25.68
CA ALA A 318 17.44 10.92 25.12
C ALA A 318 18.29 9.85 24.42
N ASP A 319 19.10 10.28 23.47
CA ASP A 319 19.99 9.39 22.74
C ASP A 319 19.20 8.35 21.94
N ARG A 320 18.05 8.78 21.43
CA ARG A 320 17.19 7.90 20.63
C ARG A 320 16.90 6.57 21.32
N LYS A 321 16.57 6.62 22.61
CA LYS A 321 16.17 5.44 23.36
C LYS A 321 14.65 5.42 23.50
N LEU A 322 14.11 4.24 23.78
CA LEU A 322 12.68 4.10 23.98
C LEU A 322 12.43 3.44 25.34
N ALA A 323 11.48 3.97 26.10
CA ALA A 323 11.17 3.45 27.42
C ALA A 323 9.69 3.09 27.53
N GLU A 324 9.40 1.82 27.76
CA GLU A 324 8.02 1.37 27.92
C GLU A 324 7.46 1.90 29.22
N VAL A 325 6.48 2.79 29.12
CA VAL A 325 5.87 3.39 30.31
C VAL A 325 4.34 3.38 30.28
N GLY A 326 3.76 3.30 29.08
CA GLY A 326 2.32 3.33 28.94
C GLY A 326 1.82 4.75 28.71
N ARG A 327 0.68 4.88 28.05
CA ARG A 327 0.12 6.20 27.74
C ARG A 327 -1.41 6.18 27.69
N VAL A 328 -2.01 7.32 28.04
CA VAL A 328 -3.47 7.47 27.99
C VAL A 328 -3.81 8.63 27.08
N TYR A 329 -4.85 8.46 26.26
CA TYR A 329 -5.27 9.48 25.31
C TYR A 329 -6.67 9.96 25.65
N LEU A 330 -6.84 11.28 25.63
CA LEU A 330 -8.17 11.88 25.84
C LEU A 330 -8.66 12.49 24.53
N PHE A 331 -9.88 12.11 24.12
CA PHE A 331 -10.52 12.71 22.96
C PHE A 331 -11.81 13.39 23.39
N LEU A 332 -11.89 14.70 23.21
CA LEU A 332 -13.08 15.45 23.57
C LEU A 332 -14.09 15.39 22.43
N GLN A 333 -15.34 15.11 22.77
CA GLN A 333 -16.40 15.09 21.76
C GLN A 333 -16.83 16.51 21.38
N PRO A 334 -16.73 16.85 20.09
CA PRO A 334 -17.08 18.19 19.62
C PRO A 334 -18.58 18.41 19.52
N ARG A 335 -19.01 19.67 19.45
CA ARG A 335 -20.41 19.99 19.23
C ARG A 335 -20.77 19.64 17.79
N GLY A 336 -21.89 18.96 17.61
CA GLY A 336 -22.32 18.55 16.29
C GLY A 336 -21.77 17.20 15.91
N PRO A 337 -22.07 16.74 14.68
CA PRO A 337 -21.72 15.40 14.18
C PRO A 337 -20.28 15.31 13.66
N HIS A 338 -19.40 16.18 14.14
CA HIS A 338 -18.03 16.25 13.62
C HIS A 338 -17.15 15.09 14.08
N ALA A 339 -15.96 15.00 13.49
CA ALA A 339 -15.01 13.97 13.85
C ALA A 339 -14.28 14.33 15.14
N LEU A 340 -13.90 13.32 15.90
CA LEU A 340 -13.25 13.52 17.18
C LEU A 340 -11.91 14.26 17.04
N GLY A 341 -11.20 13.99 15.96
CA GLY A 341 -9.95 14.67 15.69
C GLY A 341 -8.81 14.18 16.57
N ALA A 342 -7.71 14.92 16.56
CA ALA A 342 -6.52 14.53 17.30
C ALA A 342 -6.81 14.50 18.79
N PRO A 343 -5.97 13.80 19.55
CA PRO A 343 -6.08 13.77 21.02
C PRO A 343 -5.98 15.17 21.60
N SER A 344 -6.83 15.46 22.58
CA SER A 344 -6.81 16.75 23.25
CA SER A 344 -6.82 16.74 23.27
C SER A 344 -5.72 16.78 24.32
N LEU A 345 -5.36 15.60 24.84
CA LEU A 345 -4.35 15.49 25.88
C LEU A 345 -3.70 14.10 25.86
N LEU A 346 -2.38 14.06 26.07
CA LEU A 346 -1.65 12.81 26.21
C LEU A 346 -1.06 12.72 27.61
N LEU A 347 -1.44 11.68 28.35
CA LEU A 347 -0.86 11.41 29.66
C LEU A 347 0.07 10.22 29.53
N THR A 348 1.30 10.36 29.99
CA THR A 348 2.31 9.33 29.81
C THR A 348 2.90 8.87 31.14
N GLY A 349 3.07 7.56 31.30
CA GLY A 349 3.65 7.01 32.50
C GLY A 349 5.10 7.41 32.65
N THR A 350 5.67 7.16 33.83
CA THR A 350 7.07 7.48 34.08
C THR A 350 7.89 6.26 34.49
N GLN A 351 7.26 5.32 35.17
CA GLN A 351 7.96 4.13 35.65
C GLN A 351 8.09 3.08 34.54
N LEU A 352 9.32 2.65 34.30
CA LEU A 352 9.60 1.63 33.29
C LEU A 352 8.79 0.36 33.60
N TYR A 353 8.06 -0.11 32.59
CA TYR A 353 7.25 -1.33 32.70
C TYR A 353 6.04 -1.15 33.61
N GLY A 354 5.74 0.09 33.97
CA GLY A 354 4.67 0.35 34.92
C GLY A 354 3.29 0.04 34.36
N ARG A 355 3.17 0.09 33.04
CA ARG A 355 1.91 -0.18 32.35
C ARG A 355 0.81 0.83 32.71
N PHE A 356 1.21 2.10 32.75
CA PHE A 356 0.28 3.20 32.90
C PHE A 356 -0.78 3.13 31.81
N GLY A 357 -2.04 3.11 32.21
CA GLY A 357 -3.14 3.08 31.26
C GLY A 357 -3.76 1.70 31.13
N SER A 358 -3.32 0.76 31.96
CA SER A 358 -3.85 -0.60 31.93
CA SER A 358 -3.87 -0.59 31.92
C SER A 358 -5.36 -0.57 32.20
N ALA A 359 -5.78 0.35 33.07
CA ALA A 359 -7.18 0.48 33.40
C ALA A 359 -7.48 1.96 33.62
N ILE A 360 -8.66 2.39 33.18
CA ILE A 360 -9.09 3.76 33.31
C ILE A 360 -10.52 3.76 33.84
N ALA A 361 -10.74 4.44 34.96
CA ALA A 361 -12.04 4.42 35.61
C ALA A 361 -12.62 5.82 35.78
N PRO A 362 -13.82 6.04 35.24
CA PRO A 362 -14.54 7.27 35.59
C PRO A 362 -14.81 7.30 37.10
N LEU A 363 -14.59 8.45 37.73
CA LEU A 363 -14.82 8.58 39.16
C LEU A 363 -16.09 9.37 39.44
N GLY A 364 -16.70 9.89 38.38
CA GLY A 364 -17.71 10.92 38.56
C GLY A 364 -16.99 12.17 39.01
N ASP A 365 -17.68 13.05 39.74
CA ASP A 365 -17.07 14.29 40.20
C ASP A 365 -16.55 14.13 41.64
N LEU A 366 -15.29 13.74 41.75
CA LEU A 366 -14.71 13.35 43.03
C LEU A 366 -14.65 14.50 44.02
N ASP A 367 -14.18 15.66 43.57
CA ASP A 367 -14.04 16.82 44.45
C ASP A 367 -15.26 17.74 44.42
N ARG A 368 -16.25 17.40 43.60
CA ARG A 368 -17.52 18.13 43.56
C ARG A 368 -17.36 19.57 43.07
N ASP A 369 -16.61 19.75 41.98
CA ASP A 369 -16.35 21.09 41.44
C ASP A 369 -17.08 21.32 40.12
N GLY A 370 -17.86 20.34 39.68
CA GLY A 370 -18.65 20.49 38.46
C GLY A 370 -18.05 19.80 37.25
N TYR A 371 -16.87 19.21 37.41
CA TYR A 371 -16.21 18.48 36.33
C TYR A 371 -15.90 17.05 36.75
N ASN A 372 -16.24 16.09 35.89
CA ASN A 372 -15.96 14.68 36.17
C ASN A 372 -14.47 14.35 36.06
N ASP A 373 -14.06 13.35 36.84
CA ASP A 373 -12.66 13.05 37.02
C ASP A 373 -12.41 11.57 36.70
N ILE A 374 -11.13 11.18 36.58
CA ILE A 374 -10.80 9.79 36.28
C ILE A 374 -9.66 9.28 37.15
N ALA A 375 -9.55 7.96 37.23
CA ALA A 375 -8.42 7.31 37.87
C ALA A 375 -7.73 6.44 36.83
N VAL A 376 -6.40 6.48 36.81
CA VAL A 376 -5.62 5.68 35.87
C VAL A 376 -4.65 4.78 36.63
N ALA A 377 -4.74 3.48 36.36
CA ALA A 377 -3.87 2.52 37.03
C ALA A 377 -2.57 2.30 36.27
N ALA A 378 -1.48 2.16 37.04
CA ALA A 378 -0.22 1.63 36.53
C ALA A 378 0.13 0.46 37.43
N PRO A 379 -0.36 -0.74 37.09
CA PRO A 379 -0.29 -1.92 37.95
C PRO A 379 1.12 -2.30 38.41
N TYR A 380 2.15 -1.85 37.69
CA TYR A 380 3.52 -2.14 38.08
C TYR A 380 4.34 -0.85 38.21
N GLY A 381 3.63 0.26 38.40
CA GLY A 381 4.27 1.55 38.54
C GLY A 381 4.69 1.82 39.98
N GLY A 382 4.97 3.08 40.28
CA GLY A 382 5.46 3.46 41.59
C GLY A 382 6.95 3.24 41.68
N PRO A 383 7.63 3.97 42.57
CA PRO A 383 9.09 3.89 42.73
C PRO A 383 9.58 2.46 42.98
N SER A 384 8.73 1.60 43.53
CA SER A 384 9.14 0.24 43.84
C SER A 384 8.43 -0.80 42.97
N GLY A 385 7.67 -0.33 41.98
CA GLY A 385 7.05 -1.22 41.02
C GLY A 385 5.91 -2.04 41.60
N ARG A 386 5.34 -1.62 42.72
CA ARG A 386 4.28 -2.36 43.38
C ARG A 386 2.90 -2.00 42.84
N GLY A 387 2.84 -0.91 42.09
CA GLY A 387 1.59 -0.46 41.50
C GLY A 387 1.14 0.89 42.03
N GLN A 388 0.54 1.69 41.16
CA GLN A 388 0.04 3.01 41.52
C GLN A 388 -1.26 3.31 40.79
N VAL A 389 -2.12 4.09 41.44
CA VAL A 389 -3.31 4.61 40.79
C VAL A 389 -3.25 6.13 40.86
N LEU A 390 -3.39 6.79 39.71
CA LEU A 390 -3.28 8.24 39.64
C LEU A 390 -4.61 8.88 39.31
N VAL A 391 -4.95 9.93 40.06
CA VAL A 391 -6.19 10.64 39.84
C VAL A 391 -5.96 11.92 39.05
N PHE A 392 -6.75 12.12 38.00
CA PHE A 392 -6.68 13.33 37.20
C PHE A 392 -8.04 14.01 37.22
N LEU A 393 -8.05 15.30 37.50
CA LEU A 393 -9.29 16.05 37.64
C LEU A 393 -9.71 16.69 36.32
N GLY A 394 -11.01 16.74 36.08
CA GLY A 394 -11.54 17.40 34.91
C GLY A 394 -11.47 18.91 35.05
N GLN A 395 -11.62 19.60 33.93
CA GLN A 395 -11.60 21.05 33.90
C GLN A 395 -12.20 21.50 32.57
N SER A 396 -12.41 22.80 32.42
CA SER A 396 -13.14 23.30 31.25
C SER A 396 -12.48 22.88 29.93
N GLU A 397 -11.16 22.72 29.94
CA GLU A 397 -10.43 22.38 28.72
C GLU A 397 -10.11 20.88 28.59
N GLY A 398 -10.62 20.08 29.52
CA GLY A 398 -10.40 18.65 29.47
C GLY A 398 -10.01 18.03 30.80
N LEU A 399 -8.75 17.63 30.92
CA LEU A 399 -8.21 17.09 32.16
C LEU A 399 -6.95 17.86 32.53
N ARG A 400 -6.63 17.87 33.81
CA ARG A 400 -5.35 18.41 34.27
C ARG A 400 -4.23 17.52 33.74
N SER A 401 -3.06 18.10 33.51
CA SER A 401 -1.91 17.36 33.00
C SER A 401 -1.20 16.58 34.11
N ARG A 402 -1.38 17.03 35.34
CA ARG A 402 -0.73 16.43 36.49
C ARG A 402 -1.77 15.85 37.44
N PRO A 403 -1.46 14.68 38.03
CA PRO A 403 -2.40 14.02 38.95
C PRO A 403 -2.62 14.83 40.22
N SER A 404 -3.85 14.87 40.72
CA SER A 404 -4.14 15.55 41.96
C SER A 404 -3.79 14.67 43.15
N GLN A 405 -3.71 13.37 42.90
CA GLN A 405 -3.48 12.41 43.96
C GLN A 405 -2.90 11.12 43.39
N VAL A 406 -2.03 10.47 44.16
CA VAL A 406 -1.45 9.20 43.74
C VAL A 406 -1.61 8.18 44.87
N LEU A 407 -2.25 7.07 44.55
CA LEU A 407 -2.44 6.00 45.52
C LEU A 407 -1.41 4.92 45.29
N ASP A 408 -0.52 4.72 46.26
CA ASP A 408 0.47 3.65 46.19
C ASP A 408 -0.15 2.36 46.68
N SER A 409 0.21 1.24 46.03
CA SER A 409 -0.31 -0.05 46.42
C SER A 409 0.02 -0.36 47.86
N PRO A 410 -0.99 -0.76 48.65
CA PRO A 410 -0.75 -1.20 50.02
C PRO A 410 -0.37 -2.68 50.08
N PHE A 411 -0.31 -3.34 48.92
CA PHE A 411 -0.02 -4.77 48.88
C PHE A 411 1.45 -5.03 48.53
N PRO A 412 1.89 -6.30 48.65
CA PRO A 412 3.26 -6.68 48.27
C PRO A 412 3.48 -6.69 46.76
N THR A 413 4.73 -6.80 46.35
CA THR A 413 5.10 -6.89 44.93
C THR A 413 4.28 -7.96 44.21
N GLY A 414 3.89 -7.67 42.97
CA GLY A 414 3.22 -8.64 42.14
C GLY A 414 1.72 -8.72 42.34
N SER A 415 1.15 -7.82 43.12
CA SER A 415 -0.29 -7.87 43.41
C SER A 415 -1.13 -7.46 42.22
N ALA A 416 -0.53 -6.72 41.29
CA ALA A 416 -1.23 -6.18 40.13
C ALA A 416 -2.28 -5.13 40.56
N PHE A 417 -1.94 -4.38 41.59
CA PHE A 417 -2.80 -3.32 42.12
C PHE A 417 -3.20 -2.37 41.00
N GLY A 418 -4.49 -2.26 40.74
CA GLY A 418 -4.97 -1.33 39.73
C GLY A 418 -5.34 -2.01 38.42
N PHE A 419 -5.08 -3.31 38.31
CA PHE A 419 -5.46 -4.05 37.12
C PHE A 419 -6.96 -3.84 36.84
N SER A 420 -7.74 -3.71 37.91
CA SER A 420 -9.17 -3.45 37.78
C SER A 420 -9.55 -2.28 38.69
N LEU A 421 -10.44 -1.41 38.19
CA LEU A 421 -10.85 -0.21 38.91
C LEU A 421 -12.33 0.02 38.71
N ARG A 422 -13.00 0.54 39.72
CA ARG A 422 -14.37 1.02 39.54
C ARG A 422 -14.63 2.18 40.48
N GLY A 423 -15.17 3.27 39.93
CA GLY A 423 -15.48 4.45 40.73
C GLY A 423 -16.89 4.96 40.45
N ALA A 424 -17.15 6.21 40.83
CA ALA A 424 -18.39 6.90 40.47
C ALA A 424 -19.60 6.44 41.28
N VAL A 425 -19.36 5.69 42.36
CA VAL A 425 -20.45 5.24 43.21
C VAL A 425 -20.15 5.53 44.67
N ASP A 426 -21.14 6.09 45.37
CA ASP A 426 -21.00 6.46 46.77
C ASP A 426 -21.43 5.30 47.67
N ILE A 427 -20.46 4.52 48.15
CA ILE A 427 -20.77 3.28 48.84
C ILE A 427 -21.12 3.48 50.32
N ASP A 428 -20.53 4.48 50.95
CA ASP A 428 -20.81 4.76 52.36
C ASP A 428 -21.88 5.85 52.51
N ASP A 429 -22.38 6.33 51.39
CA ASP A 429 -23.49 7.29 51.39
C ASP A 429 -23.14 8.58 52.11
N ASN A 430 -21.95 9.13 51.83
CA ASN A 430 -21.54 10.39 52.46
C ASN A 430 -21.57 11.56 51.47
N GLY A 431 -22.11 11.32 50.28
CA GLY A 431 -22.27 12.38 49.29
C GLY A 431 -21.07 12.57 48.36
N TYR A 432 -20.06 11.72 48.51
CA TYR A 432 -18.89 11.74 47.63
C TYR A 432 -18.65 10.36 47.02
N PRO A 433 -18.41 10.30 45.70
CA PRO A 433 -18.21 9.01 45.02
C PRO A 433 -16.88 8.37 45.39
N ASP A 434 -16.85 7.04 45.47
CA ASP A 434 -15.71 6.32 46.01
C ASP A 434 -15.05 5.41 44.98
N LEU A 435 -13.89 4.85 45.33
CA LEU A 435 -13.10 4.08 44.39
C LEU A 435 -12.74 2.70 44.93
N ILE A 436 -12.98 1.66 44.15
CA ILE A 436 -12.55 0.32 44.51
C ILE A 436 -11.47 -0.16 43.55
N VAL A 437 -10.45 -0.80 44.11
CA VAL A 437 -9.27 -1.19 43.36
C VAL A 437 -8.96 -2.65 43.60
N GLY A 438 -8.94 -3.43 42.53
CA GLY A 438 -8.63 -4.84 42.62
C GLY A 438 -7.14 -5.10 42.54
N ALA A 439 -6.68 -6.08 43.30
CA ALA A 439 -5.29 -6.53 43.25
C ALA A 439 -5.28 -8.05 43.24
N TYR A 440 -5.54 -8.63 42.08
CA TYR A 440 -5.79 -10.07 41.98
C TYR A 440 -4.58 -10.89 42.39
N GLY A 441 -3.39 -10.34 42.19
CA GLY A 441 -2.17 -11.02 42.59
C GLY A 441 -2.11 -11.29 44.08
N ALA A 442 -2.86 -10.50 44.85
CA ALA A 442 -2.90 -10.66 46.30
C ALA A 442 -4.26 -11.18 46.76
N ASN A 443 -5.15 -11.42 45.80
CA ASN A 443 -6.49 -11.92 46.11
C ASN A 443 -7.23 -10.97 47.06
N GLN A 444 -7.11 -9.68 46.81
CA GLN A 444 -7.75 -8.68 47.65
C GLN A 444 -8.31 -7.50 46.87
N VAL A 445 -9.26 -6.80 47.49
CA VAL A 445 -9.82 -5.58 46.95
C VAL A 445 -9.71 -4.46 47.98
N ALA A 446 -9.28 -3.28 47.54
CA ALA A 446 -9.12 -2.13 48.42
C ALA A 446 -10.16 -1.06 48.10
N VAL A 447 -10.82 -0.55 49.12
CA VAL A 447 -11.82 0.50 48.94
C VAL A 447 -11.30 1.84 49.46
N TYR A 448 -11.32 2.85 48.59
CA TYR A 448 -10.93 4.20 48.97
C TYR A 448 -12.17 5.08 49.05
N ARG A 449 -12.40 5.64 50.23
CA ARG A 449 -13.55 6.51 50.46
C ARG A 449 -13.19 7.97 50.20
N ALA A 450 -14.04 8.66 49.44
CA ALA A 450 -13.86 10.09 49.20
C ALA A 450 -14.37 10.88 50.40
N GLN A 451 -13.68 11.97 50.72
CA GLN A 451 -14.01 12.80 51.88
C GLN A 451 -14.09 14.25 51.46
N PRO A 452 -14.75 15.10 52.28
CA PRO A 452 -14.81 16.54 51.99
C PRO A 452 -13.42 17.10 51.71
N VAL A 453 -13.32 18.01 50.75
CA VAL A 453 -12.02 18.53 50.33
C VAL A 453 -11.31 19.27 51.48
N VAL A 454 -10.12 18.79 51.83
CA VAL A 454 -9.33 19.39 52.91
C VAL A 454 -8.96 20.83 52.58
N ASN B 3 42.03 42.63 35.09
CA ASN B 3 41.44 41.35 34.71
C ASN B 3 40.45 40.84 35.76
N ILE B 4 39.86 39.68 35.48
CA ILE B 4 38.83 39.12 36.36
C ILE B 4 39.42 38.44 37.61
N CYS B 5 40.71 38.13 37.57
CA CYS B 5 41.36 37.49 38.70
C CYS B 5 41.59 38.46 39.85
N THR B 6 41.68 39.75 39.53
CA THR B 6 41.93 40.78 40.53
C THR B 6 40.64 41.46 40.96
N THR B 7 39.77 41.76 39.99
CA THR B 7 38.51 42.44 40.26
C THR B 7 37.51 41.54 40.96
N ARG B 8 37.91 40.94 42.07
CA ARG B 8 37.01 40.09 42.85
C ARG B 8 37.24 40.29 44.34
N GLY B 9 38.50 40.32 44.75
CA GLY B 9 38.83 40.45 46.15
C GLY B 9 38.60 39.15 46.89
N VAL B 10 38.92 38.05 46.22
CA VAL B 10 38.78 36.73 46.80
C VAL B 10 39.54 36.65 48.11
N SER B 11 39.10 35.78 49.02
CA SER B 11 39.68 35.70 50.34
C SER B 11 40.71 34.57 50.45
N SER B 12 40.65 33.61 49.55
CA SER B 12 41.47 32.40 49.65
C SER B 12 42.06 31.97 48.31
N CYS B 13 43.06 31.11 48.38
CA CYS B 13 43.67 30.54 47.19
C CYS B 13 42.68 29.64 46.47
N GLN B 14 41.88 28.92 47.24
CA GLN B 14 40.85 28.04 46.69
C GLN B 14 39.85 28.86 45.89
N GLN B 15 39.45 29.99 46.47
CA GLN B 15 38.45 30.86 45.87
C GLN B 15 39.01 31.53 44.61
N CYS B 16 40.33 31.71 44.58
CA CYS B 16 40.98 32.34 43.44
C CYS B 16 40.93 31.45 42.21
N LEU B 17 41.24 30.17 42.38
CA LEU B 17 41.25 29.24 41.26
C LEU B 17 39.84 29.04 40.69
N ALA B 18 38.83 29.22 41.54
CA ALA B 18 37.45 29.02 41.13
C ALA B 18 36.99 30.12 40.18
N VAL B 19 37.63 31.27 40.24
CA VAL B 19 37.27 32.40 39.39
C VAL B 19 37.36 32.02 37.92
N SER B 20 38.56 31.60 37.50
CA SER B 20 38.81 31.25 36.11
C SER B 20 40.03 30.36 36.00
N PRO B 21 40.03 29.45 35.02
CA PRO B 21 41.19 28.59 34.75
C PRO B 21 42.46 29.40 34.50
N MET B 22 42.27 30.68 34.21
CA MET B 22 43.37 31.58 33.87
C MET B 22 44.03 32.18 35.12
N CYS B 23 43.35 32.12 36.25
CA CYS B 23 43.84 32.74 37.48
C CYS B 23 44.91 31.92 38.19
N ALA B 24 45.87 32.61 38.78
CA ALA B 24 46.91 31.99 39.59
C ALA B 24 46.93 32.65 40.96
N TRP B 25 47.57 32.00 41.93
CA TRP B 25 47.63 32.53 43.29
C TRP B 25 49.06 32.60 43.80
N CYS B 26 49.39 33.69 44.49
CA CYS B 26 50.71 33.88 45.07
C CYS B 26 50.64 33.79 46.58
N SER B 27 51.25 32.74 47.13
CA SER B 27 51.24 32.52 48.58
C SER B 27 52.51 33.02 49.25
N ASP B 28 53.34 33.72 48.50
CA ASP B 28 54.59 34.26 49.03
C ASP B 28 54.31 35.25 50.16
N GLU B 29 54.89 34.99 51.34
CA GLU B 29 54.69 35.87 52.49
C GLU B 29 55.35 37.23 52.26
N ALA B 30 56.42 37.24 51.48
CA ALA B 30 57.13 38.48 51.17
C ALA B 30 56.58 39.12 49.90
N LEU B 31 55.35 39.60 49.98
CA LEU B 31 54.69 40.25 48.84
C LEU B 31 54.21 41.64 49.24
N PRO B 32 54.36 42.62 48.34
CA PRO B 32 53.87 43.98 48.61
C PRO B 32 52.44 43.97 49.13
N LEU B 33 52.19 44.69 50.21
CA LEU B 33 50.88 44.69 50.86
C LEU B 33 49.79 45.25 49.96
N GLY B 34 50.19 45.98 48.92
CA GLY B 34 49.25 46.54 47.98
C GLY B 34 48.98 45.60 46.81
N SER B 35 49.96 44.76 46.49
CA SER B 35 49.85 43.84 45.37
C SER B 35 48.83 42.74 45.65
N PRO B 36 48.04 42.37 44.62
CA PRO B 36 47.04 41.31 44.74
C PRO B 36 47.67 39.92 44.61
N ARG B 37 47.17 38.96 45.38
CA ARG B 37 47.71 37.61 45.35
C ARG B 37 47.08 36.77 44.26
N CYS B 38 45.88 37.14 43.83
CA CYS B 38 45.19 36.43 42.77
C CYS B 38 45.29 37.19 41.45
N ASP B 39 46.06 36.64 40.51
CA ASP B 39 46.27 37.29 39.21
C ASP B 39 46.86 36.29 38.21
N LEU B 40 47.16 36.77 37.01
CA LEU B 40 47.78 35.93 35.99
C LEU B 40 49.20 35.54 36.40
N LYS B 41 49.59 34.31 36.08
CA LYS B 41 50.91 33.81 36.47
C LYS B 41 52.02 34.77 36.08
N GLU B 42 51.80 35.52 35.00
CA GLU B 42 52.79 36.49 34.53
C GLU B 42 52.81 37.71 35.44
N ASN B 43 51.65 38.35 35.57
CA ASN B 43 51.53 39.54 36.41
C ASN B 43 52.10 39.33 37.80
N LEU B 44 51.91 38.13 38.35
CA LEU B 44 52.43 37.81 39.66
C LEU B 44 53.96 37.81 39.66
N LEU B 45 54.54 37.18 38.64
CA LEU B 45 56.00 37.13 38.52
C LEU B 45 56.59 38.52 38.38
N LYS B 46 55.83 39.44 37.78
CA LYS B 46 56.30 40.81 37.60
C LYS B 46 56.52 41.49 38.94
N ASP B 47 55.86 40.99 39.98
CA ASP B 47 56.01 41.53 41.33
C ASP B 47 56.96 40.68 42.16
N ASN B 48 58.00 40.16 41.52
CA ASN B 48 59.02 39.38 42.22
C ASN B 48 58.44 38.26 43.07
N CYS B 49 57.30 37.74 42.65
CA CYS B 49 56.65 36.66 43.39
C CYS B 49 57.45 35.37 43.26
N ALA B 50 57.86 34.82 44.39
CA ALA B 50 58.65 33.59 44.41
C ALA B 50 57.99 32.53 43.54
N PRO B 51 58.67 32.13 42.45
CA PRO B 51 58.14 31.13 41.51
C PRO B 51 57.67 29.85 42.18
N GLU B 52 58.31 29.48 43.29
CA GLU B 52 57.96 28.26 44.00
C GLU B 52 56.83 28.50 45.01
N SER B 53 56.28 29.71 44.99
CA SER B 53 55.20 30.08 45.89
C SER B 53 53.92 30.42 45.12
N ILE B 54 53.93 30.12 43.81
CA ILE B 54 52.77 30.40 42.97
C ILE B 54 51.98 29.13 42.71
N GLU B 55 50.69 29.17 43.02
CA GLU B 55 49.79 28.06 42.73
C GLU B 55 49.08 28.31 41.41
N PHE B 56 49.20 27.38 40.48
CA PHE B 56 48.54 27.52 39.17
C PHE B 56 48.45 26.19 38.45
N PRO B 57 47.50 25.35 38.86
CA PRO B 57 47.25 24.06 38.21
C PRO B 57 46.86 24.22 36.75
N VAL B 58 47.24 23.25 35.92
CA VAL B 58 46.89 23.27 34.50
C VAL B 58 46.22 21.96 34.11
N SER B 59 45.07 22.06 33.46
CA SER B 59 44.32 20.88 33.04
C SER B 59 45.12 20.08 32.02
N GLU B 60 45.16 18.76 32.21
CA GLU B 60 45.91 17.89 31.33
C GLU B 60 45.17 16.58 31.07
N ALA B 61 45.61 15.86 30.04
CA ALA B 61 45.07 14.54 29.73
C ALA B 61 46.21 13.58 29.47
N ARG B 62 46.43 12.66 30.42
CA ARG B 62 47.54 11.72 30.35
C ARG B 62 47.04 10.33 30.02
N VAL B 63 47.67 9.69 29.04
CA VAL B 63 47.28 8.34 28.62
C VAL B 63 47.93 7.29 29.52
N LEU B 64 47.11 6.42 30.09
CA LEU B 64 47.59 5.37 30.99
C LEU B 64 47.85 4.08 30.22
N GLU B 65 46.82 3.56 29.55
CA GLU B 65 46.96 2.37 28.72
C GLU B 65 46.75 2.75 27.27
N ASP B 66 47.54 2.16 26.38
CA ASP B 66 47.49 2.54 24.97
C ASP B 66 47.91 1.39 24.07
N ARG B 67 47.36 0.21 24.29
CA ARG B 67 47.61 -0.92 23.42
C ARG B 67 47.27 -0.55 21.98
N PRO B 68 48.13 -0.93 21.03
CA PRO B 68 47.84 -0.65 19.62
C PRO B 68 46.60 -1.40 19.12
N LEU B 69 45.90 -0.82 18.16
CA LEU B 69 44.76 -1.48 17.55
C LEU B 69 45.23 -2.75 16.83
N SER B 70 44.43 -3.79 16.91
CA SER B 70 44.77 -5.06 16.27
C SER B 70 44.54 -5.01 14.77
N ASP B 71 45.28 -5.84 14.05
CA ASP B 71 45.08 -5.97 12.61
C ASP B 71 44.22 -7.19 12.31
N LYS B 72 44.21 -8.14 13.23
CA LYS B 72 43.39 -9.34 13.10
C LYS B 72 42.65 -9.62 14.41
N GLY B 73 41.52 -10.32 14.31
CA GLY B 73 40.73 -10.65 15.48
C GLY B 73 40.79 -12.12 15.83
N SER B 74 41.60 -12.87 15.09
CA SER B 74 41.75 -14.31 15.32
C SER B 74 42.80 -14.59 16.39
N GLY B 75 42.98 -15.87 16.71
CA GLY B 75 43.96 -16.27 17.70
C GLY B 75 43.39 -16.24 19.12
N ASP B 76 43.92 -15.34 19.94
CA ASP B 76 43.46 -15.21 21.32
C ASP B 76 42.62 -13.94 21.48
N SER B 77 41.42 -14.11 22.01
CA SER B 77 40.48 -12.99 22.15
C SER B 77 40.95 -11.97 23.18
N SER B 78 41.70 -12.43 24.18
CA SER B 78 42.20 -11.55 25.23
C SER B 78 43.15 -10.49 24.66
N GLN B 79 43.72 -10.79 23.49
CA GLN B 79 44.72 -9.91 22.88
C GLN B 79 44.08 -8.90 21.93
N VAL B 80 42.78 -9.03 21.68
CA VAL B 80 42.12 -8.22 20.67
C VAL B 80 41.78 -6.82 21.17
N THR B 81 42.38 -5.82 20.54
CA THR B 81 42.15 -4.42 20.88
C THR B 81 41.45 -3.71 19.73
N GLN B 82 40.26 -3.19 20.00
CA GLN B 82 39.50 -2.46 18.99
C GLN B 82 39.36 -0.98 19.34
N VAL B 83 39.71 -0.64 20.58
CA VAL B 83 39.65 0.74 21.04
C VAL B 83 40.99 1.16 21.60
N SER B 84 41.42 2.37 21.27
CA SER B 84 42.68 2.90 21.77
C SER B 84 42.63 4.42 21.84
N PRO B 85 43.10 4.99 22.97
CA PRO B 85 43.63 4.28 24.13
C PRO B 85 42.54 3.58 24.92
N GLN B 86 42.92 2.77 25.90
CA GLN B 86 41.95 2.03 26.70
C GLN B 86 41.71 2.71 28.04
N ARG B 87 42.66 3.53 28.48
CA ARG B 87 42.52 4.24 29.75
C ARG B 87 43.32 5.53 29.74
N ILE B 88 42.70 6.61 30.18
CA ILE B 88 43.37 7.91 30.29
C ILE B 88 43.02 8.60 31.59
N ALA B 89 43.97 9.39 32.09
CA ALA B 89 43.74 10.20 33.29
C ALA B 89 43.48 11.64 32.85
N LEU B 90 42.48 12.26 33.46
CA LEU B 90 42.04 13.58 33.06
C LEU B 90 42.02 14.51 34.26
N ARG B 91 42.81 15.58 34.20
CA ARG B 91 42.86 16.55 35.30
C ARG B 91 42.20 17.85 34.87
N LEU B 92 41.18 18.25 35.63
CA LEU B 92 40.43 19.47 35.31
C LEU B 92 40.32 20.38 36.55
N ARG B 93 40.51 21.67 36.33
CA ARG B 93 40.29 22.66 37.39
C ARG B 93 38.95 23.35 37.14
N PRO B 94 38.42 24.03 38.17
CA PRO B 94 37.07 24.61 38.11
C PRO B 94 36.74 25.31 36.78
N ASP B 95 35.63 24.91 36.18
CA ASP B 95 35.11 25.55 34.96
C ASP B 95 36.02 25.39 33.75
N ASP B 96 37.00 24.50 33.84
CA ASP B 96 37.94 24.30 32.74
C ASP B 96 37.52 23.12 31.86
N SER B 97 38.22 22.94 30.75
CA SER B 97 37.94 21.83 29.84
C SER B 97 39.23 21.35 29.18
N LYS B 98 39.26 20.07 28.85
CA LYS B 98 40.42 19.47 28.18
C LYS B 98 39.94 18.46 27.15
N ASN B 99 40.65 18.39 26.03
CA ASN B 99 40.26 17.50 24.94
C ASN B 99 41.17 16.28 24.83
N PHE B 100 40.62 15.19 24.29
CA PHE B 100 41.37 13.96 24.08
C PHE B 100 40.77 13.19 22.91
N SER B 101 41.50 12.18 22.43
CA SER B 101 41.06 11.43 21.25
C SER B 101 40.86 9.95 21.55
N ILE B 102 40.07 9.31 20.70
CA ILE B 102 39.83 7.87 20.81
C ILE B 102 39.72 7.27 19.41
N GLN B 103 40.38 6.13 19.21
CA GLN B 103 40.33 5.44 17.93
C GLN B 103 39.55 4.13 18.04
N VAL B 104 38.64 3.92 17.10
CA VAL B 104 37.84 2.70 17.07
C VAL B 104 38.01 2.02 15.72
N ARG B 105 38.22 0.70 15.75
CA ARG B 105 38.41 -0.06 14.52
C ARG B 105 37.53 -1.30 14.48
N GLN B 106 36.91 -1.54 13.33
CA GLN B 106 36.22 -2.79 13.07
C GLN B 106 37.23 -3.84 12.64
N VAL B 107 37.79 -4.55 13.61
CA VAL B 107 38.87 -5.49 13.33
C VAL B 107 38.46 -6.61 12.38
N GLU B 108 39.36 -6.97 11.47
CA GLU B 108 39.11 -8.04 10.51
C GLU B 108 39.23 -9.41 11.16
N ASP B 109 38.47 -10.36 10.65
CA ASP B 109 38.52 -11.73 11.15
C ASP B 109 38.20 -11.77 12.65
N TYR B 110 37.07 -11.19 13.02
CA TYR B 110 36.58 -11.27 14.39
C TYR B 110 35.67 -12.51 14.49
N PRO B 111 35.65 -13.18 15.66
CA PRO B 111 34.79 -14.36 15.82
C PRO B 111 33.32 -14.02 15.70
N VAL B 112 32.51 -14.96 15.18
CA VAL B 112 31.09 -14.73 14.98
C VAL B 112 30.23 -15.90 15.45
N ASP B 113 29.23 -15.60 16.28
CA ASP B 113 28.23 -16.58 16.67
C ASP B 113 26.95 -16.32 15.87
N ILE B 114 26.41 -17.37 15.27
CA ILE B 114 25.14 -17.27 14.58
C ILE B 114 24.17 -18.33 15.11
N TYR B 115 23.19 -17.89 15.89
CA TYR B 115 22.14 -18.78 16.38
C TYR B 115 20.89 -18.58 15.53
N TYR B 116 20.44 -19.66 14.91
CA TYR B 116 19.37 -19.61 13.92
C TYR B 116 18.05 -20.04 14.55
N LEU B 117 17.12 -19.10 14.65
CA LEU B 117 15.85 -19.35 15.31
C LEU B 117 14.74 -19.49 14.29
N MET B 118 14.25 -20.71 14.10
CA MET B 118 13.34 -20.98 13.01
C MET B 118 11.90 -21.26 13.44
N ASP B 119 10.98 -20.61 12.75
CA ASP B 119 9.56 -20.88 12.86
C ASP B 119 9.29 -22.23 12.22
N LEU B 120 8.79 -23.19 13.00
CA LEU B 120 8.45 -24.51 12.47
C LEU B 120 6.96 -24.80 12.60
N SER B 121 6.15 -23.75 12.53
CA SER B 121 4.70 -23.92 12.46
C SER B 121 4.36 -24.50 11.09
N TYR B 122 3.11 -24.90 10.90
CA TYR B 122 2.70 -25.58 9.68
C TYR B 122 2.89 -24.70 8.44
N SER B 123 2.65 -23.41 8.58
CA SER B 123 2.76 -22.49 7.46
C SER B 123 4.17 -22.49 6.88
N MET B 124 5.14 -22.91 7.68
CA MET B 124 6.54 -22.95 7.26
C MET B 124 6.93 -24.27 6.59
N LYS B 125 5.94 -25.14 6.36
CA LYS B 125 6.18 -26.49 5.83
C LYS B 125 7.21 -26.55 4.69
N ASP B 126 7.08 -25.66 3.73
CA ASP B 126 7.89 -25.73 2.51
C ASP B 126 9.37 -25.34 2.69
N ASP B 127 9.64 -24.44 3.63
CA ASP B 127 10.99 -23.86 3.76
C ASP B 127 12.01 -24.85 4.32
N LEU B 128 11.55 -25.69 5.24
CA LEU B 128 12.46 -26.57 5.98
C LEU B 128 13.37 -27.41 5.08
N TRP B 129 12.94 -27.68 3.86
CA TRP B 129 13.72 -28.49 2.94
C TRP B 129 14.87 -27.71 2.28
N SER B 130 14.66 -26.41 2.08
CA SER B 130 15.65 -25.60 1.40
CA SER B 130 15.64 -25.56 1.41
C SER B 130 16.94 -25.46 2.20
N ILE B 131 16.80 -25.33 3.52
CA ILE B 131 17.97 -25.17 4.38
C ILE B 131 18.52 -26.52 4.83
N GLN B 132 18.37 -27.53 3.98
CA GLN B 132 18.87 -28.87 4.26
C GLN B 132 20.35 -28.86 4.65
N ASN B 133 21.12 -28.02 3.98
CA ASN B 133 22.55 -27.91 4.24
C ASN B 133 22.99 -26.46 4.39
N LEU B 134 22.17 -25.64 5.04
CA LEU B 134 22.50 -24.26 5.29
C LEU B 134 23.82 -24.14 6.04
N GLY B 135 24.10 -25.12 6.89
CA GLY B 135 25.31 -25.14 7.70
C GLY B 135 26.58 -24.99 6.87
N THR B 136 26.81 -25.93 5.97
CA THR B 136 28.05 -25.97 5.20
C THR B 136 28.15 -24.78 4.24
N LYS B 137 27.07 -24.47 3.56
CA LYS B 137 27.06 -23.33 2.66
C LYS B 137 27.38 -22.06 3.43
N LEU B 138 26.73 -21.89 4.58
CA LEU B 138 26.96 -20.74 5.44
C LEU B 138 28.40 -20.72 5.94
N ALA B 139 29.01 -21.90 6.07
CA ALA B 139 30.40 -22.00 6.47
C ALA B 139 31.30 -21.51 5.34
N THR B 140 30.97 -21.88 4.11
CA THR B 140 31.78 -21.55 2.96
C THR B 140 31.86 -20.04 2.75
N GLN B 141 30.72 -19.36 2.91
CA GLN B 141 30.66 -17.92 2.67
C GLN B 141 31.27 -17.13 3.82
N MET B 142 30.79 -17.39 5.04
CA MET B 142 31.30 -16.68 6.21
C MET B 142 32.81 -16.85 6.36
N ARG B 143 33.34 -17.96 5.84
CA ARG B 143 34.76 -18.24 5.96
C ARG B 143 35.61 -17.09 5.41
N LYS B 144 35.03 -16.30 4.51
CA LYS B 144 35.75 -15.19 3.91
C LYS B 144 35.77 -13.98 4.84
N LEU B 145 34.79 -13.90 5.73
CA LEU B 145 34.68 -12.77 6.64
C LEU B 145 35.27 -13.07 8.02
N THR B 146 35.31 -14.36 8.38
CA THR B 146 35.83 -14.77 9.68
C THR B 146 36.35 -16.20 9.63
N SER B 147 37.34 -16.49 10.46
CA SER B 147 37.91 -17.83 10.53
C SER B 147 37.51 -18.53 11.83
N ASN B 148 36.59 -17.91 12.57
CA ASN B 148 36.14 -18.45 13.85
C ASN B 148 34.63 -18.37 14.01
N LEU B 149 33.94 -19.22 13.24
CA LEU B 149 32.49 -19.20 13.19
C LEU B 149 31.88 -20.30 14.06
N ARG B 150 30.88 -19.95 14.86
CA ARG B 150 30.09 -20.95 15.54
C ARG B 150 28.62 -20.76 15.18
N ILE B 151 27.91 -21.85 14.98
CA ILE B 151 26.51 -21.78 14.61
C ILE B 151 25.67 -22.75 15.45
N GLY B 152 24.40 -22.38 15.66
CA GLY B 152 23.49 -23.18 16.46
C GLY B 152 22.08 -23.02 15.96
N PHE B 153 21.15 -23.74 16.58
CA PHE B 153 19.79 -23.82 16.04
C PHE B 153 18.75 -23.98 17.14
N GLY B 154 17.63 -23.30 16.97
CA GLY B 154 16.46 -23.45 17.81
C GLY B 154 15.22 -23.30 16.98
N ALA B 155 14.08 -23.72 17.50
CA ALA B 155 12.84 -23.67 16.74
C ALA B 155 11.66 -23.34 17.63
N PHE B 156 10.61 -22.76 17.04
CA PHE B 156 9.43 -22.39 17.80
C PHE B 156 8.15 -22.58 17.00
N VAL B 157 7.04 -22.72 17.72
CA VAL B 157 5.73 -22.65 17.10
C VAL B 157 4.94 -21.57 17.83
N ASP B 158 4.30 -21.95 18.94
CA ASP B 158 3.50 -21.01 19.71
C ASP B 158 3.22 -21.66 21.07
N LYS B 159 2.57 -20.91 21.97
CA LYS B 159 2.25 -21.44 23.28
C LYS B 159 1.31 -22.65 23.12
N PRO B 160 1.73 -23.83 23.63
CA PRO B 160 0.90 -25.03 23.49
C PRO B 160 -0.28 -25.03 24.45
N VAL B 161 -1.23 -24.12 24.21
CA VAL B 161 -2.42 -24.01 25.03
C VAL B 161 -3.58 -23.50 24.17
N SER B 162 -4.79 -23.96 24.48
CA SER B 162 -5.97 -23.48 23.78
C SER B 162 -6.11 -21.97 23.98
N PRO B 163 -6.51 -21.23 22.94
CA PRO B 163 -6.97 -21.71 21.62
C PRO B 163 -5.91 -21.73 20.53
N TYR B 164 -4.63 -21.52 20.86
CA TYR B 164 -3.58 -21.60 19.85
C TYR B 164 -3.43 -23.05 19.42
N MET B 165 -3.53 -23.95 20.39
CA MET B 165 -3.32 -25.39 20.17
C MET B 165 -4.65 -26.11 19.98
N TYR B 166 -4.68 -27.05 19.04
CA TYR B 166 -5.82 -27.93 18.87
C TYR B 166 -5.83 -28.94 20.01
N ILE B 167 -6.96 -29.10 20.69
CA ILE B 167 -7.03 -29.96 21.86
C ILE B 167 -8.08 -31.06 21.75
N SER B 168 -8.48 -31.40 20.53
CA SER B 168 -9.42 -32.49 20.32
C SER B 168 -9.44 -32.92 18.85
N PRO B 169 -9.72 -34.20 18.59
CA PRO B 169 -9.83 -35.25 19.61
C PRO B 169 -8.47 -35.56 20.23
N PRO B 170 -8.40 -36.51 21.16
CA PRO B 170 -7.14 -36.87 21.82
C PRO B 170 -5.99 -37.07 20.83
N GLU B 171 -6.28 -37.58 19.64
CA GLU B 171 -5.25 -37.82 18.64
C GLU B 171 -4.56 -36.52 18.21
N ALA B 172 -5.32 -35.43 18.19
CA ALA B 172 -4.81 -34.15 17.71
C ALA B 172 -3.65 -33.64 18.56
N LEU B 173 -3.58 -34.08 19.82
CA LEU B 173 -2.52 -33.63 20.72
C LEU B 173 -1.18 -34.21 20.31
N GLU B 174 -1.16 -35.48 19.93
CA GLU B 174 0.07 -36.14 19.50
CA GLU B 174 0.06 -36.15 19.49
C GLU B 174 0.32 -35.88 18.02
N ASN B 175 -0.74 -35.55 17.29
CA ASN B 175 -0.63 -35.27 15.86
C ASN B 175 -1.65 -34.21 15.45
N PRO B 176 -1.27 -32.92 15.57
CA PRO B 176 -2.10 -31.77 15.20
C PRO B 176 -2.59 -31.83 13.75
N CYS B 177 -1.97 -32.66 12.93
CA CYS B 177 -2.40 -32.81 11.54
C CYS B 177 -3.30 -34.05 11.37
N TYR B 178 -3.97 -34.46 12.45
CA TYR B 178 -4.82 -35.64 12.43
CA TYR B 178 -4.82 -35.64 12.44
C TYR B 178 -6.05 -35.44 11.56
N ASP B 179 -6.71 -34.29 11.71
CA ASP B 179 -7.94 -34.01 10.97
C ASP B 179 -7.65 -33.89 9.48
N MET B 180 -6.43 -33.50 9.15
CA MET B 180 -5.91 -33.68 7.81
C MET B 180 -5.35 -35.09 7.82
N LYS B 181 -5.21 -35.72 6.65
CA LYS B 181 -4.74 -37.09 6.64
C LYS B 181 -3.22 -37.17 6.49
N THR B 182 -2.53 -36.51 7.41
CA THR B 182 -1.07 -36.49 7.42
C THR B 182 -0.56 -36.49 8.87
N THR B 183 0.75 -36.32 9.04
CA THR B 183 1.35 -36.37 10.36
C THR B 183 2.35 -35.24 10.56
N CYS B 184 2.29 -34.60 11.73
CA CYS B 184 3.29 -33.62 12.12
C CYS B 184 3.59 -33.74 13.61
N LEU B 185 4.63 -33.06 14.07
CA LEU B 185 5.04 -33.12 15.48
C LEU B 185 4.00 -32.49 16.39
N PRO B 186 3.95 -32.97 17.64
CA PRO B 186 3.13 -32.30 18.66
C PRO B 186 3.60 -30.86 18.84
N MET B 187 2.69 -29.98 19.23
CA MET B 187 3.00 -28.56 19.33
C MET B 187 4.01 -28.30 20.45
N PHE B 188 4.89 -27.34 20.23
CA PHE B 188 5.84 -26.91 21.26
C PHE B 188 6.03 -25.40 21.21
N GLY B 189 6.39 -24.81 22.34
CA GLY B 189 6.60 -23.37 22.42
C GLY B 189 7.92 -22.97 21.81
N TYR B 190 9.00 -23.27 22.53
CA TYR B 190 10.34 -23.06 22.01
C TYR B 190 11.25 -24.18 22.48
N LYS B 191 12.03 -24.73 21.56
CA LYS B 191 13.00 -25.76 21.91
C LYS B 191 14.37 -25.43 21.36
N HIS B 192 15.36 -25.48 22.25
CA HIS B 192 16.75 -25.35 21.85
C HIS B 192 17.19 -26.68 21.26
N VAL B 193 17.87 -26.64 20.12
CA VAL B 193 18.25 -27.87 19.44
C VAL B 193 19.77 -28.04 19.38
N LEU B 194 20.47 -27.02 18.93
CA LEU B 194 21.92 -27.10 18.75
C LEU B 194 22.62 -25.93 19.40
N THR B 195 23.37 -26.22 20.46
CA THR B 195 24.23 -25.24 21.08
C THR B 195 25.27 -24.78 20.07
N LEU B 196 25.64 -23.51 20.12
CA LEU B 196 26.60 -22.94 19.17
C LEU B 196 27.86 -23.80 19.09
N THR B 197 28.27 -24.14 17.87
CA THR B 197 29.43 -25.00 17.66
C THR B 197 30.11 -24.67 16.33
N ASP B 198 31.41 -24.96 16.25
CA ASP B 198 32.16 -24.73 15.03
C ASP B 198 32.09 -25.92 14.07
N GLN B 199 31.43 -27.00 14.51
CA GLN B 199 31.26 -28.19 13.68
C GLN B 199 29.97 -28.07 12.87
N VAL B 200 30.08 -27.48 11.68
CA VAL B 200 28.91 -27.10 10.92
C VAL B 200 28.06 -28.30 10.47
N THR B 201 28.69 -29.47 10.28
CA THR B 201 27.93 -30.65 9.87
C THR B 201 26.92 -31.05 10.94
N ARG B 202 27.15 -30.62 12.17
CA ARG B 202 26.18 -30.83 13.25
C ARG B 202 24.92 -30.04 12.97
N PHE B 203 25.08 -28.86 12.37
CA PHE B 203 23.93 -28.03 12.00
C PHE B 203 23.14 -28.72 10.88
N ASN B 204 23.84 -29.16 9.84
CA ASN B 204 23.21 -29.86 8.72
C ASN B 204 22.39 -31.06 9.18
N GLU B 205 22.96 -31.86 10.06
CA GLU B 205 22.35 -33.11 10.47
C GLU B 205 21.19 -32.88 11.44
N GLU B 206 21.27 -31.81 12.23
CA GLU B 206 20.18 -31.48 13.13
C GLU B 206 18.98 -30.99 12.34
N VAL B 207 19.23 -30.14 11.36
CA VAL B 207 18.16 -29.60 10.51
C VAL B 207 17.44 -30.71 9.74
N LYS B 208 18.20 -31.68 9.24
CA LYS B 208 17.63 -32.78 8.47
C LYS B 208 16.63 -33.60 9.29
N LYS B 209 16.72 -33.52 10.62
CA LYS B 209 15.82 -34.29 11.48
C LYS B 209 14.63 -33.46 11.96
N GLN B 210 14.63 -32.16 11.65
CA GLN B 210 13.56 -31.28 12.08
C GLN B 210 12.33 -31.44 11.19
N SER B 211 11.16 -31.21 11.77
CA SER B 211 9.91 -31.21 11.02
C SER B 211 8.93 -30.24 11.67
N VAL B 212 7.92 -29.82 10.91
CA VAL B 212 6.99 -28.81 11.38
C VAL B 212 5.91 -29.36 12.28
N SER B 213 5.30 -28.48 13.07
CA SER B 213 4.12 -28.81 13.85
C SER B 213 2.94 -28.08 13.22
N ARG B 214 1.93 -27.75 14.03
CA ARG B 214 0.76 -27.07 13.52
C ARG B 214 -0.06 -26.51 14.68
N ASN B 215 -0.51 -25.28 14.53
CA ASN B 215 -1.36 -24.65 15.54
C ASN B 215 -2.47 -23.88 14.83
N ARG B 216 -3.33 -23.21 15.58
CA ARG B 216 -4.56 -22.68 15.01
C ARG B 216 -4.39 -21.28 14.40
N ASP B 217 -3.85 -20.34 15.17
CA ASP B 217 -3.82 -18.95 14.74
C ASP B 217 -2.50 -18.55 14.08
N ALA B 218 -2.62 -17.65 13.10
CA ALA B 218 -1.49 -17.23 12.26
C ALA B 218 -0.34 -16.61 13.05
N PRO B 219 -0.64 -15.64 13.93
CA PRO B 219 0.50 -15.09 14.67
C PRO B 219 1.16 -16.19 15.50
N GLU B 220 2.48 -16.20 15.60
CA GLU B 220 3.18 -17.27 16.31
C GLU B 220 3.92 -16.74 17.53
N GLY B 221 4.61 -17.63 18.24
CA GLY B 221 5.23 -17.30 19.51
C GLY B 221 6.73 -17.13 19.45
N GLY B 222 7.23 -16.57 18.36
CA GLY B 222 8.65 -16.39 18.17
C GLY B 222 9.30 -15.45 19.18
N PHE B 223 8.56 -14.49 19.70
CA PHE B 223 9.12 -13.54 20.66
C PHE B 223 9.49 -14.23 21.98
N ASP B 224 8.74 -15.24 22.37
CA ASP B 224 9.13 -16.07 23.51
C ASP B 224 10.51 -16.65 23.25
N ALA B 225 10.74 -17.10 22.02
CA ALA B 225 11.97 -17.77 21.65
C ALA B 225 13.14 -16.79 21.57
N ILE B 226 12.90 -15.59 21.06
CA ILE B 226 13.92 -14.56 21.03
C ILE B 226 14.41 -14.26 22.44
N MET B 227 13.46 -14.12 23.36
CA MET B 227 13.81 -13.83 24.74
C MET B 227 14.69 -14.93 25.35
N GLN B 228 14.27 -16.18 25.17
CA GLN B 228 14.99 -17.30 25.76
C GLN B 228 16.37 -17.48 25.13
N ALA B 229 16.44 -17.36 23.80
CA ALA B 229 17.71 -17.48 23.10
C ALA B 229 18.68 -16.39 23.55
N THR B 230 18.11 -15.28 24.04
CA THR B 230 18.91 -14.15 24.49
C THR B 230 19.42 -14.35 25.92
N VAL B 231 18.53 -14.74 26.84
CA VAL B 231 18.89 -14.78 28.26
C VAL B 231 19.40 -16.14 28.74
N CYS B 232 19.22 -17.18 27.95
CA CYS B 232 19.74 -18.50 28.31
C CYS B 232 21.17 -18.66 27.78
N ASP B 233 22.06 -17.84 28.31
CA ASP B 233 23.44 -17.72 27.82
C ASP B 233 24.18 -19.05 27.70
N GLU B 234 24.28 -19.77 28.81
CA GLU B 234 25.03 -21.01 28.84
C GLU B 234 24.42 -22.05 27.90
N LYS B 235 23.10 -22.06 27.81
CA LYS B 235 22.40 -23.02 26.98
C LYS B 235 22.72 -22.81 25.50
N ILE B 236 22.56 -21.57 25.04
CA ILE B 236 22.80 -21.24 23.64
C ILE B 236 24.29 -21.24 23.30
N GLY B 237 25.11 -20.79 24.24
CA GLY B 237 26.55 -20.89 24.11
C GLY B 237 27.24 -19.66 23.54
N TRP B 238 26.61 -18.49 23.67
CA TRP B 238 27.22 -17.24 23.22
C TRP B 238 28.63 -17.09 23.81
N ARG B 239 29.59 -16.72 22.96
CA ARG B 239 30.96 -16.49 23.41
C ARG B 239 31.17 -15.03 23.81
N ASN B 240 31.96 -14.82 24.84
CA ASN B 240 32.23 -13.47 25.34
C ASN B 240 32.82 -12.55 24.26
N ASP B 241 33.80 -13.06 23.53
CA ASP B 241 34.48 -12.25 22.53
C ASP B 241 34.11 -12.65 21.11
N ALA B 242 32.87 -12.35 20.71
CA ALA B 242 32.42 -12.64 19.37
C ALA B 242 31.18 -11.81 19.07
N SER B 243 30.96 -11.51 17.79
CA SER B 243 29.72 -10.87 17.36
C SER B 243 28.60 -11.89 17.54
N HIS B 244 27.45 -11.42 18.00
CA HIS B 244 26.31 -12.29 18.24
C HIS B 244 25.20 -11.98 17.24
N LEU B 245 24.92 -12.92 16.35
CA LEU B 245 23.82 -12.78 15.40
C LEU B 245 22.70 -13.75 15.75
N LEU B 246 21.53 -13.22 16.07
CA LEU B 246 20.35 -14.03 16.33
C LEU B 246 19.42 -13.91 15.13
N VAL B 247 19.38 -14.95 14.30
CA VAL B 247 18.61 -14.90 13.05
C VAL B 247 17.22 -15.47 13.26
N PHE B 248 16.22 -14.60 13.15
CA PHE B 248 14.83 -14.97 13.36
C PHE B 248 14.11 -15.07 12.01
N THR B 249 13.63 -16.27 11.68
CA THR B 249 12.95 -16.49 10.42
CA THR B 249 12.94 -16.49 10.42
C THR B 249 11.51 -16.94 10.62
N THR B 250 10.60 -16.29 9.90
CA THR B 250 9.18 -16.60 9.99
C THR B 250 8.49 -16.11 8.73
N ASP B 251 7.26 -16.58 8.51
CA ASP B 251 6.50 -16.20 7.33
C ASP B 251 5.20 -15.52 7.73
N ALA B 252 5.07 -15.20 9.02
CA ALA B 252 3.82 -14.68 9.54
C ALA B 252 4.04 -13.60 10.59
N LYS B 253 2.95 -12.93 10.97
CA LYS B 253 2.99 -11.96 12.04
C LYS B 253 3.26 -12.66 13.37
N THR B 254 3.44 -11.88 14.43
CA THR B 254 3.88 -12.44 15.68
C THR B 254 2.99 -12.02 16.85
N HIS B 255 2.91 -12.87 17.86
CA HIS B 255 2.24 -12.51 19.09
C HIS B 255 3.12 -11.56 19.88
N ILE B 256 2.48 -10.66 20.62
CA ILE B 256 3.18 -9.66 21.40
C ILE B 256 2.63 -9.67 22.83
N ALA B 257 3.31 -8.97 23.74
CA ALA B 257 2.86 -8.88 25.13
C ALA B 257 1.40 -8.46 25.21
N LEU B 258 0.67 -9.09 26.14
CA LEU B 258 -0.76 -8.86 26.38
C LEU B 258 -1.68 -9.71 25.49
N ASP B 259 -1.13 -10.38 24.49
CA ASP B 259 -1.90 -11.34 23.70
C ASP B 259 -2.23 -12.57 24.53
N GLY B 260 -1.34 -12.91 25.46
CA GLY B 260 -1.47 -14.13 26.24
C GLY B 260 -2.79 -14.28 26.94
N ARG B 261 -3.48 -13.17 27.16
CA ARG B 261 -4.74 -13.19 27.88
C ARG B 261 -5.81 -14.03 27.17
N LEU B 262 -5.69 -14.18 25.86
CA LEU B 262 -6.62 -15.04 25.14
C LEU B 262 -6.43 -16.51 25.49
N ALA B 263 -5.31 -16.83 26.13
CA ALA B 263 -5.07 -18.18 26.63
C ALA B 263 -5.21 -18.20 28.16
N GLY B 264 -5.71 -17.10 28.73
CA GLY B 264 -5.86 -16.99 30.16
C GLY B 264 -4.56 -16.67 30.88
N ILE B 265 -3.53 -16.28 30.12
CA ILE B 265 -2.24 -15.96 30.70
C ILE B 265 -2.09 -14.46 30.90
N VAL B 266 -1.89 -14.05 32.16
CA VAL B 266 -1.77 -12.62 32.49
C VAL B 266 -0.45 -12.28 33.18
N GLN B 267 0.29 -13.29 33.64
CA GLN B 267 1.58 -13.05 34.27
C GLN B 267 2.57 -12.43 33.29
N PRO B 268 3.08 -11.23 33.62
CA PRO B 268 4.08 -10.59 32.76
C PRO B 268 5.34 -11.44 32.58
N ASN B 269 5.98 -11.32 31.42
CA ASN B 269 7.24 -12.01 31.16
C ASN B 269 8.30 -11.50 32.12
N ASP B 270 9.07 -12.40 32.71
CA ASP B 270 10.05 -12.01 33.73
C ASP B 270 11.47 -11.84 33.19
N GLY B 271 11.64 -12.10 31.90
CA GLY B 271 12.93 -11.91 31.25
C GLY B 271 14.03 -12.83 31.77
N GLN B 272 13.65 -13.91 32.44
CA GLN B 272 14.61 -14.87 32.98
CA GLN B 272 14.60 -14.87 32.98
C GLN B 272 14.64 -16.13 32.13
N CYS B 273 15.72 -16.90 32.25
CA CYS B 273 15.85 -18.14 31.50
C CYS B 273 14.96 -19.22 32.11
N HIS B 274 14.24 -19.93 31.25
CA HIS B 274 13.38 -21.02 31.69
C HIS B 274 13.51 -22.23 30.77
N VAL B 275 14.72 -22.43 30.23
CA VAL B 275 15.00 -23.61 29.43
C VAL B 275 15.90 -24.55 30.22
N GLY B 276 15.36 -25.71 30.58
CA GLY B 276 16.08 -26.66 31.41
C GLY B 276 16.76 -27.75 30.61
N SER B 277 16.94 -28.90 31.26
CA SER B 277 17.67 -30.01 30.66
C SER B 277 16.93 -30.62 29.47
N ASP B 278 15.61 -30.49 29.45
CA ASP B 278 14.83 -31.03 28.33
C ASP B 278 14.83 -30.10 27.12
N ASN B 279 15.45 -28.93 27.27
CA ASN B 279 15.64 -27.98 26.16
C ASN B 279 14.36 -27.30 25.66
N HIS B 280 13.27 -27.43 26.43
CA HIS B 280 12.03 -26.74 26.09
C HIS B 280 11.80 -25.56 27.02
N TYR B 281 11.16 -24.52 26.51
CA TYR B 281 10.76 -23.37 27.30
C TYR B 281 9.63 -23.79 28.23
N SER B 282 9.94 -23.90 29.52
CA SER B 282 8.99 -24.47 30.48
C SER B 282 7.89 -23.51 30.93
N ALA B 283 8.09 -22.21 30.73
CA ALA B 283 7.10 -21.21 31.16
C ALA B 283 6.21 -20.76 29.99
N SER B 284 6.22 -21.53 28.91
CA SER B 284 5.48 -21.17 27.71
C SER B 284 3.97 -21.04 27.97
N THR B 285 3.45 -21.83 28.90
CA THR B 285 2.01 -21.87 29.15
C THR B 285 1.59 -21.09 30.38
N THR B 286 2.55 -20.50 31.10
CA THR B 286 2.24 -19.81 32.35
C THR B 286 2.67 -18.35 32.33
N MET B 287 3.34 -17.93 31.26
CA MET B 287 3.95 -16.61 31.22
C MET B 287 3.66 -15.94 29.88
N ASP B 288 3.34 -14.66 29.94
CA ASP B 288 2.93 -13.92 28.75
C ASP B 288 4.11 -13.69 27.81
N TYR B 289 3.81 -13.42 26.54
CA TYR B 289 4.80 -13.02 25.57
C TYR B 289 5.52 -11.77 26.07
N PRO B 290 6.81 -11.61 25.72
CA PRO B 290 7.58 -10.44 26.16
C PRO B 290 7.24 -9.18 25.38
N SER B 291 7.37 -8.02 26.01
CA SER B 291 7.19 -6.75 25.33
C SER B 291 8.46 -6.38 24.55
N LEU B 292 8.32 -5.46 23.60
CA LEU B 292 9.45 -5.02 22.79
C LEU B 292 10.53 -4.38 23.68
N GLY B 293 10.09 -3.62 24.67
CA GLY B 293 11.01 -2.96 25.58
C GLY B 293 11.85 -3.94 26.37
N LEU B 294 11.23 -5.01 26.85
CA LEU B 294 11.95 -6.01 27.61
C LEU B 294 12.92 -6.77 26.69
N MET B 295 12.46 -7.10 25.49
CA MET B 295 13.33 -7.75 24.51
C MET B 295 14.55 -6.87 24.22
N THR B 296 14.30 -5.59 23.99
CA THR B 296 15.37 -4.63 23.68
C THR B 296 16.39 -4.59 24.82
N GLU B 297 15.90 -4.55 26.05
CA GLU B 297 16.76 -4.50 27.22
C GLU B 297 17.69 -5.71 27.29
N LYS B 298 17.14 -6.90 27.08
CA LYS B 298 17.94 -8.12 27.18
C LYS B 298 18.89 -8.29 25.99
N LEU B 299 18.42 -7.95 24.78
CA LEU B 299 19.27 -8.02 23.60
C LEU B 299 20.48 -7.11 23.78
N SER B 300 20.23 -5.91 24.29
CA SER B 300 21.29 -4.94 24.51
C SER B 300 22.27 -5.43 25.57
N GLN B 301 21.72 -5.96 26.66
CA GLN B 301 22.51 -6.44 27.78
C GLN B 301 23.43 -7.61 27.40
N LYS B 302 22.92 -8.53 26.59
CA LYS B 302 23.71 -9.67 26.14
C LYS B 302 24.44 -9.36 24.84
N ASN B 303 24.28 -8.13 24.35
CA ASN B 303 25.00 -7.70 23.17
C ASN B 303 24.67 -8.58 21.96
N ILE B 304 23.37 -8.75 21.70
CA ILE B 304 22.93 -9.60 20.62
C ILE B 304 22.27 -8.78 19.52
N ASN B 305 22.72 -9.01 18.29
CA ASN B 305 22.13 -8.37 17.12
C ASN B 305 21.02 -9.23 16.54
N LEU B 306 19.79 -8.75 16.63
CA LEU B 306 18.63 -9.47 16.12
C LEU B 306 18.49 -9.20 14.62
N ILE B 307 18.26 -10.27 13.86
CA ILE B 307 18.07 -10.16 12.43
C ILE B 307 16.74 -10.80 12.07
N PHE B 308 15.83 -9.98 11.54
CA PHE B 308 14.54 -10.46 11.07
C PHE B 308 14.66 -10.89 9.61
N ALA B 309 14.84 -12.19 9.39
CA ALA B 309 14.88 -12.73 8.04
C ALA B 309 13.52 -13.34 7.72
N VAL B 310 12.63 -12.55 7.13
CA VAL B 310 11.24 -12.95 6.96
C VAL B 310 10.79 -12.89 5.50
N THR B 311 9.65 -13.48 5.20
CA THR B 311 9.14 -13.52 3.84
C THR B 311 8.54 -12.16 3.44
N GLU B 312 8.32 -11.98 2.14
CA GLU B 312 7.93 -10.68 1.60
C GLU B 312 6.61 -10.16 2.18
N ASN B 313 5.69 -11.09 2.45
CA ASN B 313 4.37 -10.72 2.94
C ASN B 313 4.38 -10.02 4.32
N VAL B 314 5.47 -10.17 5.07
CA VAL B 314 5.55 -9.53 6.39
C VAL B 314 6.78 -8.63 6.57
N VAL B 315 7.50 -8.39 5.48
CA VAL B 315 8.68 -7.53 5.54
C VAL B 315 8.37 -6.18 6.20
N ASN B 316 7.33 -5.50 5.72
CA ASN B 316 6.99 -4.18 6.24
C ASN B 316 6.68 -4.21 7.74
N LEU B 317 5.99 -5.26 8.16
CA LEU B 317 5.67 -5.44 9.57
C LEU B 317 6.94 -5.47 10.41
N TYR B 318 7.87 -6.35 10.04
CA TYR B 318 9.08 -6.55 10.83
C TYR B 318 10.10 -5.42 10.67
N GLN B 319 10.01 -4.67 9.58
CA GLN B 319 10.81 -3.46 9.43
CA GLN B 319 10.81 -3.47 9.43
C GLN B 319 10.30 -2.41 10.41
N ASN B 320 8.98 -2.38 10.59
CA ASN B 320 8.37 -1.44 11.52
C ASN B 320 8.72 -1.79 12.97
N TYR B 321 8.73 -3.09 13.31
CA TYR B 321 9.19 -3.52 14.63
C TYR B 321 10.67 -3.17 14.80
N SER B 322 11.43 -3.38 13.75
CA SER B 322 12.87 -3.14 13.78
C SER B 322 13.19 -1.71 14.18
N GLU B 323 12.36 -0.76 13.74
CA GLU B 323 12.57 0.64 14.06
C GLU B 323 12.30 0.89 15.54
N LEU B 324 11.56 -0.01 16.17
CA LEU B 324 11.25 0.10 17.60
C LEU B 324 12.24 -0.68 18.46
N ILE B 325 13.15 -1.40 17.81
CA ILE B 325 14.21 -2.13 18.51
C ILE B 325 15.54 -1.76 17.86
N PRO B 326 16.07 -0.57 18.19
CA PRO B 326 17.27 -0.02 17.55
C PRO B 326 18.40 -1.04 17.40
N GLY B 327 19.00 -1.08 16.21
CA GLY B 327 20.10 -2.01 15.95
C GLY B 327 19.65 -3.29 15.27
N THR B 328 18.34 -3.50 15.20
CA THR B 328 17.79 -4.69 14.55
C THR B 328 17.87 -4.55 13.03
N THR B 329 18.11 -5.66 12.35
CA THR B 329 18.26 -5.65 10.90
C THR B 329 17.18 -6.52 10.26
N VAL B 330 16.73 -6.12 9.07
CA VAL B 330 15.73 -6.89 8.34
C VAL B 330 16.23 -7.28 6.97
N GLY B 331 16.01 -8.55 6.63
CA GLY B 331 16.34 -9.07 5.32
C GLY B 331 15.16 -9.82 4.75
N VAL B 332 15.03 -9.81 3.42
CA VAL B 332 13.90 -10.45 2.78
C VAL B 332 14.21 -11.90 2.43
N LEU B 333 13.47 -12.81 3.06
CA LEU B 333 13.61 -14.23 2.83
C LEU B 333 12.82 -14.60 1.57
N SER B 334 13.52 -14.78 0.46
CA SER B 334 12.86 -14.94 -0.83
C SER B 334 11.99 -16.19 -0.93
N MET B 335 10.76 -16.09 -0.42
CA MET B 335 9.72 -17.09 -0.66
C MET B 335 9.92 -18.37 0.14
N ASP B 336 11.04 -19.05 -0.09
CA ASP B 336 11.25 -20.39 0.43
C ASP B 336 12.63 -20.52 1.07
N SER B 337 13.11 -19.42 1.64
CA SER B 337 14.41 -19.40 2.32
CA SER B 337 14.40 -19.42 2.33
C SER B 337 15.53 -19.88 1.41
N SER B 338 15.47 -19.48 0.15
CA SER B 338 16.47 -19.91 -0.83
C SER B 338 17.72 -19.03 -0.80
N ASN B 339 17.57 -17.81 -0.29
CA ASN B 339 18.68 -16.86 -0.23
C ASN B 339 19.07 -16.48 1.19
N VAL B 340 18.64 -17.29 2.16
CA VAL B 340 18.89 -17.00 3.57
C VAL B 340 20.39 -16.87 3.85
N LEU B 341 21.18 -17.60 3.08
CA LEU B 341 22.64 -17.54 3.22
C LEU B 341 23.17 -16.13 2.98
N GLN B 342 22.90 -15.58 1.80
CA GLN B 342 23.39 -14.25 1.45
C GLN B 342 22.77 -13.20 2.34
N LEU B 343 21.50 -13.40 2.66
CA LEU B 343 20.76 -12.53 3.57
C LEU B 343 21.56 -12.33 4.86
N ILE B 344 22.09 -13.42 5.40
CA ILE B 344 22.85 -13.37 6.63
C ILE B 344 24.19 -12.65 6.45
N VAL B 345 24.84 -12.92 5.33
CA VAL B 345 26.10 -12.27 5.01
C VAL B 345 25.91 -10.76 4.91
N ASP B 346 24.85 -10.34 4.21
CA ASP B 346 24.55 -8.93 4.03
C ASP B 346 24.23 -8.27 5.37
N ALA B 347 23.43 -8.94 6.19
CA ALA B 347 23.04 -8.39 7.48
C ALA B 347 24.29 -8.12 8.32
N TYR B 348 25.20 -9.08 8.36
CA TYR B 348 26.44 -8.92 9.10
C TYR B 348 27.21 -7.70 8.59
N GLY B 349 27.09 -7.43 7.30
CA GLY B 349 27.73 -6.27 6.70
C GLY B 349 27.21 -4.96 7.26
N LYS B 350 25.88 -4.85 7.34
CA LYS B 350 25.26 -3.65 7.88
C LYS B 350 25.62 -3.45 9.34
N ILE B 351 25.69 -4.54 10.08
CA ILE B 351 25.98 -4.48 11.52
C ILE B 351 27.36 -3.91 11.79
N ARG B 352 28.32 -4.21 10.93
CA ARG B 352 29.68 -3.74 11.10
C ARG B 352 30.00 -2.60 10.14
N SER B 353 28.98 -1.84 9.77
CA SER B 353 29.16 -0.64 8.95
C SER B 353 28.88 0.62 9.78
N LYS B 354 28.55 0.42 11.06
CA LYS B 354 28.25 1.52 11.96
C LYS B 354 29.15 1.49 13.19
N VAL B 355 29.63 2.65 13.59
CA VAL B 355 30.33 2.80 14.85
C VAL B 355 29.72 3.98 15.61
N GLU B 356 29.05 3.69 16.72
CA GLU B 356 28.40 4.72 17.51
C GLU B 356 28.88 4.66 18.95
N LEU B 357 29.32 5.80 19.47
CA LEU B 357 29.82 5.88 20.84
C LEU B 357 28.68 6.09 21.81
N GLU B 358 28.81 5.49 23.00
CA GLU B 358 27.89 5.72 24.09
C GLU B 358 28.68 5.95 25.37
N VAL B 359 28.15 6.81 26.25
CA VAL B 359 28.83 7.16 27.48
C VAL B 359 28.10 6.58 28.69
N ARG B 360 28.85 6.04 29.64
CA ARG B 360 28.28 5.46 30.84
C ARG B 360 28.87 6.10 32.08
N ASP B 361 28.00 6.38 33.06
CA ASP B 361 28.45 6.88 34.36
C ASP B 361 29.10 8.26 34.26
N LEU B 362 28.64 9.08 33.33
CA LEU B 362 29.15 10.44 33.22
C LEU B 362 28.60 11.29 34.36
N PRO B 363 29.48 11.87 35.18
CA PRO B 363 29.06 12.72 36.30
C PRO B 363 28.16 13.89 35.85
N GLU B 364 27.23 14.28 36.71
CA GLU B 364 26.29 15.36 36.43
C GLU B 364 26.98 16.62 35.90
N GLU B 365 28.12 16.96 36.48
CA GLU B 365 28.77 18.23 36.22
C GLU B 365 29.68 18.21 35.00
N LEU B 366 29.89 17.02 34.43
CA LEU B 366 30.67 16.90 33.21
C LEU B 366 29.78 16.84 31.98
N SER B 367 30.19 17.55 30.93
CA SER B 367 29.51 17.48 29.64
C SER B 367 30.54 17.26 28.55
N LEU B 368 30.21 16.42 27.59
CA LEU B 368 31.14 16.08 26.52
C LEU B 368 30.63 16.60 25.17
N SER B 369 31.56 16.92 24.28
CA SER B 369 31.24 17.25 22.90
C SER B 369 32.15 16.45 21.97
N PHE B 370 31.60 16.01 20.84
CA PHE B 370 32.33 15.11 19.96
C PHE B 370 32.46 15.65 18.53
N ASN B 371 33.64 15.44 17.95
CA ASN B 371 33.84 15.66 16.52
C ASN B 371 34.30 14.37 15.88
N ALA B 372 33.50 13.84 14.96
CA ALA B 372 33.79 12.55 14.35
C ALA B 372 34.64 12.69 13.10
N THR B 373 35.57 11.75 12.93
CA THR B 373 36.41 11.69 11.73
C THR B 373 36.25 10.31 11.09
N CYS B 374 35.33 10.21 10.14
CA CYS B 374 34.97 8.93 9.56
C CYS B 374 35.68 8.65 8.24
N LEU B 375 35.16 9.18 7.14
CA LEU B 375 35.65 8.87 5.81
C LEU B 375 36.64 9.91 5.31
N ASN B 376 37.79 9.44 4.83
CA ASN B 376 38.82 10.30 4.25
C ASN B 376 39.21 11.46 5.17
N ASN B 377 39.29 11.20 6.46
CA ASN B 377 39.72 12.21 7.41
C ASN B 377 38.86 13.47 7.35
N GLU B 378 37.60 13.31 6.99
CA GLU B 378 36.67 14.44 6.92
C GLU B 378 35.99 14.63 8.27
N VAL B 379 36.39 15.68 8.98
CA VAL B 379 35.87 15.96 10.32
C VAL B 379 34.41 16.39 10.25
N ILE B 380 33.61 15.92 11.20
CA ILE B 380 32.21 16.26 11.28
C ILE B 380 31.87 16.69 12.70
N PRO B 381 31.63 18.00 12.90
CA PRO B 381 31.44 18.55 14.25
C PRO B 381 30.14 18.11 14.92
N GLY B 382 30.19 17.86 16.22
CA GLY B 382 29.01 17.54 16.99
C GLY B 382 28.42 16.18 16.67
N LEU B 383 29.28 15.22 16.35
CA LEU B 383 28.81 13.88 15.98
C LEU B 383 29.65 12.81 16.68
N LYS B 384 28.97 11.77 17.16
CA LYS B 384 29.64 10.69 17.88
C LYS B 384 29.32 9.33 17.28
N SER B 385 29.19 9.28 15.95
CA SER B 385 28.91 8.03 15.26
C SER B 385 29.24 8.14 13.77
N CYS B 386 29.82 7.07 13.23
CA CYS B 386 30.17 7.01 11.82
C CYS B 386 29.41 5.87 11.14
N MET B 387 29.10 6.04 9.86
CA MET B 387 28.38 5.02 9.11
C MET B 387 29.07 4.73 7.78
N GLY B 388 28.51 3.79 7.03
CA GLY B 388 29.06 3.43 5.74
C GLY B 388 30.46 2.86 5.83
N LEU B 389 30.76 2.22 6.95
CA LEU B 389 32.09 1.66 7.17
C LEU B 389 32.17 0.23 6.66
N LYS B 390 33.41 -0.21 6.41
CA LYS B 390 33.67 -1.58 6.00
C LYS B 390 34.45 -2.26 7.12
N ILE B 391 34.50 -3.59 7.09
CA ILE B 391 35.28 -4.32 8.08
C ILE B 391 36.77 -4.07 7.85
N GLY B 392 37.43 -3.53 8.88
CA GLY B 392 38.84 -3.20 8.78
C GLY B 392 39.07 -1.70 8.80
N ASP B 393 38.00 -0.94 8.60
CA ASP B 393 38.09 0.52 8.58
C ASP B 393 38.28 1.09 9.98
N THR B 394 39.02 2.18 10.08
CA THR B 394 39.26 2.83 11.37
C THR B 394 38.68 4.25 11.37
N VAL B 395 38.11 4.63 12.50
CA VAL B 395 37.61 5.98 12.70
C VAL B 395 38.16 6.54 14.01
N SER B 396 38.15 7.86 14.13
CA SER B 396 38.60 8.51 15.35
C SER B 396 37.60 9.58 15.78
N PHE B 397 37.63 9.90 17.07
CA PHE B 397 36.75 10.92 17.61
C PHE B 397 37.53 11.89 18.50
N SER B 398 37.31 13.18 18.32
CA SER B 398 37.88 14.19 19.20
C SER B 398 36.83 14.54 20.25
N ILE B 399 37.21 14.42 21.51
CA ILE B 399 36.27 14.60 22.61
C ILE B 399 36.75 15.68 23.57
N GLU B 400 35.87 16.59 23.92
CA GLU B 400 36.19 17.66 24.86
C GLU B 400 35.32 17.55 26.10
N ALA B 401 35.96 17.35 27.24
CA ALA B 401 35.26 17.26 28.52
C ALA B 401 35.28 18.62 29.22
N LYS B 402 34.10 19.08 29.62
CA LYS B 402 33.98 20.36 30.31
C LYS B 402 33.30 20.17 31.67
N VAL B 403 33.91 20.71 32.70
CA VAL B 403 33.34 20.65 34.04
C VAL B 403 32.69 21.98 34.42
N ARG B 404 31.50 21.90 34.99
CA ARG B 404 30.77 23.09 35.41
C ARG B 404 30.86 23.26 36.92
N GLY B 405 31.83 24.04 37.36
CA GLY B 405 32.06 24.26 38.78
C GLY B 405 33.11 23.33 39.34
N CYS B 406 32.99 22.97 40.61
CA CYS B 406 33.90 22.05 41.26
C CYS B 406 33.11 21.07 42.12
N PRO B 407 33.02 19.80 41.69
CA PRO B 407 32.22 18.80 42.39
C PRO B 407 32.77 18.43 43.77
N GLN B 408 31.90 17.96 44.65
CA GLN B 408 32.28 17.57 45.99
C GLN B 408 33.29 16.41 45.97
N GLU B 409 33.00 15.39 45.17
CA GLU B 409 33.91 14.26 45.00
C GLU B 409 34.97 14.61 43.96
N LYS B 410 36.23 14.54 44.35
CA LYS B 410 37.32 15.02 43.52
C LYS B 410 37.85 13.97 42.54
N GLU B 411 37.30 12.76 42.59
CA GLU B 411 37.74 11.69 41.71
C GLU B 411 36.58 10.82 41.24
N LYS B 412 36.38 10.78 39.94
CA LYS B 412 35.35 9.96 39.33
C LYS B 412 35.86 9.39 38.02
N SER B 413 35.22 8.33 37.53
CA SER B 413 35.61 7.74 36.27
C SER B 413 34.39 7.25 35.49
N PHE B 414 34.35 7.61 34.21
CA PHE B 414 33.27 7.19 33.34
C PHE B 414 33.83 6.42 32.14
N THR B 415 32.96 5.85 31.34
CA THR B 415 33.38 4.99 30.24
C THR B 415 32.82 5.45 28.89
N ILE B 416 33.68 5.46 27.89
CA ILE B 416 33.26 5.71 26.52
C ILE B 416 33.48 4.44 25.70
N LYS B 417 32.39 3.90 25.15
CA LYS B 417 32.44 2.61 24.49
C LYS B 417 31.58 2.62 23.23
N PRO B 418 32.05 1.95 22.17
CA PRO B 418 31.20 1.79 20.98
C PRO B 418 30.10 0.77 21.23
N VAL B 419 28.89 1.07 20.77
CA VAL B 419 27.76 0.16 20.94
C VAL B 419 28.09 -1.20 20.32
N GLY B 420 27.88 -2.27 21.08
CA GLY B 420 28.10 -3.61 20.58
C GLY B 420 29.52 -4.12 20.77
N PHE B 421 30.45 -3.21 21.08
CA PHE B 421 31.85 -3.58 21.23
C PHE B 421 32.15 -4.06 22.65
N LYS B 422 33.17 -4.91 22.77
CA LYS B 422 33.62 -5.39 24.07
C LYS B 422 34.55 -4.37 24.70
N ASP B 423 35.52 -3.90 23.92
CA ASP B 423 36.53 -2.97 24.42
C ASP B 423 35.96 -1.59 24.67
N SER B 424 36.61 -0.83 25.52
CA SER B 424 36.14 0.50 25.91
C SER B 424 37.29 1.42 26.29
N LEU B 425 36.96 2.68 26.53
CA LEU B 425 37.92 3.66 27.01
C LEU B 425 37.46 4.18 28.37
N ILE B 426 38.26 3.91 29.40
CA ILE B 426 37.94 4.38 30.74
C ILE B 426 38.65 5.70 31.02
N VAL B 427 37.86 6.72 31.34
CA VAL B 427 38.42 8.04 31.63
C VAL B 427 38.40 8.28 33.13
N GLN B 428 39.59 8.37 33.73
CA GLN B 428 39.71 8.67 35.15
C GLN B 428 39.87 10.18 35.34
N VAL B 429 38.81 10.80 35.85
CA VAL B 429 38.83 12.25 36.05
C VAL B 429 39.25 12.60 37.48
N THR B 430 40.14 13.58 37.59
CA THR B 430 40.56 14.11 38.87
C THR B 430 40.35 15.62 38.87
N PHE B 431 39.45 16.10 39.72
CA PHE B 431 39.16 17.52 39.78
C PHE B 431 40.14 18.25 40.68
N ASP B 432 41.01 19.04 40.07
CA ASP B 432 42.04 19.78 40.79
C ASP B 432 41.49 21.16 41.17
N CYS B 433 40.89 21.25 42.35
CA CYS B 433 40.22 22.47 42.78
C CYS B 433 40.92 23.12 43.98
N ASP B 434 41.86 22.39 44.58
CA ASP B 434 42.56 22.90 45.76
C ASP B 434 44.01 23.23 45.47
N CYS B 435 44.61 24.06 46.32
CA CYS B 435 46.01 24.45 46.18
C CYS B 435 46.88 23.57 47.05
N ALA B 436 48.09 23.28 46.58
CA ALA B 436 49.01 22.41 47.30
C ALA B 436 49.35 23.00 48.68
N CYS B 437 49.34 24.32 48.77
CA CYS B 437 49.73 25.01 50.01
C CYS B 437 48.69 24.83 51.12
N GLN B 438 47.47 24.48 50.75
CA GLN B 438 46.40 24.30 51.73
C GLN B 438 46.73 23.19 52.71
N ALA B 439 47.54 22.23 52.27
CA ALA B 439 47.95 21.12 53.12
C ALA B 439 48.87 21.61 54.23
N GLN B 440 49.50 22.76 54.01
CA GLN B 440 50.45 23.32 54.97
C GLN B 440 49.78 24.36 55.86
N ALA B 441 48.45 24.45 55.78
CA ALA B 441 47.71 25.43 56.56
C ALA B 441 47.98 25.26 58.06
N GLU B 442 48.01 26.38 58.76
CA GLU B 442 48.28 26.38 60.19
C GLU B 442 47.04 26.85 60.96
N PRO B 443 46.28 25.91 61.52
CA PRO B 443 45.08 26.29 62.28
C PRO B 443 45.43 26.99 63.59
N ASN B 444 44.53 27.85 64.07
CA ASN B 444 44.76 28.57 65.32
C ASN B 444 46.11 29.27 65.33
N SER B 445 46.54 29.74 64.16
CA SER B 445 47.84 30.38 64.02
C SER B 445 47.91 31.69 64.79
N HIS B 446 49.07 31.96 65.38
CA HIS B 446 49.28 33.20 66.13
C HIS B 446 49.27 34.39 65.18
N ARG B 447 49.55 34.15 63.91
CA ARG B 447 49.58 35.20 62.90
C ARG B 447 48.20 35.79 62.65
N CYS B 448 47.15 35.01 62.93
CA CYS B 448 45.79 35.42 62.62
C CYS B 448 44.97 35.67 63.88
N ASN B 449 44.79 36.95 64.21
CA ASN B 449 43.98 37.33 65.37
C ASN B 449 44.47 36.69 66.66
N ASN B 450 45.75 36.34 66.69
CA ASN B 450 46.35 35.73 67.87
C ASN B 450 45.80 34.35 68.18
N GLY B 451 45.17 33.71 67.19
CA GLY B 451 44.67 32.35 67.37
C GLY B 451 43.25 32.15 66.88
N ASN B 452 42.52 33.23 66.61
CA ASN B 452 41.13 33.13 66.19
C ASN B 452 40.99 32.78 64.71
N GLY B 453 42.10 32.60 64.01
CA GLY B 453 42.06 32.33 62.59
C GLY B 453 43.07 31.29 62.12
N THR B 454 42.94 30.89 60.86
CA THR B 454 43.83 29.91 60.25
C THR B 454 44.73 30.60 59.23
N PHE B 455 46.02 30.27 59.25
CA PHE B 455 46.97 30.85 58.30
C PHE B 455 47.16 29.90 57.12
N GLU B 456 46.59 30.26 55.98
CA GLU B 456 46.57 29.39 54.82
C GLU B 456 46.99 30.11 53.55
N CYS B 457 47.99 29.56 52.87
CA CYS B 457 48.44 30.08 51.58
C CYS B 457 48.81 31.56 51.65
N GLY B 458 49.30 31.99 52.81
CA GLY B 458 49.80 33.34 52.97
C GLY B 458 48.76 34.37 53.41
N VAL B 459 47.56 33.90 53.74
CA VAL B 459 46.50 34.80 54.20
C VAL B 459 45.78 34.22 55.40
N CYS B 460 44.96 35.04 56.05
CA CYS B 460 44.21 34.62 57.22
C CYS B 460 42.76 34.29 56.86
N ARG B 461 42.33 33.09 57.23
CA ARG B 461 40.98 32.65 56.97
C ARG B 461 40.23 32.47 58.28
N CYS B 462 38.93 32.79 58.27
CA CYS B 462 38.10 32.57 59.45
C CYS B 462 38.06 31.09 59.78
N GLY B 463 38.51 30.74 60.98
CA GLY B 463 38.50 29.36 61.44
C GLY B 463 37.09 28.80 61.47
N PRO B 464 36.98 27.47 61.61
CA PRO B 464 35.66 26.82 61.65
C PRO B 464 34.87 27.25 62.88
N GLY B 465 33.58 27.56 62.68
CA GLY B 465 32.71 27.96 63.78
C GLY B 465 32.42 29.45 63.79
N TRP B 466 33.18 30.21 63.02
CA TRP B 466 33.01 31.66 62.96
C TRP B 466 32.13 32.06 61.77
N LEU B 467 31.54 33.24 61.85
CA LEU B 467 30.78 33.79 60.74
C LEU B 467 31.16 35.25 60.48
N GLY B 468 30.95 35.71 59.25
CA GLY B 468 31.40 37.02 58.84
C GLY B 468 32.77 36.92 58.19
N SER B 469 32.99 37.70 57.14
CA SER B 469 34.23 37.62 56.37
C SER B 469 35.45 37.76 57.29
N GLN B 470 35.42 38.75 58.18
CA GLN B 470 36.51 38.97 59.12
C GLN B 470 36.09 38.62 60.54
N CYS B 471 35.21 37.63 60.66
CA CYS B 471 34.77 37.16 61.96
C CYS B 471 34.24 38.29 62.83
N LEU C 1 -12.08 22.88 -59.43
CA LEU C 1 -12.28 21.48 -58.95
C LEU C 1 -12.13 21.22 -57.43
N ASN C 2 -11.05 21.67 -56.81
N ASN C 2 -11.03 21.65 -56.81
CA ASN C 2 -9.97 22.42 -57.44
CA ASN C 2 -9.97 22.42 -57.45
C ASN C 2 -8.73 21.55 -57.66
C ASN C 2 -8.67 21.62 -57.62
N LEU C 3 -8.37 20.76 -56.65
CA LEU C 3 -7.23 19.87 -56.76
C LEU C 3 -7.54 18.82 -57.83
N ASP C 4 -6.55 18.51 -58.66
CA ASP C 4 -6.76 17.57 -59.77
C ASP C 4 -6.52 16.14 -59.31
N PRO C 5 -7.59 15.33 -59.25
CA PRO C 5 -7.50 13.94 -58.79
C PRO C 5 -7.25 12.96 -59.94
N VAL C 6 -7.02 13.48 -61.14
CA VAL C 6 -6.85 12.65 -62.32
C VAL C 6 -5.37 12.49 -62.69
N GLN C 7 -4.65 13.60 -62.78
CA GLN C 7 -3.23 13.57 -63.11
C GLN C 7 -2.38 13.92 -61.90
N LEU C 8 -1.92 12.89 -61.19
CA LEU C 8 -1.12 13.08 -59.98
C LEU C 8 0.36 12.89 -60.28
N THR C 9 1.20 13.33 -59.34
CA THR C 9 2.63 13.10 -59.41
C THR C 9 3.03 12.23 -58.23
N PHE C 10 3.83 11.19 -58.51
CA PHE C 10 4.25 10.27 -57.47
C PHE C 10 5.77 10.27 -57.27
N TYR C 11 6.20 10.36 -56.02
CA TYR C 11 7.58 10.16 -55.66
C TYR C 11 7.70 8.89 -54.82
N ALA C 12 8.80 8.16 -54.97
CA ALA C 12 8.96 6.88 -54.29
C ALA C 12 10.33 6.78 -53.61
N GLY C 13 10.33 6.17 -52.42
CA GLY C 13 11.56 5.91 -51.71
C GLY C 13 11.81 4.42 -51.57
N PRO C 14 12.85 4.04 -50.83
CA PRO C 14 13.18 2.62 -50.66
C PRO C 14 12.08 1.84 -49.96
N ASN C 15 11.86 0.61 -50.41
CA ASN C 15 10.92 -0.30 -49.80
C ASN C 15 11.26 -0.53 -48.33
N GLY C 16 10.30 -0.28 -47.46
CA GLY C 16 10.48 -0.50 -46.03
C GLY C 16 11.01 0.68 -45.26
N SER C 17 11.18 1.81 -45.94
CA SER C 17 11.82 2.98 -45.32
C SER C 17 10.82 3.96 -44.69
N GLN C 18 9.54 3.78 -44.98
CA GLN C 18 8.50 4.70 -44.50
C GLN C 18 8.69 6.09 -45.09
N PHE C 19 9.24 6.13 -46.30
CA PHE C 19 9.33 7.35 -47.09
C PHE C 19 7.95 7.99 -47.16
N GLY C 20 7.84 9.23 -46.69
CA GLY C 20 6.56 9.93 -46.69
C GLY C 20 5.96 10.08 -45.31
N PHE C 21 6.62 9.54 -44.30
CA PHE C 21 6.15 9.66 -42.91
C PHE C 21 5.98 11.13 -42.55
N SER C 22 6.92 11.94 -43.02
CA SER C 22 6.83 13.39 -42.86
C SER C 22 7.31 14.07 -44.13
N LEU C 23 6.87 15.30 -44.34
CA LEU C 23 7.28 16.05 -45.52
C LEU C 23 7.01 17.54 -45.36
N ASP C 24 7.63 18.34 -46.23
CA ASP C 24 7.38 19.78 -46.25
C ASP C 24 7.88 20.34 -47.57
N PHE C 25 7.37 21.51 -47.95
CA PHE C 25 7.88 22.21 -49.11
C PHE C 25 9.19 22.87 -48.72
N HIS C 26 10.13 22.93 -49.65
CA HIS C 26 11.40 23.59 -49.41
C HIS C 26 11.74 24.54 -50.56
N LYS C 27 11.97 25.80 -50.24
CA LYS C 27 12.40 26.78 -51.23
C LYS C 27 13.89 27.02 -51.07
N ASP C 28 14.64 26.94 -52.18
CA ASP C 28 16.06 27.26 -52.13
C ASP C 28 16.24 28.77 -52.24
N SER C 29 17.48 29.24 -52.15
CA SER C 29 17.77 30.67 -52.10
C SER C 29 17.20 31.43 -53.29
N HIS C 30 16.85 30.72 -54.36
CA HIS C 30 16.33 31.35 -55.57
C HIS C 30 14.80 31.29 -55.64
N GLY C 31 14.17 30.56 -54.72
CA GLY C 31 12.73 30.47 -54.68
C GLY C 31 12.19 29.21 -55.35
N ARG C 32 13.09 28.41 -55.93
CA ARG C 32 12.71 27.15 -56.55
C ARG C 32 12.16 26.21 -55.49
N VAL C 33 10.92 25.76 -55.67
CA VAL C 33 10.27 24.90 -54.70
C VAL C 33 10.61 23.43 -54.94
N ALA C 34 10.97 22.74 -53.87
CA ALA C 34 11.22 21.30 -53.89
C ALA C 34 10.41 20.68 -52.76
N ILE C 35 10.59 19.37 -52.56
CA ILE C 35 9.90 18.68 -51.48
C ILE C 35 10.87 17.87 -50.64
N VAL C 36 10.97 18.21 -49.36
CA VAL C 36 11.76 17.43 -48.43
C VAL C 36 10.89 16.31 -47.85
N VAL C 37 11.41 15.09 -47.88
CA VAL C 37 10.66 13.93 -47.44
C VAL C 37 11.43 13.15 -46.38
N GLY C 38 10.75 12.79 -45.29
CA GLY C 38 11.35 12.00 -44.23
C GLY C 38 11.03 10.53 -44.40
N ALA C 39 12.04 9.69 -44.20
CA ALA C 39 11.90 8.24 -44.32
C ALA C 39 12.57 7.59 -43.12
N PRO C 40 11.88 7.57 -41.98
CA PRO C 40 12.46 7.24 -40.67
C PRO C 40 12.98 5.80 -40.48
N ARG C 41 12.76 4.90 -41.43
CA ARG C 41 13.28 3.54 -41.30
C ARG C 41 14.27 3.17 -42.41
N THR C 42 14.76 4.18 -43.12
CA THR C 42 15.78 3.96 -44.13
C THR C 42 16.98 3.30 -43.47
N LEU C 43 17.59 2.35 -44.17
CA LEU C 43 18.73 1.63 -43.62
C LEU C 43 20.00 2.47 -43.66
N GLY C 44 20.91 2.18 -42.74
CA GLY C 44 22.20 2.85 -42.68
C GLY C 44 23.32 1.98 -43.19
N PRO C 45 24.56 2.37 -42.91
CA PRO C 45 25.76 1.66 -43.38
C PRO C 45 25.93 0.26 -42.78
N SER C 46 25.27 0.01 -41.64
CA SER C 46 25.39 -1.28 -40.96
C SER C 46 24.14 -2.14 -41.17
N GLN C 47 23.41 -1.86 -42.24
CA GLN C 47 22.16 -2.57 -42.54
C GLN C 47 21.20 -2.52 -41.36
N GLU C 48 21.27 -1.45 -40.58
CA GLU C 48 20.32 -1.24 -39.50
C GLU C 48 19.46 -0.01 -39.81
N GLU C 49 18.21 -0.04 -39.36
CA GLU C 49 17.32 1.10 -39.54
C GLU C 49 17.86 2.29 -38.78
N THR C 50 17.96 3.43 -39.45
CA THR C 50 18.37 4.67 -38.80
C THR C 50 17.57 5.88 -39.29
N GLY C 51 16.87 5.73 -40.42
CA GLY C 51 16.15 6.83 -41.01
C GLY C 51 16.99 7.59 -42.02
N GLY C 52 16.33 8.43 -42.79
CA GLY C 52 16.99 9.23 -43.80
C GLY C 52 16.09 10.34 -44.30
N VAL C 53 16.67 11.25 -45.09
CA VAL C 53 15.91 12.37 -45.64
C VAL C 53 16.17 12.45 -47.14
N PHE C 54 15.14 12.82 -47.88
CA PHE C 54 15.26 12.97 -49.33
C PHE C 54 14.80 14.36 -49.74
N LEU C 55 15.45 14.91 -50.76
CA LEU C 55 15.09 16.21 -51.28
C LEU C 55 14.66 16.07 -52.75
N CYS C 56 13.35 16.10 -52.97
CA CYS C 56 12.78 15.82 -54.27
C CYS C 56 12.54 17.08 -55.10
N PRO C 57 13.27 17.21 -56.23
CA PRO C 57 13.01 18.35 -57.13
C PRO C 57 11.63 18.21 -57.76
N TRP C 58 10.97 19.32 -58.03
CA TRP C 58 9.65 19.27 -58.67
C TRP C 58 9.75 18.75 -60.10
N ARG C 59 9.01 17.69 -60.37
CA ARG C 59 8.91 17.13 -61.72
C ARG C 59 7.52 16.53 -61.87
N ALA C 60 6.80 16.94 -62.90
CA ALA C 60 5.44 16.45 -63.12
C ALA C 60 5.37 14.93 -63.15
N GLU C 61 6.46 14.30 -63.59
CA GLU C 61 6.50 12.85 -63.72
C GLU C 61 6.94 12.17 -62.42
N GLY C 62 7.47 12.94 -61.49
CA GLY C 62 7.86 12.40 -60.19
C GLY C 62 9.10 11.53 -60.29
N GLY C 63 9.08 10.39 -59.61
CA GLY C 63 10.18 9.44 -59.67
C GLY C 63 10.96 9.31 -58.37
N GLN C 64 12.24 8.98 -58.50
CA GLN C 64 13.13 8.82 -57.35
C GLN C 64 13.73 10.16 -56.96
N CYS C 65 14.20 10.26 -55.71
CA CYS C 65 14.77 11.51 -55.21
C CYS C 65 16.17 11.28 -54.67
N PRO C 66 17.01 12.33 -54.73
CA PRO C 66 18.36 12.25 -54.15
C PRO C 66 18.31 12.29 -52.62
N SER C 67 19.29 11.67 -51.99
CA SER C 67 19.37 11.63 -50.53
CA SER C 67 19.37 11.63 -50.53
C SER C 67 20.01 12.90 -49.99
N LEU C 68 19.48 13.38 -48.87
CA LEU C 68 20.08 14.52 -48.18
C LEU C 68 20.87 13.94 -47.02
N LEU C 69 22.19 13.86 -47.20
CA LEU C 69 23.04 13.07 -46.31
C LEU C 69 23.28 13.69 -44.95
N PHE C 70 23.26 12.84 -43.92
CA PHE C 70 23.60 13.23 -42.56
C PHE C 70 24.49 12.16 -41.97
N ASP C 71 25.35 12.54 -41.02
CA ASP C 71 26.25 11.60 -40.37
C ASP C 71 25.45 10.61 -39.54
N LEU C 72 25.62 9.32 -39.82
CA LEU C 72 24.84 8.28 -39.16
C LEU C 72 25.70 7.43 -38.22
N ARG C 73 26.91 7.89 -37.94
CA ARG C 73 27.84 7.12 -37.11
C ARG C 73 27.64 7.44 -35.63
N ASP C 74 27.71 6.41 -34.79
CA ASP C 74 27.64 6.59 -33.35
C ASP C 74 28.91 7.28 -32.87
N GLU C 75 28.75 8.22 -31.95
CA GLU C 75 29.87 9.00 -31.47
C GLU C 75 30.19 8.69 -30.01
N THR C 76 31.46 8.80 -29.65
CA THR C 76 31.90 8.55 -28.28
C THR C 76 32.98 9.56 -27.91
N ARG C 77 32.81 10.23 -26.78
CA ARG C 77 33.79 11.22 -26.33
C ARG C 77 34.14 11.02 -24.87
N ASN C 78 35.41 10.73 -24.60
CA ASN C 78 35.89 10.64 -23.23
C ASN C 78 36.40 12.00 -22.78
N VAL C 79 35.67 12.63 -21.86
CA VAL C 79 35.99 13.98 -21.43
C VAL C 79 35.43 14.23 -20.03
N GLY C 80 36.11 15.08 -19.26
CA GLY C 80 35.68 15.42 -17.92
C GLY C 80 35.49 14.19 -17.04
N SER C 81 36.35 13.20 -17.23
CA SER C 81 36.26 11.95 -16.48
C SER C 81 34.93 11.23 -16.73
N GLN C 82 34.32 11.50 -17.88
CA GLN C 82 33.08 10.85 -18.27
C GLN C 82 33.18 10.32 -19.69
N THR C 83 32.19 9.53 -20.09
CA THR C 83 32.14 9.00 -21.44
C THR C 83 30.79 9.32 -22.07
N LEU C 84 30.78 10.24 -23.02
CA LEU C 84 29.56 10.63 -23.71
C LEU C 84 29.31 9.66 -24.87
N GLN C 85 28.05 9.26 -25.05
CA GLN C 85 27.71 8.29 -26.09
C GLN C 85 26.43 8.66 -26.83
N THR C 86 26.47 8.57 -28.15
CA THR C 86 25.26 8.70 -28.97
C THR C 86 24.97 7.36 -29.63
N PHE C 87 23.69 7.08 -29.85
CA PHE C 87 23.27 5.86 -30.52
C PHE C 87 22.22 6.19 -31.56
N LYS C 88 22.53 5.90 -32.83
CA LYS C 88 21.68 6.33 -33.93
C LYS C 88 20.87 5.18 -34.53
N ALA C 89 21.08 3.97 -34.01
CA ALA C 89 20.28 2.83 -34.44
C ALA C 89 18.80 3.05 -34.10
N ARG C 90 17.96 2.99 -35.13
CA ARG C 90 16.52 3.10 -34.98
C ARG C 90 16.11 4.48 -34.45
N GLN C 91 16.94 5.49 -34.69
CA GLN C 91 16.71 6.83 -34.19
C GLN C 91 15.53 7.52 -34.90
N GLY C 92 15.19 7.02 -36.08
CA GLY C 92 14.05 7.55 -36.82
C GLY C 92 14.32 8.90 -37.45
N LEU C 93 15.50 9.07 -38.01
CA LEU C 93 15.82 10.30 -38.73
C LEU C 93 14.79 10.51 -39.83
N GLY C 94 14.12 11.65 -39.80
CA GLY C 94 13.08 11.96 -40.77
C GLY C 94 11.68 11.70 -40.26
N ALA C 95 11.56 11.40 -38.97
CA ALA C 95 10.25 11.23 -38.35
C ALA C 95 9.51 12.57 -38.36
N SER C 96 10.28 13.64 -38.51
CA SER C 96 9.70 14.95 -38.75
C SER C 96 10.68 15.77 -39.57
N VAL C 97 10.16 16.53 -40.53
CA VAL C 97 10.98 17.44 -41.30
C VAL C 97 10.25 18.77 -41.41
N VAL C 98 11.02 19.84 -41.44
CA VAL C 98 10.45 21.17 -41.62
C VAL C 98 11.48 22.04 -42.33
N SER C 99 11.00 22.93 -43.18
CA SER C 99 11.88 23.83 -43.90
C SER C 99 11.60 25.28 -43.55
N TRP C 100 12.66 26.06 -43.46
CA TRP C 100 12.56 27.49 -43.21
C TRP C 100 13.70 28.16 -43.97
N SER C 101 13.40 29.25 -44.66
CA SER C 101 14.39 29.89 -45.51
C SER C 101 15.02 28.80 -46.39
N ASP C 102 16.34 28.78 -46.48
CA ASP C 102 17.01 27.74 -47.26
C ASP C 102 17.61 26.66 -46.36
N VAL C 103 16.98 26.45 -45.21
CA VAL C 103 17.46 25.49 -44.23
C VAL C 103 16.44 24.38 -44.01
N ILE C 104 16.93 23.15 -43.87
CA ILE C 104 16.08 21.99 -43.61
C ILE C 104 16.39 21.40 -42.23
N VAL C 105 15.35 21.09 -41.48
CA VAL C 105 15.52 20.50 -40.16
C VAL C 105 14.84 19.13 -40.10
N ALA C 106 15.64 18.07 -40.04
CA ALA C 106 15.12 16.72 -39.97
C ALA C 106 15.48 16.13 -38.61
N CYS C 107 14.49 15.58 -37.92
CA CYS C 107 14.68 15.13 -36.55
C CYS C 107 14.63 13.61 -36.41
N ALA C 108 15.35 13.12 -35.40
CA ALA C 108 15.34 11.71 -35.03
C ALA C 108 14.91 11.61 -33.58
N PRO C 109 13.59 11.52 -33.35
CA PRO C 109 13.05 11.58 -31.99
C PRO C 109 13.57 10.47 -31.08
N TRP C 110 14.04 9.36 -31.65
CA TRP C 110 14.40 8.20 -30.85
C TRP C 110 15.90 7.94 -30.84
N GLN C 111 16.69 8.95 -31.15
CA GLN C 111 18.13 8.82 -31.00
C GLN C 111 18.44 8.67 -29.52
N HIS C 112 19.27 7.69 -29.17
CA HIS C 112 19.56 7.41 -27.77
C HIS C 112 20.89 8.02 -27.33
N TRP C 113 21.03 8.17 -26.02
CA TRP C 113 22.15 8.89 -25.43
C TRP C 113 22.48 8.27 -24.09
N ASN C 114 23.75 8.29 -23.71
CA ASN C 114 24.17 7.79 -22.41
C ASN C 114 25.45 8.46 -21.97
N VAL C 115 25.70 8.46 -20.67
CA VAL C 115 26.92 8.99 -20.11
C VAL C 115 27.41 8.02 -19.03
N LEU C 116 28.66 7.56 -19.17
CA LEU C 116 29.24 6.63 -18.21
C LEU C 116 30.27 7.33 -17.35
N GLU C 117 30.30 6.97 -16.08
CA GLU C 117 31.32 7.50 -15.16
C GLU C 117 31.63 6.42 -14.14
N LYS C 118 32.74 5.72 -14.36
CA LYS C 118 33.12 4.58 -13.53
C LYS C 118 32.08 3.47 -13.69
N THR C 119 31.42 3.10 -12.61
CA THR C 119 30.40 2.05 -12.67
C THR C 119 29.00 2.63 -12.78
N GLU C 120 28.90 3.96 -12.74
CA GLU C 120 27.60 4.63 -12.81
C GLU C 120 27.30 5.09 -14.22
N GLU C 121 26.04 5.46 -14.46
CA GLU C 121 25.62 5.95 -15.77
C GLU C 121 24.41 6.85 -15.63
N ALA C 122 24.11 7.61 -16.69
CA ALA C 122 22.92 8.44 -16.73
C ALA C 122 21.72 7.60 -17.13
N GLU C 123 21.99 6.45 -17.75
CA GLU C 123 20.99 5.58 -18.37
C GLU C 123 20.89 5.87 -19.87
N LYS C 124 20.77 4.81 -20.65
CA LYS C 124 20.66 4.92 -22.11
C LYS C 124 19.21 5.21 -22.47
N THR C 125 18.96 6.42 -22.95
CA THR C 125 17.59 6.92 -23.13
C THR C 125 17.41 7.72 -24.42
N PRO C 126 16.17 7.80 -24.92
CA PRO C 126 15.84 8.52 -26.16
C PRO C 126 15.67 10.02 -25.97
N VAL C 127 16.78 10.74 -25.87
CA VAL C 127 16.73 12.19 -25.75
C VAL C 127 16.31 12.83 -27.07
N GLY C 128 16.50 12.11 -28.16
CA GLY C 128 16.18 12.63 -29.49
C GLY C 128 17.23 13.62 -29.95
N SER C 129 17.21 13.94 -31.24
CA SER C 129 18.15 14.91 -31.80
C SER C 129 17.60 15.46 -33.11
N CYS C 130 18.08 16.64 -33.49
CA CYS C 130 17.68 17.25 -34.76
C CYS C 130 18.91 17.55 -35.62
N PHE C 131 18.81 17.23 -36.90
CA PHE C 131 19.88 17.50 -37.85
C PHE C 131 19.48 18.66 -38.76
N LEU C 132 20.33 19.66 -38.84
CA LEU C 132 20.06 20.83 -39.67
C LEU C 132 21.00 20.86 -40.87
N ALA C 133 20.45 21.24 -42.02
CA ALA C 133 21.22 21.26 -43.26
C ALA C 133 20.90 22.49 -44.09
N GLN C 134 21.94 23.03 -44.73
CA GLN C 134 21.77 24.05 -45.74
C GLN C 134 22.24 23.45 -47.06
N PRO C 135 21.33 22.76 -47.77
CA PRO C 135 21.65 21.96 -48.96
C PRO C 135 22.63 22.65 -49.91
N GLU C 136 22.37 23.90 -50.28
CA GLU C 136 23.20 24.60 -51.26
C GLU C 136 24.64 24.76 -50.79
N SER C 137 24.83 25.13 -49.54
CA SER C 137 26.17 25.40 -49.01
C SER C 137 26.85 24.11 -48.56
N GLY C 138 26.06 23.14 -48.12
CA GLY C 138 26.59 21.90 -47.61
C GLY C 138 26.77 21.93 -46.10
N ARG C 139 26.46 23.08 -45.49
CA ARG C 139 26.61 23.24 -44.05
C ARG C 139 25.74 22.25 -43.30
N ARG C 140 26.26 21.76 -42.18
CA ARG C 140 25.53 20.84 -41.32
C ARG C 140 25.66 21.27 -39.86
N ALA C 141 24.62 20.97 -39.08
CA ALA C 141 24.64 21.24 -37.66
C ALA C 141 23.63 20.31 -36.97
N GLU C 142 23.73 20.20 -35.66
CA GLU C 142 22.81 19.38 -34.89
C GLU C 142 22.27 20.16 -33.70
N TYR C 143 21.13 19.70 -33.17
CA TYR C 143 20.56 20.31 -31.98
C TYR C 143 19.88 19.22 -31.16
N SER C 144 20.37 19.03 -29.94
CA SER C 144 19.84 18.02 -29.04
C SER C 144 19.82 18.57 -27.62
N PRO C 145 18.82 19.40 -27.31
CA PRO C 145 18.74 20.15 -26.06
C PRO C 145 18.51 19.31 -24.80
N CYS C 146 18.14 18.05 -24.97
CA CYS C 146 17.81 17.22 -23.82
C CYS C 146 18.97 16.34 -23.34
N ARG C 147 20.06 16.33 -24.10
CA ARG C 147 21.27 15.63 -23.66
C ARG C 147 21.76 16.23 -22.35
N GLY C 148 22.09 15.37 -21.39
CA GLY C 148 22.62 15.82 -20.11
C GLY C 148 23.83 15.01 -19.71
N ASN C 149 24.42 15.35 -18.56
CA ASN C 149 25.55 14.58 -18.04
C ASN C 149 25.38 14.26 -16.56
N THR C 150 24.13 14.25 -16.11
CA THR C 150 23.81 13.91 -14.73
C THR C 150 23.61 12.40 -14.60
N LEU C 151 24.14 11.83 -13.54
CA LEU C 151 24.08 10.38 -13.34
C LEU C 151 22.74 9.96 -12.74
N SER C 152 22.39 8.71 -12.98
CA SER C 152 21.12 8.15 -12.53
C SER C 152 20.84 8.44 -11.05
N ARG C 153 21.84 8.21 -10.21
CA ARG C 153 21.69 8.38 -8.77
C ARG C 153 21.17 9.76 -8.39
N ILE C 154 21.60 10.77 -9.13
CA ILE C 154 21.23 12.14 -8.83
C ILE C 154 19.73 12.38 -9.02
N TYR C 155 19.17 11.82 -10.10
CA TYR C 155 17.75 11.97 -10.36
C TYR C 155 16.93 11.34 -9.24
N VAL C 156 17.39 10.18 -8.76
CA VAL C 156 16.70 9.47 -7.68
C VAL C 156 16.67 10.31 -6.40
N GLU C 157 17.80 10.94 -6.10
CA GLU C 157 17.91 11.77 -4.91
C GLU C 157 17.01 13.00 -5.01
N ASN C 158 16.68 13.41 -6.24
CA ASN C 158 15.87 14.61 -6.45
C ASN C 158 14.46 14.32 -6.94
N ASP C 159 13.99 13.10 -6.71
CA ASP C 159 12.63 12.72 -7.09
C ASP C 159 12.38 12.89 -8.58
N PHE C 160 13.41 12.64 -9.39
CA PHE C 160 13.26 12.66 -10.84
C PHE C 160 12.67 13.97 -11.35
N SER C 161 13.12 15.08 -10.77
CA SER C 161 12.69 16.40 -11.23
C SER C 161 13.57 16.85 -12.38
N TRP C 162 12.97 17.59 -13.31
CA TRP C 162 13.68 18.10 -14.48
C TRP C 162 14.39 16.97 -15.22
N ASP C 163 13.70 15.84 -15.35
CA ASP C 163 14.25 14.68 -16.02
C ASP C 163 13.97 14.75 -17.52
N LYS C 164 15.00 15.08 -18.29
CA LYS C 164 14.85 15.28 -19.73
C LYS C 164 15.40 14.11 -20.54
N ARG C 165 15.67 12.99 -19.86
CA ARG C 165 16.35 11.88 -20.50
C ARG C 165 15.53 11.19 -21.60
N TYR C 166 14.21 11.36 -21.58
CA TYR C 166 13.34 10.69 -22.55
C TYR C 166 12.58 11.69 -23.42
N CYS C 167 13.14 12.89 -23.56
CA CYS C 167 12.50 13.98 -24.30
C CYS C 167 11.91 13.54 -25.63
N GLU C 168 12.71 12.83 -26.43
CA GLU C 168 12.37 12.57 -27.82
C GLU C 168 12.14 13.90 -28.55
N ALA C 169 13.09 14.81 -28.38
CA ALA C 169 13.01 16.12 -29.02
C ALA C 169 12.95 15.98 -30.54
N GLY C 170 12.07 16.75 -31.17
CA GLY C 170 11.91 16.68 -32.60
C GLY C 170 10.77 15.75 -33.00
N PHE C 171 10.15 15.13 -31.99
CA PHE C 171 8.94 14.34 -32.20
C PHE C 171 7.98 15.16 -33.04
N SER C 172 7.98 16.46 -32.79
CA SER C 172 7.26 17.42 -33.61
C SER C 172 8.11 18.66 -33.71
N SER C 173 7.94 19.44 -34.77
CA SER C 173 8.75 20.62 -34.95
C SER C 173 8.03 21.70 -35.76
N VAL C 174 8.50 22.93 -35.61
CA VAL C 174 7.98 24.07 -36.33
C VAL C 174 8.98 25.20 -36.20
N VAL C 175 8.97 26.13 -37.16
CA VAL C 175 9.88 27.26 -37.13
C VAL C 175 9.11 28.57 -37.27
N THR C 176 9.39 29.52 -36.39
CA THR C 176 8.75 30.83 -36.46
C THR C 176 9.27 31.55 -37.70
N GLN C 177 8.56 32.60 -38.12
CA GLN C 177 9.00 33.38 -39.27
C GLN C 177 10.34 34.03 -38.98
N ALA C 178 10.58 34.37 -37.71
CA ALA C 178 11.83 35.01 -37.31
C ALA C 178 13.03 34.06 -37.41
N GLY C 179 12.75 32.76 -37.45
CA GLY C 179 13.79 31.77 -37.62
C GLY C 179 14.14 31.04 -36.33
N GLU C 180 13.17 30.88 -35.45
CA GLU C 180 13.37 30.15 -34.21
C GLU C 180 12.80 28.74 -34.33
N LEU C 181 13.69 27.75 -34.22
CA LEU C 181 13.27 26.36 -34.24
C LEU C 181 12.61 26.00 -32.91
N VAL C 182 11.41 25.44 -32.98
CA VAL C 182 10.69 25.02 -31.79
C VAL C 182 10.39 23.51 -31.87
N LEU C 183 10.94 22.76 -30.93
CA LEU C 183 10.79 21.31 -30.92
C LEU C 183 9.84 20.85 -29.82
N GLY C 184 8.96 19.93 -30.16
CA GLY C 184 8.12 19.27 -29.18
C GLY C 184 8.81 18.01 -28.69
N ALA C 185 8.81 17.81 -27.38
CA ALA C 185 9.43 16.64 -26.78
C ALA C 185 8.47 15.98 -25.81
N PRO C 186 7.56 15.14 -26.33
CA PRO C 186 6.46 14.58 -25.52
C PRO C 186 6.93 13.75 -24.31
N GLY C 187 8.18 13.32 -24.31
CA GLY C 187 8.70 12.54 -23.20
C GLY C 187 9.37 13.37 -22.13
N GLY C 188 9.48 14.67 -22.35
CA GLY C 188 10.17 15.56 -21.44
C GLY C 188 9.64 15.50 -20.02
N TYR C 189 10.54 15.69 -19.07
CA TYR C 189 10.17 15.72 -17.65
C TYR C 189 9.36 14.48 -17.27
N TYR C 190 9.94 13.32 -17.53
CA TYR C 190 9.30 12.04 -17.22
C TYR C 190 7.90 11.94 -17.83
N PHE C 191 7.82 12.31 -19.10
CA PHE C 191 6.64 12.06 -19.92
C PHE C 191 5.51 13.07 -19.70
N LEU C 192 5.80 14.18 -19.04
CA LEU C 192 4.88 15.30 -19.03
C LEU C 192 4.90 15.93 -20.42
N GLY C 193 6.10 16.06 -20.96
CA GLY C 193 6.31 16.70 -22.25
C GLY C 193 6.91 18.08 -22.06
N LEU C 194 7.74 18.50 -23.01
CA LEU C 194 8.32 19.84 -22.96
C LEU C 194 8.54 20.40 -24.36
N LEU C 195 8.84 21.70 -24.41
CA LEU C 195 9.15 22.39 -25.65
C LEU C 195 10.56 22.96 -25.53
N ALA C 196 11.30 22.92 -26.63
CA ALA C 196 12.63 23.50 -26.67
C ALA C 196 12.73 24.43 -27.86
N GLN C 197 13.25 25.63 -27.64
CA GLN C 197 13.35 26.62 -28.70
C GLN C 197 14.76 27.20 -28.77
N ALA C 198 15.20 27.51 -29.99
CA ALA C 198 16.49 28.15 -30.21
C ALA C 198 16.57 28.68 -31.63
N PRO C 199 17.18 29.85 -31.83
CA PRO C 199 17.32 30.39 -33.18
C PRO C 199 18.18 29.49 -34.06
N VAL C 200 17.74 29.26 -35.29
CA VAL C 200 18.49 28.43 -36.22
C VAL C 200 19.92 28.95 -36.38
N ALA C 201 20.06 30.27 -36.46
CA ALA C 201 21.35 30.90 -36.65
C ALA C 201 22.33 30.50 -35.53
N ASP C 202 21.83 30.43 -34.30
CA ASP C 202 22.67 30.11 -33.16
C ASP C 202 22.99 28.62 -33.06
N ILE C 203 22.08 27.79 -33.55
CA ILE C 203 22.32 26.36 -33.60
C ILE C 203 23.51 26.07 -34.52
N PHE C 204 23.58 26.78 -35.64
CA PHE C 204 24.67 26.60 -36.60
C PHE C 204 25.99 27.17 -36.07
N SER C 205 25.92 28.33 -35.43
CA SER C 205 27.13 29.02 -35.00
C SER C 205 27.75 28.43 -33.74
N SER C 206 26.95 27.68 -32.98
CA SER C 206 27.43 27.11 -31.72
C SER C 206 27.79 25.62 -31.85
N TYR C 207 27.49 25.04 -33.00
CA TYR C 207 27.74 23.60 -33.21
C TYR C 207 29.14 23.32 -33.74
N ARG C 208 29.75 22.28 -33.20
CA ARG C 208 31.00 21.75 -33.71
C ARG C 208 30.96 20.23 -33.59
N PRO C 209 31.37 19.52 -34.64
CA PRO C 209 31.30 18.05 -34.59
C PRO C 209 32.24 17.48 -33.52
N GLY C 210 31.72 16.54 -32.72
CA GLY C 210 32.53 15.84 -31.75
C GLY C 210 32.31 16.30 -30.31
N ILE C 211 31.81 17.52 -30.14
CA ILE C 211 31.60 18.07 -28.81
C ILE C 211 30.51 17.28 -28.05
N LEU C 212 29.38 17.06 -28.72
CA LEU C 212 28.27 16.28 -28.17
C LEU C 212 27.45 17.04 -27.12
N LEU C 213 28.13 17.64 -26.14
CA LEU C 213 27.47 18.47 -25.15
C LEU C 213 27.98 19.91 -25.23
N TRP C 214 27.17 20.80 -25.77
CA TRP C 214 27.55 22.20 -25.90
C TRP C 214 26.40 23.11 -25.53
N HIS C 215 26.71 24.38 -25.27
CA HIS C 215 25.72 25.34 -24.84
C HIS C 215 25.17 26.15 -26.01
N VAL C 216 23.85 26.31 -26.03
CA VAL C 216 23.20 27.26 -26.93
C VAL C 216 22.51 28.30 -26.05
N SER C 217 23.26 29.33 -25.67
CA SER C 217 22.84 30.27 -24.63
C SER C 217 21.47 30.91 -24.89
N SER C 218 21.09 31.00 -26.16
CA SER C 218 19.85 31.67 -26.53
C SER C 218 18.65 30.71 -26.52
N GLN C 219 18.86 29.46 -26.10
CA GLN C 219 17.77 28.49 -26.11
C GLN C 219 16.83 28.70 -24.93
N SER C 220 15.61 28.21 -25.09
CA SER C 220 14.57 28.39 -24.07
C SER C 220 13.75 27.12 -23.96
N LEU C 221 13.73 26.51 -22.78
CA LEU C 221 12.99 25.29 -22.54
C LEU C 221 11.79 25.55 -21.64
N SER C 222 10.73 24.77 -21.83
CA SER C 222 9.55 24.88 -20.96
C SER C 222 9.86 24.26 -19.60
N PHE C 223 8.84 24.19 -18.73
CA PHE C 223 9.08 23.87 -17.33
C PHE C 223 8.45 22.57 -16.87
N ASP C 224 9.01 22.01 -15.80
CA ASP C 224 8.47 20.82 -15.16
C ASP C 224 7.26 21.22 -14.32
N SER C 225 6.47 20.24 -13.89
CA SER C 225 5.29 20.52 -13.11
C SER C 225 5.03 19.43 -12.09
N SER C 226 4.35 19.79 -11.00
CA SER C 226 3.97 18.83 -9.98
C SER C 226 2.47 18.59 -10.03
N ASN C 227 1.79 19.22 -10.98
CA ASN C 227 0.36 19.05 -11.17
C ASN C 227 0.07 17.75 -11.89
N PRO C 228 -0.64 16.82 -11.23
CA PRO C 228 -0.90 15.49 -11.80
C PRO C 228 -1.67 15.52 -13.12
N GLU C 229 -2.37 16.62 -13.38
CA GLU C 229 -3.08 16.77 -14.65
C GLU C 229 -2.13 16.67 -15.84
N TYR C 230 -0.87 17.00 -15.61
CA TYR C 230 0.11 17.04 -16.70
C TYR C 230 0.90 15.74 -16.86
N PHE C 231 0.79 14.83 -15.90
CA PHE C 231 1.54 13.59 -15.95
C PHE C 231 1.13 12.75 -17.15
N ASP C 232 2.13 12.23 -17.86
CA ASP C 232 1.92 11.38 -19.03
C ASP C 232 1.01 12.05 -20.04
N GLY C 233 1.12 13.37 -20.17
CA GLY C 233 0.27 14.13 -21.04
C GLY C 233 0.81 14.23 -22.46
N TYR C 234 2.10 13.95 -22.63
CA TYR C 234 2.74 14.04 -23.94
C TYR C 234 2.55 15.44 -24.52
N TRP C 235 2.79 16.42 -23.68
CA TRP C 235 2.80 17.83 -24.05
C TRP C 235 3.91 18.04 -25.08
N GLY C 236 3.53 18.36 -26.31
CA GLY C 236 4.50 18.52 -27.38
C GLY C 236 4.41 17.40 -28.41
N TYR C 237 3.36 16.61 -28.32
CA TYR C 237 3.08 15.57 -29.30
C TYR C 237 2.87 16.23 -30.67
N SER C 238 2.34 17.45 -30.65
CA SER C 238 2.20 18.26 -31.84
C SER C 238 2.44 19.71 -31.48
N VAL C 239 2.95 20.50 -32.42
CA VAL C 239 3.24 21.91 -32.17
CA VAL C 239 3.24 21.91 -32.17
C VAL C 239 2.94 22.77 -33.40
N ALA C 240 2.60 24.03 -33.16
CA ALA C 240 2.36 24.99 -34.22
C ALA C 240 2.62 26.38 -33.68
N VAL C 241 2.60 27.37 -34.57
CA VAL C 241 2.78 28.76 -34.15
C VAL C 241 1.72 29.65 -34.79
N GLY C 242 1.47 30.80 -34.19
CA GLY C 242 0.47 31.72 -34.70
C GLY C 242 0.43 33.03 -33.94
N GLU C 243 -0.59 33.84 -34.24
CA GLU C 243 -0.78 35.12 -33.58
C GLU C 243 -2.12 35.11 -32.87
N PHE C 244 -2.09 35.14 -31.55
CA PHE C 244 -3.30 35.00 -30.74
C PHE C 244 -3.42 36.03 -29.62
N ASP C 245 -2.47 36.95 -29.51
CA ASP C 245 -2.48 37.92 -28.41
C ASP C 245 -2.62 39.36 -28.88
N GLY C 246 -2.69 39.55 -30.20
CA GLY C 246 -2.87 40.89 -30.75
C GLY C 246 -1.55 41.59 -31.03
N ASP C 247 -0.52 41.28 -30.25
CA ASP C 247 0.78 41.88 -30.45
C ASP C 247 1.53 41.17 -31.58
N LEU C 248 1.94 41.93 -32.58
CA LEU C 248 2.56 41.35 -33.77
C LEU C 248 4.06 41.14 -33.60
N ASN C 249 4.64 41.74 -32.55
CA ASN C 249 6.05 41.55 -32.25
C ASN C 249 6.31 40.22 -31.56
N THR C 250 5.26 39.58 -31.06
CA THR C 250 5.38 38.33 -30.33
C THR C 250 4.79 37.16 -31.12
N THR C 251 5.46 36.01 -31.05
CA THR C 251 4.94 34.79 -31.64
C THR C 251 4.37 33.90 -30.54
N GLU C 252 3.18 33.36 -30.77
CA GLU C 252 2.56 32.45 -29.83
C GLU C 252 2.77 31.00 -30.25
N TYR C 253 2.80 30.09 -29.28
CA TYR C 253 2.97 28.67 -29.56
C TYR C 253 1.68 27.92 -29.29
N VAL C 254 1.35 26.99 -30.18
CA VAL C 254 0.24 26.08 -29.98
C VAL C 254 0.83 24.69 -29.71
N VAL C 255 0.41 24.06 -28.62
CA VAL C 255 0.96 22.76 -28.25
C VAL C 255 -0.15 21.75 -27.97
N GLY C 256 -0.06 20.59 -28.61
CA GLY C 256 -0.99 19.51 -28.34
C GLY C 256 -0.48 18.61 -27.25
N ALA C 257 -1.36 18.25 -26.33
CA ALA C 257 -1.06 17.31 -25.27
C ALA C 257 -2.16 16.25 -25.23
N PRO C 258 -2.11 15.30 -26.18
CA PRO C 258 -3.22 14.38 -26.47
C PRO C 258 -3.67 13.49 -25.30
N THR C 259 -2.83 13.30 -24.29
CA THR C 259 -3.22 12.47 -23.15
C THR C 259 -3.26 13.27 -21.85
N TRP C 260 -3.30 14.60 -21.98
CA TRP C 260 -3.37 15.48 -20.82
C TRP C 260 -4.54 15.11 -19.91
N SER C 261 -4.30 15.17 -18.61
CA SER C 261 -5.35 14.98 -17.62
C SER C 261 -6.03 13.62 -17.76
N TRP C 262 -5.28 12.57 -17.47
CA TRP C 262 -5.80 11.21 -17.55
C TRP C 262 -6.47 10.95 -18.89
N THR C 263 -5.72 11.24 -19.96
CA THR C 263 -6.11 10.96 -21.35
C THR C 263 -7.35 11.72 -21.81
N LEU C 264 -7.72 12.80 -21.12
CA LEU C 264 -8.78 13.67 -21.61
C LEU C 264 -8.28 14.43 -22.82
N GLY C 265 -6.99 14.78 -22.81
CA GLY C 265 -6.40 15.51 -23.91
C GLY C 265 -6.61 17.00 -23.79
N ALA C 266 -5.70 17.78 -24.37
CA ALA C 266 -5.80 19.22 -24.35
C ALA C 266 -4.90 19.87 -25.38
N VAL C 267 -5.13 21.15 -25.63
CA VAL C 267 -4.29 21.97 -26.49
C VAL C 267 -4.12 23.32 -25.81
N GLU C 268 -2.89 23.83 -25.79
CA GLU C 268 -2.61 25.08 -25.11
C GLU C 268 -1.97 26.09 -26.03
N ILE C 269 -2.37 27.35 -25.89
CA ILE C 269 -1.71 28.46 -26.57
C ILE C 269 -0.87 29.16 -25.53
N LEU C 270 0.40 29.40 -25.86
CA LEU C 270 1.33 29.99 -24.91
C LEU C 270 2.10 31.12 -25.59
N ASP C 271 2.68 32.01 -24.79
CA ASP C 271 3.58 33.02 -25.34
C ASP C 271 4.97 32.43 -25.44
N SER C 272 5.92 33.20 -25.97
CA SER C 272 7.27 32.70 -26.19
C SER C 272 7.99 32.37 -24.88
N TYR C 273 7.39 32.74 -23.75
CA TYR C 273 7.95 32.42 -22.44
C TYR C 273 7.22 31.25 -21.79
N TYR C 274 6.42 30.55 -22.58
CA TYR C 274 5.71 29.36 -22.11
C TYR C 274 4.71 29.66 -21.01
N GLN C 275 4.16 30.87 -21.00
CA GLN C 275 3.04 31.20 -20.13
C GLN C 275 1.74 30.94 -20.87
N ARG C 276 0.82 30.24 -20.22
CA ARG C 276 -0.41 29.81 -20.88
C ARG C 276 -1.40 30.96 -21.07
N LEU C 277 -1.87 31.11 -22.31
CA LEU C 277 -2.84 32.15 -22.66
C LEU C 277 -4.25 31.56 -22.75
N HIS C 278 -4.35 30.36 -23.33
CA HIS C 278 -5.63 29.66 -23.37
CA HIS C 278 -5.63 29.66 -23.47
C HIS C 278 -5.41 28.17 -23.28
N ARG C 279 -6.47 27.45 -22.90
CA ARG C 279 -6.42 26.00 -22.84
C ARG C 279 -7.71 25.39 -23.35
N LEU C 280 -7.58 24.50 -24.34
CA LEU C 280 -8.73 23.80 -24.89
C LEU C 280 -8.69 22.35 -24.42
N ARG C 281 -9.80 21.89 -23.85
CA ARG C 281 -9.85 20.55 -23.28
C ARG C 281 -10.55 19.58 -24.22
N GLY C 282 -10.07 18.34 -24.24
CA GLY C 282 -10.69 17.30 -25.02
C GLY C 282 -12.13 17.08 -24.56
N GLU C 283 -12.92 16.47 -25.43
CA GLU C 283 -14.33 16.25 -25.16
C GLU C 283 -14.57 14.83 -24.65
N GLN C 284 -13.66 13.93 -24.99
CA GLN C 284 -13.84 12.51 -24.71
C GLN C 284 -12.51 11.85 -24.45
N MET C 285 -12.43 11.08 -23.36
CA MET C 285 -11.19 10.44 -22.96
C MET C 285 -10.72 9.47 -24.03
N ALA C 286 -9.42 9.50 -24.30
CA ALA C 286 -8.76 8.58 -25.22
C ALA C 286 -9.00 8.91 -26.70
N SER C 287 -9.64 10.05 -26.98
CA SER C 287 -9.90 10.44 -28.35
C SER C 287 -8.66 11.05 -28.98
N TYR C 288 -7.63 11.26 -28.16
CA TYR C 288 -6.38 11.86 -28.61
C TYR C 288 -6.57 13.26 -29.16
N PHE C 289 -7.47 14.02 -28.52
CA PHE C 289 -7.62 15.44 -28.77
C PHE C 289 -6.27 16.12 -28.61
N GLY C 290 -5.75 16.67 -29.70
CA GLY C 290 -4.44 17.32 -29.69
C GLY C 290 -3.41 16.55 -30.48
N HIS C 291 -3.82 15.42 -31.05
CA HIS C 291 -2.93 14.63 -31.90
C HIS C 291 -2.33 15.51 -32.99
N SER C 292 -3.14 16.41 -33.52
CA SER C 292 -2.69 17.35 -34.54
C SER C 292 -3.31 18.72 -34.32
N VAL C 293 -2.56 19.76 -34.67
CA VAL C 293 -3.04 21.12 -34.55
C VAL C 293 -2.69 21.89 -35.82
N ALA C 294 -3.53 22.84 -36.19
CA ALA C 294 -3.28 23.66 -37.37
C ALA C 294 -3.73 25.09 -37.13
N VAL C 295 -2.96 26.04 -37.65
CA VAL C 295 -3.25 27.45 -37.46
C VAL C 295 -3.38 28.15 -38.80
N THR C 296 -4.51 28.80 -39.02
CA THR C 296 -4.73 29.58 -40.23
C THR C 296 -6.06 30.33 -40.12
N ASP C 297 -6.08 31.54 -40.66
CA ASP C 297 -7.31 32.33 -40.68
C ASP C 297 -8.22 31.80 -41.78
N VAL C 298 -9.37 31.26 -41.41
CA VAL C 298 -10.26 30.62 -42.36
C VAL C 298 -11.47 31.49 -42.75
N ASN C 299 -11.79 32.49 -41.94
CA ASN C 299 -12.96 33.32 -42.19
C ASN C 299 -12.62 34.74 -42.65
N GLY C 300 -11.37 34.94 -43.07
CA GLY C 300 -10.97 36.18 -43.70
C GLY C 300 -11.18 37.44 -42.87
N ASP C 301 -10.88 37.36 -41.58
CA ASP C 301 -10.90 38.54 -40.72
C ASP C 301 -9.49 38.91 -40.27
N GLY C 302 -8.50 38.19 -40.79
CA GLY C 302 -7.11 38.47 -40.49
C GLY C 302 -6.64 37.91 -39.16
N ARG C 303 -7.52 37.22 -38.46
CA ARG C 303 -7.17 36.64 -37.17
C ARG C 303 -7.02 35.13 -37.27
N HIS C 304 -5.82 34.64 -36.93
CA HIS C 304 -5.54 33.21 -36.98
C HIS C 304 -6.58 32.41 -36.21
N ASP C 305 -7.03 31.33 -36.83
CA ASP C 305 -7.98 30.43 -36.17
C ASP C 305 -7.29 29.10 -35.90
N LEU C 306 -7.79 28.35 -34.93
CA LEU C 306 -7.17 27.11 -34.53
C LEU C 306 -8.02 25.90 -34.90
N LEU C 307 -7.38 24.84 -35.36
CA LEU C 307 -8.05 23.58 -35.61
C LEU C 307 -7.35 22.47 -34.84
N VAL C 308 -8.15 21.59 -34.24
CA VAL C 308 -7.62 20.50 -33.42
C VAL C 308 -8.18 19.17 -33.88
N GLY C 309 -7.31 18.19 -34.07
CA GLY C 309 -7.73 16.86 -34.45
C GLY C 309 -7.81 15.92 -33.26
N ALA C 310 -8.89 15.14 -33.19
CA ALA C 310 -9.04 14.08 -32.20
C ALA C 310 -9.40 12.79 -32.94
N PRO C 311 -8.39 12.16 -33.56
CA PRO C 311 -8.57 11.06 -34.53
C PRO C 311 -9.29 9.82 -33.99
N LEU C 312 -9.40 9.67 -32.67
CA LEU C 312 -10.01 8.48 -32.11
C LEU C 312 -11.35 8.78 -31.43
N TYR C 313 -11.88 9.97 -31.67
CA TYR C 313 -13.17 10.34 -31.10
C TYR C 313 -14.25 9.35 -31.53
N MET C 314 -15.03 8.88 -30.57
CA MET C 314 -16.11 7.94 -30.85
C MET C 314 -17.45 8.66 -30.88
N GLU C 315 -18.08 8.66 -32.05
CA GLU C 315 -19.36 9.33 -32.24
C GLU C 315 -20.50 8.47 -31.70
N SER C 316 -21.48 9.11 -31.09
CA SER C 316 -22.64 8.39 -30.55
CA SER C 316 -22.63 8.40 -30.56
C SER C 316 -23.59 8.01 -31.69
N ARG C 317 -24.02 6.76 -31.67
CA ARG C 317 -24.95 6.26 -32.69
C ARG C 317 -26.13 5.52 -32.05
N ALA C 318 -27.12 5.20 -32.89
CA ALA C 318 -28.38 4.62 -32.42
C ALA C 318 -28.18 3.45 -31.46
N ASP C 319 -29.09 3.33 -30.50
CA ASP C 319 -29.10 2.21 -29.57
C ASP C 319 -27.93 2.28 -28.58
N ARG C 320 -27.60 3.48 -28.14
CA ARG C 320 -26.56 3.68 -27.14
C ARG C 320 -25.25 3.00 -27.53
N LYS C 321 -24.82 3.21 -28.78
CA LYS C 321 -23.58 2.63 -29.27
C LYS C 321 -22.59 3.73 -29.66
N LEU C 322 -21.31 3.36 -29.72
CA LEU C 322 -20.25 4.29 -30.06
C LEU C 322 -19.45 3.77 -31.24
N ALA C 323 -19.08 4.67 -32.15
CA ALA C 323 -18.28 4.31 -33.32
C ALA C 323 -17.08 5.23 -33.45
N GLU C 324 -15.88 4.66 -33.38
CA GLU C 324 -14.66 5.42 -33.52
C GLU C 324 -14.53 5.93 -34.95
N VAL C 325 -14.57 7.25 -35.12
CA VAL C 325 -14.47 7.85 -36.44
C VAL C 325 -13.48 9.01 -36.50
N GLY C 326 -13.33 9.73 -35.39
CA GLY C 326 -12.45 10.88 -35.35
C GLY C 326 -13.23 12.17 -35.52
N ARG C 327 -12.64 13.27 -35.05
CA ARG C 327 -13.31 14.56 -35.11
C ARG C 327 -12.33 15.71 -35.14
N VAL C 328 -12.70 16.79 -35.82
CA VAL C 328 -11.90 18.00 -35.88
C VAL C 328 -12.71 19.16 -35.29
N TYR C 329 -12.04 19.99 -34.50
CA TYR C 329 -12.69 21.13 -33.85
C TYR C 329 -12.14 22.43 -34.39
N LEU C 330 -13.03 23.34 -34.79
CA LEU C 330 -12.62 24.66 -35.27
C LEU C 330 -12.89 25.73 -34.21
N PHE C 331 -11.83 26.45 -33.84
CA PHE C 331 -11.94 27.55 -32.88
C PHE C 331 -11.60 28.87 -33.57
N LEU C 332 -12.59 29.72 -33.76
CA LEU C 332 -12.36 31.03 -34.36
C LEU C 332 -11.83 31.99 -33.29
N GLN C 333 -10.88 32.84 -33.67
CA GLN C 333 -10.34 33.82 -32.75
C GLN C 333 -11.21 35.08 -32.75
N PRO C 334 -11.78 35.42 -31.59
CA PRO C 334 -12.65 36.61 -31.50
C PRO C 334 -11.86 37.91 -31.54
N ARG C 335 -12.55 39.03 -31.67
CA ARG C 335 -11.90 40.34 -31.73
C ARG C 335 -11.29 40.73 -30.39
N GLY C 336 -10.08 41.28 -30.43
CA GLY C 336 -9.43 41.79 -29.25
C GLY C 336 -9.12 40.74 -28.21
N PRO C 337 -8.62 41.17 -27.04
CA PRO C 337 -8.23 40.26 -25.96
C PRO C 337 -9.42 39.53 -25.35
N HIS C 338 -9.73 38.35 -25.88
CA HIS C 338 -10.84 37.55 -25.39
C HIS C 338 -10.52 36.06 -25.51
N ALA C 339 -11.17 35.27 -24.66
CA ALA C 339 -10.94 33.83 -24.65
C ALA C 339 -11.61 33.16 -25.85
N LEU C 340 -10.93 32.16 -26.41
CA LEU C 340 -11.52 31.35 -27.47
C LEU C 340 -12.59 30.47 -26.86
N GLY C 341 -13.85 30.78 -27.16
CA GLY C 341 -14.97 30.07 -26.55
C GLY C 341 -15.11 28.65 -27.04
N ALA C 342 -16.33 28.11 -26.94
CA ALA C 342 -16.62 26.77 -27.42
C ALA C 342 -16.30 26.67 -28.90
N PRO C 343 -16.10 25.43 -29.40
CA PRO C 343 -15.81 25.26 -30.82
C PRO C 343 -16.90 25.85 -31.70
N SER C 344 -16.50 26.51 -32.78
CA SER C 344 -17.44 27.13 -33.71
C SER C 344 -18.00 26.11 -34.69
N LEU C 345 -17.29 25.00 -34.86
CA LEU C 345 -17.71 23.96 -35.80
C LEU C 345 -17.09 22.62 -35.43
N LEU C 346 -17.89 21.56 -35.50
CA LEU C 346 -17.42 20.20 -35.26
C LEU C 346 -17.53 19.37 -36.55
N LEU C 347 -16.39 18.96 -37.07
CA LEU C 347 -16.34 18.09 -38.23
C LEU C 347 -16.05 16.67 -37.76
N THR C 348 -16.96 15.74 -38.08
CA THR C 348 -16.86 14.38 -37.58
C THR C 348 -16.70 13.36 -38.70
N GLY C 349 -15.83 12.39 -38.48
CA GLY C 349 -15.57 11.36 -39.48
C GLY C 349 -16.78 10.47 -39.71
N THR C 350 -16.68 9.62 -40.72
CA THR C 350 -17.78 8.73 -41.09
CA THR C 350 -17.78 8.73 -41.10
C THR C 350 -17.35 7.27 -41.09
N GLN C 351 -16.16 7.00 -41.62
CA GLN C 351 -15.66 5.63 -41.72
C GLN C 351 -15.11 5.12 -40.39
N LEU C 352 -15.61 3.99 -39.95
CA LEU C 352 -15.15 3.35 -38.72
C LEU C 352 -13.64 3.14 -38.77
N TYR C 353 -12.95 3.59 -37.71
CA TYR C 353 -11.50 3.44 -37.58
C TYR C 353 -10.71 4.27 -38.59
N GLY C 354 -11.39 5.19 -39.27
CA GLY C 354 -10.76 5.98 -40.32
C GLY C 354 -9.73 6.97 -39.80
N ARG C 355 -9.87 7.37 -38.54
CA ARG C 355 -8.95 8.32 -37.91
C ARG C 355 -9.00 9.71 -38.55
N PHE C 356 -10.22 10.17 -38.85
CA PHE C 356 -10.45 11.53 -39.33
C PHE C 356 -9.89 12.53 -38.32
N GLY C 357 -9.06 13.45 -38.80
CA GLY C 357 -8.44 14.45 -37.95
C GLY C 357 -7.02 14.08 -37.58
N SER C 358 -6.54 12.98 -38.15
CA SER C 358 -5.17 12.53 -37.89
C SER C 358 -4.16 13.58 -38.35
N ALA C 359 -4.51 14.33 -39.40
CA ALA C 359 -3.67 15.41 -39.87
C ALA C 359 -4.53 16.53 -40.44
N ILE C 360 -4.12 17.76 -40.20
CA ILE C 360 -4.86 18.93 -40.65
C ILE C 360 -3.89 19.91 -41.29
N ALA C 361 -4.09 20.20 -42.58
CA ALA C 361 -3.19 21.07 -43.32
C ALA C 361 -3.88 22.31 -43.86
N PRO C 362 -3.36 23.49 -43.50
CA PRO C 362 -3.80 24.72 -44.17
C PRO C 362 -3.45 24.69 -45.66
N LEU C 363 -4.40 25.05 -46.51
CA LEU C 363 -4.20 25.01 -47.96
C LEU C 363 -4.01 26.39 -48.54
N GLY C 364 -4.06 27.41 -47.70
CA GLY C 364 -4.13 28.77 -48.18
C GLY C 364 -5.46 28.93 -48.89
N ASP C 365 -5.55 29.87 -49.83
CA ASP C 365 -6.78 30.05 -50.59
C ASP C 365 -6.75 29.22 -51.87
N LEU C 366 -7.35 28.04 -51.80
CA LEU C 366 -7.31 27.07 -52.89
C LEU C 366 -8.06 27.55 -54.14
N ASP C 367 -9.23 28.14 -53.93
CA ASP C 367 -10.05 28.61 -55.04
C ASP C 367 -9.99 30.13 -55.21
N ARG C 368 -9.12 30.77 -54.43
CA ARG C 368 -8.89 32.21 -54.53
C ARG C 368 -10.21 33.00 -54.48
N ASP C 369 -11.00 32.75 -53.44
CA ASP C 369 -12.27 33.44 -53.25
C ASP C 369 -12.22 34.41 -52.07
N GLY C 370 -11.08 34.45 -51.39
CA GLY C 370 -10.89 35.37 -50.29
C GLY C 370 -10.87 34.72 -48.92
N TYR C 371 -11.11 33.41 -48.87
CA TYR C 371 -11.07 32.68 -47.60
C TYR C 371 -10.13 31.49 -47.70
N ASN C 372 -9.19 31.41 -46.77
CA ASN C 372 -8.27 30.28 -46.73
C ASN C 372 -9.00 28.99 -46.43
N ASP C 373 -8.46 27.88 -46.92
CA ASP C 373 -9.13 26.60 -46.83
C ASP C 373 -8.23 25.58 -46.15
N ILE C 374 -8.74 24.37 -45.89
CA ILE C 374 -7.96 23.34 -45.21
C ILE C 374 -8.20 21.95 -45.80
N ALA C 375 -7.30 21.03 -45.48
CA ALA C 375 -7.46 19.63 -45.82
C ALA C 375 -7.35 18.79 -44.54
N VAL C 376 -8.23 17.80 -44.41
CA VAL C 376 -8.22 16.91 -43.25
C VAL C 376 -8.00 15.47 -43.70
N ALA C 377 -7.03 14.79 -43.08
CA ALA C 377 -6.72 13.41 -43.44
C ALA C 377 -7.46 12.41 -42.57
N ALA C 378 -7.90 11.33 -43.19
CA ALA C 378 -8.41 10.15 -42.50
C ALA C 378 -7.67 8.95 -43.07
N PRO C 379 -6.45 8.69 -42.58
CA PRO C 379 -5.50 7.73 -43.15
C PRO C 379 -6.05 6.32 -43.37
N TYR C 380 -7.14 5.98 -42.70
CA TYR C 380 -7.75 4.67 -42.87
C TYR C 380 -9.24 4.81 -43.21
N GLY C 381 -9.59 5.97 -43.74
CA GLY C 381 -10.96 6.28 -44.08
C GLY C 381 -11.29 6.00 -45.53
N GLY C 382 -12.40 6.58 -46.00
CA GLY C 382 -12.90 6.29 -47.32
C GLY C 382 -13.75 5.04 -47.24
N PRO C 383 -14.64 4.84 -48.22
CA PRO C 383 -15.52 3.68 -48.21
C PRO C 383 -14.79 2.35 -48.18
N SER C 384 -13.54 2.33 -48.64
CA SER C 384 -12.77 1.10 -48.68
C SER C 384 -11.69 1.02 -47.60
N GLY C 385 -11.54 2.10 -46.83
CA GLY C 385 -10.61 2.11 -45.71
C GLY C 385 -9.15 2.25 -46.11
N ARG C 386 -8.90 2.67 -47.35
CA ARG C 386 -7.54 2.80 -47.86
C ARG C 386 -6.92 4.15 -47.55
N GLY C 387 -7.74 5.09 -47.05
CA GLY C 387 -7.25 6.41 -46.73
C GLY C 387 -7.92 7.48 -47.58
N GLN C 388 -8.20 8.62 -46.98
CA GLN C 388 -8.95 9.67 -47.65
C GLN C 388 -8.56 11.04 -47.11
N VAL C 389 -8.48 12.02 -48.01
CA VAL C 389 -8.23 13.40 -47.61
C VAL C 389 -9.41 14.25 -48.05
N LEU C 390 -9.96 15.03 -47.12
CA LEU C 390 -11.14 15.83 -47.40
C LEU C 390 -10.81 17.32 -47.35
N VAL C 391 -11.32 18.05 -48.35
CA VAL C 391 -11.06 19.48 -48.47
C VAL C 391 -12.27 20.29 -48.00
N PHE C 392 -12.05 21.18 -47.04
CA PHE C 392 -13.09 22.08 -46.55
C PHE C 392 -12.70 23.52 -46.87
N LEU C 393 -13.66 24.28 -47.41
CA LEU C 393 -13.39 25.65 -47.83
C LEU C 393 -13.78 26.65 -46.76
N GLY C 394 -12.98 27.71 -46.64
CA GLY C 394 -13.26 28.79 -45.71
C GLY C 394 -14.41 29.66 -46.18
N GLN C 395 -15.09 30.27 -45.22
CA GLN C 395 -16.19 31.18 -45.51
C GLN C 395 -16.31 32.18 -44.37
N SER C 396 -17.15 33.20 -44.54
CA SER C 396 -17.27 34.28 -43.58
C SER C 396 -17.57 33.78 -42.16
N GLU C 397 -18.31 32.68 -42.07
CA GLU C 397 -18.72 32.16 -40.76
C GLU C 397 -17.76 31.11 -40.22
N GLY C 398 -16.72 30.77 -40.99
CA GLY C 398 -15.75 29.79 -40.58
C GLY C 398 -15.43 28.81 -41.70
N LEU C 399 -15.92 27.58 -41.54
CA LEU C 399 -15.75 26.55 -42.55
C LEU C 399 -17.10 25.96 -42.93
N ARG C 400 -17.22 25.49 -44.17
CA ARG C 400 -18.41 24.75 -44.57
C ARG C 400 -18.42 23.42 -43.82
N SER C 401 -19.61 22.95 -43.47
CA SER C 401 -19.74 21.72 -42.69
C SER C 401 -19.59 20.47 -43.56
N ARG C 402 -19.47 20.68 -44.87
CA ARG C 402 -19.31 19.57 -45.80
C ARG C 402 -18.14 19.80 -46.75
N PRO C 403 -17.44 18.72 -47.11
CA PRO C 403 -16.25 18.82 -47.96
C PRO C 403 -16.60 19.18 -49.40
N SER C 404 -15.83 20.12 -49.97
CA SER C 404 -16.03 20.50 -51.37
C SER C 404 -15.47 19.42 -52.29
N GLN C 405 -14.42 18.75 -51.82
CA GLN C 405 -13.76 17.73 -52.61
C GLN C 405 -13.19 16.63 -51.72
N VAL C 406 -13.06 15.43 -52.28
CA VAL C 406 -12.54 14.29 -51.55
C VAL C 406 -11.48 13.56 -52.38
N LEU C 407 -10.31 13.33 -51.77
CA LEU C 407 -9.22 12.64 -52.43
C LEU C 407 -9.04 11.24 -51.84
N ASP C 408 -9.44 10.23 -52.60
CA ASP C 408 -9.26 8.84 -52.18
C ASP C 408 -7.84 8.38 -52.48
N SER C 409 -7.28 7.59 -51.58
CA SER C 409 -5.92 7.11 -51.75
C SER C 409 -5.76 6.34 -53.05
N PRO C 410 -4.75 6.69 -53.84
CA PRO C 410 -4.42 5.93 -55.05
C PRO C 410 -3.59 4.69 -54.76
N PHE C 411 -3.20 4.49 -53.50
CA PHE C 411 -2.32 3.39 -53.14
C PHE C 411 -3.11 2.22 -52.57
N PRO C 412 -2.45 1.06 -52.39
CA PRO C 412 -3.09 -0.13 -51.84
C PRO C 412 -3.43 0.03 -50.36
N THR C 413 -4.20 -0.92 -49.83
CA THR C 413 -4.55 -0.93 -48.41
C THR C 413 -3.29 -0.81 -47.57
N GLY C 414 -3.41 -0.09 -46.45
CA GLY C 414 -2.35 -0.03 -45.45
C GLY C 414 -1.33 1.07 -45.65
N SER C 415 -1.51 1.90 -46.67
CA SER C 415 -0.49 2.89 -47.00
C SER C 415 -0.42 4.05 -46.01
N ALA C 416 -1.48 4.24 -45.22
CA ALA C 416 -1.55 5.35 -44.28
C ALA C 416 -1.57 6.69 -45.03
N PHE C 417 -2.21 6.67 -46.19
CA PHE C 417 -2.32 7.84 -47.05
C PHE C 417 -3.01 8.99 -46.32
N GLY C 418 -2.29 10.09 -46.14
CA GLY C 418 -2.83 11.24 -45.45
C GLY C 418 -2.24 11.44 -44.06
N PHE C 419 -1.48 10.45 -43.59
CA PHE C 419 -0.84 10.53 -42.29
C PHE C 419 -0.01 11.81 -42.18
N SER C 420 0.50 12.27 -43.31
CA SER C 420 1.21 13.54 -43.37
C SER C 420 0.70 14.37 -44.54
N LEU C 421 0.44 15.65 -44.29
CA LEU C 421 -0.08 16.57 -45.29
C LEU C 421 0.67 17.88 -45.27
N ARG C 422 0.68 18.57 -46.39
CA ARG C 422 1.23 19.92 -46.46
C ARG C 422 0.68 20.63 -47.69
N GLY C 423 0.21 21.86 -47.49
CA GLY C 423 -0.32 22.65 -48.59
C GLY C 423 0.16 24.09 -48.52
N ALA C 424 -0.58 24.99 -49.18
CA ALA C 424 -0.31 26.42 -49.11
C ALA C 424 0.91 26.86 -49.93
N VAL C 425 1.44 25.97 -50.77
CA VAL C 425 2.59 26.31 -51.60
C VAL C 425 2.37 25.95 -53.07
N ASP C 426 2.59 26.92 -53.95
CA ASP C 426 2.42 26.73 -55.38
C ASP C 426 3.71 26.19 -55.98
N ILE C 427 3.76 24.88 -56.22
CA ILE C 427 4.99 24.22 -56.63
C ILE C 427 5.23 24.26 -58.14
N ASP C 428 4.15 24.35 -58.92
CA ASP C 428 4.28 24.37 -60.37
C ASP C 428 4.12 25.79 -60.94
N ASP C 429 3.99 26.77 -60.05
CA ASP C 429 3.98 28.17 -60.46
C ASP C 429 2.80 28.51 -61.37
N ASN C 430 1.61 28.03 -61.03
CA ASN C 430 0.43 28.32 -61.83
C ASN C 430 -0.54 29.28 -61.13
N GLY C 431 -0.10 29.84 -60.00
CA GLY C 431 -0.88 30.83 -59.28
C GLY C 431 -1.83 30.24 -58.24
N TYR C 432 -1.85 28.91 -58.14
CA TYR C 432 -2.71 28.24 -57.18
C TYR C 432 -1.90 27.32 -56.27
N PRO C 433 -2.18 27.36 -54.95
CA PRO C 433 -1.45 26.54 -53.98
C PRO C 433 -1.79 25.07 -54.12
N ASP C 434 -0.80 24.22 -53.88
CA ASP C 434 -0.94 22.79 -54.16
C ASP C 434 -0.85 21.96 -52.87
N LEU C 435 -1.05 20.64 -53.01
CA LEU C 435 -1.11 19.76 -51.85
C LEU C 435 -0.21 18.54 -52.03
N ILE C 436 0.57 18.21 -51.00
CA ILE C 436 1.39 17.01 -51.01
C ILE C 436 0.95 16.08 -49.88
N VAL C 437 0.82 14.80 -50.21
CA VAL C 437 0.25 13.82 -49.28
C VAL C 437 1.17 12.62 -49.15
N GLY C 438 1.56 12.32 -47.92
CA GLY C 438 2.46 11.21 -47.66
C GLY C 438 1.71 9.93 -47.38
N ALA C 439 2.28 8.82 -47.83
CA ALA C 439 1.72 7.50 -47.56
C ALA C 439 2.86 6.57 -47.17
N TYR C 440 3.40 6.77 -45.97
CA TYR C 440 4.60 6.06 -45.54
C TYR C 440 4.47 4.55 -45.65
N GLY C 441 3.24 4.05 -45.55
CA GLY C 441 2.98 2.62 -45.64
C GLY C 441 3.28 2.07 -47.03
N ALA C 442 3.24 2.94 -48.03
CA ALA C 442 3.55 2.54 -49.40
C ALA C 442 4.88 3.14 -49.85
N ASN C 443 5.54 3.88 -48.96
CA ASN C 443 6.84 4.47 -49.26
C ASN C 443 6.75 5.43 -50.44
N GLN C 444 5.68 6.21 -50.49
CA GLN C 444 5.49 7.14 -51.59
C GLN C 444 4.90 8.46 -51.13
N VAL C 445 4.96 9.45 -52.03
CA VAL C 445 4.32 10.74 -51.81
C VAL C 445 3.55 11.10 -53.06
N ALA C 446 2.34 11.63 -52.87
CA ALA C 446 1.49 12.02 -53.99
C ALA C 446 1.31 13.54 -53.97
N VAL C 447 1.44 14.17 -55.13
CA VAL C 447 1.25 15.60 -55.26
C VAL C 447 0.00 15.91 -56.06
N TYR C 448 -0.88 16.72 -55.48
CA TYR C 448 -2.09 17.17 -56.15
C TYR C 448 -1.95 18.64 -56.53
N ARG C 449 -2.13 18.94 -57.81
CA ARG C 449 -2.02 20.31 -58.30
C ARG C 449 -3.39 20.98 -58.39
N ALA C 450 -3.45 22.23 -57.93
CA ALA C 450 -4.67 23.02 -58.00
C ALA C 450 -4.80 23.63 -59.39
N GLN C 451 -5.99 23.55 -59.96
CA GLN C 451 -6.23 24.04 -61.31
C GLN C 451 -7.08 25.31 -61.29
N PRO C 452 -7.03 26.08 -62.39
CA PRO C 452 -7.79 27.34 -62.49
C PRO C 452 -9.27 27.14 -62.20
N VAL C 453 -9.91 28.17 -61.68
CA VAL C 453 -11.31 28.08 -61.28
C VAL C 453 -12.25 28.24 -62.47
N SER D 59 -49.02 -34.03 -42.33
CA SER D 59 -47.83 -33.83 -41.51
C SER D 59 -48.16 -34.01 -40.03
N GLU D 60 -47.25 -34.65 -39.31
CA GLU D 60 -47.48 -34.97 -37.90
C GLU D 60 -46.23 -34.74 -37.05
N ALA D 61 -46.41 -34.83 -35.73
CA ALA D 61 -45.29 -34.73 -34.79
C ALA D 61 -45.52 -35.67 -33.62
N ARG D 62 -44.70 -36.72 -33.54
CA ARG D 62 -44.83 -37.72 -32.48
C ARG D 62 -43.70 -37.61 -31.46
N VAL D 63 -44.08 -37.56 -30.18
CA VAL D 63 -43.10 -37.55 -29.10
C VAL D 63 -42.55 -38.96 -28.92
N LEU D 64 -41.23 -39.08 -28.93
CA LEU D 64 -40.57 -40.38 -28.75
C LEU D 64 -40.06 -40.51 -27.33
N GLU D 65 -39.42 -39.47 -26.82
CA GLU D 65 -38.97 -39.42 -25.43
C GLU D 65 -39.62 -38.23 -24.74
N ASP D 66 -40.30 -38.50 -23.63
CA ASP D 66 -41.04 -37.45 -22.93
C ASP D 66 -40.86 -37.55 -21.42
N ARG D 67 -39.63 -37.75 -20.97
CA ARG D 67 -39.33 -37.76 -19.55
C ARG D 67 -39.76 -36.44 -18.93
N PRO D 68 -40.51 -36.50 -17.82
CA PRO D 68 -41.03 -35.28 -17.19
C PRO D 68 -39.94 -34.42 -16.58
N LEU D 69 -40.19 -33.12 -16.49
CA LEU D 69 -39.24 -32.19 -15.88
C LEU D 69 -39.03 -32.58 -14.41
N SER D 70 -37.80 -32.51 -13.95
CA SER D 70 -37.45 -32.98 -12.62
C SER D 70 -37.45 -31.86 -11.57
N ASP D 71 -36.85 -32.13 -10.42
CA ASP D 71 -36.97 -31.26 -9.26
C ASP D 71 -35.60 -30.75 -8.81
N VAL D 80 -31.60 -35.53 -13.81
CA VAL D 80 -32.08 -34.15 -13.88
C VAL D 80 -32.54 -33.82 -15.29
N THR D 81 -33.85 -33.83 -15.50
CA THR D 81 -34.43 -33.47 -16.79
C THR D 81 -34.89 -32.02 -16.74
N GLN D 82 -34.38 -31.21 -17.67
CA GLN D 82 -34.68 -29.78 -17.70
C GLN D 82 -35.32 -29.35 -19.03
N VAL D 83 -35.38 -30.28 -19.98
CA VAL D 83 -36.08 -30.03 -21.24
C VAL D 83 -37.03 -31.19 -21.51
N SER D 84 -38.24 -30.87 -21.95
CA SER D 84 -39.25 -31.88 -22.23
C SER D 84 -40.19 -31.41 -23.35
N PRO D 85 -40.38 -32.26 -24.37
CA PRO D 85 -39.81 -33.60 -24.50
C PRO D 85 -38.34 -33.58 -24.90
N GLN D 86 -37.73 -34.75 -25.02
CA GLN D 86 -36.31 -34.84 -25.37
C GLN D 86 -36.11 -35.27 -26.82
N ARG D 87 -37.04 -36.05 -27.34
CA ARG D 87 -36.95 -36.51 -28.73
C ARG D 87 -38.33 -36.50 -29.39
N ILE D 88 -38.38 -36.00 -30.62
CA ILE D 88 -39.61 -35.94 -31.39
C ILE D 88 -39.37 -36.41 -32.83
N ALA D 89 -40.43 -36.90 -33.47
CA ALA D 89 -40.35 -37.35 -34.85
C ALA D 89 -41.29 -36.54 -35.73
N LEU D 90 -40.74 -35.64 -36.54
CA LEU D 90 -41.52 -34.84 -37.47
C LEU D 90 -41.60 -35.53 -38.84
N ARG D 91 -42.81 -35.67 -39.35
CA ARG D 91 -43.02 -36.19 -40.69
C ARG D 91 -43.70 -35.12 -41.53
N LEU D 92 -43.02 -34.66 -42.57
CA LEU D 92 -43.50 -33.54 -43.37
C LEU D 92 -43.68 -33.90 -44.84
N ARG D 93 -44.80 -33.47 -45.41
CA ARG D 93 -45.01 -33.58 -46.85
C ARG D 93 -44.43 -32.34 -47.52
N PRO D 94 -44.25 -32.38 -48.85
CA PRO D 94 -43.56 -31.31 -49.57
C PRO D 94 -44.08 -29.90 -49.25
N ASP D 95 -43.16 -28.98 -48.98
CA ASP D 95 -43.48 -27.57 -48.75
C ASP D 95 -44.44 -27.36 -47.57
N ASP D 96 -44.52 -28.34 -46.68
CA ASP D 96 -45.44 -28.25 -45.54
C ASP D 96 -44.70 -27.87 -44.26
N SER D 97 -45.46 -27.50 -43.24
CA SER D 97 -44.89 -27.14 -41.95
C SER D 97 -45.64 -27.85 -40.82
N LYS D 98 -45.01 -27.94 -39.66
CA LYS D 98 -45.63 -28.56 -38.49
C LYS D 98 -45.05 -27.98 -37.21
N ASN D 99 -45.90 -27.75 -36.22
CA ASN D 99 -45.46 -27.17 -34.95
C ASN D 99 -45.34 -28.21 -33.84
N PHE D 100 -44.60 -27.86 -32.79
CA PHE D 100 -44.42 -28.72 -31.64
C PHE D 100 -43.99 -27.91 -30.43
N SER D 101 -44.24 -28.44 -29.24
CA SER D 101 -43.99 -27.71 -27.99
C SER D 101 -42.74 -28.21 -27.28
N ILE D 102 -42.12 -27.31 -26.51
CA ILE D 102 -40.97 -27.66 -25.68
C ILE D 102 -41.01 -26.87 -24.37
N GLN D 103 -40.75 -27.56 -23.26
CA GLN D 103 -40.70 -26.92 -21.96
C GLN D 103 -39.28 -26.93 -21.42
N VAL D 104 -38.85 -25.80 -20.85
CA VAL D 104 -37.52 -25.68 -20.29
C VAL D 104 -37.58 -25.18 -18.85
N ARG D 105 -37.03 -25.98 -17.94
CA ARG D 105 -37.00 -25.63 -16.53
C ARG D 105 -35.56 -25.32 -16.11
N GLN D 106 -35.40 -24.35 -15.22
CA GLN D 106 -34.09 -23.80 -14.89
C GLN D 106 -33.43 -24.56 -13.73
N VAL D 107 -32.44 -25.38 -14.05
CA VAL D 107 -31.77 -26.21 -13.05
C VAL D 107 -30.25 -26.16 -13.15
N GLU D 108 -29.71 -26.52 -14.32
CA GLU D 108 -28.27 -26.66 -14.48
C GLU D 108 -27.51 -25.38 -14.12
N ASP D 109 -26.36 -25.56 -13.48
CA ASP D 109 -25.46 -24.46 -13.20
C ASP D 109 -24.83 -23.97 -14.49
N TYR D 110 -25.09 -22.71 -14.84
CA TYR D 110 -24.55 -22.13 -16.07
C TYR D 110 -23.05 -22.29 -16.14
N PRO D 111 -22.55 -22.74 -17.31
CA PRO D 111 -21.10 -22.81 -17.52
C PRO D 111 -20.49 -21.41 -17.55
N VAL D 112 -19.42 -21.20 -16.80
CA VAL D 112 -18.78 -19.90 -16.71
C VAL D 112 -17.26 -20.02 -16.83
N ASP D 113 -16.69 -19.23 -17.74
CA ASP D 113 -15.25 -19.14 -17.87
C ASP D 113 -14.77 -17.83 -17.27
N ILE D 114 -13.72 -17.90 -16.45
CA ILE D 114 -13.10 -16.70 -15.90
C ILE D 114 -11.62 -16.68 -16.28
N TYR D 115 -11.22 -15.63 -16.99
CA TYR D 115 -9.81 -15.44 -17.29
C TYR D 115 -9.30 -14.22 -16.53
N TYR D 116 -8.21 -14.41 -15.79
CA TYR D 116 -7.68 -13.43 -14.87
C TYR D 116 -6.43 -12.79 -15.45
N LEU D 117 -6.42 -11.46 -15.55
CA LEU D 117 -5.24 -10.74 -16.04
C LEU D 117 -4.54 -10.00 -14.91
N MET D 118 -3.29 -10.38 -14.66
CA MET D 118 -2.52 -9.81 -13.56
C MET D 118 -1.50 -8.80 -14.07
N ASP D 119 -1.58 -7.58 -13.54
CA ASP D 119 -0.55 -6.58 -13.76
C ASP D 119 0.64 -6.96 -12.88
N LEU D 120 1.77 -7.27 -13.50
CA LEU D 120 2.96 -7.66 -12.76
C LEU D 120 4.09 -6.65 -12.88
N SER D 121 3.73 -5.38 -13.09
CA SER D 121 4.70 -4.29 -13.10
C SER D 121 5.14 -4.01 -11.67
N TYR D 122 6.23 -3.25 -11.52
CA TYR D 122 6.84 -3.03 -10.22
C TYR D 122 5.92 -2.28 -9.25
N SER D 123 5.06 -1.43 -9.78
CA SER D 123 4.14 -0.68 -8.94
C SER D 123 3.20 -1.63 -8.19
N MET D 124 3.00 -2.81 -8.77
CA MET D 124 2.13 -3.82 -8.17
C MET D 124 2.83 -4.59 -7.04
N LYS D 125 4.02 -4.16 -6.66
CA LYS D 125 4.75 -4.81 -5.57
C LYS D 125 3.94 -4.79 -4.28
N ASP D 126 3.32 -3.65 -4.01
CA ASP D 126 2.49 -3.51 -2.81
C ASP D 126 1.04 -3.96 -3.06
N ASP D 127 0.79 -4.55 -4.22
CA ASP D 127 -0.53 -5.07 -4.54
C ASP D 127 -0.48 -6.57 -4.82
N LEU D 128 0.73 -7.12 -4.86
CA LEU D 128 0.90 -8.50 -5.30
C LEU D 128 0.06 -9.46 -4.47
N TRP D 129 0.09 -9.28 -3.15
CA TRP D 129 -0.71 -10.11 -2.26
C TRP D 129 -2.19 -9.96 -2.58
N SER D 130 -2.62 -8.72 -2.82
CA SER D 130 -4.01 -8.45 -3.14
C SER D 130 -4.49 -9.24 -4.35
N ILE D 131 -3.73 -9.21 -5.44
CA ILE D 131 -4.17 -9.85 -6.67
C ILE D 131 -4.06 -11.37 -6.60
N GLN D 132 -3.12 -11.88 -5.83
CA GLN D 132 -3.02 -13.31 -5.61
C GLN D 132 -4.18 -13.77 -4.74
N ASN D 133 -4.51 -12.97 -3.73
CA ASN D 133 -5.63 -13.27 -2.84
C ASN D 133 -6.96 -13.19 -3.58
N LEU D 134 -7.08 -12.24 -4.49
CA LEU D 134 -8.29 -12.10 -5.28
C LEU D 134 -8.44 -13.27 -6.25
N GLY D 135 -7.33 -13.68 -6.85
CA GLY D 135 -7.33 -14.77 -7.81
C GLY D 135 -7.80 -16.07 -7.17
N THR D 136 -7.19 -16.44 -6.05
CA THR D 136 -7.55 -17.67 -5.38
C THR D 136 -8.97 -17.60 -4.83
N LYS D 137 -9.42 -16.39 -4.53
CA LYS D 137 -10.78 -16.19 -4.03
C LYS D 137 -11.79 -16.24 -5.17
N LEU D 138 -11.39 -15.80 -6.36
CA LEU D 138 -12.27 -15.86 -7.53
C LEU D 138 -12.74 -17.30 -7.74
N ALA D 139 -11.79 -18.21 -7.93
CA ALA D 139 -12.11 -19.62 -8.16
C ALA D 139 -12.99 -20.16 -7.05
N THR D 140 -12.49 -20.11 -5.82
CA THR D 140 -13.22 -20.63 -4.65
C THR D 140 -14.60 -20.00 -4.54
N GLN D 141 -14.63 -18.69 -4.36
CA GLN D 141 -15.89 -17.96 -4.19
C GLN D 141 -16.64 -17.89 -5.51
N MET D 142 -16.83 -19.04 -6.15
CA MET D 142 -17.45 -19.11 -7.47
C MET D 142 -17.68 -20.57 -7.86
N ARG D 143 -16.70 -21.42 -7.55
CA ARG D 143 -16.84 -22.86 -7.73
C ARG D 143 -18.01 -23.35 -6.88
N LYS D 144 -18.31 -22.59 -5.83
CA LYS D 144 -19.46 -22.88 -4.98
C LYS D 144 -20.73 -22.39 -5.66
N LEU D 145 -20.63 -21.27 -6.36
CA LEU D 145 -21.78 -20.66 -7.02
C LEU D 145 -22.16 -21.40 -8.30
N THR D 146 -21.23 -22.19 -8.84
CA THR D 146 -21.50 -23.01 -10.03
C THR D 146 -20.53 -24.17 -10.12
N SER D 147 -21.06 -25.36 -10.41
CA SER D 147 -20.25 -26.56 -10.48
C SER D 147 -19.50 -26.65 -11.81
N ASN D 148 -19.96 -25.90 -12.81
CA ASN D 148 -19.37 -25.96 -14.13
C ASN D 148 -18.49 -24.73 -14.41
N LEU D 149 -17.40 -24.62 -13.66
CA LEU D 149 -16.52 -23.47 -13.76
C LEU D 149 -15.17 -23.83 -14.39
N ARG D 150 -14.73 -23.00 -15.33
CA ARG D 150 -13.40 -23.10 -15.91
C ARG D 150 -12.66 -21.79 -15.65
N ILE D 151 -11.39 -21.87 -15.28
CA ILE D 151 -10.64 -20.67 -14.92
C ILE D 151 -9.17 -20.76 -15.34
N GLY D 152 -8.62 -19.61 -15.71
CA GLY D 152 -7.23 -19.51 -16.12
C GLY D 152 -6.74 -18.08 -15.95
N PHE D 153 -5.49 -17.81 -16.29
CA PHE D 153 -4.96 -16.46 -16.15
C PHE D 153 -3.74 -16.18 -17.02
N GLY D 154 -3.41 -14.89 -17.12
CA GLY D 154 -2.22 -14.43 -17.81
C GLY D 154 -1.70 -13.19 -17.11
N ALA D 155 -0.56 -12.68 -17.55
CA ALA D 155 0.06 -11.53 -16.91
C ALA D 155 0.61 -10.57 -17.95
N PHE D 156 0.82 -9.32 -17.55
CA PHE D 156 1.33 -8.31 -18.46
C PHE D 156 2.15 -7.26 -17.71
N VAL D 157 3.03 -6.57 -18.46
CA VAL D 157 3.70 -5.39 -17.94
C VAL D 157 3.50 -4.24 -18.94
N ASP D 158 4.33 -4.18 -19.97
CA ASP D 158 4.24 -3.14 -20.97
C ASP D 158 5.08 -3.58 -22.17
N LYS D 159 5.07 -2.79 -23.24
CA LYS D 159 5.84 -3.13 -24.43
C LYS D 159 7.33 -3.17 -24.08
N PRO D 160 7.98 -4.32 -24.31
CA PRO D 160 9.41 -4.46 -23.96
C PRO D 160 10.31 -3.70 -24.94
N VAL D 161 10.24 -2.37 -24.90
CA VAL D 161 11.04 -1.54 -25.79
C VAL D 161 11.23 -0.17 -25.16
N SER D 162 12.37 0.45 -25.43
CA SER D 162 12.65 1.80 -24.93
C SER D 162 11.63 2.78 -25.51
N PRO D 163 11.17 3.75 -24.70
CA PRO D 163 11.61 4.08 -23.34
C PRO D 163 10.81 3.41 -22.21
N TYR D 164 9.87 2.54 -22.53
CA TYR D 164 9.13 1.83 -21.49
C TYR D 164 10.08 0.92 -20.73
N MET D 165 11.02 0.32 -21.46
CA MET D 165 11.92 -0.66 -20.87
C MET D 165 13.28 -0.02 -20.56
N TYR D 166 13.89 -0.46 -19.45
CA TYR D 166 15.26 -0.09 -19.13
C TYR D 166 16.20 -0.95 -19.98
N ILE D 167 17.08 -0.30 -20.74
CA ILE D 167 17.94 -1.02 -21.67
C ILE D 167 19.42 -0.84 -21.36
N SER D 168 19.74 -0.48 -20.12
CA SER D 168 21.13 -0.35 -19.71
C SER D 168 21.25 -0.31 -18.19
N PRO D 169 22.34 -0.86 -17.65
CA PRO D 169 23.36 -1.62 -18.38
C PRO D 169 22.83 -2.99 -18.77
N PRO D 170 23.64 -3.80 -19.48
CA PRO D 170 23.23 -5.13 -19.96
C PRO D 170 22.52 -5.97 -18.89
N GLU D 171 22.88 -5.79 -17.62
CA GLU D 171 22.27 -6.55 -16.54
C GLU D 171 20.80 -6.17 -16.40
N ALA D 172 20.47 -4.92 -16.68
CA ALA D 172 19.12 -4.42 -16.54
C ALA D 172 18.12 -5.19 -17.40
N LEU D 173 18.61 -5.80 -18.46
CA LEU D 173 17.73 -6.52 -19.39
C LEU D 173 17.19 -7.81 -18.76
N GLU D 174 18.08 -8.56 -18.11
CA GLU D 174 17.67 -9.80 -17.45
CA GLU D 174 17.66 -9.80 -17.46
C GLU D 174 17.15 -9.52 -16.05
N ASN D 175 17.59 -8.39 -15.48
CA ASN D 175 17.15 -7.98 -14.16
C ASN D 175 16.93 -6.48 -14.06
N PRO D 176 15.71 -6.02 -14.41
CA PRO D 176 15.38 -4.58 -14.43
C PRO D 176 15.49 -3.90 -13.06
N CYS D 177 15.56 -4.67 -11.98
CA CYS D 177 15.73 -4.10 -10.65
C CYS D 177 17.21 -4.04 -10.27
N TYR D 178 18.07 -4.30 -11.25
CA TYR D 178 19.52 -4.33 -11.04
C TYR D 178 20.02 -3.09 -10.29
N ASP D 179 19.68 -1.91 -10.78
CA ASP D 179 20.19 -0.66 -10.22
C ASP D 179 19.66 -0.38 -8.82
N MET D 180 18.65 -1.14 -8.40
CA MET D 180 18.12 -1.01 -7.04
C MET D 180 18.72 -2.06 -6.11
N LYS D 181 19.75 -2.75 -6.59
CA LYS D 181 20.43 -3.78 -5.79
C LYS D 181 19.47 -4.86 -5.33
N THR D 182 18.37 -5.05 -6.07
CA THR D 182 17.44 -6.14 -5.82
C THR D 182 17.24 -6.93 -7.11
N THR D 183 16.34 -7.90 -7.07
CA THR D 183 16.11 -8.75 -8.23
C THR D 183 14.64 -8.89 -8.56
N CYS D 184 14.31 -8.83 -9.85
CA CYS D 184 12.96 -9.08 -10.32
C CYS D 184 13.02 -9.72 -11.70
N LEU D 185 11.85 -10.05 -12.25
CA LEU D 185 11.79 -10.78 -13.52
C LEU D 185 12.03 -9.88 -14.72
N PRO D 186 12.52 -10.46 -15.83
CA PRO D 186 12.66 -9.73 -17.09
C PRO D 186 11.31 -9.19 -17.56
N MET D 187 11.33 -8.03 -18.19
CA MET D 187 10.11 -7.38 -18.65
C MET D 187 9.50 -8.10 -19.85
N PHE D 188 8.17 -8.11 -19.93
CA PHE D 188 7.45 -8.76 -21.03
C PHE D 188 6.15 -8.00 -21.29
N GLY D 189 5.59 -8.16 -22.48
CA GLY D 189 4.36 -7.48 -22.85
C GLY D 189 3.13 -8.16 -22.27
N TYR D 190 2.77 -9.30 -22.82
CA TYR D 190 1.69 -10.11 -22.28
C TYR D 190 2.04 -11.59 -22.38
N LYS D 191 1.86 -12.30 -21.27
CA LYS D 191 2.18 -13.71 -21.22
C LYS D 191 0.97 -14.53 -20.77
N HIS D 192 0.53 -15.44 -21.63
CA HIS D 192 -0.50 -16.39 -21.25
C HIS D 192 0.15 -17.46 -20.36
N VAL D 193 -0.43 -17.71 -19.19
CA VAL D 193 0.16 -18.64 -18.24
C VAL D 193 -0.61 -19.95 -18.13
N LEU D 194 -1.93 -19.86 -17.95
CA LEU D 194 -2.73 -21.05 -17.70
C LEU D 194 -4.03 -21.04 -18.50
N THR D 195 -4.17 -22.00 -19.42
CA THR D 195 -5.40 -22.15 -20.19
C THR D 195 -6.57 -22.41 -19.26
N LEU D 196 -7.75 -21.94 -19.65
CA LEU D 196 -8.95 -22.17 -18.85
C LEU D 196 -9.08 -23.65 -18.49
N THR D 197 -9.12 -23.93 -17.19
CA THR D 197 -9.15 -25.30 -16.70
C THR D 197 -10.09 -25.45 -15.51
N ASP D 198 -10.45 -26.69 -15.20
CA ASP D 198 -11.32 -26.97 -14.07
C ASP D 198 -10.49 -27.34 -12.84
N GLN D 199 -9.18 -27.32 -12.99
CA GLN D 199 -8.27 -27.65 -11.90
C GLN D 199 -7.95 -26.41 -11.07
N VAL D 200 -8.87 -26.06 -10.18
CA VAL D 200 -8.69 -24.90 -9.32
C VAL D 200 -7.42 -25.03 -8.47
N THR D 201 -7.10 -26.26 -8.07
CA THR D 201 -5.92 -26.51 -7.25
CA THR D 201 -5.93 -26.50 -7.25
C THR D 201 -4.67 -25.97 -7.96
N ARG D 202 -4.47 -26.40 -9.19
CA ARG D 202 -3.31 -25.98 -9.97
C ARG D 202 -3.34 -24.48 -10.21
N PHE D 203 -4.52 -23.96 -10.54
CA PHE D 203 -4.68 -22.52 -10.77
C PHE D 203 -4.14 -21.73 -9.58
N ASN D 204 -4.65 -22.05 -8.39
CA ASN D 204 -4.23 -21.36 -7.18
C ASN D 204 -2.72 -21.47 -6.98
N GLU D 205 -2.15 -22.64 -7.26
CA GLU D 205 -0.72 -22.84 -7.13
C GLU D 205 0.05 -21.86 -8.01
N GLU D 206 -0.25 -21.86 -9.31
CA GLU D 206 0.47 -21.03 -10.27
C GLU D 206 0.31 -19.54 -9.96
N VAL D 207 -0.90 -19.14 -9.58
CA VAL D 207 -1.18 -17.75 -9.27
C VAL D 207 -0.24 -17.26 -8.16
N LYS D 208 0.01 -18.12 -7.18
CA LYS D 208 0.83 -17.76 -6.03
C LYS D 208 2.32 -17.72 -6.34
N LYS D 209 2.71 -18.29 -7.49
CA LYS D 209 4.11 -18.31 -7.88
C LYS D 209 4.51 -17.04 -8.65
N GLN D 210 3.53 -16.18 -8.92
CA GLN D 210 3.78 -14.98 -9.71
C GLN D 210 4.55 -13.92 -8.92
N SER D 211 5.44 -13.21 -9.61
CA SER D 211 6.19 -12.11 -9.00
C SER D 211 6.30 -10.96 -10.00
N VAL D 212 6.66 -9.79 -9.49
CA VAL D 212 6.64 -8.58 -10.31
C VAL D 212 7.91 -8.38 -11.13
N SER D 213 7.75 -7.73 -12.27
CA SER D 213 8.87 -7.26 -13.07
C SER D 213 8.98 -5.74 -12.86
N ARG D 214 9.40 -4.99 -13.88
CA ARG D 214 9.58 -3.55 -13.70
C ARG D 214 9.85 -2.86 -15.04
N ASN D 215 9.19 -1.73 -15.25
CA ASN D 215 9.46 -0.90 -16.43
C ASN D 215 9.53 0.57 -15.99
N ARG D 216 9.63 1.49 -16.94
CA ARG D 216 9.91 2.88 -16.59
C ARG D 216 8.66 3.74 -16.34
N ASP D 217 7.75 3.78 -17.29
CA ASP D 217 6.61 4.70 -17.19
C ASP D 217 5.37 4.06 -16.54
N ALA D 218 4.61 4.90 -15.84
CA ALA D 218 3.47 4.47 -15.03
C ALA D 218 2.36 3.82 -15.87
N PRO D 219 1.96 4.47 -16.98
CA PRO D 219 0.93 3.80 -17.79
C PRO D 219 1.45 2.46 -18.30
N GLU D 220 0.66 1.41 -18.16
CA GLU D 220 1.10 0.07 -18.55
C GLU D 220 0.37 -0.43 -19.79
N GLY D 221 0.71 -1.64 -20.23
CA GLY D 221 0.19 -2.15 -21.50
C GLY D 221 -0.87 -3.23 -21.33
N GLY D 222 -1.75 -3.02 -20.36
CA GLY D 222 -2.81 -3.98 -20.09
C GLY D 222 -3.82 -4.14 -21.22
N PHE D 223 -4.04 -3.08 -21.99
CA PHE D 223 -5.01 -3.14 -23.09
C PHE D 223 -4.58 -4.12 -24.18
N ASP D 224 -3.27 -4.28 -24.37
CA ASP D 224 -2.76 -5.33 -25.23
C ASP D 224 -3.20 -6.70 -24.71
N ALA D 225 -3.04 -6.90 -23.41
CA ALA D 225 -3.41 -8.17 -22.79
C ALA D 225 -4.90 -8.45 -22.91
N ILE D 226 -5.72 -7.41 -22.71
CA ILE D 226 -7.16 -7.55 -22.86
C ILE D 226 -7.50 -8.01 -24.27
N MET D 227 -6.89 -7.36 -25.25
CA MET D 227 -7.16 -7.68 -26.65
C MET D 227 -6.75 -9.12 -26.98
N GLN D 228 -5.56 -9.51 -26.55
CA GLN D 228 -5.04 -10.84 -26.85
C GLN D 228 -5.83 -11.93 -26.12
N ALA D 229 -6.18 -11.66 -24.87
CA ALA D 229 -6.97 -12.61 -24.10
C ALA D 229 -8.36 -12.75 -24.72
N THR D 230 -8.77 -11.72 -25.46
CA THR D 230 -10.09 -11.71 -26.07
C THR D 230 -10.12 -12.48 -27.39
N VAL D 231 -9.10 -12.28 -28.22
CA VAL D 231 -9.12 -12.81 -29.58
C VAL D 231 -8.37 -14.13 -29.76
N CYS D 232 -7.61 -14.55 -28.76
CA CYS D 232 -6.89 -15.82 -28.83
C CYS D 232 -7.75 -16.95 -28.29
N ASP D 233 -8.76 -17.34 -29.06
CA ASP D 233 -9.77 -18.31 -28.62
C ASP D 233 -9.17 -19.64 -28.19
N GLU D 234 -8.32 -20.22 -29.05
CA GLU D 234 -7.72 -21.53 -28.77
CA GLU D 234 -7.72 -21.53 -28.77
C GLU D 234 -6.83 -21.47 -27.55
N LYS D 235 -5.89 -20.52 -27.56
CA LYS D 235 -4.91 -20.39 -26.49
CA LYS D 235 -4.91 -20.39 -26.49
C LYS D 235 -5.60 -20.22 -25.13
N ILE D 236 -6.51 -19.27 -25.03
CA ILE D 236 -7.19 -18.97 -23.78
C ILE D 236 -8.14 -20.10 -23.36
N GLY D 237 -8.90 -20.62 -24.33
CA GLY D 237 -9.74 -21.77 -24.10
C GLY D 237 -11.19 -21.45 -23.79
N TRP D 238 -11.67 -20.30 -24.25
CA TRP D 238 -13.07 -19.94 -24.04
C TRP D 238 -13.97 -21.02 -24.63
N ARG D 239 -15.05 -21.35 -23.91
CA ARG D 239 -16.02 -22.34 -24.39
C ARG D 239 -17.15 -21.67 -25.15
N ASN D 240 -17.56 -22.29 -26.25
CA ASN D 240 -18.66 -21.77 -27.06
C ASN D 240 -19.96 -21.64 -26.26
N ASP D 241 -20.41 -22.75 -25.69
CA ASP D 241 -21.65 -22.77 -24.93
C ASP D 241 -21.39 -22.39 -23.47
N ALA D 242 -20.82 -21.21 -23.26
CA ALA D 242 -20.46 -20.76 -21.91
C ALA D 242 -20.36 -19.25 -21.84
N SER D 243 -20.55 -18.71 -20.64
CA SER D 243 -20.44 -17.29 -20.41
C SER D 243 -19.00 -16.94 -20.04
N HIS D 244 -18.53 -15.78 -20.49
CA HIS D 244 -17.12 -15.43 -20.35
C HIS D 244 -16.90 -14.15 -19.54
N LEU D 245 -16.08 -14.25 -18.50
CA LEU D 245 -15.72 -13.11 -17.68
C LEU D 245 -14.21 -12.87 -17.75
N LEU D 246 -13.84 -11.64 -18.08
CA LEU D 246 -12.44 -11.26 -18.15
C LEU D 246 -12.14 -10.26 -17.03
N VAL D 247 -11.40 -10.71 -16.03
CA VAL D 247 -11.10 -9.88 -14.86
C VAL D 247 -9.71 -9.26 -14.97
N PHE D 248 -9.68 -7.94 -15.01
CA PHE D 248 -8.47 -7.17 -15.28
C PHE D 248 -8.03 -6.43 -14.02
N THR D 249 -6.76 -6.61 -13.62
CA THR D 249 -6.25 -5.95 -12.44
C THR D 249 -5.10 -5.00 -12.76
N THR D 250 -5.02 -3.89 -12.04
CA THR D 250 -3.95 -2.92 -12.19
C THR D 250 -4.02 -1.86 -11.10
N ASP D 251 -2.94 -1.10 -10.94
CA ASP D 251 -2.90 -0.04 -9.95
C ASP D 251 -2.50 1.30 -10.56
N ALA D 252 -2.52 1.37 -11.89
CA ALA D 252 -2.00 2.54 -12.58
C ALA D 252 -2.82 2.90 -13.80
N LYS D 253 -2.44 4.02 -14.43
CA LYS D 253 -3.03 4.44 -15.69
C LYS D 253 -2.66 3.42 -16.77
N THR D 254 -3.32 3.53 -17.91
CA THR D 254 -3.10 2.58 -19.00
C THR D 254 -2.71 3.29 -20.28
N HIS D 255 -1.85 2.65 -21.05
CA HIS D 255 -1.54 3.14 -22.39
C HIS D 255 -2.74 2.90 -23.28
N ILE D 256 -2.90 3.77 -24.29
CA ILE D 256 -4.00 3.67 -25.23
C ILE D 256 -3.46 3.84 -26.64
N ALA D 257 -4.29 3.52 -27.64
CA ALA D 257 -3.91 3.67 -29.03
C ALA D 257 -3.26 5.03 -29.31
N LEU D 258 -2.20 5.01 -30.10
CA LEU D 258 -1.44 6.20 -30.50
C LEU D 258 -0.35 6.58 -29.49
N ASP D 259 -0.32 5.90 -28.34
CA ASP D 259 0.77 6.09 -27.38
C ASP D 259 2.05 5.41 -27.89
N GLY D 260 1.88 4.38 -28.70
CA GLY D 260 2.99 3.57 -29.15
C GLY D 260 4.04 4.37 -29.90
N ARG D 261 3.64 5.53 -30.42
CA ARG D 261 4.54 6.35 -31.22
C ARG D 261 5.75 6.81 -30.42
N LEU D 262 5.64 6.80 -29.10
CA LEU D 262 6.77 7.16 -28.25
C LEU D 262 7.84 6.07 -28.26
N ALA D 263 7.50 4.90 -28.79
CA ALA D 263 8.46 3.83 -28.97
C ALA D 263 8.68 3.55 -30.46
N GLY D 264 8.29 4.50 -31.30
CA GLY D 264 8.44 4.36 -32.73
C GLY D 264 7.43 3.40 -33.37
N ILE D 265 6.42 3.01 -32.59
CA ILE D 265 5.42 2.08 -33.07
C ILE D 265 4.20 2.84 -33.60
N VAL D 266 3.92 2.67 -34.89
CA VAL D 266 2.82 3.41 -35.52
C VAL D 266 1.77 2.49 -36.17
N GLN D 267 2.10 1.20 -36.33
CA GLN D 267 1.16 0.27 -36.95
C GLN D 267 -0.08 0.07 -36.08
N PRO D 268 -1.27 0.36 -36.64
CA PRO D 268 -2.51 0.18 -35.89
C PRO D 268 -2.74 -1.26 -35.44
N ASN D 269 -3.29 -1.44 -34.25
CA ASN D 269 -3.64 -2.77 -33.77
C ASN D 269 -4.60 -3.44 -34.76
N ASP D 270 -4.34 -4.70 -35.10
CA ASP D 270 -5.11 -5.40 -36.12
C ASP D 270 -6.23 -6.27 -35.53
N GLY D 271 -6.26 -6.39 -34.21
CA GLY D 271 -7.31 -7.14 -33.55
C GLY D 271 -7.25 -8.64 -33.81
N GLN D 272 -6.08 -9.13 -34.20
N GLN D 272 -6.07 -9.13 -34.20
CA GLN D 272 -5.89 -10.56 -34.43
CA GLN D 272 -5.88 -10.55 -34.44
C GLN D 272 -5.00 -11.17 -33.35
C GLN D 272 -5.03 -11.17 -33.34
N CYS D 273 -4.99 -12.49 -33.28
CA CYS D 273 -4.20 -13.19 -32.27
C CYS D 273 -2.74 -13.28 -32.69
N HIS D 274 -1.84 -12.95 -31.77
CA HIS D 274 -0.41 -13.03 -32.04
C HIS D 274 0.31 -13.69 -30.87
N VAL D 275 -0.34 -14.66 -30.23
CA VAL D 275 0.28 -15.45 -29.19
C VAL D 275 0.57 -16.84 -29.72
N GLY D 276 1.85 -17.16 -29.87
CA GLY D 276 2.27 -18.44 -30.42
C GLY D 276 2.50 -19.50 -29.37
N SER D 277 3.42 -20.41 -29.65
CA SER D 277 3.65 -21.56 -28.79
C SER D 277 4.45 -21.20 -27.53
N ASP D 278 5.10 -20.04 -27.54
CA ASP D 278 5.86 -19.59 -26.38
C ASP D 278 4.98 -18.79 -25.42
N ASN D 279 3.71 -18.63 -25.78
CA ASN D 279 2.73 -17.98 -24.90
C ASN D 279 2.97 -16.49 -24.66
N HIS D 280 3.81 -15.87 -25.48
CA HIS D 280 4.02 -14.42 -25.41
C HIS D 280 3.30 -13.71 -26.53
N TYR D 281 2.90 -12.46 -26.29
CA TYR D 281 2.33 -11.61 -27.33
C TYR D 281 3.46 -11.13 -28.24
N SER D 282 3.57 -11.75 -29.41
CA SER D 282 4.74 -11.54 -30.28
C SER D 282 4.75 -10.19 -31.01
N ALA D 283 3.60 -9.53 -31.09
CA ALA D 283 3.52 -8.24 -31.79
C ALA D 283 3.59 -7.06 -30.81
N SER D 284 4.03 -7.34 -29.58
CA SER D 284 4.09 -6.31 -28.55
C SER D 284 4.95 -5.11 -28.96
N THR D 285 6.08 -5.36 -29.61
CA THR D 285 7.02 -4.31 -29.95
C THR D 285 6.86 -3.78 -31.38
N THR D 286 5.89 -4.30 -32.13
CA THR D 286 5.71 -3.90 -33.53
C THR D 286 4.32 -3.34 -33.83
N MET D 287 3.41 -3.47 -32.88
CA MET D 287 2.02 -3.08 -33.10
C MET D 287 1.52 -2.20 -31.97
N ASP D 288 0.71 -1.19 -32.33
CA ASP D 288 0.28 -0.18 -31.37
C ASP D 288 -0.77 -0.76 -30.41
N TYR D 289 -0.95 -0.08 -29.28
CA TYR D 289 -2.00 -0.44 -28.34
C TYR D 289 -3.34 -0.31 -29.06
N PRO D 290 -4.32 -1.12 -28.67
CA PRO D 290 -5.65 -1.09 -29.29
C PRO D 290 -6.47 0.11 -28.81
N SER D 291 -7.37 0.58 -29.66
CA SER D 291 -8.26 1.68 -29.28
C SER D 291 -9.44 1.11 -28.51
N LEU D 292 -10.13 1.99 -27.78
CA LEU D 292 -11.32 1.58 -27.03
C LEU D 292 -12.36 0.95 -27.94
N GLY D 293 -12.52 1.52 -29.13
CA GLY D 293 -13.51 1.04 -30.08
C GLY D 293 -13.20 -0.37 -30.57
N LEU D 294 -11.94 -0.61 -30.91
CA LEU D 294 -11.52 -1.93 -31.36
C LEU D 294 -11.71 -2.95 -30.23
N MET D 295 -11.38 -2.55 -29.00
CA MET D 295 -11.58 -3.41 -27.84
C MET D 295 -13.06 -3.76 -27.70
N THR D 296 -13.92 -2.76 -27.83
CA THR D 296 -15.35 -2.97 -27.70
C THR D 296 -15.85 -3.98 -28.71
N GLU D 297 -15.42 -3.81 -29.96
CA GLU D 297 -15.86 -4.68 -31.05
C GLU D 297 -15.52 -6.14 -30.76
N LYS D 298 -14.28 -6.38 -30.35
CA LYS D 298 -13.81 -7.75 -30.12
C LYS D 298 -14.45 -8.36 -28.88
N LEU D 299 -14.56 -7.59 -27.81
CA LEU D 299 -15.26 -8.06 -26.62
C LEU D 299 -16.66 -8.51 -27.03
N SER D 300 -17.36 -7.68 -27.79
CA SER D 300 -18.71 -7.98 -28.22
C SER D 300 -18.75 -9.21 -29.13
N GLN D 301 -17.82 -9.26 -30.07
CA GLN D 301 -17.75 -10.36 -31.02
C GLN D 301 -17.53 -11.70 -30.33
N LYS D 302 -16.62 -11.72 -29.35
CA LYS D 302 -16.30 -12.95 -28.64
C LYS D 302 -17.22 -13.19 -27.45
N ASN D 303 -18.19 -12.30 -27.25
CA ASN D 303 -19.11 -12.40 -26.13
CA ASN D 303 -19.11 -12.40 -26.13
C ASN D 303 -18.38 -12.51 -24.80
N ILE D 304 -17.60 -11.49 -24.48
CA ILE D 304 -16.82 -11.47 -23.26
C ILE D 304 -17.14 -10.24 -22.43
N ASN D 305 -17.33 -10.45 -21.13
CA ASN D 305 -17.63 -9.35 -20.22
C ASN D 305 -16.37 -8.92 -19.48
N LEU D 306 -15.96 -7.68 -19.71
CA LEU D 306 -14.76 -7.15 -19.09
C LEU D 306 -15.09 -6.56 -17.72
N ILE D 307 -14.26 -6.89 -16.73
CA ILE D 307 -14.39 -6.35 -15.39
C ILE D 307 -13.07 -5.71 -14.96
N PHE D 308 -13.12 -4.42 -14.63
CA PHE D 308 -11.95 -3.69 -14.15
C PHE D 308 -11.85 -3.81 -12.63
N ALA D 309 -10.80 -4.47 -12.15
CA ALA D 309 -10.53 -4.54 -10.71
C ALA D 309 -9.29 -3.71 -10.41
N VAL D 310 -9.50 -2.42 -10.12
CA VAL D 310 -8.40 -1.49 -9.98
C VAL D 310 -8.36 -0.86 -8.59
N THR D 311 -7.19 -0.40 -8.18
CA THR D 311 -7.02 0.19 -6.87
C THR D 311 -7.73 1.55 -6.80
N GLU D 312 -7.98 2.01 -5.58
CA GLU D 312 -8.79 3.22 -5.36
C GLU D 312 -8.24 4.45 -6.09
N ASN D 313 -6.93 4.50 -6.27
CA ASN D 313 -6.29 5.67 -6.87
C ASN D 313 -6.61 5.86 -8.36
N VAL D 314 -7.14 4.82 -9.00
CA VAL D 314 -7.51 4.90 -10.41
C VAL D 314 -8.95 4.45 -10.67
N VAL D 315 -9.73 4.29 -9.61
CA VAL D 315 -11.12 3.84 -9.75
C VAL D 315 -11.94 4.75 -10.67
N ASN D 316 -11.83 6.07 -10.48
CA ASN D 316 -12.57 7.01 -11.31
C ASN D 316 -12.14 6.92 -12.77
N LEU D 317 -10.84 6.80 -12.98
CA LEU D 317 -10.29 6.67 -14.33
C LEU D 317 -10.96 5.54 -15.08
N TYR D 318 -11.03 4.36 -14.47
CA TYR D 318 -11.54 3.17 -15.15
C TYR D 318 -13.06 3.11 -15.16
N GLN D 319 -13.71 3.80 -14.22
CA GLN D 319 -15.16 3.98 -14.28
C GLN D 319 -15.51 4.81 -15.51
N ASN D 320 -14.67 5.78 -15.82
CA ASN D 320 -14.87 6.63 -16.98
C ASN D 320 -14.61 5.87 -18.29
N TYR D 321 -13.57 5.04 -18.31
CA TYR D 321 -13.32 4.18 -19.47
C TYR D 321 -14.48 3.20 -19.62
N SER D 322 -15.00 2.74 -18.49
CA SER D 322 -16.07 1.75 -18.48
C SER D 322 -17.33 2.24 -19.19
N GLU D 323 -17.60 3.54 -19.09
CA GLU D 323 -18.78 4.13 -19.73
C GLU D 323 -18.61 4.17 -21.25
N LEU D 324 -17.37 4.10 -21.71
CA LEU D 324 -17.07 4.11 -23.14
C LEU D 324 -17.00 2.70 -23.72
N ILE D 325 -17.12 1.70 -22.84
CA ILE D 325 -17.15 0.30 -23.26
C ILE D 325 -18.35 -0.39 -22.61
N PRO D 326 -19.55 -0.13 -23.14
CA PRO D 326 -20.82 -0.60 -22.56
C PRO D 326 -20.76 -2.05 -22.10
N GLY D 327 -21.33 -2.33 -20.92
CA GLY D 327 -21.34 -3.67 -20.37
C GLY D 327 -20.20 -3.90 -19.40
N THR D 328 -19.24 -2.98 -19.39
CA THR D 328 -18.08 -3.09 -18.51
C THR D 328 -18.40 -2.58 -17.11
N THR D 329 -17.91 -3.28 -16.09
CA THR D 329 -18.11 -2.87 -14.72
C THR D 329 -16.76 -2.66 -14.04
N VAL D 330 -16.77 -1.94 -12.92
CA VAL D 330 -15.54 -1.59 -12.23
C VAL D 330 -15.65 -1.88 -10.73
N GLY D 331 -14.68 -2.63 -10.21
CA GLY D 331 -14.61 -2.94 -8.79
C GLY D 331 -13.32 -2.45 -8.17
N VAL D 332 -13.31 -2.30 -6.85
CA VAL D 332 -12.14 -1.78 -6.14
C VAL D 332 -11.22 -2.89 -5.65
N LEU D 333 -10.04 -2.95 -6.26
CA LEU D 333 -9.02 -3.91 -5.86
C LEU D 333 -8.29 -3.44 -4.60
N SER D 334 -8.19 -4.33 -3.62
CA SER D 334 -7.45 -4.04 -2.40
C SER D 334 -7.18 -5.34 -1.67
N MET D 335 -6.71 -5.26 -0.43
CA MET D 335 -6.44 -6.47 0.35
C MET D 335 -7.77 -7.14 0.70
N ASP D 336 -8.85 -6.37 0.72
CA ASP D 336 -10.19 -6.91 0.92
C ASP D 336 -10.82 -7.25 -0.42
N SER D 337 -10.96 -8.54 -0.70
CA SER D 337 -11.48 -9.00 -1.98
C SER D 337 -13.00 -8.85 -2.09
N SER D 338 -13.63 -8.40 -1.01
CA SER D 338 -15.08 -8.30 -0.94
C SER D 338 -15.71 -7.59 -2.15
N ASN D 339 -15.31 -6.35 -2.38
CA ASN D 339 -15.95 -5.52 -3.40
C ASN D 339 -15.97 -6.15 -4.79
N VAL D 340 -14.83 -6.67 -5.23
CA VAL D 340 -14.73 -7.23 -6.58
C VAL D 340 -15.50 -8.53 -6.72
N LEU D 341 -15.43 -9.39 -5.70
CA LEU D 341 -16.17 -10.65 -5.73
C LEU D 341 -17.66 -10.42 -5.90
N GLN D 342 -18.15 -9.31 -5.35
CA GLN D 342 -19.57 -8.96 -5.49
C GLN D 342 -19.93 -8.71 -6.95
N LEU D 343 -19.02 -8.11 -7.71
CA LEU D 343 -19.26 -7.87 -9.12
C LEU D 343 -19.38 -9.17 -9.89
N ILE D 344 -18.60 -10.17 -9.49
CA ILE D 344 -18.66 -11.48 -10.12
C ILE D 344 -20.00 -12.14 -9.79
N VAL D 345 -20.45 -11.96 -8.55
CA VAL D 345 -21.73 -12.48 -8.11
C VAL D 345 -22.86 -11.74 -8.84
N ASP D 346 -22.75 -10.42 -8.92
CA ASP D 346 -23.75 -9.60 -9.60
C ASP D 346 -23.82 -9.97 -11.07
N ALA D 347 -22.66 -10.22 -11.68
CA ALA D 347 -22.59 -10.59 -13.08
C ALA D 347 -23.28 -11.92 -13.32
N TYR D 348 -23.03 -12.87 -12.42
CA TYR D 348 -23.61 -14.21 -12.53
C TYR D 348 -25.12 -14.17 -12.34
N GLY D 349 -25.61 -13.09 -11.73
CA GLY D 349 -27.03 -12.89 -11.55
C GLY D 349 -27.72 -12.52 -12.84
N LYS D 350 -27.03 -11.73 -13.67
CA LYS D 350 -27.58 -11.29 -14.94
C LYS D 350 -27.62 -12.45 -15.95
N ILE D 351 -26.86 -13.51 -15.66
CA ILE D 351 -26.70 -14.61 -16.61
C ILE D 351 -27.39 -15.89 -16.16
N ARG D 352 -27.40 -16.15 -14.86
CA ARG D 352 -27.90 -17.42 -14.33
C ARG D 352 -29.39 -17.66 -14.62
N SER D 353 -30.06 -16.72 -15.27
CA SER D 353 -31.50 -16.81 -15.44
C SER D 353 -31.97 -16.87 -16.89
N LYS D 354 -31.19 -16.31 -17.81
CA LYS D 354 -31.63 -16.23 -19.21
C LYS D 354 -31.67 -17.59 -19.89
N VAL D 355 -32.87 -17.98 -20.33
CA VAL D 355 -33.03 -19.17 -21.16
C VAL D 355 -33.04 -18.76 -22.62
N GLU D 356 -32.09 -19.28 -23.39
CA GLU D 356 -31.94 -18.90 -24.78
C GLU D 356 -31.80 -20.14 -25.66
N LEU D 357 -32.75 -20.34 -26.56
CA LEU D 357 -32.74 -21.51 -27.44
C LEU D 357 -31.84 -21.31 -28.64
N GLU D 358 -30.96 -22.29 -28.86
CA GLU D 358 -30.10 -22.30 -30.04
C GLU D 358 -30.50 -23.49 -30.91
N VAL D 359 -30.08 -23.48 -32.17
CA VAL D 359 -30.38 -24.57 -33.08
C VAL D 359 -29.10 -25.10 -33.71
N ARG D 360 -28.87 -26.40 -33.57
CA ARG D 360 -27.67 -27.03 -34.12
C ARG D 360 -28.04 -28.04 -35.21
N ASP D 361 -27.28 -28.00 -36.31
CA ASP D 361 -27.43 -28.96 -37.39
C ASP D 361 -28.80 -28.88 -38.06
N LEU D 362 -29.29 -27.66 -38.26
CA LEU D 362 -30.55 -27.45 -38.97
C LEU D 362 -30.29 -27.51 -40.48
N PRO D 363 -30.93 -28.47 -41.17
CA PRO D 363 -30.74 -28.64 -42.61
C PRO D 363 -31.03 -27.38 -43.43
N GLU D 364 -30.40 -27.28 -44.60
CA GLU D 364 -30.62 -26.17 -45.52
C GLU D 364 -32.09 -26.03 -45.88
N GLU D 365 -32.78 -27.15 -45.99
CA GLU D 365 -34.17 -27.16 -46.47
C GLU D 365 -35.16 -26.77 -45.37
N LEU D 366 -34.73 -26.81 -44.12
CA LEU D 366 -35.62 -26.52 -42.99
C LEU D 366 -35.41 -25.11 -42.43
N SER D 367 -36.49 -24.51 -41.96
CA SER D 367 -36.45 -23.21 -41.31
C SER D 367 -37.43 -23.19 -40.15
N LEU D 368 -37.06 -22.52 -39.06
CA LEU D 368 -37.88 -22.54 -37.85
C LEU D 368 -38.38 -21.14 -37.46
N SER D 369 -39.47 -21.12 -36.69
CA SER D 369 -40.00 -19.89 -36.12
C SER D 369 -40.50 -20.17 -34.71
N PHE D 370 -40.23 -19.26 -33.79
CA PHE D 370 -40.45 -19.52 -32.36
C PHE D 370 -41.47 -18.58 -31.72
N ASN D 371 -42.23 -19.12 -30.77
CA ASN D 371 -43.10 -18.33 -29.90
C ASN D 371 -42.75 -18.61 -28.44
N ALA D 372 -42.37 -17.57 -27.71
CA ALA D 372 -41.93 -17.74 -26.32
C ALA D 372 -43.03 -17.38 -25.33
N THR D 373 -43.25 -18.28 -24.38
CA THR D 373 -44.19 -18.04 -23.28
C THR D 373 -43.41 -18.03 -21.97
N CYS D 374 -42.99 -16.84 -21.55
CA CYS D 374 -42.12 -16.71 -20.39
C CYS D 374 -42.92 -16.64 -19.09
N LEU D 375 -42.28 -16.13 -18.03
CA LEU D 375 -42.90 -16.08 -16.71
C LEU D 375 -44.15 -15.20 -16.68
N ASN D 376 -44.24 -14.26 -17.62
CA ASN D 376 -45.39 -13.37 -17.69
C ASN D 376 -46.63 -14.06 -18.26
N ASN D 377 -46.45 -15.31 -18.70
CA ASN D 377 -47.55 -16.10 -19.23
C ASN D 377 -48.21 -15.45 -20.45
N GLU D 378 -47.40 -14.79 -21.26
CA GLU D 378 -47.88 -14.16 -22.49
C GLU D 378 -47.05 -14.61 -23.68
N VAL D 379 -47.74 -15.09 -24.72
CA VAL D 379 -47.07 -15.58 -25.92
C VAL D 379 -46.45 -14.43 -26.71
N ILE D 380 -45.12 -14.32 -26.63
CA ILE D 380 -44.39 -13.34 -27.41
C ILE D 380 -43.88 -14.01 -28.69
N PRO D 381 -44.54 -13.74 -29.82
CA PRO D 381 -44.16 -14.40 -31.08
C PRO D 381 -42.84 -13.90 -31.63
N GLY D 382 -42.05 -14.81 -32.22
CA GLY D 382 -40.77 -14.45 -32.81
C GLY D 382 -39.63 -14.53 -31.81
N LEU D 383 -39.95 -14.61 -30.52
CA LEU D 383 -38.95 -14.64 -29.48
C LEU D 383 -38.58 -16.07 -29.11
N LYS D 384 -37.29 -16.32 -28.91
CA LYS D 384 -36.82 -17.66 -28.54
C LYS D 384 -35.89 -17.61 -27.34
N SER D 385 -36.22 -16.74 -26.38
CA SER D 385 -35.43 -16.62 -25.16
C SER D 385 -36.19 -15.88 -24.07
N CYS D 386 -36.16 -16.41 -22.85
CA CYS D 386 -36.79 -15.78 -21.71
C CYS D 386 -35.74 -15.46 -20.65
N MET D 387 -36.02 -14.46 -19.81
CA MET D 387 -35.07 -14.04 -18.79
C MET D 387 -35.76 -13.83 -17.44
N GLY D 388 -34.96 -13.78 -16.38
CA GLY D 388 -35.46 -13.52 -15.05
C GLY D 388 -35.91 -14.77 -14.29
N LEU D 389 -35.47 -15.93 -14.77
CA LEU D 389 -35.82 -17.19 -14.12
C LEU D 389 -35.07 -17.42 -12.81
N LYS D 390 -35.63 -18.26 -11.97
CA LYS D 390 -34.99 -18.72 -10.74
C LYS D 390 -34.98 -20.24 -10.76
N ILE D 391 -34.39 -20.86 -9.74
CA ILE D 391 -34.40 -22.31 -9.65
C ILE D 391 -35.82 -22.83 -9.44
N GLY D 392 -36.31 -23.59 -10.40
CA GLY D 392 -37.65 -24.14 -10.32
C GLY D 392 -38.59 -23.58 -11.38
N ASP D 393 -38.32 -22.36 -11.83
CA ASP D 393 -39.16 -21.71 -12.82
C ASP D 393 -39.13 -22.45 -14.16
N THR D 394 -40.23 -22.36 -14.90
CA THR D 394 -40.34 -23.04 -16.19
C THR D 394 -40.91 -22.10 -17.25
N VAL D 395 -40.37 -22.20 -18.45
CA VAL D 395 -40.87 -21.44 -19.59
C VAL D 395 -41.20 -22.39 -20.73
N SER D 396 -41.98 -21.94 -21.69
CA SER D 396 -42.43 -22.78 -22.78
C SER D 396 -42.24 -22.10 -24.14
N PHE D 397 -41.85 -22.88 -25.14
CA PHE D 397 -41.68 -22.36 -26.49
C PHE D 397 -42.48 -23.20 -27.49
N SER D 398 -43.03 -22.55 -28.50
CA SER D 398 -43.72 -23.24 -29.57
C SER D 398 -42.96 -23.04 -30.88
N ILE D 399 -42.42 -24.14 -31.41
CA ILE D 399 -41.59 -24.07 -32.61
C ILE D 399 -42.34 -24.63 -33.81
N GLU D 400 -42.17 -23.98 -34.96
CA GLU D 400 -42.78 -24.45 -36.20
C GLU D 400 -41.73 -24.62 -37.28
N ALA D 401 -41.58 -25.84 -37.77
CA ALA D 401 -40.58 -26.15 -38.80
C ALA D 401 -41.25 -26.29 -40.17
N LYS D 402 -40.66 -25.64 -41.17
CA LYS D 402 -41.17 -25.73 -42.54
C LYS D 402 -40.07 -26.23 -43.48
N VAL D 403 -40.42 -27.20 -44.32
CA VAL D 403 -39.48 -27.75 -45.29
C VAL D 403 -39.67 -27.07 -46.65
N ARG D 404 -38.57 -26.94 -47.39
CA ARG D 404 -38.63 -26.35 -48.72
C ARG D 404 -38.68 -27.43 -49.79
N GLY D 405 -39.89 -27.75 -50.23
CA GLY D 405 -40.09 -28.76 -51.26
C GLY D 405 -39.85 -30.16 -50.71
N CYS D 406 -39.18 -30.99 -51.52
CA CYS D 406 -38.91 -32.37 -51.14
C CYS D 406 -37.43 -32.70 -51.30
N PRO D 407 -36.69 -32.76 -50.18
CA PRO D 407 -35.27 -33.12 -50.24
C PRO D 407 -35.06 -34.59 -50.57
N GLN D 408 -33.99 -34.90 -51.29
CA GLN D 408 -33.68 -36.29 -51.64
C GLN D 408 -33.13 -37.06 -50.44
N GLU D 409 -32.74 -36.34 -49.40
CA GLU D 409 -32.20 -36.96 -48.19
C GLU D 409 -33.25 -37.86 -47.54
N LYS D 410 -34.46 -37.33 -47.36
CA LYS D 410 -35.60 -38.09 -46.87
C LYS D 410 -35.55 -38.40 -45.36
N GLU D 411 -34.39 -38.20 -44.74
CA GLU D 411 -34.26 -38.39 -43.29
C GLU D 411 -33.12 -37.58 -42.73
N LYS D 412 -33.48 -36.53 -41.98
CA LYS D 412 -32.50 -35.64 -41.36
C LYS D 412 -32.84 -35.47 -39.88
N SER D 413 -32.05 -34.66 -39.18
CA SER D 413 -32.30 -34.41 -37.77
C SER D 413 -31.50 -33.20 -37.29
N PHE D 414 -32.07 -32.46 -36.35
CA PHE D 414 -31.40 -31.30 -35.76
C PHE D 414 -31.65 -31.25 -34.25
N THR D 415 -31.05 -30.28 -33.59
CA THR D 415 -31.14 -30.17 -32.14
C THR D 415 -31.53 -28.76 -31.70
N ILE D 416 -32.48 -28.68 -30.77
CA ILE D 416 -32.85 -27.41 -30.15
C ILE D 416 -32.39 -27.44 -28.69
N LYS D 417 -31.45 -26.54 -28.36
CA LYS D 417 -30.76 -26.61 -27.07
C LYS D 417 -30.72 -25.25 -26.39
N PRO D 418 -31.03 -25.21 -25.09
CA PRO D 418 -30.87 -23.94 -24.37
C PRO D 418 -29.38 -23.64 -24.11
N VAL D 419 -29.01 -22.36 -24.20
CA VAL D 419 -27.62 -21.97 -23.97
C VAL D 419 -27.25 -22.18 -22.50
N GLY D 420 -26.20 -22.97 -22.28
CA GLY D 420 -25.73 -23.25 -20.93
C GLY D 420 -26.38 -24.48 -20.32
N PHE D 421 -27.12 -25.23 -21.15
CA PHE D 421 -27.81 -26.43 -20.70
C PHE D 421 -27.22 -27.66 -21.38
N LYS D 422 -27.09 -28.75 -20.62
CA LYS D 422 -26.66 -30.02 -21.20
C LYS D 422 -27.80 -30.61 -22.03
N ASP D 423 -29.00 -30.57 -21.46
CA ASP D 423 -30.19 -31.13 -22.08
C ASP D 423 -30.48 -30.50 -23.44
N SER D 424 -31.25 -31.20 -24.26
CA SER D 424 -31.62 -30.70 -25.58
C SER D 424 -32.83 -31.45 -26.13
N LEU D 425 -33.37 -30.95 -27.24
CA LEU D 425 -34.49 -31.61 -27.91
C LEU D 425 -34.07 -32.05 -29.31
N ILE D 426 -33.92 -33.35 -29.51
CA ILE D 426 -33.55 -33.89 -30.81
C ILE D 426 -34.79 -34.08 -31.68
N VAL D 427 -34.85 -33.36 -32.79
CA VAL D 427 -35.97 -33.46 -33.72
C VAL D 427 -35.60 -34.27 -34.96
N GLN D 428 -36.12 -35.48 -35.04
CA GLN D 428 -35.90 -36.33 -36.20
C GLN D 428 -36.92 -35.99 -37.28
N VAL D 429 -36.43 -35.66 -38.47
CA VAL D 429 -37.30 -35.24 -39.56
C VAL D 429 -37.33 -36.25 -40.70
N THR D 430 -38.53 -36.74 -41.02
CA THR D 430 -38.75 -37.61 -42.16
C THR D 430 -39.58 -36.88 -43.20
N PHE D 431 -39.18 -36.97 -44.46
CA PHE D 431 -39.88 -36.29 -45.54
C PHE D 431 -40.73 -37.27 -46.34
N ASP D 432 -42.05 -37.06 -46.32
CA ASP D 432 -42.99 -37.97 -46.95
C ASP D 432 -43.48 -37.42 -48.28
N CYS D 433 -42.76 -37.74 -49.36
CA CYS D 433 -43.10 -37.24 -50.68
C CYS D 433 -43.83 -38.31 -51.49
N GLU E 1 -45.79 -11.53 15.51
CA GLU E 1 -46.16 -12.88 16.02
C GLU E 1 -45.65 -13.97 15.08
N VAL E 2 -45.00 -14.99 15.65
CA VAL E 2 -44.51 -16.10 14.86
C VAL E 2 -45.67 -16.91 14.31
N GLN E 3 -45.66 -17.12 13.00
CA GLN E 3 -46.74 -17.83 12.33
C GLN E 3 -46.26 -18.46 11.03
N LEU E 4 -46.64 -19.71 10.81
CA LEU E 4 -46.29 -20.43 9.60
C LEU E 4 -47.51 -20.55 8.70
N GLN E 5 -47.50 -19.81 7.59
CA GLN E 5 -48.63 -19.78 6.67
C GLN E 5 -48.41 -20.74 5.51
N GLN E 6 -49.14 -21.85 5.49
CA GLN E 6 -48.97 -22.87 4.47
C GLN E 6 -49.91 -22.66 3.30
N SER E 7 -49.61 -23.31 2.18
CA SER E 7 -50.41 -23.17 0.97
C SER E 7 -51.71 -23.98 1.08
N GLY E 8 -52.59 -23.81 0.09
CA GLY E 8 -53.91 -24.41 0.13
C GLY E 8 -53.96 -25.88 -0.22
N ALA E 9 -55.13 -26.48 -0.04
CA ALA E 9 -55.34 -27.90 -0.32
C ALA E 9 -54.94 -28.25 -1.75
N GLU E 10 -54.39 -29.44 -1.93
CA GLU E 10 -53.92 -29.89 -3.24
C GLU E 10 -54.66 -31.14 -3.69
N LEU E 11 -55.09 -31.14 -4.94
CA LEU E 11 -55.66 -32.33 -5.58
C LEU E 11 -54.72 -32.77 -6.68
N VAL E 12 -54.18 -33.98 -6.57
CA VAL E 12 -53.18 -34.45 -7.53
C VAL E 12 -53.39 -35.91 -7.94
N LYS E 13 -53.18 -36.18 -9.23
CA LYS E 13 -53.38 -37.51 -9.78
C LYS E 13 -52.16 -38.40 -9.50
N PRO E 14 -52.38 -39.72 -9.41
CA PRO E 14 -51.29 -40.65 -9.11
C PRO E 14 -50.13 -40.52 -10.08
N GLY E 15 -48.90 -40.58 -9.57
CA GLY E 15 -47.73 -40.50 -10.41
C GLY E 15 -47.24 -39.08 -10.60
N ALA E 16 -48.12 -38.11 -10.37
CA ALA E 16 -47.76 -36.70 -10.49
C ALA E 16 -46.92 -36.25 -9.30
N SER E 17 -46.55 -34.98 -9.30
CA SER E 17 -45.83 -34.40 -8.17
C SER E 17 -46.56 -33.18 -7.64
N VAL E 18 -46.18 -32.73 -6.44
CA VAL E 18 -46.80 -31.56 -5.85
C VAL E 18 -45.80 -30.85 -4.94
N LYS E 19 -45.88 -29.53 -4.90
CA LYS E 19 -44.96 -28.74 -4.09
C LYS E 19 -45.74 -27.88 -3.11
N LEU E 20 -45.53 -28.13 -1.82
CA LEU E 20 -46.22 -27.39 -0.77
C LEU E 20 -45.34 -26.25 -0.28
N SER E 21 -45.97 -25.19 0.23
CA SER E 21 -45.24 -24.01 0.67
C SER E 21 -45.46 -23.73 2.15
N CYS E 22 -44.45 -23.17 2.79
CA CYS E 22 -44.55 -22.77 4.19
C CYS E 22 -43.89 -21.40 4.34
N THR E 23 -44.71 -20.36 4.39
CA THR E 23 -44.22 -18.98 4.45
C THR E 23 -44.15 -18.47 5.88
N ALA E 24 -42.98 -17.97 6.28
CA ALA E 24 -42.79 -17.42 7.61
C ALA E 24 -43.42 -16.03 7.69
N SER E 25 -44.13 -15.79 8.79
CA SER E 25 -44.76 -14.50 9.00
C SER E 25 -44.45 -14.00 10.41
N GLY E 26 -43.93 -12.79 10.51
CA GLY E 26 -43.55 -12.22 11.79
C GLY E 26 -42.14 -12.57 12.19
N PHE E 27 -41.40 -13.21 11.28
CA PHE E 27 -40.00 -13.53 11.53
C PHE E 27 -39.33 -13.93 10.22
N ASN E 28 -38.03 -14.15 10.28
CA ASN E 28 -37.28 -14.56 9.09
C ASN E 28 -37.06 -16.07 9.07
N ILE E 29 -37.35 -16.69 7.93
CA ILE E 29 -37.29 -18.15 7.78
C ILE E 29 -35.91 -18.70 8.14
N LYS E 30 -34.88 -17.87 8.05
CA LYS E 30 -33.51 -18.30 8.34
C LYS E 30 -33.23 -18.45 9.83
N ASP E 31 -34.19 -18.05 10.67
CA ASP E 31 -33.98 -18.01 12.11
C ASP E 31 -33.77 -19.38 12.75
N THR E 32 -34.48 -20.39 12.26
CA THR E 32 -34.46 -21.71 12.91
C THR E 32 -34.55 -22.84 11.90
N TYR E 33 -34.37 -24.07 12.39
CA TYR E 33 -34.69 -25.26 11.60
C TYR E 33 -36.16 -25.20 11.22
N VAL E 34 -36.49 -25.71 10.04
CA VAL E 34 -37.87 -25.85 9.62
C VAL E 34 -38.11 -27.31 9.26
N HIS E 35 -39.06 -27.94 9.95
CA HIS E 35 -39.34 -29.36 9.76
C HIS E 35 -40.63 -29.55 8.97
N TRP E 36 -40.78 -30.74 8.40
CA TRP E 36 -42.02 -31.13 7.75
C TRP E 36 -42.52 -32.43 8.36
N VAL E 37 -43.83 -32.49 8.59
CA VAL E 37 -44.44 -33.63 9.24
C VAL E 37 -45.68 -34.07 8.49
N LYS E 38 -45.87 -35.38 8.41
CA LYS E 38 -47.02 -35.97 7.71
C LYS E 38 -47.98 -36.57 8.71
N GLN E 39 -49.28 -36.31 8.52
CA GLN E 39 -50.30 -36.87 9.41
C GLN E 39 -51.37 -37.64 8.64
N ARG E 40 -51.62 -38.87 9.09
CA ARG E 40 -52.74 -39.66 8.57
C ARG E 40 -53.59 -40.17 9.73
N PRO E 41 -54.89 -40.35 9.51
CA PRO E 41 -55.81 -40.79 10.56
C PRO E 41 -55.37 -42.09 11.23
N GLU E 42 -54.97 -43.07 10.42
CA GLU E 42 -54.63 -44.39 10.93
C GLU E 42 -53.17 -44.48 11.38
N GLN E 43 -52.25 -44.10 10.50
CA GLN E 43 -50.83 -44.27 10.77
C GLN E 43 -50.27 -43.19 11.70
N GLY E 44 -51.02 -42.10 11.86
CA GLY E 44 -50.63 -41.05 12.79
C GLY E 44 -49.58 -40.11 12.20
N LEU E 45 -48.71 -39.62 13.07
CA LEU E 45 -47.73 -38.60 12.69
C LEU E 45 -46.38 -39.20 12.29
N GLU E 46 -45.75 -38.60 11.28
CA GLU E 46 -44.44 -39.05 10.81
C GLU E 46 -43.56 -37.86 10.41
N TRP E 47 -42.37 -37.82 11.00
CA TRP E 47 -41.38 -36.81 10.67
C TRP E 47 -40.79 -37.11 9.29
N ILE E 48 -40.87 -36.13 8.39
CA ILE E 48 -40.33 -36.30 7.04
C ILE E 48 -38.86 -35.88 6.98
N GLY E 49 -38.58 -34.70 7.50
CA GLY E 49 -37.22 -34.17 7.51
C GLY E 49 -37.19 -32.73 7.99
N ARG E 50 -36.04 -32.10 7.82
CA ARG E 50 -35.87 -30.70 8.23
C ARG E 50 -34.88 -30.01 7.30
N ILE E 51 -34.88 -28.69 7.35
CA ILE E 51 -33.89 -27.91 6.62
C ILE E 51 -33.45 -26.73 7.46
N ASP E 52 -32.21 -26.30 7.28
CA ASP E 52 -31.74 -25.05 7.85
C ASP E 52 -31.71 -24.04 6.72
N PRO E 53 -32.75 -23.19 6.61
CA PRO E 53 -32.88 -22.27 5.47
C PRO E 53 -31.68 -21.36 5.30
N ALA E 54 -30.92 -21.15 6.37
CA ALA E 54 -29.76 -20.28 6.31
C ALA E 54 -28.69 -20.84 5.37
N ASN E 55 -28.60 -22.17 5.28
CA ASN E 55 -27.57 -22.80 4.46
C ASN E 55 -28.05 -23.94 3.55
N GLY E 56 -29.33 -24.29 3.66
CA GLY E 56 -29.91 -25.29 2.77
C GLY E 56 -29.69 -26.73 3.19
N TYR E 57 -28.94 -26.96 4.25
CA TYR E 57 -28.64 -28.33 4.69
C TYR E 57 -29.88 -29.04 5.20
N THR E 58 -30.08 -30.28 4.74
CA THR E 58 -31.29 -31.03 5.06
C THR E 58 -31.01 -32.34 5.78
N LYS E 59 -32.03 -32.84 6.47
CA LYS E 59 -32.01 -34.17 7.05
C LYS E 59 -33.35 -34.83 6.71
N TYR E 60 -33.32 -36.14 6.48
CA TYR E 60 -34.52 -36.88 6.15
C TYR E 60 -34.61 -38.18 6.93
N ASP E 61 -35.84 -38.62 7.19
CA ASP E 61 -36.06 -40.00 7.57
C ASP E 61 -35.92 -40.83 6.29
N PRO E 62 -35.05 -41.85 6.31
CA PRO E 62 -34.80 -42.62 5.08
C PRO E 62 -36.06 -43.19 4.42
N LYS E 63 -37.15 -43.29 5.16
CA LYS E 63 -38.41 -43.79 4.61
C LYS E 63 -38.93 -42.88 3.50
N PHE E 64 -38.62 -41.59 3.58
CA PHE E 64 -39.10 -40.63 2.59
C PHE E 64 -38.03 -40.26 1.58
N GLN E 65 -36.88 -40.94 1.62
CA GLN E 65 -35.81 -40.67 0.67
C GLN E 65 -36.27 -41.03 -0.73
N GLY E 66 -36.18 -40.07 -1.64
CA GLY E 66 -36.63 -40.26 -3.01
C GLY E 66 -38.05 -39.77 -3.23
N LYS E 67 -38.81 -39.69 -2.15
CA LYS E 67 -40.19 -39.24 -2.22
C LYS E 67 -40.33 -37.77 -1.85
N ALA E 68 -39.68 -37.37 -0.76
CA ALA E 68 -39.77 -35.99 -0.27
C ALA E 68 -38.46 -35.26 -0.51
N THR E 69 -38.58 -34.00 -0.91
CA THR E 69 -37.42 -33.13 -1.06
C THR E 69 -37.75 -31.77 -0.47
N ILE E 70 -36.99 -31.38 0.54
CA ILE E 70 -37.21 -30.11 1.22
C ILE E 70 -36.22 -29.06 0.72
N THR E 71 -36.73 -27.87 0.43
CA THR E 71 -35.91 -26.75 0.01
C THR E 71 -36.37 -25.48 0.69
N ALA E 72 -35.63 -24.40 0.50
CA ALA E 72 -36.00 -23.12 1.08
C ALA E 72 -35.62 -21.98 0.15
N ASP E 73 -36.38 -20.89 0.21
CA ASP E 73 -36.08 -19.70 -0.57
C ASP E 73 -36.14 -18.48 0.34
N THR E 74 -34.98 -18.10 0.87
CA THR E 74 -34.90 -16.98 1.82
C THR E 74 -35.41 -15.69 1.17
N SER E 75 -35.23 -15.56 -0.14
CA SER E 75 -35.68 -14.39 -0.87
C SER E 75 -37.18 -14.14 -0.67
N SER E 76 -37.94 -15.21 -0.50
CA SER E 76 -39.38 -15.09 -0.29
C SER E 76 -39.81 -15.62 1.08
N ASN E 77 -38.84 -15.77 1.99
CA ASN E 77 -39.15 -16.16 3.36
C ASN E 77 -40.00 -17.43 3.43
N THR E 78 -39.72 -18.38 2.55
CA THR E 78 -40.56 -19.56 2.42
C THR E 78 -39.75 -20.87 2.37
N ALA E 79 -40.34 -21.94 2.90
CA ALA E 79 -39.76 -23.28 2.82
C ALA E 79 -40.72 -24.18 2.04
N TYR E 80 -40.18 -25.18 1.35
CA TYR E 80 -40.99 -26.01 0.47
C TYR E 80 -40.84 -27.50 0.76
N LEU E 81 -41.90 -28.25 0.49
CA LEU E 81 -41.87 -29.70 0.53
C LEU E 81 -42.34 -30.24 -0.80
N GLN E 82 -41.45 -30.92 -1.52
CA GLN E 82 -41.79 -31.49 -2.82
C GLN E 82 -42.04 -32.99 -2.68
N LEU E 83 -43.22 -33.41 -3.08
CA LEU E 83 -43.55 -34.83 -3.12
C LEU E 83 -43.64 -35.29 -4.57
N SER E 84 -42.98 -36.40 -4.89
CA SER E 84 -42.92 -36.89 -6.26
C SER E 84 -43.50 -38.29 -6.39
N SER E 85 -43.99 -38.61 -7.59
CA SER E 85 -44.53 -39.93 -7.89
C SER E 85 -45.55 -40.32 -6.83
N LEU E 86 -46.66 -39.61 -6.78
CA LEU E 86 -47.63 -39.76 -5.69
C LEU E 86 -48.50 -40.99 -5.81
N THR E 87 -48.74 -41.65 -4.69
CA THR E 87 -49.67 -42.77 -4.59
C THR E 87 -50.71 -42.43 -3.53
N SER E 88 -51.69 -43.31 -3.34
CA SER E 88 -52.72 -43.08 -2.33
C SER E 88 -52.09 -43.06 -0.95
N GLU E 89 -50.90 -43.65 -0.83
CA GLU E 89 -50.16 -43.66 0.42
C GLU E 89 -49.79 -42.25 0.86
N ASP E 90 -49.75 -41.32 -0.09
CA ASP E 90 -49.32 -39.95 0.18
C ASP E 90 -50.46 -39.01 0.54
N THR E 91 -51.69 -39.50 0.44
CA THR E 91 -52.84 -38.72 0.86
C THR E 91 -52.75 -38.47 2.36
N ALA E 92 -52.63 -37.21 2.75
CA ALA E 92 -52.44 -36.86 4.15
C ALA E 92 -52.45 -35.35 4.33
N VAL E 93 -52.33 -34.90 5.58
CA VAL E 93 -52.15 -33.49 5.88
C VAL E 93 -50.68 -33.27 6.23
N TYR E 94 -50.08 -32.24 5.64
CA TYR E 94 -48.66 -31.98 5.85
C TYR E 94 -48.44 -30.66 6.58
N TYR E 95 -47.61 -30.70 7.62
CA TYR E 95 -47.35 -29.54 8.46
C TYR E 95 -45.88 -29.15 8.42
N CYS E 96 -45.62 -27.85 8.46
CA CYS E 96 -44.26 -27.38 8.69
C CYS E 96 -44.16 -26.91 10.14
N VAL E 97 -42.97 -27.03 10.72
CA VAL E 97 -42.79 -26.80 12.15
C VAL E 97 -41.45 -26.11 12.45
N ARG E 98 -41.44 -25.26 13.47
CA ARG E 98 -40.19 -24.68 13.96
C ARG E 98 -40.19 -24.61 15.48
N PRO E 99 -39.00 -24.58 16.09
CA PRO E 99 -38.89 -24.47 17.55
C PRO E 99 -39.15 -23.06 18.06
N LEU E 100 -39.38 -22.95 19.37
CA LEU E 100 -39.50 -21.64 20.01
C LEU E 100 -38.13 -21.20 20.51
N TYR E 101 -37.60 -21.91 21.51
CA TYR E 101 -36.29 -21.58 22.06
C TYR E 101 -35.28 -22.69 21.74
N ASP E 102 -35.58 -23.89 22.20
CA ASP E 102 -34.73 -25.05 21.99
C ASP E 102 -34.45 -25.27 20.50
N TYR E 103 -33.17 -25.26 20.12
CA TYR E 103 -32.77 -25.48 18.73
C TYR E 103 -33.48 -26.67 18.08
N TYR E 104 -33.67 -27.72 18.87
CA TYR E 104 -34.10 -29.01 18.32
C TYR E 104 -35.59 -29.30 18.51
N ALA E 105 -36.33 -28.37 19.11
CA ALA E 105 -37.71 -28.62 19.50
C ALA E 105 -38.71 -28.44 18.35
N MET E 106 -39.97 -28.76 18.64
CA MET E 106 -41.04 -28.72 17.64
C MET E 106 -42.27 -28.03 18.23
N ASP E 107 -42.25 -26.70 18.30
CA ASP E 107 -43.22 -25.97 19.10
C ASP E 107 -44.28 -25.20 18.28
N TYR E 108 -43.87 -24.58 17.18
CA TYR E 108 -44.77 -23.79 16.35
C TYR E 108 -45.14 -24.54 15.08
N TRP E 109 -46.44 -24.65 14.81
CA TRP E 109 -46.92 -25.42 13.66
C TRP E 109 -47.74 -24.58 12.70
N GLY E 110 -47.60 -24.85 11.41
CA GLY E 110 -48.45 -24.23 10.40
C GLY E 110 -49.83 -24.85 10.48
N GLN E 111 -50.80 -24.29 9.75
CA GLN E 111 -52.18 -24.73 9.85
C GLN E 111 -52.41 -26.06 9.12
N GLY E 112 -51.46 -26.46 8.29
CA GLY E 112 -51.53 -27.74 7.61
C GLY E 112 -52.04 -27.63 6.19
N THR E 113 -51.52 -28.48 5.32
CA THR E 113 -51.95 -28.53 3.92
C THR E 113 -52.39 -29.94 3.57
N SER E 114 -53.62 -30.05 3.07
CA SER E 114 -54.18 -31.34 2.71
C SER E 114 -53.78 -31.73 1.29
N VAL E 115 -53.30 -32.96 1.14
CA VAL E 115 -52.99 -33.51 -0.17
C VAL E 115 -53.85 -34.74 -0.40
N THR E 116 -54.62 -34.73 -1.47
CA THR E 116 -55.48 -35.86 -1.81
C THR E 116 -55.09 -36.42 -3.16
N VAL E 117 -54.77 -37.72 -3.19
CA VAL E 117 -54.35 -38.37 -4.42
C VAL E 117 -55.51 -39.15 -5.04
N SER E 118 -55.86 -38.80 -6.27
CA SER E 118 -56.97 -39.46 -6.96
C SER E 118 -56.90 -39.17 -8.46
N SER E 119 -57.28 -40.18 -9.26
CA SER E 119 -57.30 -40.03 -10.71
C SER E 119 -58.64 -39.46 -11.18
N ALA E 120 -59.58 -39.35 -10.27
CA ALA E 120 -60.92 -38.92 -10.60
C ALA E 120 -60.96 -37.50 -11.16
N LYS E 121 -61.88 -37.27 -12.09
CA LYS E 121 -62.16 -35.92 -12.56
C LYS E 121 -63.23 -35.36 -11.63
N THR E 122 -63.45 -34.06 -11.68
CA THR E 122 -64.54 -33.46 -10.92
C THR E 122 -65.82 -34.20 -11.28
N THR E 123 -66.51 -34.72 -10.27
CA THR E 123 -67.71 -35.52 -10.49
C THR E 123 -68.79 -35.18 -9.47
N ALA E 124 -69.98 -34.88 -9.95
CA ALA E 124 -71.12 -34.58 -9.09
C ALA E 124 -71.64 -35.86 -8.45
N PRO E 125 -72.23 -35.75 -7.25
CA PRO E 125 -72.73 -36.92 -6.52
C PRO E 125 -74.07 -37.42 -7.02
N SER E 126 -74.28 -38.73 -6.93
CA SER E 126 -75.61 -39.32 -7.09
C SER E 126 -76.27 -39.33 -5.72
N VAL E 127 -77.43 -38.69 -5.62
CA VAL E 127 -78.14 -38.60 -4.35
C VAL E 127 -79.29 -39.60 -4.29
N TYR E 128 -79.23 -40.50 -3.32
CA TYR E 128 -80.21 -41.57 -3.20
C TYR E 128 -81.01 -41.45 -1.90
N PRO E 129 -82.34 -41.41 -2.00
CA PRO E 129 -83.19 -41.33 -0.80
C PRO E 129 -83.30 -42.67 -0.10
N LEU E 130 -83.27 -42.67 1.23
CA LEU E 130 -83.38 -43.90 2.00
C LEU E 130 -84.61 -43.88 2.91
N ALA E 131 -85.65 -44.60 2.51
CA ALA E 131 -86.86 -44.71 3.29
C ALA E 131 -86.87 -46.02 4.07
N PRO E 132 -87.58 -46.07 5.21
CA PRO E 132 -87.59 -47.28 6.04
C PRO E 132 -88.14 -48.49 5.30
N VAL E 133 -87.98 -49.67 5.91
CA VAL E 133 -88.36 -50.92 5.28
C VAL E 133 -89.87 -50.98 5.06
N CYS E 134 -90.62 -51.18 6.14
CA CYS E 134 -92.07 -51.32 6.08
C CYS E 134 -92.63 -51.61 7.46
N THR E 138 -95.29 -47.73 13.97
CA THR E 138 -94.05 -48.46 14.17
C THR E 138 -93.08 -47.63 15.00
N GLY E 139 -93.45 -47.33 16.24
CA GLY E 139 -92.60 -46.57 17.14
C GLY E 139 -92.98 -45.11 17.20
N SER E 140 -92.36 -44.38 18.13
CA SER E 140 -92.62 -42.96 18.30
C SER E 140 -91.95 -42.13 17.21
N SER E 141 -90.80 -42.62 16.74
CA SER E 141 -90.02 -41.89 15.76
C SER E 141 -89.71 -42.75 14.54
N VAL E 142 -89.30 -42.08 13.47
CA VAL E 142 -88.84 -42.77 12.27
C VAL E 142 -87.54 -42.13 11.81
N THR E 143 -86.63 -42.94 11.30
CA THR E 143 -85.37 -42.43 10.78
C THR E 143 -85.34 -42.57 9.26
N LEU E 144 -84.98 -41.47 8.60
CA LEU E 144 -84.83 -41.46 7.15
C LEU E 144 -83.35 -41.21 6.84
N GLY E 145 -82.96 -41.45 5.59
CA GLY E 145 -81.57 -41.30 5.22
C GLY E 145 -81.36 -40.71 3.84
N CYS E 146 -80.12 -40.30 3.59
CA CYS E 146 -79.73 -39.77 2.30
C CYS E 146 -78.33 -40.30 1.98
N LEU E 147 -78.20 -40.94 0.81
CA LEU E 147 -76.92 -41.51 0.39
C LEU E 147 -76.32 -40.72 -0.77
N VAL E 148 -75.20 -40.05 -0.49
CA VAL E 148 -74.50 -39.25 -1.48
C VAL E 148 -73.28 -40.02 -1.95
N LYS E 149 -73.31 -40.49 -3.19
CA LYS E 149 -72.33 -41.45 -3.65
C LYS E 149 -71.59 -41.02 -4.92
N GLY E 150 -70.32 -41.42 -5.03
CA GLY E 150 -69.56 -41.25 -6.25
C GLY E 150 -69.31 -39.83 -6.70
N TYR E 151 -68.74 -39.00 -5.82
CA TYR E 151 -68.43 -37.63 -6.18
C TYR E 151 -66.98 -37.29 -5.87
N PHE E 152 -66.51 -36.19 -6.45
CA PHE E 152 -65.14 -35.74 -6.25
C PHE E 152 -65.00 -34.30 -6.72
N PRO E 153 -64.29 -33.47 -5.95
CA PRO E 153 -63.67 -33.77 -4.65
C PRO E 153 -64.55 -33.31 -3.49
N GLU E 154 -64.00 -33.33 -2.29
CA GLU E 154 -64.65 -32.72 -1.14
C GLU E 154 -64.65 -31.20 -1.34
N PRO E 155 -65.57 -30.49 -0.68
CA PRO E 155 -66.61 -31.04 0.19
C PRO E 155 -68.00 -30.99 -0.44
N VAL E 156 -68.98 -31.53 0.26
CA VAL E 156 -70.39 -31.30 -0.07
C VAL E 156 -71.06 -30.75 1.18
N THR E 157 -72.15 -30.01 0.98
CA THR E 157 -72.94 -29.53 2.10
C THR E 157 -74.33 -30.13 2.03
N LEU E 158 -74.76 -30.77 3.11
CA LEU E 158 -76.05 -31.45 3.14
C LEU E 158 -76.92 -30.90 4.25
N THR E 159 -78.15 -30.53 3.91
CA THR E 159 -79.13 -30.11 4.89
C THR E 159 -80.41 -30.92 4.71
N TRP E 160 -81.32 -30.79 5.67
CA TRP E 160 -82.64 -31.40 5.56
C TRP E 160 -83.70 -30.30 5.60
N ASN E 161 -84.58 -30.28 4.61
CA ASN E 161 -85.57 -29.22 4.47
C ASN E 161 -84.91 -27.84 4.57
N SER E 162 -84.01 -27.56 3.64
CA SER E 162 -83.28 -26.30 3.60
C SER E 162 -82.80 -25.82 4.98
N GLY E 163 -82.55 -26.76 5.87
CA GLY E 163 -82.02 -26.43 7.18
C GLY E 163 -83.06 -26.27 8.26
N SER E 164 -84.34 -26.22 7.87
CA SER E 164 -85.42 -26.05 8.83
C SER E 164 -85.47 -27.23 9.81
N LEU E 165 -85.01 -28.39 9.36
CA LEU E 165 -84.80 -29.53 10.26
C LEU E 165 -83.42 -29.40 10.89
N SER E 166 -83.38 -28.69 12.02
CA SER E 166 -82.11 -28.32 12.65
C SER E 166 -81.68 -29.32 13.70
N SER E 167 -82.51 -30.32 13.97
CA SER E 167 -82.27 -31.24 15.06
C SER E 167 -82.47 -32.70 14.60
N GLY E 168 -81.82 -33.63 15.30
CA GLY E 168 -81.98 -35.04 15.02
C GLY E 168 -81.24 -35.52 13.78
N VAL E 169 -80.26 -34.74 13.33
CA VAL E 169 -79.51 -35.07 12.12
C VAL E 169 -78.12 -35.62 12.44
N HIS E 170 -77.69 -36.62 11.68
CA HIS E 170 -76.33 -37.12 11.74
C HIS E 170 -75.78 -37.22 10.33
N THR E 171 -74.86 -36.32 10.00
CA THR E 171 -74.19 -36.37 8.71
C THR E 171 -72.78 -36.94 8.90
N PHE E 172 -72.50 -38.07 8.28
CA PHE E 172 -71.26 -38.79 8.52
C PHE E 172 -70.13 -38.33 7.60
N PRO E 173 -68.89 -38.32 8.13
CA PRO E 173 -67.71 -37.94 7.34
C PRO E 173 -67.63 -38.74 6.05
N ALA E 174 -67.23 -38.09 4.97
CA ALA E 174 -67.11 -38.76 3.68
C ALA E 174 -65.94 -39.75 3.72
N VAL E 175 -66.09 -40.86 3.02
CA VAL E 175 -65.02 -41.84 2.89
C VAL E 175 -64.62 -41.99 1.43
N LEU E 176 -63.32 -41.85 1.16
CA LEU E 176 -62.80 -42.01 -0.19
C LEU E 176 -62.58 -43.48 -0.48
N GLN E 177 -63.32 -44.00 -1.45
CA GLN E 177 -63.17 -45.38 -1.89
C GLN E 177 -62.91 -45.39 -3.39
N SER E 178 -61.79 -46.00 -3.78
CA SER E 178 -61.39 -46.05 -5.18
C SER E 178 -61.71 -44.77 -5.93
N ASP E 179 -61.02 -43.69 -5.56
CA ASP E 179 -61.02 -42.43 -6.31
C ASP E 179 -62.26 -41.56 -6.11
N LEU E 180 -63.32 -42.11 -5.52
CA LEU E 180 -64.56 -41.35 -5.32
C LEU E 180 -65.02 -41.34 -3.87
N TYR E 181 -65.73 -40.27 -3.51
CA TYR E 181 -66.21 -40.11 -2.14
C TYR E 181 -67.64 -40.59 -1.99
N THR E 182 -67.94 -41.15 -0.82
CA THR E 182 -69.29 -41.52 -0.46
C THR E 182 -69.60 -40.96 0.91
N LEU E 183 -70.83 -40.49 1.09
CA LEU E 183 -71.25 -39.86 2.32
C LEU E 183 -72.71 -40.19 2.57
N SER E 184 -73.11 -40.23 3.84
CA SER E 184 -74.51 -40.49 4.18
C SER E 184 -74.97 -39.60 5.32
N SER E 185 -76.29 -39.44 5.44
CA SER E 185 -76.86 -38.64 6.50
C SER E 185 -78.20 -39.23 6.91
N SER E 186 -78.44 -39.30 8.22
CA SER E 186 -79.71 -39.75 8.75
C SER E 186 -80.42 -38.59 9.43
N VAL E 187 -81.75 -38.63 9.39
CA VAL E 187 -82.55 -37.65 10.11
C VAL E 187 -83.64 -38.41 10.86
N THR E 188 -83.89 -38.03 12.10
CA THR E 188 -84.89 -38.71 12.93
C THR E 188 -85.97 -37.72 13.37
N VAL E 189 -87.23 -38.10 13.12
CA VAL E 189 -88.37 -37.25 13.47
C VAL E 189 -89.47 -38.13 14.05
N THR E 190 -90.50 -37.50 14.60
CA THR E 190 -91.62 -38.22 15.18
C THR E 190 -92.42 -38.88 14.06
N SER E 191 -93.02 -40.04 14.37
CA SER E 191 -93.71 -40.83 13.36
C SER E 191 -94.92 -40.10 12.78
N SER E 192 -95.40 -39.06 13.47
CA SER E 192 -96.56 -38.31 13.01
C SER E 192 -96.12 -37.14 12.13
N THR E 193 -94.81 -37.03 11.93
CA THR E 193 -94.24 -35.99 11.09
C THR E 193 -94.08 -36.47 9.65
N TRP E 194 -93.72 -37.73 9.48
CA TRP E 194 -93.48 -38.30 8.17
C TRP E 194 -94.15 -39.67 8.06
N PRO E 195 -94.72 -39.99 6.88
CA PRO E 195 -94.71 -39.19 5.64
C PRO E 195 -95.79 -38.13 5.54
N SER E 196 -96.58 -37.93 6.59
CA SER E 196 -97.66 -36.95 6.54
C SER E 196 -97.14 -35.59 6.07
N GLN E 197 -95.88 -35.31 6.37
CA GLN E 197 -95.24 -34.08 5.90
C GLN E 197 -94.04 -34.39 5.03
N SER E 198 -93.60 -33.39 4.27
CA SER E 198 -92.51 -33.59 3.31
C SER E 198 -91.15 -33.43 3.97
N ILE E 199 -90.25 -34.37 3.69
CA ILE E 199 -88.87 -34.29 4.16
C ILE E 199 -87.91 -34.54 3.00
N THR E 200 -87.09 -33.54 2.69
CA THR E 200 -86.23 -33.60 1.51
C THR E 200 -84.76 -33.47 1.86
N CYS E 201 -83.93 -34.17 1.08
CA CYS E 201 -82.49 -34.08 1.22
C CYS E 201 -81.95 -33.05 0.24
N ASN E 202 -81.20 -32.07 0.74
CA ASN E 202 -80.59 -31.06 -0.12
C ASN E 202 -79.08 -31.20 -0.11
N VAL E 203 -78.52 -31.53 -1.27
CA VAL E 203 -77.08 -31.75 -1.38
C VAL E 203 -76.46 -30.80 -2.39
N ALA E 204 -75.47 -30.03 -1.94
CA ALA E 204 -74.75 -29.13 -2.83
C ALA E 204 -73.31 -29.57 -2.98
N HIS E 205 -72.78 -29.42 -4.19
CA HIS E 205 -71.39 -29.79 -4.49
C HIS E 205 -70.74 -28.67 -5.30
N PRO E 206 -70.08 -27.72 -4.62
CA PRO E 206 -69.51 -26.51 -5.21
C PRO E 206 -68.58 -26.78 -6.40
N ALA E 207 -67.67 -27.74 -6.26
CA ALA E 207 -66.68 -28.00 -7.30
C ALA E 207 -67.32 -28.29 -8.66
N SER E 208 -68.54 -28.83 -8.65
CA SER E 208 -69.26 -29.11 -9.89
C SER E 208 -70.48 -28.19 -10.05
N SER E 209 -70.66 -27.29 -9.09
CA SER E 209 -71.74 -26.31 -9.15
C SER E 209 -73.11 -26.97 -9.29
N THR E 210 -73.33 -28.04 -8.54
CA THR E 210 -74.60 -28.78 -8.61
C THR E 210 -75.38 -28.66 -7.30
N LYS E 211 -76.70 -28.77 -7.41
CA LYS E 211 -77.57 -28.78 -6.25
C LYS E 211 -78.73 -29.72 -6.53
N VAL E 212 -78.84 -30.78 -5.74
CA VAL E 212 -79.89 -31.77 -5.93
C VAL E 212 -80.77 -31.91 -4.70
N ASP E 213 -82.08 -32.06 -4.93
CA ASP E 213 -83.04 -32.29 -3.86
C ASP E 213 -83.71 -33.63 -4.08
N LYS E 214 -83.72 -34.46 -3.05
CA LYS E 214 -84.38 -35.76 -3.14
C LYS E 214 -85.37 -35.95 -1.99
N LYS E 215 -86.65 -35.84 -2.32
CA LYS E 215 -87.71 -36.04 -1.34
C LYS E 215 -87.77 -37.51 -0.95
N ILE E 216 -87.88 -37.77 0.35
CA ILE E 216 -87.96 -39.13 0.86
C ILE E 216 -89.39 -39.63 0.76
N GLU E 217 -89.61 -40.67 -0.03
CA GLU E 217 -90.95 -41.21 -0.25
C GLU E 217 -91.08 -42.60 0.37
N PRO E 218 -92.26 -42.91 0.94
CA PRO E 218 -92.52 -44.26 1.44
C PRO E 218 -92.38 -45.32 0.35
N ARG E 219 -91.97 -46.53 0.74
CA ARG E 219 -91.82 -47.62 -0.22
C ARG E 219 -93.15 -48.33 -0.47
N ASP F 1 -34.34 -46.65 14.77
CA ASP F 1 -35.36 -45.62 15.11
C ASP F 1 -35.92 -45.86 16.51
N ILE F 2 -36.23 -44.77 17.20
CA ILE F 2 -36.80 -44.88 18.55
C ILE F 2 -38.31 -44.96 18.49
N LEU F 3 -38.87 -45.92 19.21
CA LEU F 3 -40.32 -46.13 19.23
C LEU F 3 -40.93 -45.44 20.44
N MET F 4 -41.95 -44.63 20.21
CA MET F 4 -42.64 -43.94 21.28
C MET F 4 -44.01 -44.58 21.49
N THR F 5 -44.18 -45.20 22.65
CA THR F 5 -45.44 -45.87 22.98
C THR F 5 -46.24 -45.03 23.96
N GLN F 6 -47.37 -44.50 23.50
CA GLN F 6 -48.16 -43.58 24.29
C GLN F 6 -49.40 -44.28 24.83
N SER F 7 -49.69 -44.05 26.11
CA SER F 7 -50.84 -44.67 26.75
C SER F 7 -51.60 -43.69 27.63
N PRO F 8 -52.93 -43.81 27.67
CA PRO F 8 -53.72 -44.75 26.86
C PRO F 8 -54.04 -44.14 25.50
N SER F 9 -54.59 -44.94 24.58
CA SER F 9 -54.94 -44.43 23.26
C SER F 9 -56.14 -43.48 23.37
N SER F 10 -56.93 -43.64 24.42
CA SER F 10 -58.04 -42.74 24.69
C SER F 10 -58.51 -42.90 26.13
N MET F 11 -59.13 -41.86 26.68
CA MET F 11 -59.68 -41.93 28.03
C MET F 11 -60.96 -41.12 28.13
N SER F 12 -61.95 -41.69 28.82
CA SER F 12 -63.23 -41.00 29.04
C SER F 12 -63.22 -40.36 30.41
N VAL F 13 -63.10 -39.03 30.44
CA VAL F 13 -62.93 -38.31 31.69
C VAL F 13 -63.94 -37.17 31.79
N SER F 14 -63.95 -36.51 32.95
CA SER F 14 -64.95 -35.49 33.24
C SER F 14 -64.31 -34.13 33.46
N LEU F 15 -65.09 -33.08 33.24
CA LEU F 15 -64.63 -31.73 33.47
C LEU F 15 -64.17 -31.55 34.91
N GLY F 16 -63.04 -30.89 35.09
CA GLY F 16 -62.50 -30.64 36.41
C GLY F 16 -61.60 -31.77 36.91
N ASP F 17 -61.56 -32.88 36.18
CA ASP F 17 -60.73 -34.00 36.56
C ASP F 17 -59.24 -33.68 36.41
N THR F 18 -58.40 -34.49 37.03
CA THR F 18 -56.96 -34.44 36.81
C THR F 18 -56.56 -35.72 36.08
N VAL F 19 -55.85 -35.56 34.98
CA VAL F 19 -55.51 -36.71 34.13
C VAL F 19 -54.05 -36.70 33.73
N SER F 20 -53.48 -37.88 33.59
CA SER F 20 -52.09 -38.02 33.18
C SER F 20 -51.97 -38.91 31.94
N ILE F 21 -51.20 -38.44 30.97
CA ILE F 21 -50.93 -39.18 29.76
C ILE F 21 -49.46 -39.57 29.76
N THR F 22 -49.17 -40.83 29.48
CA THR F 22 -47.79 -41.33 29.56
C THR F 22 -47.21 -41.68 28.20
N CYS F 23 -45.89 -41.69 28.13
CA CYS F 23 -45.19 -42.03 26.90
C CYS F 23 -43.92 -42.80 27.25
N HIS F 24 -43.77 -43.99 26.67
CA HIS F 24 -42.60 -44.81 26.92
C HIS F 24 -41.76 -44.95 25.65
N ALA F 25 -40.48 -44.65 25.76
CA ALA F 25 -39.56 -44.74 24.62
C ALA F 25 -38.76 -46.05 24.69
N SER F 26 -38.36 -46.56 23.52
CA SER F 26 -37.62 -47.81 23.45
C SER F 26 -36.21 -47.67 24.05
N GLN F 27 -35.79 -46.44 24.32
CA GLN F 27 -34.51 -46.20 24.99
C GLN F 27 -34.53 -44.83 25.67
N GLY F 28 -33.58 -44.61 26.59
CA GLY F 28 -33.50 -43.35 27.29
C GLY F 28 -33.32 -42.18 26.35
N ILE F 29 -34.12 -41.13 26.54
CA ILE F 29 -34.04 -39.95 25.69
C ILE F 29 -33.74 -38.68 26.50
N SER F 30 -33.48 -38.85 27.79
CA SER F 30 -32.99 -37.77 28.65
C SER F 30 -33.77 -36.45 28.50
N SER F 31 -35.07 -36.51 28.75
CA SER F 31 -35.94 -35.33 28.71
C SER F 31 -36.08 -34.66 27.34
N ASN F 32 -35.46 -35.23 26.30
CA ASN F 32 -35.57 -34.65 24.96
C ASN F 32 -36.90 -35.04 24.32
N ILE F 33 -37.98 -34.54 24.90
CA ILE F 33 -39.32 -34.90 24.50
C ILE F 33 -40.22 -33.67 24.49
N GLY F 34 -41.19 -33.64 23.59
CA GLY F 34 -42.16 -32.57 23.53
C GLY F 34 -43.56 -33.11 23.59
N TRP F 35 -44.50 -32.26 24.02
CA TRP F 35 -45.91 -32.65 24.05
C TRP F 35 -46.73 -31.68 23.19
N LEU F 36 -47.65 -32.24 22.42
CA LEU F 36 -48.43 -31.47 21.45
C LEU F 36 -49.92 -31.66 21.67
N GLN F 37 -50.69 -30.62 21.35
CA GLN F 37 -52.14 -30.68 21.44
C GLN F 37 -52.75 -30.45 20.07
N GLN F 38 -53.80 -31.19 19.77
CA GLN F 38 -54.56 -30.95 18.55
C GLN F 38 -56.06 -31.01 18.83
N LYS F 39 -56.70 -29.86 18.83
CA LYS F 39 -58.14 -29.79 19.04
C LYS F 39 -58.87 -30.27 17.79
N PRO F 40 -60.11 -30.75 17.96
CA PRO F 40 -60.90 -31.31 16.86
C PRO F 40 -60.91 -30.43 15.61
N GLY F 41 -60.44 -30.99 14.50
CA GLY F 41 -60.46 -30.30 13.22
C GLY F 41 -59.43 -29.20 13.09
N LYS F 42 -58.66 -28.95 14.15
CA LYS F 42 -57.68 -27.88 14.16
C LYS F 42 -56.27 -28.40 13.90
N SER F 43 -55.31 -27.49 13.85
CA SER F 43 -53.90 -27.85 13.71
C SER F 43 -53.28 -28.07 15.09
N PHE F 44 -51.96 -28.10 15.17
CA PHE F 44 -51.27 -28.41 16.41
C PHE F 44 -50.83 -27.17 17.19
N MET F 45 -50.85 -27.29 18.52
CA MET F 45 -50.25 -26.31 19.40
C MET F 45 -49.23 -27.01 20.30
N GLY F 46 -48.07 -26.39 20.48
CA GLY F 46 -47.04 -26.95 21.34
C GLY F 46 -47.36 -26.71 22.80
N LEU F 47 -47.16 -27.74 23.63
CA LEU F 47 -47.43 -27.63 25.06
C LEU F 47 -46.13 -27.64 25.87
N ILE F 48 -45.28 -28.65 25.61
CA ILE F 48 -44.08 -28.86 26.38
C ILE F 48 -42.88 -29.03 25.46
N TYR F 49 -41.73 -28.53 25.90
CA TYR F 49 -40.47 -28.84 25.23
C TYR F 49 -39.42 -29.20 26.28
N TYR F 50 -38.51 -30.10 25.89
CA TYR F 50 -37.50 -30.61 26.79
C TYR F 50 -38.08 -31.08 28.12
N GLY F 51 -39.15 -31.85 28.04
CA GLY F 51 -39.67 -32.59 29.18
C GLY F 51 -40.61 -31.85 30.11
N THR F 52 -40.25 -30.64 30.53
CA THR F 52 -40.96 -29.98 31.62
C THR F 52 -41.29 -28.51 31.37
N ASN F 53 -40.82 -27.96 30.26
CA ASN F 53 -40.97 -26.52 30.03
C ASN F 53 -42.18 -26.18 29.17
N LEU F 54 -43.12 -25.44 29.77
CA LEU F 54 -44.30 -24.98 29.05
C LEU F 54 -43.90 -24.02 27.94
N VAL F 55 -44.47 -24.21 26.77
CA VAL F 55 -44.33 -23.24 25.69
C VAL F 55 -44.98 -21.94 26.13
N ASP F 56 -44.40 -20.81 25.72
CA ASP F 56 -44.94 -19.51 26.10
C ASP F 56 -46.43 -19.44 25.80
N GLY F 57 -47.24 -19.14 26.81
CA GLY F 57 -48.66 -18.92 26.64
C GLY F 57 -49.53 -20.07 27.10
N VAL F 58 -48.93 -21.23 27.34
CA VAL F 58 -49.68 -22.41 27.72
C VAL F 58 -50.19 -22.31 29.17
N PRO F 59 -51.48 -22.62 29.39
CA PRO F 59 -52.09 -22.56 30.73
C PRO F 59 -51.32 -23.36 31.78
N SER F 60 -51.26 -22.83 33.00
CA SER F 60 -50.48 -23.44 34.06
C SER F 60 -51.00 -24.83 34.46
N ARG F 61 -52.24 -25.14 34.09
CA ARG F 61 -52.81 -26.44 34.45
C ARG F 61 -52.11 -27.58 33.71
N PHE F 62 -51.33 -27.24 32.70
CA PHE F 62 -50.53 -28.23 31.99
C PHE F 62 -49.14 -28.35 32.62
N SER F 63 -48.63 -29.56 32.71
CA SER F 63 -47.27 -29.78 33.21
C SER F 63 -46.72 -31.10 32.71
N GLY F 64 -45.40 -31.14 32.47
CA GLY F 64 -44.75 -32.34 32.00
C GLY F 64 -43.73 -32.84 33.01
N SER F 65 -43.44 -34.14 32.96
CA SER F 65 -42.50 -34.73 33.91
C SER F 65 -41.93 -36.05 33.39
N GLY F 66 -40.95 -36.58 34.11
CA GLY F 66 -40.36 -37.86 33.77
C GLY F 66 -38.86 -37.80 33.56
N SER F 67 -38.27 -38.95 33.24
CA SER F 67 -36.84 -39.03 32.95
C SER F 67 -36.56 -40.40 32.33
N GLY F 68 -35.35 -40.59 31.83
CA GLY F 68 -34.99 -41.83 31.18
C GLY F 68 -35.84 -42.08 29.96
N ALA F 69 -36.71 -43.07 30.04
CA ALA F 69 -37.54 -43.48 28.90
C ALA F 69 -39.03 -43.30 29.17
N ASP F 70 -39.38 -42.78 30.34
CA ASP F 70 -40.78 -42.63 30.73
C ASP F 70 -41.13 -41.20 31.08
N TYR F 71 -42.22 -40.71 30.48
CA TYR F 71 -42.62 -39.31 30.67
C TYR F 71 -44.13 -39.16 30.74
N SER F 72 -44.59 -38.09 31.37
CA SER F 72 -46.01 -37.86 31.58
C SER F 72 -46.41 -36.42 31.29
N LEU F 73 -47.59 -36.25 30.68
CA LEU F 73 -48.22 -34.96 30.57
C LEU F 73 -49.42 -34.96 31.51
N THR F 74 -49.51 -33.95 32.37
CA THR F 74 -50.57 -33.92 33.37
C THR F 74 -51.39 -32.65 33.26
N ILE F 75 -52.72 -32.82 33.17
CA ILE F 75 -53.63 -31.69 33.13
C ILE F 75 -54.44 -31.67 34.42
N SER F 76 -54.24 -30.61 35.20
CA SER F 76 -54.96 -30.46 36.47
C SER F 76 -56.25 -29.67 36.29
N SER F 77 -57.38 -30.30 36.61
CA SER F 77 -58.67 -29.65 36.49
C SER F 77 -58.99 -29.34 35.03
N LEU F 78 -59.51 -30.34 34.31
CA LEU F 78 -59.82 -30.20 32.89
C LEU F 78 -60.77 -29.05 32.58
N ASP F 79 -60.42 -28.27 31.56
CA ASP F 79 -61.31 -27.27 31.00
C ASP F 79 -62.01 -27.89 29.79
N SER F 80 -63.10 -27.27 29.34
CA SER F 80 -63.83 -27.77 28.20
C SER F 80 -62.97 -27.82 26.94
N GLU F 81 -61.98 -26.94 26.86
CA GLU F 81 -61.10 -26.86 25.70
C GLU F 81 -60.04 -27.95 25.69
N ASP F 82 -59.93 -28.70 26.78
CA ASP F 82 -58.87 -29.68 26.92
C ASP F 82 -59.23 -31.04 26.31
N PHE F 83 -60.47 -31.17 25.87
CA PHE F 83 -60.88 -32.41 25.21
C PHE F 83 -60.39 -32.41 23.76
N ALA F 84 -59.26 -33.09 23.54
CA ALA F 84 -58.57 -33.04 22.27
C ALA F 84 -57.62 -34.22 22.15
N ASP F 85 -56.80 -34.24 21.10
CA ASP F 85 -55.77 -35.25 20.93
C ASP F 85 -54.43 -34.73 21.43
N TYR F 86 -53.68 -35.59 22.09
CA TYR F 86 -52.34 -35.23 22.57
C TYR F 86 -51.31 -36.22 22.06
N TYR F 87 -50.14 -35.71 21.67
CA TYR F 87 -49.08 -36.55 21.15
C TYR F 87 -47.76 -36.19 21.81
N CYS F 88 -46.90 -37.18 21.98
CA CYS F 88 -45.54 -36.93 22.41
C CYS F 88 -44.60 -37.08 21.21
N VAL F 89 -43.48 -36.37 21.25
CA VAL F 89 -42.47 -36.48 20.21
C VAL F 89 -41.08 -36.45 20.82
N GLN F 90 -40.22 -37.36 20.39
CA GLN F 90 -38.83 -37.40 20.86
C GLN F 90 -37.92 -36.82 19.80
N TYR F 91 -36.95 -36.02 20.22
CA TYR F 91 -35.94 -35.53 19.31
C TYR F 91 -34.54 -35.77 19.85
N ALA F 92 -34.39 -36.85 20.61
CA ALA F 92 -33.08 -37.30 21.06
C ALA F 92 -32.26 -37.78 19.87
N GLN F 93 -32.95 -38.37 18.90
CA GLN F 93 -32.29 -38.89 17.71
C GLN F 93 -33.07 -38.62 16.45
N LEU F 94 -32.36 -38.37 15.36
CA LEU F 94 -32.97 -38.41 14.03
C LEU F 94 -33.11 -39.88 13.64
N PRO F 95 -34.26 -40.26 13.06
CA PRO F 95 -35.41 -39.39 12.80
C PRO F 95 -36.25 -39.13 14.04
N TYR F 96 -36.79 -37.92 14.15
CA TYR F 96 -37.78 -37.61 15.18
C TYR F 96 -38.95 -38.57 15.02
N THR F 97 -39.53 -39.01 16.14
CA THR F 97 -40.65 -39.94 16.10
C THR F 97 -41.73 -39.56 17.11
N PHE F 98 -42.97 -39.93 16.80
CA PHE F 98 -44.12 -39.52 17.59
C PHE F 98 -44.81 -40.69 18.26
N GLY F 99 -45.53 -40.39 19.34
CA GLY F 99 -46.39 -41.38 19.98
C GLY F 99 -47.65 -41.56 19.16
N GLY F 100 -48.43 -42.59 19.49
CA GLY F 100 -49.62 -42.92 18.73
C GLY F 100 -50.78 -41.98 18.99
N GLY F 101 -50.71 -41.23 20.08
CA GLY F 101 -51.72 -40.25 20.41
C GLY F 101 -52.65 -40.68 21.54
N THR F 102 -53.22 -39.70 22.22
CA THR F 102 -54.20 -39.94 23.27
C THR F 102 -55.37 -38.98 23.06
N LYS F 103 -56.58 -39.53 23.02
CA LYS F 103 -57.78 -38.71 22.83
C LYS F 103 -58.58 -38.62 24.12
N LEU F 104 -58.75 -37.40 24.64
CA LEU F 104 -59.60 -37.19 25.80
C LEU F 104 -61.04 -36.99 25.36
N GLU F 105 -61.93 -37.82 25.90
CA GLU F 105 -63.34 -37.79 25.55
C GLU F 105 -64.19 -37.51 26.78
N ILE F 106 -65.38 -36.98 26.55
CA ILE F 106 -66.29 -36.64 27.65
C ILE F 106 -66.98 -37.88 28.19
N LYS F 107 -66.92 -38.04 29.51
CA LYS F 107 -67.56 -39.18 30.16
C LYS F 107 -69.05 -38.95 30.30
N ARG F 108 -69.83 -39.98 30.03
N ARG F 108 -69.84 -39.97 30.03
CA ARG F 108 -71.29 -39.90 30.15
CA ARG F 108 -71.28 -39.90 30.22
C ARG F 108 -71.90 -41.30 30.25
C ARG F 108 -71.85 -41.30 30.44
N ALA F 109 -73.16 -41.36 30.65
CA ALA F 109 -73.83 -42.64 30.89
C ALA F 109 -73.91 -43.49 29.63
N ASP F 110 -73.70 -44.81 29.79
CA ASP F 110 -73.84 -45.74 28.68
C ASP F 110 -75.18 -45.56 27.99
N ALA F 111 -75.20 -45.84 26.68
CA ALA F 111 -76.43 -45.74 25.89
C ALA F 111 -76.36 -46.69 24.70
N ALA F 112 -77.38 -47.51 24.54
CA ALA F 112 -77.44 -48.48 23.45
C ALA F 112 -77.78 -47.76 22.14
N PRO F 113 -77.28 -48.29 21.02
CA PRO F 113 -77.50 -47.68 19.71
C PRO F 113 -78.92 -47.85 19.19
N THR F 114 -79.40 -46.85 18.46
CA THR F 114 -80.64 -46.97 17.70
C THR F 114 -80.27 -47.41 16.30
N VAL F 115 -80.61 -48.64 15.95
CA VAL F 115 -80.20 -49.21 14.67
C VAL F 115 -81.33 -49.19 13.64
N SER F 116 -81.00 -48.69 12.44
CA SER F 116 -81.94 -48.65 11.34
C SER F 116 -81.28 -49.22 10.09
N ILE F 117 -82.02 -50.06 9.35
CA ILE F 117 -81.50 -50.63 8.12
C ILE F 117 -82.31 -50.13 6.92
N PHE F 118 -81.62 -49.88 5.81
CA PHE F 118 -82.25 -49.35 4.61
C PHE F 118 -81.83 -50.12 3.37
N PRO F 119 -82.80 -50.75 2.68
CA PRO F 119 -82.47 -51.39 1.41
C PRO F 119 -82.16 -50.37 0.34
N PRO F 120 -81.62 -50.81 -0.81
CA PRO F 120 -81.28 -49.90 -1.92
C PRO F 120 -82.49 -49.15 -2.43
N SER F 121 -82.28 -47.94 -2.93
CA SER F 121 -83.36 -47.15 -3.50
C SER F 121 -83.59 -47.54 -4.95
N SER F 122 -84.76 -47.21 -5.46
CA SER F 122 -85.10 -47.51 -6.85
C SER F 122 -84.10 -46.84 -7.78
N GLU F 123 -83.82 -45.56 -7.52
CA GLU F 123 -82.89 -44.79 -8.35
C GLU F 123 -81.57 -45.53 -8.53
N GLN F 124 -80.99 -45.99 -7.43
CA GLN F 124 -79.69 -46.65 -7.47
C GLN F 124 -79.76 -48.01 -8.15
N LEU F 125 -80.89 -48.70 -8.01
CA LEU F 125 -81.04 -50.02 -8.59
C LEU F 125 -81.11 -49.95 -10.11
N THR F 126 -81.78 -48.93 -10.63
CA THR F 126 -81.89 -48.77 -12.08
C THR F 126 -80.53 -48.49 -12.70
N SER F 127 -79.60 -48.01 -11.90
CA SER F 127 -78.26 -47.69 -12.38
C SER F 127 -77.27 -48.84 -12.14
N GLY F 128 -77.79 -49.99 -11.73
CA GLY F 128 -76.98 -51.19 -11.60
C GLY F 128 -76.28 -51.36 -10.26
N GLY F 129 -76.46 -50.40 -9.36
CA GLY F 129 -75.85 -50.46 -8.05
C GLY F 129 -76.84 -50.83 -6.97
N ALA F 130 -76.34 -51.37 -5.86
CA ALA F 130 -77.20 -51.75 -4.75
C ALA F 130 -76.50 -51.56 -3.41
N SER F 131 -76.77 -50.44 -2.75
CA SER F 131 -76.19 -50.15 -1.45
C SER F 131 -77.21 -50.39 -0.35
N VAL F 132 -76.79 -51.11 0.69
CA VAL F 132 -77.62 -51.32 1.86
C VAL F 132 -77.01 -50.55 3.01
N VAL F 133 -77.76 -49.61 3.56
CA VAL F 133 -77.22 -48.70 4.57
C VAL F 133 -77.74 -49.06 5.96
N CYS F 134 -76.85 -48.97 6.94
CA CYS F 134 -77.21 -49.25 8.33
C CYS F 134 -76.71 -48.11 9.22
N PHE F 135 -77.63 -47.46 9.93
CA PHE F 135 -77.27 -46.40 10.86
C PHE F 135 -77.32 -46.93 12.29
N LEU F 136 -76.28 -46.63 13.06
CA LEU F 136 -76.24 -46.96 14.48
C LEU F 136 -76.01 -45.67 15.25
N ASN F 137 -77.08 -45.12 15.81
CA ASN F 137 -77.06 -43.75 16.31
C ASN F 137 -77.12 -43.59 17.83
N ASN F 138 -76.58 -42.47 18.29
CA ASN F 138 -76.54 -42.10 19.69
C ASN F 138 -76.24 -43.22 20.68
N PHE F 139 -75.05 -43.81 20.56
CA PHE F 139 -74.61 -44.83 21.50
C PHE F 139 -73.38 -44.38 22.26
N TYR F 140 -73.16 -44.98 23.42
CA TYR F 140 -71.97 -44.70 24.23
C TYR F 140 -71.69 -45.90 25.12
N PRO F 141 -70.41 -46.26 25.28
CA PRO F 141 -69.20 -45.63 24.71
C PRO F 141 -69.04 -45.84 23.21
N LYS F 142 -67.98 -45.25 22.65
CA LYS F 142 -67.78 -45.26 21.20
C LYS F 142 -67.43 -46.65 20.67
N ASP F 143 -66.89 -47.49 21.52
CA ASP F 143 -66.45 -48.82 21.11
C ASP F 143 -67.66 -49.65 20.66
N ILE F 144 -67.66 -50.03 19.39
CA ILE F 144 -68.76 -50.81 18.83
C ILE F 144 -68.31 -51.65 17.64
N ASN F 145 -68.99 -52.77 17.45
CA ASN F 145 -68.73 -53.66 16.32
CA ASN F 145 -68.72 -53.67 16.33
C ASN F 145 -70.00 -53.95 15.54
N VAL F 146 -69.93 -53.82 14.23
CA VAL F 146 -71.06 -54.10 13.36
C VAL F 146 -70.70 -55.24 12.42
N LYS F 147 -71.69 -56.08 12.13
CA LYS F 147 -71.47 -57.24 11.28
C LYS F 147 -72.63 -57.42 10.30
N TRP F 148 -72.31 -57.47 9.02
CA TRP F 148 -73.31 -57.74 7.99
C TRP F 148 -73.46 -59.25 7.79
N LYS F 149 -74.70 -59.68 7.57
CA LYS F 149 -74.97 -61.08 7.27
C LYS F 149 -75.90 -61.18 6.06
N ILE F 150 -75.51 -61.99 5.09
CA ILE F 150 -76.34 -62.25 3.93
C ILE F 150 -76.80 -63.70 3.96
N ASP F 151 -78.10 -63.91 4.09
CA ASP F 151 -78.67 -65.24 4.24
C ASP F 151 -78.03 -65.98 5.41
N GLY F 152 -77.75 -65.25 6.49
CA GLY F 152 -77.26 -65.85 7.71
C GLY F 152 -75.74 -65.92 7.81
N SER F 153 -75.04 -65.67 6.71
CA SER F 153 -73.58 -65.80 6.69
C SER F 153 -72.90 -64.43 6.63
N GLU F 154 -71.84 -64.29 7.42
CA GLU F 154 -71.14 -63.00 7.55
C GLU F 154 -70.50 -62.55 6.24
N ARG F 155 -70.69 -61.27 5.92
CA ARG F 155 -70.15 -60.68 4.71
C ARG F 155 -69.11 -59.61 5.06
N GLN F 156 -67.94 -59.68 4.43
CA GLN F 156 -66.85 -58.77 4.75
C GLN F 156 -66.23 -58.15 3.49
N ASN F 157 -67.06 -57.93 2.47
CA ASN F 157 -66.57 -57.32 1.23
C ASN F 157 -67.55 -56.26 0.72
N GLY F 158 -67.06 -55.04 0.54
CA GLY F 158 -67.88 -53.95 0.09
C GLY F 158 -68.53 -53.21 1.25
N VAL F 159 -67.90 -53.27 2.41
CA VAL F 159 -68.40 -52.61 3.60
C VAL F 159 -67.59 -51.35 3.91
N LEU F 160 -68.22 -50.19 3.79
CA LEU F 160 -67.57 -48.93 4.15
C LEU F 160 -68.24 -48.33 5.39
N ASN F 161 -67.43 -48.04 6.40
CA ASN F 161 -67.93 -47.50 7.66
C ASN F 161 -67.45 -46.08 7.91
N SER F 162 -68.27 -45.31 8.61
CA SER F 162 -67.93 -43.93 8.95
C SER F 162 -68.48 -43.59 10.32
N TRP F 163 -67.66 -42.93 11.13
CA TRP F 163 -68.04 -42.56 12.49
C TRP F 163 -68.07 -41.06 12.68
N THR F 164 -69.03 -40.57 13.45
CA THR F 164 -69.07 -39.15 13.79
C THR F 164 -68.21 -38.88 15.02
N ASP F 165 -67.81 -37.63 15.19
CA ASP F 165 -67.14 -37.21 16.42
C ASP F 165 -68.16 -37.21 17.55
N GLN F 166 -67.68 -37.21 18.79
CA GLN F 166 -68.57 -37.19 19.94
C GLN F 166 -69.52 -36.01 19.81
N ASP F 167 -70.82 -36.30 19.95
CA ASP F 167 -71.85 -35.28 19.77
C ASP F 167 -71.70 -34.20 20.82
N SER F 168 -71.69 -32.94 20.38
CA SER F 168 -71.52 -31.81 21.27
C SER F 168 -72.68 -31.69 22.28
N LYS F 169 -73.87 -32.07 21.84
CA LYS F 169 -75.06 -31.94 22.68
C LYS F 169 -75.12 -33.01 23.76
N ASP F 170 -75.25 -34.28 23.35
CA ASP F 170 -75.45 -35.36 24.30
C ASP F 170 -74.22 -36.24 24.52
N SER F 171 -73.12 -35.92 23.85
CA SER F 171 -71.85 -36.63 24.04
C SER F 171 -71.92 -38.10 23.64
N THR F 172 -72.82 -38.43 22.71
CA THR F 172 -72.91 -39.80 22.22
C THR F 172 -72.14 -39.95 20.91
N TYR F 173 -72.12 -41.17 20.36
CA TYR F 173 -71.46 -41.43 19.09
C TYR F 173 -72.45 -42.05 18.12
N SER F 174 -72.17 -41.92 16.83
CA SER F 174 -73.00 -42.54 15.80
C SER F 174 -72.13 -43.13 14.71
N MET F 175 -72.68 -44.11 14.00
CA MET F 175 -71.94 -44.82 12.98
C MET F 175 -72.82 -45.10 11.78
N SER F 176 -72.23 -45.03 10.60
CA SER F 176 -72.91 -45.39 9.37
C SER F 176 -72.13 -46.52 8.70
N SER F 177 -72.85 -47.56 8.30
CA SER F 177 -72.23 -48.70 7.62
C SER F 177 -72.98 -49.00 6.34
N THR F 178 -72.23 -49.01 5.22
CA THR F 178 -72.83 -49.22 3.91
C THR F 178 -72.23 -50.43 3.22
N LEU F 179 -73.09 -51.41 2.94
CA LEU F 179 -72.69 -52.57 2.15
C LEU F 179 -73.08 -52.32 0.70
N THR F 180 -72.09 -52.13 -0.16
CA THR F 180 -72.34 -51.86 -1.56
C THR F 180 -72.11 -53.11 -2.41
N LEU F 181 -73.18 -53.55 -3.07
CA LEU F 181 -73.11 -54.68 -3.99
C LEU F 181 -73.56 -54.22 -5.37
N THR F 182 -73.33 -55.07 -6.37
CA THR F 182 -73.92 -54.83 -7.67
C THR F 182 -75.38 -55.24 -7.61
N LYS F 183 -76.22 -54.57 -8.40
CA LYS F 183 -77.62 -54.96 -8.51
C LYS F 183 -77.70 -56.45 -8.77
N ASP F 184 -76.74 -56.95 -9.56
CA ASP F 184 -76.66 -58.36 -9.91
C ASP F 184 -76.62 -59.25 -8.67
N GLU F 185 -75.54 -59.13 -7.89
CA GLU F 185 -75.36 -59.98 -6.72
C GLU F 185 -76.45 -59.75 -5.68
N TYR F 186 -77.02 -58.55 -5.68
CA TYR F 186 -78.05 -58.20 -4.70
C TYR F 186 -79.26 -59.11 -4.83
N GLU F 187 -79.58 -59.51 -6.06
CA GLU F 187 -80.73 -60.37 -6.32
C GLU F 187 -80.40 -61.84 -6.16
N ARG F 188 -79.14 -62.15 -5.88
CA ARG F 188 -78.72 -63.53 -5.67
C ARG F 188 -78.83 -63.95 -4.20
N HIS F 189 -79.31 -63.04 -3.35
CA HIS F 189 -79.55 -63.35 -1.95
C HIS F 189 -80.91 -62.80 -1.53
N ASN F 190 -81.31 -63.09 -0.30
CA ASN F 190 -82.65 -62.72 0.17
C ASN F 190 -82.64 -61.81 1.39
N SER F 191 -82.22 -62.33 2.54
CA SER F 191 -82.26 -61.58 3.78
C SER F 191 -80.95 -60.85 4.04
N TYR F 192 -81.05 -59.56 4.33
CA TYR F 192 -79.88 -58.74 4.65
C TYR F 192 -79.98 -58.24 6.08
N THR F 193 -78.93 -58.51 6.85
CA THR F 193 -78.95 -58.26 8.29
C THR F 193 -77.80 -57.37 8.75
N CYS F 194 -78.11 -56.47 9.67
CA CYS F 194 -77.11 -55.59 10.28
C CYS F 194 -77.06 -55.90 11.77
N GLU F 195 -75.93 -56.41 12.24
CA GLU F 195 -75.79 -56.80 13.64
C GLU F 195 -74.83 -55.88 14.39
N ALA F 196 -75.28 -55.37 15.52
CA ALA F 196 -74.46 -54.46 16.32
C ALA F 196 -74.17 -55.06 17.69
N THR F 197 -72.89 -55.15 18.02
CA THR F 197 -72.46 -55.62 19.34
C THR F 197 -71.94 -54.43 20.14
N HIS F 198 -72.53 -54.22 21.32
CA HIS F 198 -72.20 -53.08 22.15
C HIS F 198 -72.34 -53.46 23.63
N LYS F 199 -71.54 -52.84 24.49
CA LYS F 199 -71.48 -53.23 25.89
C LYS F 199 -72.82 -53.09 26.62
N THR F 200 -73.73 -52.32 26.04
CA THR F 200 -75.04 -52.10 26.65
C THR F 200 -75.95 -53.32 26.57
N SER F 201 -75.58 -54.28 25.73
CA SER F 201 -76.41 -55.47 25.55
C SER F 201 -75.56 -56.72 25.35
N THR F 202 -75.93 -57.78 26.05
CA THR F 202 -75.25 -59.06 25.91
C THR F 202 -75.54 -59.68 24.54
N SER F 203 -76.76 -59.50 24.07
CA SER F 203 -77.15 -59.98 22.75
C SER F 203 -77.11 -58.84 21.73
N PRO F 204 -76.69 -59.15 20.49
CA PRO F 204 -76.56 -58.12 19.44
C PRO F 204 -77.89 -57.48 19.08
N ILE F 205 -77.85 -56.20 18.71
CA ILE F 205 -79.02 -55.55 18.13
C ILE F 205 -79.11 -55.98 16.67
N VAL F 206 -80.23 -56.59 16.30
CA VAL F 206 -80.38 -57.15 14.97
C VAL F 206 -81.50 -56.46 14.20
N LYS F 207 -81.14 -55.87 13.07
CA LYS F 207 -82.13 -55.28 12.16
C LYS F 207 -81.97 -55.92 10.78
N SER F 208 -83.09 -56.36 10.22
CA SER F 208 -83.07 -57.10 8.96
C SER F 208 -84.22 -56.74 8.05
N PHE F 209 -84.14 -57.21 6.82
CA PHE F 209 -85.24 -57.11 5.87
C PHE F 209 -85.04 -58.17 4.79
N ASN F 210 -86.15 -58.65 4.24
CA ASN F 210 -86.08 -59.63 3.16
C ASN F 210 -86.31 -58.96 1.81
N ARG F 211 -85.44 -59.26 0.85
CA ARG F 211 -85.56 -58.70 -0.48
C ARG F 211 -86.93 -59.08 -1.05
N ASN F 212 -87.42 -58.27 -1.99
CA ASN F 212 -88.75 -58.48 -2.57
C ASN F 212 -89.86 -58.21 -1.55
N GLU F 213 -89.93 -59.06 -0.53
CA GLU F 213 -90.95 -58.91 0.52
C GLU F 213 -91.00 -57.49 1.07
N CYS F 214 -92.20 -57.06 1.44
CA CYS F 214 -92.39 -55.76 2.07
C CYS F 214 -93.56 -55.82 3.05
N GLU G 1 27.14 40.61 -24.02
CA GLU G 1 28.57 40.18 -24.08
C GLU G 1 28.97 39.49 -22.78
N VAL G 2 29.65 38.35 -22.90
CA VAL G 2 30.07 37.58 -21.74
C VAL G 2 31.26 38.23 -21.04
N GLN G 3 31.07 38.60 -19.78
CA GLN G 3 32.15 39.17 -18.97
C GLN G 3 32.03 38.67 -17.53
N LEU G 4 33.18 38.43 -16.90
CA LEU G 4 33.21 37.97 -15.53
C LEU G 4 33.94 38.96 -14.63
N GLN G 5 33.18 39.82 -13.95
CA GLN G 5 33.75 40.81 -13.05
C GLN G 5 34.07 40.21 -11.69
N GLN G 6 35.35 40.00 -11.42
CA GLN G 6 35.80 39.48 -10.13
C GLN G 6 36.01 40.62 -9.13
N SER G 7 36.22 40.26 -7.87
CA SER G 7 36.42 41.24 -6.82
C SER G 7 37.81 41.88 -6.93
N GLY G 8 38.00 42.99 -6.22
CA GLY G 8 39.27 43.69 -6.25
C GLY G 8 40.36 42.93 -5.51
N ALA G 9 41.59 43.41 -5.64
CA ALA G 9 42.73 42.77 -4.97
C ALA G 9 42.46 42.63 -3.48
N GLU G 10 42.83 41.49 -2.93
CA GLU G 10 42.63 41.21 -1.51
C GLU G 10 43.95 41.22 -0.74
N LEU G 11 43.89 41.70 0.50
CA LEU G 11 45.06 41.73 1.37
C LEU G 11 44.63 41.31 2.78
N VAL G 12 45.21 40.21 3.26
CA VAL G 12 44.84 39.65 4.55
C VAL G 12 46.03 39.01 5.24
N LYS G 13 45.91 38.77 6.55
CA LYS G 13 46.99 38.19 7.32
C LYS G 13 46.88 36.67 7.37
N PRO G 14 48.02 35.98 7.54
CA PRO G 14 48.06 34.51 7.55
C PRO G 14 47.20 33.90 8.65
N GLY G 15 46.46 32.85 8.33
CA GLY G 15 45.61 32.18 9.28
C GLY G 15 44.15 32.59 9.12
N ALA G 16 43.92 33.75 8.52
CA ALA G 16 42.57 34.26 8.30
C ALA G 16 41.93 33.57 7.11
N SER G 17 40.69 33.95 6.81
CA SER G 17 39.95 33.37 5.70
C SER G 17 39.39 34.46 4.79
N VAL G 18 39.60 34.30 3.48
CA VAL G 18 39.14 35.28 2.51
C VAL G 18 38.10 34.65 1.59
N LYS G 19 37.23 35.48 1.01
CA LYS G 19 36.18 35.00 0.12
C LYS G 19 36.09 35.87 -1.13
N LEU G 20 36.62 35.36 -2.24
CA LEU G 20 36.57 36.07 -3.52
C LEU G 20 35.19 35.92 -4.15
N SER G 21 34.94 36.69 -5.20
CA SER G 21 33.67 36.62 -5.90
C SER G 21 33.84 36.75 -7.41
N CYS G 22 32.86 36.29 -8.16
CA CYS G 22 32.90 36.32 -9.62
C CYS G 22 31.52 36.65 -10.18
N THR G 23 31.24 37.93 -10.34
CA THR G 23 29.93 38.39 -10.79
C THR G 23 29.78 38.26 -12.30
N ALA G 24 28.68 37.65 -12.74
CA ALA G 24 28.44 37.44 -14.16
C ALA G 24 27.78 38.66 -14.80
N SER G 25 28.21 38.98 -16.02
CA SER G 25 27.67 40.12 -16.75
C SER G 25 27.31 39.72 -18.18
N GLY G 26 26.05 39.92 -18.55
CA GLY G 26 25.59 39.63 -19.90
C GLY G 26 25.12 38.20 -20.08
N PHE G 27 24.94 37.49 -18.97
CA PHE G 27 24.45 36.12 -19.03
C PHE G 27 24.07 35.63 -17.63
N ASN G 28 23.29 34.55 -17.59
CA ASN G 28 22.89 33.95 -16.32
C ASN G 28 23.96 32.98 -15.83
N ILE G 29 24.49 33.23 -14.63
CA ILE G 29 25.53 32.40 -14.05
C ILE G 29 25.14 30.92 -14.08
N LYS G 30 23.84 30.67 -14.04
CA LYS G 30 23.31 29.31 -13.99
C LYS G 30 23.52 28.55 -15.30
N ASP G 31 23.98 29.25 -16.34
CA ASP G 31 24.05 28.68 -17.67
C ASP G 31 25.08 27.56 -17.83
N THR G 32 26.22 27.67 -17.14
CA THR G 32 27.32 26.74 -17.33
C THR G 32 28.08 26.44 -16.05
N TYR G 33 29.04 25.53 -16.15
CA TYR G 33 29.99 25.30 -15.08
C TYR G 33 30.76 26.58 -14.81
N VAL G 34 31.32 26.69 -13.61
CA VAL G 34 32.19 27.82 -13.28
C VAL G 34 33.43 27.29 -12.55
N HIS G 35 34.59 27.47 -13.17
CA HIS G 35 35.83 26.95 -12.63
C HIS G 35 36.65 28.05 -11.97
N TRP G 36 37.49 27.67 -11.02
CA TRP G 36 38.43 28.59 -10.39
C TRP G 36 39.85 28.10 -10.61
N VAL G 37 40.72 29.00 -11.05
CA VAL G 37 42.11 28.66 -11.34
C VAL G 37 43.07 29.50 -10.51
N LYS G 38 44.22 28.93 -10.19
CA LYS G 38 45.25 29.59 -9.39
C LYS G 38 46.50 29.77 -10.24
N GLN G 39 47.08 30.97 -10.20
CA GLN G 39 48.29 31.24 -10.97
C GLN G 39 49.40 31.83 -10.10
N ARG G 40 50.57 31.20 -10.16
CA ARG G 40 51.76 31.74 -9.50
C ARG G 40 52.88 31.87 -10.51
N PRO G 41 53.82 32.80 -10.25
CA PRO G 41 54.96 33.03 -11.15
C PRO G 41 55.82 31.78 -11.35
N GLU G 42 56.05 31.02 -10.28
CA GLU G 42 56.93 29.86 -10.33
C GLU G 42 56.17 28.59 -10.68
N GLN G 43 55.12 28.30 -9.92
CA GLN G 43 54.37 27.05 -10.07
C GLN G 43 53.57 27.02 -11.36
N GLY G 44 53.01 28.18 -11.73
CA GLY G 44 52.22 28.29 -12.94
C GLY G 44 50.73 28.23 -12.65
N LEU G 45 49.98 27.58 -13.54
CA LEU G 45 48.53 27.50 -13.42
C LEU G 45 48.08 26.21 -12.75
N GLU G 46 47.06 26.32 -11.92
CA GLU G 46 46.53 25.16 -11.19
C GLU G 46 45.02 25.24 -11.07
N TRP G 47 44.35 24.16 -11.46
CA TRP G 47 42.89 24.08 -11.38
C TRP G 47 42.46 23.79 -9.93
N ILE G 48 41.63 24.68 -9.39
CA ILE G 48 41.15 24.52 -8.01
C ILE G 48 39.92 23.63 -7.96
N GLY G 49 38.94 23.90 -8.81
CA GLY G 49 37.71 23.12 -8.84
C GLY G 49 36.66 23.77 -9.71
N ARG G 50 35.44 23.22 -9.68
CA ARG G 50 34.33 23.78 -10.45
C ARG G 50 33.03 23.69 -9.68
N ILE G 51 31.99 24.31 -10.22
CA ILE G 51 30.66 24.23 -9.63
C ILE G 51 29.60 24.36 -10.71
N ASP G 52 28.43 23.78 -10.47
CA ASP G 52 27.29 23.94 -11.36
C ASP G 52 26.24 24.78 -10.66
N PRO G 53 26.27 26.10 -10.87
CA PRO G 53 25.41 27.04 -10.14
C PRO G 53 23.93 26.66 -10.18
N ALA G 54 23.55 25.78 -11.10
CA ALA G 54 22.16 25.34 -11.20
C ALA G 54 21.76 24.47 -10.02
N ASN G 55 22.64 23.55 -9.62
CA ASN G 55 22.32 22.59 -8.57
C ASN G 55 23.32 22.58 -7.41
N GLY G 56 24.38 23.38 -7.51
CA GLY G 56 25.32 23.54 -6.42
C GLY G 56 26.43 22.50 -6.36
N TYR G 57 26.27 21.40 -7.10
CA TYR G 57 27.26 20.33 -7.09
C TYR G 57 28.64 20.83 -7.52
N THR G 58 29.66 20.45 -6.76
CA THR G 58 31.02 20.92 -7.02
C THR G 58 32.01 19.77 -7.21
N LYS G 59 33.18 20.13 -7.73
CA LYS G 59 34.31 19.20 -7.85
C LYS G 59 35.57 19.96 -7.49
N TYR G 60 36.58 19.27 -6.98
CA TYR G 60 37.83 19.92 -6.59
C TYR G 60 39.03 19.08 -7.00
N ASP G 61 40.18 19.75 -7.11
CA ASP G 61 41.46 19.05 -7.16
C ASP G 61 41.77 18.68 -5.71
N PRO G 62 42.04 17.41 -5.44
CA PRO G 62 42.27 16.97 -4.05
C PRO G 62 43.31 17.81 -3.29
N LYS G 63 44.18 18.51 -4.03
CA LYS G 63 45.19 19.34 -3.40
C LYS G 63 44.58 20.52 -2.64
N PHE G 64 43.36 20.89 -2.99
CA PHE G 64 42.69 22.03 -2.36
C PHE G 64 41.51 21.60 -1.50
N GLN G 65 41.50 20.33 -1.11
CA GLN G 65 40.41 19.81 -0.28
C GLN G 65 40.49 20.39 1.13
N GLY G 66 39.44 21.09 1.54
CA GLY G 66 39.39 21.69 2.87
C GLY G 66 39.80 23.14 2.84
N LYS G 67 40.77 23.48 2.01
CA LYS G 67 41.25 24.85 1.91
C LYS G 67 40.34 25.69 1.02
N ALA G 68 39.93 25.12 -0.11
CA ALA G 68 39.08 25.83 -1.06
C ALA G 68 37.63 25.37 -0.97
N THR G 69 36.71 26.33 -0.99
CA THR G 69 35.29 26.04 -0.95
C THR G 69 34.56 26.91 -1.98
N ILE G 70 34.08 26.28 -3.04
CA ILE G 70 33.40 27.00 -4.12
C ILE G 70 31.89 26.98 -3.90
N THR G 71 31.28 28.16 -3.93
CA THR G 71 29.84 28.29 -3.77
C THR G 71 29.27 29.23 -4.82
N ALA G 72 27.95 29.34 -4.87
CA ALA G 72 27.29 30.19 -5.85
C ALA G 72 25.89 30.58 -5.41
N ASP G 73 25.37 31.67 -5.99
CA ASP G 73 24.04 32.15 -5.68
C ASP G 73 23.41 32.78 -6.91
N THR G 74 22.52 32.03 -7.57
CA THR G 74 21.88 32.50 -8.80
C THR G 74 21.11 33.80 -8.55
N SER G 75 20.66 33.98 -7.32
CA SER G 75 19.95 35.20 -6.95
C SER G 75 20.79 36.44 -7.27
N SER G 76 22.01 36.47 -6.76
CA SER G 76 22.92 37.58 -6.98
C SER G 76 23.75 37.39 -8.25
N ASN G 77 23.61 36.22 -8.89
CA ASN G 77 24.29 35.93 -10.14
C ASN G 77 25.81 36.00 -9.98
N THR G 78 26.31 35.39 -8.92
CA THR G 78 27.73 35.47 -8.59
C THR G 78 28.25 34.15 -8.01
N ALA G 79 29.51 33.84 -8.28
CA ALA G 79 30.15 32.65 -7.73
C ALA G 79 31.29 33.07 -6.80
N TYR G 80 31.45 32.34 -5.71
CA TYR G 80 32.44 32.69 -4.69
C TYR G 80 33.51 31.61 -4.54
N LEU G 81 34.66 32.03 -4.02
CA LEU G 81 35.76 31.10 -3.72
C LEU G 81 36.35 31.43 -2.35
N GLN G 82 35.95 30.67 -1.34
CA GLN G 82 36.41 30.92 0.01
C GLN G 82 37.67 30.13 0.34
N LEU G 83 38.71 30.84 0.74
CA LEU G 83 39.97 30.21 1.15
C LEU G 83 40.12 30.34 2.66
N SER G 84 40.52 29.25 3.31
CA SER G 84 40.66 29.23 4.76
C SER G 84 42.12 29.02 5.16
N SER G 85 42.42 29.26 6.44
CA SER G 85 43.76 29.11 6.97
C SER G 85 44.80 29.57 5.96
N LEU G 86 44.71 30.83 5.55
CA LEU G 86 45.57 31.37 4.52
C LEU G 86 47.04 31.31 4.90
N THR G 87 47.87 30.95 3.92
CA THR G 87 49.31 30.85 4.14
C THR G 87 50.03 31.72 3.10
N SER G 88 51.37 31.61 3.07
CA SER G 88 52.15 32.37 2.11
C SER G 88 52.00 31.81 0.70
N GLU G 89 51.83 30.50 0.59
CA GLU G 89 51.69 29.85 -0.71
C GLU G 89 50.34 30.17 -1.34
N ASP G 90 49.40 30.66 -0.53
CA ASP G 90 48.09 31.07 -1.04
C ASP G 90 48.17 32.45 -1.69
N THR G 91 49.34 33.07 -1.62
CA THR G 91 49.57 34.34 -2.30
C THR G 91 49.69 34.07 -3.80
N ALA G 92 48.70 34.51 -4.56
CA ALA G 92 48.65 34.24 -5.99
C ALA G 92 47.51 35.01 -6.65
N VAL G 93 47.37 34.82 -7.96
CA VAL G 93 46.27 35.43 -8.70
C VAL G 93 45.23 34.36 -9.04
N TYR G 94 43.99 34.61 -8.67
CA TYR G 94 42.91 33.64 -8.87
C TYR G 94 41.92 34.11 -9.94
N TYR G 95 41.60 33.22 -10.86
CA TYR G 95 40.68 33.55 -11.95
C TYR G 95 39.46 32.64 -11.92
N CYS G 96 38.29 33.19 -12.27
CA CYS G 96 37.10 32.39 -12.47
C CYS G 96 36.90 32.20 -13.97
N VAL G 97 36.44 31.01 -14.36
CA VAL G 97 36.41 30.65 -15.78
C VAL G 97 35.12 29.91 -16.14
N ARG G 98 34.66 30.10 -17.37
CA ARG G 98 33.52 29.36 -17.89
C ARG G 98 33.75 29.03 -19.37
N PRO G 99 33.06 27.99 -19.86
CA PRO G 99 33.18 27.59 -21.27
C PRO G 99 32.37 28.49 -22.22
N LEU G 100 32.69 28.41 -23.50
CA LEU G 100 31.94 29.14 -24.53
C LEU G 100 30.79 28.28 -25.05
N TYR G 101 31.13 27.13 -25.62
CA TYR G 101 30.14 26.18 -26.13
C TYR G 101 30.34 24.82 -25.48
N ASP G 102 31.54 24.28 -25.65
CA ASP G 102 31.89 22.99 -25.08
C ASP G 102 31.68 22.97 -23.58
N TYR G 103 30.84 22.06 -23.11
CA TYR G 103 30.52 21.94 -21.68
C TYR G 103 31.76 21.90 -20.79
N TYR G 104 32.83 21.30 -21.28
CA TYR G 104 34.00 21.03 -20.45
C TYR G 104 35.19 21.96 -20.73
N ALA G 105 35.02 22.90 -21.64
CA ALA G 105 36.12 23.77 -22.07
C ALA G 105 36.39 24.91 -21.08
N MET G 106 37.43 25.69 -21.34
CA MET G 106 37.82 26.79 -20.48
C MET G 106 38.14 28.03 -21.33
N ASP G 107 37.10 28.79 -21.68
CA ASP G 107 37.22 29.80 -22.72
C ASP G 107 37.15 31.25 -22.22
N TYR G 108 36.18 31.54 -21.36
CA TYR G 108 36.05 32.89 -20.81
C TYR G 108 36.74 33.00 -19.45
N TRP G 109 37.57 34.02 -19.29
CA TRP G 109 38.30 34.23 -18.04
C TRP G 109 38.01 35.61 -17.46
N GLY G 110 37.92 35.68 -16.14
CA GLY G 110 37.77 36.95 -15.45
C GLY G 110 39.09 37.71 -15.45
N GLN G 111 39.05 38.97 -15.04
CA GLN G 111 40.26 39.80 -15.06
C GLN G 111 41.29 39.31 -14.03
N GLY G 112 40.82 38.62 -13.00
CA GLY G 112 41.70 38.05 -12.00
C GLY G 112 41.68 38.81 -10.69
N THR G 113 41.99 38.11 -9.60
CA THR G 113 42.04 38.73 -8.28
C THR G 113 43.33 38.33 -7.56
N SER G 114 44.17 39.33 -7.29
CA SER G 114 45.43 39.08 -6.61
C SER G 114 45.22 39.06 -5.09
N VAL G 115 45.49 37.91 -4.49
CA VAL G 115 45.41 37.77 -3.04
C VAL G 115 46.81 37.76 -2.44
N THR G 116 47.02 38.59 -1.42
CA THR G 116 48.32 38.67 -0.76
C THR G 116 48.19 38.38 0.73
N VAL G 117 48.99 37.43 1.21
CA VAL G 117 48.97 37.07 2.63
C VAL G 117 50.24 37.57 3.31
N SER G 118 50.10 38.62 4.13
CA SER G 118 51.23 39.20 4.83
C SER G 118 50.80 39.78 6.17
N SER G 119 51.76 39.89 7.09
CA SER G 119 51.48 40.41 8.43
C SER G 119 51.88 41.88 8.55
N ALA G 120 52.63 42.38 7.59
CA ALA G 120 53.15 43.74 7.63
C ALA G 120 52.03 44.78 7.69
N LYS G 121 52.39 46.00 8.06
CA LYS G 121 51.45 47.11 8.11
C LYS G 121 51.67 48.02 6.90
N THR G 122 50.77 48.98 6.70
CA THR G 122 50.91 49.94 5.61
C THR G 122 52.12 50.83 5.84
N THR G 123 53.24 50.48 5.23
CA THR G 123 54.49 51.22 5.41
C THR G 123 54.80 52.10 4.21
N ALA G 124 55.33 53.29 4.47
CA ALA G 124 55.74 54.19 3.40
C ALA G 124 57.20 53.93 3.04
N PRO G 125 57.53 54.04 1.74
CA PRO G 125 58.88 53.76 1.25
C PRO G 125 59.89 54.86 1.60
N SER G 126 61.13 54.47 1.88
CA SER G 126 62.21 55.41 2.11
C SER G 126 62.95 55.65 0.81
N VAL G 127 62.70 56.78 0.18
CA VAL G 127 63.32 57.09 -1.11
C VAL G 127 64.77 57.54 -0.91
N TYR G 128 65.69 56.82 -1.54
CA TYR G 128 67.11 57.10 -1.41
C TYR G 128 67.71 57.43 -2.78
N PRO G 129 68.29 58.63 -2.92
CA PRO G 129 68.89 59.04 -4.19
C PRO G 129 70.19 58.29 -4.49
N LEU G 130 70.41 57.95 -5.75
CA LEU G 130 71.61 57.22 -6.15
C LEU G 130 72.42 58.01 -7.18
N ALA G 131 73.59 58.48 -6.79
CA ALA G 131 74.47 59.21 -7.67
C ALA G 131 75.68 58.36 -8.04
N PRO G 132 76.32 58.65 -9.18
CA PRO G 132 77.50 57.89 -9.61
C PRO G 132 78.65 57.98 -8.62
N VAL G 133 79.68 57.18 -8.82
CA VAL G 133 80.80 57.09 -7.88
C VAL G 133 81.55 58.42 -7.80
N CYS G 134 82.26 58.76 -8.87
CA CYS G 134 83.05 59.99 -8.92
C CYS G 134 83.84 60.05 -10.22
N THR G 138 83.42 61.77 -17.96
CA THR G 138 83.59 60.33 -17.77
C THR G 138 82.51 59.57 -18.53
N GLY G 139 82.62 59.56 -19.86
CA GLY G 139 81.67 58.88 -20.71
C GLY G 139 80.72 59.86 -21.39
N SER G 140 80.04 59.39 -22.42
CA SER G 140 79.11 60.22 -23.17
C SER G 140 77.81 60.41 -22.40
N SER G 141 77.36 59.35 -21.73
CA SER G 141 76.11 59.40 -20.97
C SER G 141 76.35 59.05 -19.51
N VAL G 142 75.40 59.42 -18.65
CA VAL G 142 75.47 59.12 -17.23
C VAL G 142 74.18 58.46 -16.78
N THR G 143 74.31 57.46 -15.91
CA THR G 143 73.15 56.75 -15.38
C THR G 143 72.96 57.06 -13.90
N LEU G 144 71.75 57.52 -13.56
CA LEU G 144 71.42 57.81 -12.18
C LEU G 144 70.45 56.75 -11.66
N GLY G 145 69.99 56.91 -10.42
CA GLY G 145 69.11 55.93 -9.82
C GLY G 145 68.20 56.49 -8.73
N CYS G 146 67.32 55.64 -8.23
CA CYS G 146 66.38 56.04 -7.18
C CYS G 146 65.86 54.80 -6.47
N LEU G 147 66.41 54.51 -5.29
CA LEU G 147 66.08 53.29 -4.56
C LEU G 147 64.87 53.48 -3.64
N VAL G 148 63.76 52.83 -3.99
CA VAL G 148 62.56 52.84 -3.17
C VAL G 148 62.52 51.58 -2.32
N LYS G 149 62.76 51.73 -1.02
CA LYS G 149 62.93 50.58 -0.14
C LYS G 149 62.00 50.57 1.07
N GLY G 150 61.68 49.36 1.55
CA GLY G 150 60.95 49.18 2.78
C GLY G 150 59.56 49.80 2.78
N TYR G 151 58.66 49.23 2.00
CA TYR G 151 57.28 49.70 1.94
C TYR G 151 56.29 48.56 1.78
N PHE G 152 55.01 48.88 1.92
CA PHE G 152 53.95 47.88 1.82
C PHE G 152 52.59 48.57 2.00
N PRO G 153 51.58 48.16 1.21
CA PRO G 153 51.63 47.15 0.15
C PRO G 153 51.83 47.77 -1.23
N GLU G 154 51.81 46.95 -2.26
CA GLU G 154 51.89 47.42 -3.64
C GLU G 154 50.62 48.21 -3.98
N PRO G 155 50.68 49.01 -5.06
CA PRO G 155 51.87 49.28 -5.87
C PRO G 155 52.47 50.64 -5.57
N VAL G 156 53.48 51.03 -6.34
CA VAL G 156 54.07 52.36 -6.24
C VAL G 156 54.33 52.90 -7.63
N THR G 157 54.17 54.21 -7.81
CA THR G 157 54.39 54.84 -9.10
C THR G 157 55.64 55.72 -9.06
N LEU G 158 56.59 55.42 -9.95
CA LEU G 158 57.84 56.15 -10.01
C LEU G 158 58.06 56.77 -11.39
N THR G 159 58.27 58.08 -11.41
CA THR G 159 58.55 58.79 -12.65
C THR G 159 59.79 59.67 -12.50
N TRP G 160 60.23 60.26 -13.60
CA TRP G 160 61.38 61.17 -13.59
C TRP G 160 60.98 62.52 -14.14
N ASN G 161 61.26 63.57 -13.37
CA ASN G 161 60.92 64.93 -13.76
C ASN G 161 59.45 65.07 -14.14
N SER G 162 58.57 64.64 -13.24
CA SER G 162 57.14 64.79 -13.42
C SER G 162 56.63 64.11 -14.69
N GLY G 163 57.39 63.16 -15.22
CA GLY G 163 56.97 62.40 -16.37
C GLY G 163 57.52 62.90 -17.69
N SER G 164 58.34 63.94 -17.64
CA SER G 164 58.95 64.48 -18.85
C SER G 164 60.08 63.58 -19.34
N LEU G 165 60.65 62.79 -18.43
CA LEU G 165 61.70 61.83 -18.78
C LEU G 165 61.12 60.43 -18.91
N SER G 166 60.54 60.15 -20.07
CA SER G 166 59.97 58.83 -20.34
C SER G 166 60.87 58.06 -21.30
N SER G 167 62.14 58.44 -21.36
CA SER G 167 63.10 57.82 -22.26
C SER G 167 64.39 57.47 -21.53
N GLY G 168 64.87 56.24 -21.70
CA GLY G 168 66.08 55.79 -21.04
C GLY G 168 65.84 55.42 -19.59
N VAL G 169 64.57 55.22 -19.23
CA VAL G 169 64.22 54.88 -17.86
C VAL G 169 63.94 53.39 -17.73
N HIS G 170 64.41 52.80 -16.63
CA HIS G 170 64.17 51.38 -16.34
C HIS G 170 63.68 51.20 -14.92
N THR G 171 62.37 51.16 -14.75
CA THR G 171 61.78 50.89 -13.44
C THR G 171 61.61 49.38 -13.28
N PHE G 172 62.20 48.83 -12.23
CA PHE G 172 62.20 47.39 -12.02
C PHE G 172 61.07 46.93 -11.11
N PRO G 173 60.57 45.69 -11.31
CA PRO G 173 59.53 45.13 -10.47
C PRO G 173 59.94 45.06 -9.01
N ALA G 174 59.01 45.32 -8.10
CA ALA G 174 59.29 45.27 -6.67
C ALA G 174 59.56 43.84 -6.23
N VAL G 175 60.40 43.69 -5.21
CA VAL G 175 60.73 42.38 -4.67
C VAL G 175 60.39 42.32 -3.18
N LEU G 176 59.39 41.51 -2.84
CA LEU G 176 58.94 41.39 -1.46
C LEU G 176 59.99 40.71 -0.60
N GLN G 177 60.80 41.52 0.08
CA GLN G 177 61.82 41.01 0.99
C GLN G 177 61.33 41.02 2.43
N SER G 178 61.16 39.83 2.99
CA SER G 178 60.71 39.68 4.37
C SER G 178 59.67 40.72 4.78
N ASP G 179 58.46 40.58 4.25
CA ASP G 179 57.32 41.39 4.65
C ASP G 179 57.34 42.83 4.14
N LEU G 180 58.41 43.21 3.45
CA LEU G 180 58.52 44.56 2.88
C LEU G 180 59.06 44.52 1.46
N TYR G 181 58.55 45.40 0.61
CA TYR G 181 58.96 45.44 -0.79
C TYR G 181 60.20 46.31 -1.00
N THR G 182 60.91 46.05 -2.08
CA THR G 182 62.07 46.85 -2.46
C THR G 182 62.08 47.05 -3.98
N LEU G 183 62.02 48.31 -4.41
CA LEU G 183 61.97 48.64 -5.82
C LEU G 183 62.98 49.72 -6.17
N SER G 184 63.41 49.76 -7.42
CA SER G 184 64.39 50.73 -7.87
C SER G 184 64.16 51.12 -9.33
N SER G 185 64.78 52.21 -9.76
CA SER G 185 64.64 52.69 -11.14
C SER G 185 65.88 53.47 -11.56
N SER G 186 66.32 53.24 -12.79
CA SER G 186 67.50 53.94 -13.33
C SER G 186 67.09 54.84 -14.49
N VAL G 187 67.84 55.93 -14.67
CA VAL G 187 67.61 56.84 -15.79
C VAL G 187 68.93 57.20 -16.44
N THR G 188 68.97 57.14 -17.78
CA THR G 188 70.18 57.43 -18.53
C THR G 188 70.00 58.67 -19.39
N VAL G 189 70.88 59.65 -19.17
CA VAL G 189 70.86 60.89 -19.95
C VAL G 189 72.27 61.26 -20.36
N THR G 190 72.40 62.24 -21.26
CA THR G 190 73.72 62.68 -21.71
C THR G 190 74.50 63.25 -20.54
N SER G 191 75.83 63.26 -20.66
CA SER G 191 76.70 63.72 -19.59
C SER G 191 76.58 65.23 -19.39
N SER G 192 76.00 65.93 -20.36
CA SER G 192 75.83 67.37 -20.27
C SER G 192 74.46 67.75 -19.70
N THR G 193 73.60 66.76 -19.52
CA THR G 193 72.29 66.97 -18.92
C THR G 193 72.41 67.04 -17.41
N TRP G 194 73.28 66.21 -16.86
CA TRP G 194 73.47 66.13 -15.41
C TRP G 194 74.96 66.21 -15.08
N PRO G 195 75.32 66.89 -13.99
CA PRO G 195 74.42 67.55 -13.04
C PRO G 195 74.07 69.00 -13.43
N SER G 196 74.39 69.39 -14.66
CA SER G 196 74.14 70.75 -15.11
C SER G 196 72.65 71.08 -15.06
N GLN G 197 71.80 70.06 -15.14
CA GLN G 197 70.35 70.24 -15.04
C GLN G 197 69.81 69.44 -13.87
N SER G 198 68.68 69.90 -13.33
CA SER G 198 68.07 69.26 -12.17
C SER G 198 67.28 68.02 -12.58
N ILE G 199 67.59 66.89 -11.94
CA ILE G 199 66.87 65.64 -12.17
C ILE G 199 66.35 65.09 -10.84
N THR G 200 65.04 64.97 -10.73
CA THR G 200 64.41 64.54 -9.49
C THR G 200 63.58 63.27 -9.65
N CYS G 201 63.65 62.39 -8.66
CA CYS G 201 62.89 61.15 -8.68
C CYS G 201 61.56 61.32 -7.95
N ASN G 202 60.46 61.03 -8.65
CA ASN G 202 59.13 61.22 -8.10
C ASN G 202 58.47 59.89 -7.75
N VAL G 203 58.23 59.66 -6.46
CA VAL G 203 57.61 58.42 -6.01
C VAL G 203 56.32 58.69 -5.26
N ALA G 204 55.30 57.88 -5.52
CA ALA G 204 54.01 58.00 -4.87
C ALA G 204 53.49 56.65 -4.40
N HIS G 205 52.89 56.64 -3.22
CA HIS G 205 52.35 55.40 -2.62
C HIS G 205 50.93 55.65 -2.14
N PRO G 206 49.94 55.41 -3.01
CA PRO G 206 48.51 55.67 -2.74
C PRO G 206 48.00 55.10 -1.42
N ALA G 207 48.49 53.93 -1.03
CA ALA G 207 48.02 53.28 0.19
C ALA G 207 48.27 54.15 1.42
N SER G 208 49.52 54.53 1.63
CA SER G 208 49.89 55.34 2.79
C SER G 208 49.69 56.83 2.53
N SER G 209 49.35 57.18 1.29
CA SER G 209 49.14 58.57 0.92
C SER G 209 50.38 59.41 1.18
N THR G 210 51.42 59.18 0.40
CA THR G 210 52.67 59.92 0.55
C THR G 210 53.34 60.13 -0.81
N LYS G 211 53.84 61.34 -1.03
CA LYS G 211 54.56 61.66 -2.26
C LYS G 211 55.90 62.30 -1.94
N VAL G 212 56.98 61.65 -2.35
CA VAL G 212 58.32 62.12 -2.04
C VAL G 212 59.11 62.44 -3.32
N ASP G 213 59.92 63.49 -3.24
CA ASP G 213 60.78 63.88 -4.36
C ASP G 213 62.23 64.01 -3.91
N LYS G 214 63.09 63.13 -4.42
CA LYS G 214 64.51 63.16 -4.07
C LYS G 214 65.37 63.55 -5.26
N LYS G 215 65.89 64.77 -5.23
CA LYS G 215 66.77 65.26 -6.28
C LYS G 215 68.12 64.57 -6.18
N ILE G 216 68.69 64.21 -7.33
CA ILE G 216 69.98 63.54 -7.37
C ILE G 216 71.11 64.55 -7.31
N GLU G 217 71.92 64.49 -6.26
CA GLU G 217 73.01 65.43 -6.05
C GLU G 217 74.37 64.72 -6.10
N PRO G 218 75.38 65.36 -6.72
CA PRO G 218 76.73 64.80 -6.79
C PRO G 218 77.31 64.50 -5.40
N ARG G 219 78.36 63.69 -5.36
CA ARG G 219 78.99 63.31 -4.10
C ARG G 219 80.22 64.18 -3.83
N GLY H 1 -5.28 -19.10 4.39
N GLY H 1 -6.06 -23.61 9.02
CA GLY H 1 -6.35 -18.55 5.20
CA GLY H 1 -6.49 -23.04 7.75
C GLY H 1 -5.81 -17.58 6.25
C GLY H 1 -6.00 -21.61 7.59
N ARG H 2 -6.61 -17.32 7.27
N ARG H 2 -6.92 -20.71 7.24
CA ARG H 2 -6.20 -16.42 8.35
CA ARG H 2 -6.58 -19.30 7.04
C ARG H 2 -5.64 -17.20 9.53
C ARG H 2 -5.63 -18.81 8.14
N GLY H 3 -5.32 -18.47 9.29
N GLY H 3 -5.62 -19.51 9.27
CA GLY H 3 -4.72 -19.32 10.31
CA GLY H 3 -4.67 -19.24 10.33
C GLY H 3 -3.31 -19.74 9.94
C GLY H 3 -3.27 -19.70 9.97
N ASP H 4 -2.79 -20.74 10.65
CA ASP H 4 -1.42 -21.23 10.44
C ASP H 4 -1.34 -22.18 9.25
N SER H 5 -1.30 -21.64 8.04
CA SER H 5 -1.27 -22.46 6.83
C SER H 5 -0.53 -21.75 5.70
N PRO H 6 0.12 -22.54 4.81
CA PRO H 6 0.90 -21.98 3.70
C PRO H 6 0.06 -21.06 2.81
N GLY I 1 6.37 7.57 -7.50
CA GLY I 1 6.54 8.82 -8.22
C GLY I 1 5.72 8.87 -9.49
N ARG I 2 6.31 9.43 -10.55
CA ARG I 2 5.63 9.52 -11.83
C ARG I 2 5.82 8.26 -12.65
N GLY I 3 6.62 7.32 -12.14
CA GLY I 3 6.96 6.12 -12.88
C GLY I 3 6.28 4.87 -12.36
N ASP I 4 6.77 3.72 -12.80
CA ASP I 4 6.23 2.43 -12.39
C ASP I 4 6.86 2.00 -11.07
N SER I 5 6.42 2.61 -9.98
CA SER I 5 6.94 2.30 -8.66
C SER I 5 5.82 2.26 -7.65
N PRO I 6 5.96 1.43 -6.61
CA PRO I 6 4.93 1.30 -5.57
C PRO I 6 4.88 2.52 -4.65
N ASP J 1 46.49 12.17 -11.85
CA ASP J 1 46.54 13.46 -12.58
C ASP J 1 47.28 13.31 -13.90
N ILE J 2 46.84 14.06 -14.91
CA ILE J 2 47.51 14.08 -16.20
C ILE J 2 48.49 15.24 -16.24
N LEU J 3 49.73 14.96 -16.67
CA LEU J 3 50.75 15.99 -16.76
C LEU J 3 50.85 16.52 -18.17
N MET J 4 50.88 17.85 -18.30
CA MET J 4 51.05 18.49 -19.59
C MET J 4 52.44 19.08 -19.69
N THR J 5 53.24 18.55 -20.62
CA THR J 5 54.58 19.05 -20.86
C THR J 5 54.59 19.98 -22.07
N GLN J 6 54.70 21.28 -21.82
CA GLN J 6 54.63 22.28 -22.88
C GLN J 6 56.00 22.83 -23.24
N SER J 7 56.38 22.68 -24.50
CA SER J 7 57.68 23.16 -24.98
C SER J 7 57.54 23.90 -26.30
N PRO J 8 58.46 24.84 -26.57
CA PRO J 8 59.57 25.19 -25.67
C PRO J 8 59.15 26.18 -24.59
N SER J 9 59.95 26.29 -23.53
CA SER J 9 59.66 27.20 -22.43
C SER J 9 59.56 28.64 -22.92
N SER J 10 60.32 28.95 -23.97
CA SER J 10 60.31 30.29 -24.56
C SER J 10 61.13 30.29 -25.84
N MET J 11 60.74 31.15 -26.79
CA MET J 11 61.46 31.25 -28.05
C MET J 11 61.55 32.71 -28.51
N SER J 12 62.74 33.11 -28.91
CA SER J 12 62.95 34.46 -29.44
C SER J 12 62.78 34.45 -30.95
N VAL J 13 61.74 35.13 -31.42
CA VAL J 13 61.40 35.14 -32.84
C VAL J 13 61.05 36.54 -33.32
N SER J 14 60.92 36.70 -34.64
CA SER J 14 60.61 37.99 -35.24
C SER J 14 59.19 38.01 -35.79
N LEU J 15 58.74 39.19 -36.20
CA LEU J 15 57.41 39.33 -36.76
C LEU J 15 57.36 38.71 -38.16
N GLY J 16 56.26 38.01 -38.45
CA GLY J 16 56.09 37.37 -39.74
C GLY J 16 56.50 35.91 -39.74
N ASP J 17 57.08 35.45 -38.64
CA ASP J 17 57.52 34.06 -38.52
C ASP J 17 56.34 33.10 -38.36
N THR J 18 56.61 31.82 -38.58
CA THR J 18 55.61 30.78 -38.38
C THR J 18 56.06 29.84 -37.28
N VAL J 19 55.75 30.19 -36.03
CA VAL J 19 56.18 29.39 -34.89
C VAL J 19 55.18 28.30 -34.56
N SER J 20 55.61 27.31 -33.80
CA SER J 20 54.76 26.19 -33.42
C SER J 20 55.08 25.69 -32.02
N ILE J 21 54.13 25.88 -31.11
CA ILE J 21 54.26 25.39 -29.75
C ILE J 21 53.69 23.97 -29.66
N THR J 22 54.22 23.18 -28.73
CA THR J 22 53.74 21.81 -28.53
C THR J 22 53.32 21.59 -27.09
N CYS J 23 52.58 20.51 -26.85
CA CYS J 23 52.11 20.17 -25.52
C CYS J 23 51.84 18.67 -25.42
N HIS J 24 52.77 17.95 -24.81
CA HIS J 24 52.67 16.50 -24.69
C HIS J 24 52.00 16.10 -23.38
N ALA J 25 51.06 15.16 -23.46
CA ALA J 25 50.33 14.70 -22.28
C ALA J 25 50.84 13.33 -21.83
N SER J 26 50.72 13.06 -20.53
CA SER J 26 51.18 11.79 -19.98
C SER J 26 50.32 10.63 -20.47
N GLN J 27 49.20 10.94 -21.13
CA GLN J 27 48.33 9.92 -21.71
C GLN J 27 47.42 10.54 -22.76
N GLY J 28 46.77 9.69 -23.56
CA GLY J 28 45.90 10.17 -24.61
C GLY J 28 44.74 10.99 -24.08
N ILE J 29 44.43 12.10 -24.76
CA ILE J 29 43.34 12.98 -24.35
C ILE J 29 42.40 13.32 -25.51
N SER J 30 42.54 12.60 -26.63
CA SER J 30 41.64 12.73 -27.77
C SER J 30 41.11 14.16 -27.97
N SER J 31 41.99 15.06 -28.38
CA SER J 31 41.63 16.44 -28.73
C SER J 31 40.95 17.23 -27.62
N ASN J 32 40.87 16.68 -26.41
CA ASN J 32 40.27 17.41 -25.29
C ASN J 32 41.28 18.36 -24.67
N ILE J 33 41.67 19.36 -25.45
CA ILE J 33 42.69 20.32 -25.04
C ILE J 33 42.32 21.72 -25.46
N GLY J 34 42.74 22.71 -24.69
CA GLY J 34 42.48 24.10 -24.99
C GLY J 34 43.74 24.93 -24.91
N TRP J 35 43.80 25.99 -25.73
CA TRP J 35 44.96 26.87 -25.74
C TRP J 35 44.57 28.27 -25.28
N LEU J 36 45.46 28.89 -24.50
CA LEU J 36 45.17 30.17 -23.86
C LEU J 36 46.27 31.18 -24.16
N GLN J 37 45.89 32.46 -24.12
CA GLN J 37 46.85 33.54 -24.31
C GLN J 37 46.76 34.52 -23.15
N GLN J 38 47.92 34.93 -22.65
CA GLN J 38 47.97 35.95 -21.60
C GLN J 38 48.97 37.04 -21.97
N LYS J 39 48.46 38.11 -22.55
CA LYS J 39 49.29 39.26 -22.92
C LYS J 39 49.93 39.84 -21.67
N PRO J 40 51.18 40.32 -21.79
CA PRO J 40 51.96 40.79 -20.64
C PRO J 40 51.19 41.77 -19.76
N GLY J 41 51.09 41.47 -18.46
CA GLY J 41 50.39 42.31 -17.52
C GLY J 41 48.90 42.37 -17.79
N LYS J 42 48.33 41.25 -18.24
CA LYS J 42 46.90 41.17 -18.52
C LYS J 42 46.37 39.77 -18.23
N SER J 43 45.05 39.62 -18.34
CA SER J 43 44.40 38.35 -18.04
C SER J 43 44.45 37.40 -19.24
N PHE J 44 43.68 36.31 -19.15
CA PHE J 44 43.70 35.28 -20.17
C PHE J 44 42.58 35.43 -21.20
N MET J 45 42.87 35.04 -22.44
CA MET J 45 41.88 35.01 -23.51
C MET J 45 41.91 33.64 -24.18
N GLY J 46 40.73 33.04 -24.36
CA GLY J 46 40.64 31.74 -24.98
C GLY J 46 41.02 31.78 -26.45
N LEU J 47 41.89 30.86 -26.87
CA LEU J 47 42.30 30.76 -28.27
C LEU J 47 41.61 29.57 -28.95
N ILE J 48 41.82 28.40 -28.39
CA ILE J 48 41.33 27.16 -28.99
C ILE J 48 40.60 26.31 -27.96
N TYR J 49 39.60 25.57 -28.40
CA TYR J 49 38.96 24.57 -27.57
C TYR J 49 38.77 23.27 -28.35
N TYR J 50 38.87 22.15 -27.64
CA TYR J 50 38.73 20.83 -28.24
C TYR J 50 39.71 20.63 -29.41
N GLY J 51 40.92 21.15 -29.26
CA GLY J 51 42.00 20.83 -30.17
C GLY J 51 42.19 21.77 -31.34
N THR J 52 41.14 21.96 -32.13
CA THR J 52 41.27 22.66 -33.40
C THR J 52 40.28 23.81 -33.59
N ASN J 53 39.31 23.95 -32.69
CA ASN J 53 38.27 24.94 -32.86
C ASN J 53 38.62 26.30 -32.28
N LEU J 54 38.67 27.31 -33.14
CA LEU J 54 38.95 28.68 -32.71
C LEU J 54 37.80 29.24 -31.90
N VAL J 55 38.13 29.87 -30.77
CA VAL J 55 37.17 30.62 -29.99
C VAL J 55 36.65 31.78 -30.85
N ASP J 56 35.42 32.21 -30.60
CA ASP J 56 34.85 33.32 -31.35
C ASP J 56 35.66 34.59 -31.14
N GLY J 57 36.05 35.23 -32.24
CA GLY J 57 36.79 36.48 -32.18
C GLY J 57 38.28 36.32 -32.42
N VAL J 58 38.78 35.10 -32.25
CA VAL J 58 40.20 34.83 -32.42
C VAL J 58 40.59 34.86 -33.90
N PRO J 59 41.69 35.55 -34.23
CA PRO J 59 42.18 35.62 -35.61
C PRO J 59 42.39 34.22 -36.22
N SER J 60 42.42 34.15 -37.54
CA SER J 60 42.53 32.87 -38.23
C SER J 60 43.97 32.35 -38.30
N ARG J 61 44.92 33.22 -38.02
CA ARG J 61 46.34 32.82 -38.07
C ARG J 61 46.66 31.81 -36.97
N PHE J 62 45.81 31.75 -35.95
CA PHE J 62 45.96 30.75 -34.90
C PHE J 62 45.32 29.44 -35.34
N SER J 63 45.96 28.32 -35.03
CA SER J 63 45.44 27.01 -35.40
C SER J 63 46.06 25.91 -34.54
N GLY J 64 45.19 25.07 -33.97
CA GLY J 64 45.64 23.93 -33.20
C GLY J 64 45.63 22.66 -34.02
N SER J 65 46.37 21.65 -33.58
CA SER J 65 46.44 20.39 -34.28
C SER J 65 46.93 19.28 -33.36
N GLY J 66 46.96 18.06 -33.87
CA GLY J 66 47.47 16.93 -33.13
C GLY J 66 46.43 15.86 -32.84
N SER J 67 46.86 14.81 -32.16
CA SER J 67 45.98 13.72 -31.79
C SER J 67 46.66 12.85 -30.74
N GLY J 68 45.86 12.04 -30.04
CA GLY J 68 46.38 11.20 -28.99
C GLY J 68 46.87 12.02 -27.81
N ALA J 69 48.19 12.02 -27.61
CA ALA J 69 48.78 12.72 -26.47
C ALA J 69 49.71 13.85 -26.92
N ASP J 70 49.71 14.16 -28.21
CA ASP J 70 50.56 15.21 -28.73
C ASP J 70 49.78 16.22 -29.55
N TYR J 71 49.94 17.49 -29.22
CA TYR J 71 49.22 18.56 -29.91
C TYR J 71 50.11 19.79 -30.07
N SER J 72 49.70 20.69 -30.95
CA SER J 72 50.51 21.88 -31.23
C SER J 72 49.64 23.10 -31.52
N LEU J 73 50.11 24.26 -31.08
CA LEU J 73 49.49 25.53 -31.41
C LEU J 73 50.40 26.29 -32.36
N THR J 74 49.85 26.69 -33.51
CA THR J 74 50.66 27.33 -34.55
C THR J 74 50.15 28.71 -34.91
N ILE J 75 51.07 29.67 -34.98
CA ILE J 75 50.75 31.01 -35.46
C ILE J 75 51.51 31.24 -36.77
N SER J 76 50.79 31.67 -37.80
CA SER J 76 51.36 31.74 -39.14
C SER J 76 52.15 33.02 -39.39
N SER J 77 51.64 34.15 -38.94
CA SER J 77 52.29 35.44 -39.16
C SER J 77 52.32 36.27 -37.90
N LEU J 78 53.37 36.11 -37.11
CA LEU J 78 53.48 36.78 -35.81
C LEU J 78 53.24 38.28 -35.92
N ASP J 79 52.13 38.74 -35.35
CA ASP J 79 51.82 40.15 -35.26
C ASP J 79 52.38 40.69 -33.95
N SER J 80 52.41 42.01 -33.81
CA SER J 80 53.02 42.65 -32.64
C SER J 80 52.28 42.34 -31.34
N GLU J 81 51.02 41.92 -31.44
CA GLU J 81 50.24 41.61 -30.25
C GLU J 81 50.43 40.18 -29.77
N ASP J 82 50.89 39.31 -30.67
CA ASP J 82 51.04 37.90 -30.37
C ASP J 82 52.11 37.63 -29.31
N PHE J 83 53.12 38.50 -29.24
CA PHE J 83 54.19 38.34 -28.26
C PHE J 83 53.63 38.36 -26.84
N ALA J 84 53.48 37.17 -26.26
CA ALA J 84 52.88 37.03 -24.93
C ALA J 84 53.10 35.62 -24.41
N ASP J 85 52.44 35.30 -23.30
CA ASP J 85 52.52 33.96 -22.72
C ASP J 85 51.38 33.08 -23.23
N TYR J 86 51.68 31.81 -23.48
CA TYR J 86 50.68 30.87 -23.95
C TYR J 86 50.65 29.63 -23.06
N TYR J 87 49.46 29.12 -22.79
CA TYR J 87 49.29 27.96 -21.93
C TYR J 87 48.31 26.97 -22.56
N CYS J 88 48.61 25.68 -22.40
CA CYS J 88 47.70 24.64 -22.82
C CYS J 88 47.03 24.04 -21.60
N VAL J 89 45.77 23.62 -21.76
CA VAL J 89 45.03 23.01 -20.67
C VAL J 89 44.23 21.81 -21.16
N GLN J 90 44.30 20.72 -20.41
CA GLN J 90 43.59 19.49 -20.76
C GLN J 90 42.40 19.29 -19.83
N TYR J 91 41.26 18.91 -20.41
CA TYR J 91 40.09 18.59 -19.62
C TYR J 91 39.54 17.21 -19.97
N ALA J 92 40.44 16.30 -20.34
CA ALA J 92 40.08 14.92 -20.59
C ALA J 92 39.72 14.23 -19.28
N GLN J 93 40.40 14.63 -18.21
CA GLN J 93 40.15 14.08 -16.89
C GLN J 93 40.18 15.16 -15.82
N LEU J 94 39.41 14.94 -14.75
CA LEU J 94 39.53 15.75 -13.55
C LEU J 94 40.65 15.15 -12.69
N PRO J 95 41.46 16.00 -12.06
CA PRO J 95 41.38 17.46 -12.15
C PRO J 95 42.01 17.99 -13.42
N TYR J 96 41.55 19.15 -13.89
CA TYR J 96 42.16 19.81 -15.04
C TYR J 96 43.60 20.18 -14.71
N THR J 97 44.46 20.13 -15.72
CA THR J 97 45.88 20.45 -15.53
C THR J 97 46.39 21.32 -16.67
N PHE J 98 47.25 22.28 -16.33
CA PHE J 98 47.77 23.23 -17.31
C PHE J 98 49.22 22.91 -17.68
N GLY J 99 49.67 23.50 -18.79
CA GLY J 99 51.05 23.33 -19.23
C GLY J 99 51.97 24.28 -18.49
N GLY J 100 53.27 24.14 -18.75
CA GLY J 100 54.27 24.95 -18.08
C GLY J 100 54.26 26.40 -18.56
N GLY J 101 53.88 26.60 -19.80
CA GLY J 101 53.81 27.93 -20.38
C GLY J 101 54.90 28.17 -21.40
N THR J 102 54.64 29.09 -22.33
CA THR J 102 55.61 29.46 -23.36
C THR J 102 55.58 30.96 -23.61
N LYS J 103 56.70 31.62 -23.38
CA LYS J 103 56.80 33.06 -23.58
C LYS J 103 57.44 33.37 -24.92
N LEU J 104 56.73 34.10 -25.76
CA LEU J 104 57.26 34.53 -27.06
C LEU J 104 57.95 35.88 -26.92
N GLU J 105 59.26 35.90 -27.19
CA GLU J 105 60.06 37.11 -27.07
C GLU J 105 60.53 37.59 -28.43
N ILE J 106 60.74 38.90 -28.55
CA ILE J 106 61.18 39.50 -29.81
C ILE J 106 62.68 39.29 -30.00
N LYS J 107 63.06 38.77 -31.16
CA LYS J 107 64.47 38.48 -31.43
C LYS J 107 65.22 39.73 -31.88
N ARG J 108 66.52 39.77 -31.57
CA ARG J 108 67.37 40.89 -31.97
C ARG J 108 68.84 40.55 -31.80
N ALA J 109 69.71 41.51 -32.12
CA ALA J 109 71.15 41.31 -32.02
C ALA J 109 71.63 41.45 -30.57
N ASP J 110 72.71 40.73 -30.25
CA ASP J 110 73.25 40.75 -28.89
C ASP J 110 73.59 42.17 -28.44
N ALA J 111 73.74 42.35 -27.13
CA ALA J 111 74.08 43.65 -26.57
C ALA J 111 74.68 43.48 -25.16
N ALA J 112 75.67 44.31 -24.85
CA ALA J 112 76.32 44.26 -23.55
C ALA J 112 75.61 45.16 -22.55
N PRO J 113 75.57 44.73 -21.26
CA PRO J 113 74.86 45.46 -20.20
C PRO J 113 75.62 46.69 -19.71
N THR J 114 74.94 47.83 -19.65
CA THR J 114 75.52 49.05 -19.12
C THR J 114 75.52 49.00 -17.59
N VAL J 115 76.63 48.54 -17.02
CA VAL J 115 76.74 48.38 -15.58
C VAL J 115 77.00 49.70 -14.89
N SER J 116 76.43 49.86 -13.69
CA SER J 116 76.59 51.09 -12.92
C SER J 116 76.33 50.81 -11.44
N ILE J 117 77.33 51.09 -10.60
CA ILE J 117 77.22 50.82 -9.17
C ILE J 117 76.93 52.11 -8.39
N PHE J 118 76.20 51.97 -7.29
CA PHE J 118 75.79 53.12 -6.49
C PHE J 118 75.88 52.80 -5.00
N PRO J 119 76.77 53.49 -4.28
CA PRO J 119 76.91 53.27 -2.83
C PRO J 119 75.72 53.82 -2.05
N PRO J 120 75.62 53.46 -0.76
CA PRO J 120 74.52 53.92 0.10
C PRO J 120 74.47 55.45 0.19
N SER J 121 73.26 55.99 0.29
CA SER J 121 73.08 57.43 0.39
C SER J 121 73.19 57.89 1.84
N SER J 122 73.46 59.17 2.04
CA SER J 122 73.54 59.74 3.38
C SER J 122 72.24 59.51 4.14
N GLU J 123 71.12 59.74 3.44
CA GLU J 123 69.81 59.59 4.06
C GLU J 123 69.64 58.22 4.70
N GLN J 124 70.10 57.19 4.01
CA GLN J 124 69.93 55.82 4.49
C GLN J 124 70.95 55.48 5.57
N LEU J 125 72.16 56.03 5.46
CA LEU J 125 73.21 55.76 6.43
C LEU J 125 72.87 56.32 7.80
N THR J 126 72.22 57.48 7.83
CA THR J 126 71.82 58.10 9.08
C THR J 126 70.74 57.28 9.79
N SER J 127 69.95 56.53 9.02
CA SER J 127 68.88 55.72 9.58
C SER J 127 69.35 54.30 9.91
N GLY J 128 70.65 54.06 9.76
CA GLY J 128 71.23 52.78 10.15
C GLY J 128 71.36 51.77 9.02
N GLY J 129 70.77 52.08 7.87
CA GLY J 129 70.81 51.19 6.73
C GLY J 129 71.96 51.50 5.78
N ALA J 130 72.24 50.57 4.88
CA ALA J 130 73.30 50.75 3.89
C ALA J 130 73.15 49.76 2.74
N SER J 131 72.55 50.22 1.65
CA SER J 131 72.32 49.37 0.49
C SER J 131 73.22 49.78 -0.68
N VAL J 132 73.69 48.78 -1.43
CA VAL J 132 74.52 49.02 -2.60
C VAL J 132 73.82 48.51 -3.85
N VAL J 133 73.36 49.45 -4.68
CA VAL J 133 72.60 49.09 -5.88
C VAL J 133 73.50 49.02 -7.10
N CYS J 134 73.11 48.18 -8.07
CA CYS J 134 73.87 48.03 -9.31
C CYS J 134 72.94 47.76 -10.48
N PHE J 135 72.88 48.70 -11.42
CA PHE J 135 72.01 48.58 -12.59
C PHE J 135 72.76 48.05 -13.81
N LEU J 136 72.17 47.05 -14.46
CA LEU J 136 72.71 46.51 -15.70
C LEU J 136 71.68 46.69 -16.81
N ASN J 137 71.73 47.83 -17.48
CA ASN J 137 70.67 48.23 -18.40
C ASN J 137 70.94 47.86 -19.87
N ASN J 138 69.88 47.52 -20.57
CA ASN J 138 69.93 47.33 -22.02
C ASN J 138 70.91 46.26 -22.47
N PHE J 139 70.55 44.99 -22.26
CA PHE J 139 71.38 43.88 -22.73
C PHE J 139 70.52 42.78 -23.35
N TYR J 140 71.15 41.93 -24.14
CA TYR J 140 70.45 40.82 -24.79
C TYR J 140 71.45 39.72 -25.17
N PRO J 141 71.08 38.45 -24.95
CA PRO J 141 69.80 37.97 -24.43
C PRO J 141 69.63 38.18 -22.93
N LYS J 142 68.53 37.66 -22.38
CA LYS J 142 68.19 37.88 -20.98
C LYS J 142 69.11 37.11 -20.02
N ASP J 143 69.71 36.03 -20.50
CA ASP J 143 70.59 35.21 -19.67
C ASP J 143 71.79 36.02 -19.18
N ILE J 144 71.86 36.22 -17.87
CA ILE J 144 72.94 36.99 -17.27
C ILE J 144 73.11 36.65 -15.79
N ASN J 145 74.33 36.74 -15.30
CA ASN J 145 74.62 36.50 -13.89
C ASN J 145 75.36 37.67 -13.25
N VAL J 146 75.05 37.93 -11.97
CA VAL J 146 75.69 39.01 -11.23
C VAL J 146 76.34 38.46 -9.97
N LYS J 147 77.49 39.02 -9.60
CA LYS J 147 78.23 38.56 -8.43
C LYS J 147 78.78 39.75 -7.64
N TRP J 148 78.52 39.75 -6.34
CA TRP J 148 79.04 40.80 -5.45
C TRP J 148 80.31 40.30 -4.76
N LYS J 149 81.32 41.17 -4.69
CA LYS J 149 82.57 40.85 -3.99
C LYS J 149 82.94 41.94 -3.01
N ILE J 150 82.87 41.62 -1.72
CA ILE J 150 83.29 42.55 -0.67
C ILE J 150 84.74 42.27 -0.28
N ASP J 151 85.63 43.19 -0.62
CA ASP J 151 87.06 43.02 -0.36
C ASP J 151 87.58 41.78 -1.07
N GLY J 152 87.03 41.49 -2.24
CA GLY J 152 87.43 40.34 -3.03
C GLY J 152 86.55 39.14 -2.79
N SER J 153 86.31 38.83 -1.52
CA SER J 153 85.50 37.66 -1.15
C SER J 153 84.06 37.84 -1.61
N GLU J 154 83.53 36.81 -2.27
CA GLU J 154 82.17 36.84 -2.78
C GLU J 154 81.16 36.98 -1.63
N ARG J 155 79.99 37.53 -1.94
CA ARG J 155 78.95 37.72 -0.94
C ARG J 155 77.60 37.30 -1.52
N GLN J 156 76.84 36.52 -0.75
CA GLN J 156 75.59 35.97 -1.24
C GLN J 156 74.44 36.12 -0.25
N ASN J 157 74.63 36.95 0.78
CA ASN J 157 73.59 37.17 1.78
C ASN J 157 73.15 38.64 1.81
N GLY J 158 71.86 38.86 1.55
CA GLY J 158 71.30 40.20 1.54
C GLY J 158 71.23 40.78 0.13
N VAL J 159 71.17 39.90 -0.86
CA VAL J 159 71.10 40.33 -2.25
C VAL J 159 69.68 40.17 -2.80
N LEU J 160 69.14 41.26 -3.35
CA LEU J 160 67.80 41.23 -3.94
C LEU J 160 67.87 41.63 -5.42
N ASN J 161 67.52 40.69 -6.29
CA ASN J 161 67.56 40.95 -7.73
C ASN J 161 66.17 41.12 -8.33
N SER J 162 66.10 41.84 -9.44
CA SER J 162 64.84 42.06 -10.13
C SER J 162 65.10 42.28 -11.62
N TRP J 163 64.21 41.77 -12.46
CA TRP J 163 64.38 41.86 -13.90
C TRP J 163 63.18 42.55 -14.56
N THR J 164 63.44 43.26 -15.65
CA THR J 164 62.36 43.91 -16.39
C THR J 164 61.97 43.08 -17.60
N ASP J 165 60.70 43.14 -17.96
CA ASP J 165 60.21 42.46 -19.16
C ASP J 165 60.85 43.11 -20.38
N GLN J 166 61.13 42.29 -21.39
CA GLN J 166 61.77 42.75 -22.61
C GLN J 166 61.27 44.14 -23.00
N ASP J 167 62.15 45.13 -22.93
CA ASP J 167 61.80 46.50 -23.26
C ASP J 167 61.11 46.57 -24.61
N SER J 168 60.02 47.33 -24.67
CA SER J 168 59.19 47.38 -25.88
C SER J 168 59.80 48.21 -26.99
N LYS J 169 60.76 49.07 -26.65
CA LYS J 169 61.35 49.98 -27.62
C LYS J 169 62.52 49.34 -28.38
N ASP J 170 63.46 48.76 -27.65
CA ASP J 170 64.66 48.20 -28.26
C ASP J 170 64.83 46.70 -28.00
N SER J 171 63.81 46.08 -27.41
CA SER J 171 63.81 44.63 -27.20
C SER J 171 65.00 44.16 -26.36
N THR J 172 65.47 45.00 -25.45
CA THR J 172 66.56 44.64 -24.55
C THR J 172 66.01 44.35 -23.16
N TYR J 173 66.86 43.82 -22.30
CA TYR J 173 66.48 43.52 -20.93
C TYR J 173 67.32 44.34 -19.95
N SER J 174 66.92 44.33 -18.69
CA SER J 174 67.67 45.04 -17.65
C SER J 174 67.56 44.31 -16.32
N MET J 175 68.54 44.53 -15.45
CA MET J 175 68.57 43.86 -14.15
C MET J 175 68.94 44.85 -13.04
N SER J 176 68.41 44.62 -11.85
CA SER J 176 68.67 45.48 -10.70
C SER J 176 69.03 44.64 -9.47
N SER J 177 70.23 44.87 -8.95
CA SER J 177 70.74 44.09 -7.83
C SER J 177 70.98 44.99 -6.62
N THR J 178 70.29 44.70 -5.53
CA THR J 178 70.37 45.53 -4.32
C THR J 178 70.96 44.76 -3.15
N LEU J 179 72.23 44.99 -2.85
CA LEU J 179 72.89 44.36 -1.72
C LEU J 179 72.67 45.18 -0.45
N THR J 180 71.79 44.69 0.42
CA THR J 180 71.44 45.42 1.64
C THR J 180 72.25 44.92 2.84
N LEU J 181 72.98 45.84 3.46
CA LEU J 181 73.76 45.53 4.65
C LEU J 181 73.38 46.51 5.77
N THR J 182 73.87 46.24 6.97
CA THR J 182 73.67 47.14 8.09
C THR J 182 74.81 48.16 8.13
N LYS J 183 74.49 49.39 8.51
CA LYS J 183 75.50 50.44 8.61
C LYS J 183 76.73 49.93 9.36
N ASP J 184 76.49 49.04 10.33
CA ASP J 184 77.57 48.45 11.12
C ASP J 184 78.52 47.66 10.23
N GLU J 185 77.98 46.65 9.55
CA GLU J 185 78.80 45.77 8.71
C GLU J 185 79.33 46.48 7.48
N TYR J 186 78.64 47.54 7.05
CA TYR J 186 79.05 48.28 5.88
C TYR J 186 80.40 48.98 6.10
N GLU J 187 80.67 49.33 7.36
CA GLU J 187 81.91 50.01 7.71
C GLU J 187 83.00 49.03 8.15
N ARG J 188 82.67 47.74 8.15
CA ARG J 188 83.65 46.70 8.46
C ARG J 188 84.29 46.17 7.20
N HIS J 189 84.06 46.85 6.08
CA HIS J 189 84.69 46.50 4.81
C HIS J 189 85.01 47.78 4.04
N ASN J 190 85.72 47.64 2.92
CA ASN J 190 86.13 48.80 2.14
C ASN J 190 85.63 48.75 0.70
N SER J 191 86.29 47.95 -0.14
CA SER J 191 85.96 47.90 -1.56
C SER J 191 84.74 47.02 -1.84
N TYR J 192 83.84 47.53 -2.68
CA TYR J 192 82.66 46.78 -3.10
C TYR J 192 82.63 46.68 -4.62
N THR J 193 82.29 45.50 -5.13
CA THR J 193 82.33 45.24 -6.56
C THR J 193 80.99 44.75 -7.10
N CYS J 194 80.75 44.98 -8.38
CA CYS J 194 79.55 44.47 -9.03
C CYS J 194 79.91 43.89 -10.40
N GLU J 195 80.20 42.59 -10.42
CA GLU J 195 80.58 41.90 -11.65
C GLU J 195 79.34 41.47 -12.43
N ALA J 196 79.48 41.35 -13.74
CA ALA J 196 78.37 40.94 -14.59
C ALA J 196 78.85 40.01 -15.71
N THR J 197 78.48 38.73 -15.61
CA THR J 197 78.88 37.74 -16.60
C THR J 197 77.85 37.67 -17.72
N HIS J 198 78.28 37.98 -18.94
CA HIS J 198 77.39 37.96 -20.10
C HIS J 198 78.11 37.40 -21.31
N LYS J 199 77.37 36.77 -22.22
CA LYS J 199 77.95 36.11 -23.38
C LYS J 199 78.74 37.08 -24.26
N THR J 200 78.28 38.33 -24.34
CA THR J 200 78.89 39.32 -25.21
C THR J 200 80.35 39.56 -24.87
N SER J 201 80.74 39.26 -23.63
CA SER J 201 82.11 39.45 -23.19
C SER J 201 82.64 38.21 -22.48
N THR J 202 83.90 37.87 -22.77
CA THR J 202 84.53 36.72 -22.17
C THR J 202 84.88 37.00 -20.71
N SER J 203 85.22 38.25 -20.42
CA SER J 203 85.54 38.68 -19.07
C SER J 203 84.37 39.45 -18.46
N PRO J 204 84.13 39.25 -17.15
CA PRO J 204 83.01 39.95 -16.47
C PRO J 204 83.15 41.46 -16.50
N ILE J 205 82.02 42.16 -16.62
CA ILE J 205 82.01 43.62 -16.55
C ILE J 205 82.10 44.05 -15.10
N VAL J 206 83.22 44.66 -14.74
CA VAL J 206 83.48 45.02 -13.35
C VAL J 206 83.27 46.51 -13.08
N LYS J 207 82.48 46.81 -12.07
CA LYS J 207 82.29 48.19 -11.61
C LYS J 207 82.36 48.23 -10.08
N SER J 208 83.33 48.96 -9.56
CA SER J 208 83.58 48.99 -8.12
C SER J 208 83.77 50.41 -7.58
N PHE J 209 83.78 50.51 -6.26
CA PHE J 209 84.05 51.77 -5.59
C PHE J 209 84.62 51.49 -4.20
N ASN J 210 85.53 52.34 -3.74
CA ASN J 210 86.13 52.19 -2.42
C ASN J 210 85.45 53.07 -1.38
N ARG J 211 85.05 52.47 -0.27
CA ARG J 211 84.39 53.19 0.81
C ARG J 211 85.28 54.35 1.28
N ASN J 212 84.67 55.37 1.87
CA ASN J 212 85.38 56.56 2.31
C ASN J 212 85.93 57.36 1.13
N GLU J 213 86.89 56.78 0.43
CA GLU J 213 87.52 57.43 -0.72
C GLU J 213 86.49 57.88 -1.75
N CYS J 214 86.82 58.96 -2.47
CA CYS J 214 85.99 59.44 -3.55
C CYS J 214 86.85 60.12 -4.62
C1 NAG K . 4.85 0.29 8.70
C2 NAG K . 3.39 -0.02 8.36
C3 NAG K . 2.83 0.89 7.27
C4 NAG K . 3.18 2.36 7.52
C5 NAG K . 4.68 2.47 7.83
C6 NAG K . 5.06 3.92 8.11
C7 NAG K . 2.94 -2.37 8.78
C8 NAG K . 2.56 -3.69 8.20
N2 NAG K . 3.26 -1.39 7.93
O3 NAG K . 1.42 0.76 7.20
O4 NAG K . 2.94 3.10 6.35
O5 NAG K . 5.01 1.67 8.94
O6 NAG K . 4.42 4.34 9.29
O7 NAG K . 2.95 -2.20 10.01
H2 NAG K . 2.79 0.12 9.26
H3 NAG K . 3.27 0.61 6.32
H4 NAG K . 2.57 2.73 8.33
H5 NAG K . 5.23 2.13 6.96
H61 NAG K . 6.14 4.00 8.23
H62 NAG K . 4.77 4.54 7.26
H81 NAG K . 2.61 -3.64 7.11
H82 NAG K . 3.24 -4.46 8.55
H83 NAG K . 1.54 -3.94 8.50
HN2 NAG K . 3.43 -1.62 6.96
HO3 NAG K . 1.12 0.10 7.87
HO6 NAG K . 3.88 3.60 9.66
C1 NAG K . 2.01 4.18 6.55
C2 NAG K . 2.20 5.19 5.42
C3 NAG K . 1.20 6.34 5.48
C4 NAG K . -0.22 5.81 5.65
C5 NAG K . -0.28 4.76 6.76
C6 NAG K . -1.67 4.14 6.82
C7 NAG K . 4.43 5.30 4.51
C8 NAG K . 5.72 6.07 4.40
N2 NAG K . 3.56 5.71 5.42
O3 NAG K . 1.29 7.10 4.30
O4 NAG K . -1.07 6.88 5.98
O5 NAG K . 0.67 3.73 6.58
O6 NAG K . -1.94 3.43 5.63
O7 NAG K . 4.22 4.33 3.77
H2 NAG K . 2.02 4.68 4.48
H3 NAG K . 1.45 6.97 6.33
H4 NAG K . -0.53 5.37 4.70
H5 NAG K . -0.08 5.26 7.71
H61 NAG K . -1.73 3.46 7.67
H62 NAG K . -2.41 4.92 6.97
H81 NAG K . 5.71 6.87 5.14
H82 NAG K . 6.55 5.41 4.61
H83 NAG K . 5.82 6.49 3.41
HN2 NAG K . 3.77 6.50 6.00
HO3 NAG K . 1.96 6.72 3.71
HO6 NAG K . -1.18 3.50 5.03
C1 BMA K . -1.80 7.34 4.82
C2 BMA K . -3.18 7.79 5.29
C3 BMA K . -4.02 8.33 4.15
C4 BMA K . -3.23 9.32 3.30
C5 BMA K . -1.85 8.74 2.95
C6 BMA K . -1.03 9.75 2.15
O2 BMA K . -3.02 8.76 6.29
O3 BMA K . -5.17 8.97 4.69
O4 BMA K . -3.93 9.61 2.10
O5 BMA K . -1.17 8.41 4.14
O6 BMA K . 0.31 9.32 2.08
H2 BMA K . -3.69 6.92 5.71
H3 BMA K . -4.32 7.50 3.51
H4 BMA K . -3.09 10.24 3.87
H5 BMA K . -2.00 7.85 2.33
H61 BMA K . -1.44 9.83 1.15
H62 BMA K . -1.10 10.73 2.63
HO2 BMA K . -2.06 8.93 6.44
HO4 BMA K . -4.77 9.11 2.10
C1 MAN K . 0.93 9.95 0.94
C2 MAN K . 1.85 8.95 0.25
C3 MAN K . 2.94 8.50 1.20
C4 MAN K . 3.60 9.68 1.92
C5 MAN K . 2.58 10.71 2.41
C6 MAN K . 3.26 11.97 2.94
O2 MAN K . 2.41 9.55 -0.90
O3 MAN K . 3.92 7.79 0.48
O4 MAN K . 4.33 9.21 3.03
O5 MAN K . 1.71 11.05 1.34
O6 MAN K . 3.83 12.69 1.87
H2 MAN K . 1.25 8.09 -0.05
H3 MAN K . 2.50 7.84 1.95
H4 MAN K . 4.27 10.17 1.22
H5 MAN K . 2.01 10.26 3.22
H61 MAN K . 2.52 12.60 3.45
H62 MAN K . 4.03 11.69 3.66
HO2 MAN K . 2.10 10.47 -0.98
HO4 MAN K . 4.25 8.24 3.08
HO6 MAN K . 3.67 12.22 1.03
C1 MAN K . 3.67 6.38 0.57
C2 MAN K . 4.99 5.63 0.59
C3 MAN K . 5.71 5.80 -0.74
C4 MAN K . 4.78 5.41 -1.88
C5 MAN K . 3.44 6.13 -1.75
C6 MAN K . 2.48 5.65 -2.84
O2 MAN K . 4.77 4.25 0.84
O3 MAN K . 6.87 5.00 -0.77
O4 MAN K . 5.36 5.73 -3.12
O5 MAN K . 2.87 5.89 -0.48
O6 MAN K . 2.05 4.33 -2.56
H2 MAN K . 5.61 6.04 1.37
H3 MAN K . 5.99 6.85 -0.84
H4 MAN K . 4.61 4.33 -1.82
H5 MAN K . 3.61 7.20 -1.89
H61 MAN K . 1.60 6.30 -2.86
H62 MAN K . 2.96 5.71 -3.80
HO2 MAN K . 3.82 4.09 0.95
HO3 MAN K . 6.94 4.51 0.07
HO4 MAN K . 6.24 6.14 -2.97
HO6 MAN K . 2.49 4.02 -1.74
C1 MAN K . -6.29 8.06 4.60
C2 MAN K . -7.58 8.87 4.52
C3 MAN K . -7.78 9.65 5.81
C4 MAN K . -7.69 8.69 7.00
C5 MAN K . -6.42 7.86 6.91
C6 MAN K . -6.38 6.85 8.06
O2 MAN K . -8.67 8.00 4.31
O3 MAN K . -9.05 10.25 5.80
O4 MAN K . -7.70 9.43 8.20
O5 MAN K . -6.37 7.17 5.69
O6 MAN K . -5.25 6.02 7.94
H2 MAN K . -7.50 9.57 3.68
H3 MAN K . -7.01 10.42 5.87
H4 MAN K . -8.55 8.03 6.96
H5 MAN K . -5.56 8.53 7.02
H61 MAN K . -6.36 7.39 9.01
H62 MAN K . -7.29 6.25 8.04
HO2 MAN K . -8.35 7.07 4.25
HO3 MAN K . -9.51 10.04 4.97
HO4 MAN K . -7.77 10.38 8.01
HO6 MAN K . -4.74 6.27 7.15
C1 NAG L . 34.80 20.34 17.02
C2 NAG L . 36.05 20.90 17.68
C3 NAG L . 36.03 22.42 17.77
C4 NAG L . 35.51 23.07 16.49
C5 NAG L . 34.29 22.34 15.93
C6 NAG L . 33.78 22.95 14.63
C7 NAG L . 36.89 19.23 19.25
C8 NAG L . 36.30 18.26 20.24
N2 NAG L . 36.17 20.33 19.01
O3 NAG L . 37.34 22.86 18.03
O4 NAG L . 35.13 24.41 16.75
O5 NAG L . 34.59 20.96 15.77
O6 NAG L . 34.80 23.07 13.66
O7 NAG L . 37.96 18.97 18.71
H2 NAG L . 36.92 20.60 17.09
H3 NAG L . 35.38 22.71 18.59
H4 NAG L . 36.31 23.06 15.74
H5 NAG L . 33.50 22.38 16.68
H61 NAG L . 32.97 22.34 14.24
H62 NAG L . 33.38 23.95 14.83
H81 NAG L . 35.35 18.66 20.62
H82 NAG L . 36.12 17.30 19.75
H83 NAG L . 36.99 18.13 21.07
HN2 NAG L . 35.72 20.80 19.78
HO3 NAG L . 37.95 22.09 18.09
HO6 NAG L . 35.64 22.73 14.03
C1 NAG L . 36.28 25.28 16.69
C2 NAG L . 35.84 26.73 16.85
C3 NAG L . 37.03 27.68 16.81
C4 NAG L . 38.14 27.19 17.74
C5 NAG L . 38.44 25.72 17.50
C6 NAG L . 39.52 25.20 18.45
C7 NAG L . 33.66 27.52 16.12
C8 NAG L . 33.06 28.53 15.19
N2 NAG L . 34.89 27.09 15.82
O3 NAG L . 36.62 28.98 17.22
O4 NAG L . 39.30 27.96 17.53
O5 NAG L . 37.26 24.96 17.66
O6 NAG L . 39.73 23.82 18.21
O7 NAG L . 33.04 27.13 17.11
H2 NAG L . 35.36 26.84 17.82
H3 NAG L . 37.41 27.72 15.80
H4 NAG L . 37.81 27.32 18.77
H5 NAG L . 38.80 25.61 16.47
H61 NAG L . 40.45 25.74 18.27
H62 NAG L . 39.23 25.39 19.48
H81 NAG L . 33.76 28.73 14.38
H82 NAG L . 32.14 28.12 14.76
H83 NAG L . 32.84 29.44 15.73
HN2 NAG L . 35.16 26.97 14.85
HO3 NAG L . 35.66 28.96 17.42
HO4 NAG L . 39.13 28.63 16.83
HO6 NAG L . 39.13 23.52 17.49
C1 NAG M . -14.37 10.89 -14.86
C2 NAG M . -13.26 11.92 -14.65
C3 NAG M . -13.78 13.10 -13.83
C4 NAG M . -15.04 13.68 -14.45
C5 NAG M . -16.05 12.59 -14.78
C6 NAG M . -17.24 13.14 -15.58
C7 NAG M . -11.01 10.99 -14.66
C8 NAG M . -9.85 10.51 -13.85
N2 NAG M . -12.11 11.32 -13.99
O3 NAG M . -12.77 14.09 -13.75
O4 NAG M . -15.60 14.59 -13.52
O5 NAG M . -15.47 11.51 -15.49
O6 NAG M . -16.80 13.66 -16.82
O7 NAG M . -10.93 11.07 -15.89
H2 NAG M . -12.95 12.29 -15.63
H3 NAG M . -14.02 12.74 -12.83
H4 NAG M . -14.77 14.21 -15.36
H5 NAG M . -16.45 12.18 -13.83
H61 NAG M . -17.96 12.34 -15.76
H62 NAG M . -17.74 13.91 -15.00
H81 NAG M . -10.12 10.51 -12.80
H82 NAG M . -9.59 9.50 -14.17
H83 NAG M . -9.00 11.17 -14.01
HN2 NAG M . -12.17 11.15 -13.00
HO3 NAG M . -11.98 13.79 -14.24
HO6 NAG M . -15.83 13.57 -16.89
C1 NAG M . -15.80 15.87 -14.16
C2 NAG M . -16.87 16.65 -13.38
C3 NAG M . -16.99 18.11 -13.81
C4 NAG M . -15.67 18.75 -14.20
C5 NAG M . -14.84 17.79 -15.04
C6 NAG M . -13.53 18.42 -15.47
C7 NAG M . -18.62 15.13 -12.67
C8 NAG M . -19.87 14.38 -13.07
N2 NAG M . -18.15 15.99 -13.56
O3 NAG M . -17.56 18.86 -12.75
O4 NAG M . -15.93 19.91 -14.97
O5 NAG M . -14.61 16.62 -14.28
O6 NAG M . -12.77 18.78 -14.33
O7 NAG M . -18.10 14.93 -11.57
H2 NAG M . -16.61 16.62 -12.33
H3 NAG M . -17.66 18.16 -14.68
H4 NAG M . -15.13 19.03 -13.29
H5 NAG M . -15.41 17.54 -15.94
H61 NAG M . -12.96 17.71 -16.06
H62 NAG M . -13.73 19.30 -16.08
H81 NAG M . -20.17 14.69 -14.07
H82 NAG M . -19.66 13.32 -13.07
H83 NAG M . -20.67 14.60 -12.36
HN2 NAG M . -18.68 16.20 -14.39
HO3 NAG M . -17.74 18.26 -11.99
HO6 NAG M . -13.27 18.54 -13.52
C1 BMA M . -16.15 21.04 -14.10
C2 BMA M . -15.67 22.29 -14.82
C3 BMA M . -15.98 23.55 -14.02
C4 BMA M . -17.42 23.54 -13.52
C5 BMA M . -17.70 22.22 -12.81
C6 BMA M . -19.11 22.16 -12.24
O2 BMA M . -16.30 22.38 -16.08
O3 BMA M . -15.74 24.69 -14.82
O4 BMA M . -17.63 24.61 -12.63
O5 BMA M . -17.51 21.16 -13.74
O6 BMA M . -19.98 21.50 -13.13
H2 BMA M . -14.59 22.22 -14.96
H3 BMA M . -15.32 23.58 -13.15
H4 BMA M . -18.08 23.65 -14.39
H5 BMA M . -16.99 22.11 -12.00
H61 BMA M . -19.09 21.62 -11.29
H62 BMA M . -19.47 23.17 -12.04
HO2 BMA M . -16.89 21.61 -16.20
HO4 BMA M . -16.80 25.12 -12.52
HO6 BMA M . -19.49 21.23 -13.93
C1 MAN M . -14.35 25.07 -14.72
C2 MAN M . -14.24 26.58 -14.91
C3 MAN M . -14.73 26.94 -16.31
C4 MAN M . -13.94 26.14 -17.33
C5 MAN M . -13.95 24.65 -17.00
C6 MAN M . -13.02 23.89 -17.94
O2 MAN M . -12.89 26.98 -14.75
O3 MAN M . -14.55 28.31 -16.55
O4 MAN M . -14.51 26.33 -18.62
O5 MAN M . -13.53 24.44 -15.66
O6 MAN M . -13.04 22.51 -17.63
H2 MAN M . -14.86 27.07 -14.16
H3 MAN M . -15.79 26.69 -16.37
H4 MAN M . -12.91 26.50 -17.34
H5 MAN M . -14.96 24.27 -17.13
H61 MAN M . -13.34 24.04 -18.97
H62 MAN M . -12.01 24.28 -17.84
HO2 MAN M . -12.35 26.20 -14.55
HO3 MAN M . -14.15 28.73 -15.76
HO4 MAN M . -15.27 26.94 -18.55
HO6 MAN M . -13.65 22.36 -16.88
C1 GOL N . -8.65 -26.22 28.46
O1 GOL N . -9.05 -26.56 27.15
C2 GOL N . -9.56 -26.91 29.47
O2 GOL N . -8.77 -27.55 30.45
C3 GOL N . -10.45 -27.95 28.79
O3 GOL N . -11.54 -27.31 28.16
H11 GOL N . -7.61 -26.54 28.63
H12 GOL N . -8.69 -25.14 28.59
HO1 GOL N . -8.50 -26.07 26.50
H2 GOL N . -10.19 -26.15 29.94
HO2 GOL N . -9.35 -27.97 31.12
H31 GOL N . -9.88 -28.50 28.05
H32 GOL N . -10.82 -28.65 29.53
HO3 GOL N . -11.95 -26.66 28.78
C1 GOL O . -6.40 -19.18 33.63
O1 GOL O . -5.27 -18.39 33.89
C2 GOL O . -7.66 -18.46 34.09
O2 GOL O . -8.78 -19.01 33.43
C3 GOL O . -7.56 -16.97 33.82
O3 GOL O . -6.51 -16.40 34.59
H11 GOL O . -6.47 -19.38 32.56
H12 GOL O . -6.30 -20.14 34.14
HO1 GOL O . -4.46 -18.87 33.64
H2 GOL O . -7.77 -18.61 35.17
HO2 GOL O . -9.59 -18.56 33.74
H31 GOL O . -7.37 -16.80 32.77
H32 GOL O . -8.49 -16.48 34.08
HO3 GOL O . -5.69 -16.36 34.04
S SO4 P . 7.40 -5.83 48.95
O1 SO4 P . 6.58 -5.63 47.76
O2 SO4 P . 8.54 -4.93 48.92
O3 SO4 P . 6.60 -5.58 50.15
O4 SO4 P . 7.87 -7.22 48.96
S SO4 Q . -14.23 -1.10 6.60
O1 SO4 Q . -15.13 -0.57 5.58
O2 SO4 Q . -13.11 -0.17 6.79
O3 SO4 Q . -14.97 -1.26 7.86
O4 SO4 Q . -13.73 -2.41 6.18
CA CA R . -27.08 8.02 20.83
CA CA S . -17.15 16.63 27.07
CA CA T . -13.96 17.17 39.57
CA CA U . -18.49 8.07 49.68
MN MN V . 2.62 -20.32 11.06
MN MN W . 4.99 -20.32 4.49
MN MN X . -0.19 -19.11 16.42
C1 GOL Y . 18.56 1.53 -29.08
O1 GOL Y . 19.33 2.58 -29.62
C2 GOL Y . 17.87 0.77 -30.20
O2 GOL Y . 18.46 1.07 -31.44
C3 GOL Y . 16.38 1.12 -30.22
O3 GOL Y . 15.76 0.62 -29.06
H11 GOL Y . 19.19 0.86 -28.50
H12 GOL Y . 17.81 1.95 -28.40
HO1 GOL Y . 19.73 3.11 -28.89
H2 GOL Y . 17.97 -0.30 -30.00
HO2 GOL Y . 18.01 0.57 -32.15
H31 GOL Y . 16.27 2.20 -30.27
H32 GOL Y . 15.92 0.68 -31.11
HO3 GOL Y . 15.40 -0.27 -29.25
C1 GOL Z . -9.61 25.75 -17.35
O1 GOL Z . -8.73 24.71 -17.02
C2 GOL Z . -9.70 25.89 -18.86
O2 GOL Z . -9.16 24.73 -19.46
C3 GOL Z . -8.94 27.12 -19.33
O3 GOL Z . -7.72 27.22 -18.63
H11 GOL Z . -10.60 25.55 -16.93
H12 GOL Z . -9.25 26.69 -16.91
HO1 GOL Z . -8.62 24.66 -16.05
H2 GOL Z . -10.75 26.00 -19.14
HO2 GOL Z . -9.22 24.82 -20.44
H31 GOL Z . -8.76 27.06 -20.40
H32 GOL Z . -9.54 28.02 -19.13
HO3 GOL Z . -7.20 27.98 -18.98
C1 GOL AA . 2.08 4.24 -59.85
O1 GOL AA . 1.07 4.23 -60.84
C2 GOL AA . 1.47 4.46 -58.48
O2 GOL AA . 2.04 3.58 -57.54
C3 GOL AA . -0.05 4.23 -58.55
O3 GOL AA . -0.59 4.41 -57.27
H11 GOL AA . 2.62 3.28 -59.86
H12 GOL AA . 2.80 5.03 -60.06
HO1 GOL AA . 1.49 4.15 -61.72
H2 GOL AA . 1.65 5.50 -58.18
HO2 GOL AA . 1.63 3.73 -56.66
H31 GOL AA . -0.49 4.94 -59.25
H32 GOL AA . -0.25 3.22 -58.90
HO3 GOL AA . -1.56 4.39 -57.33
C1 GOL BA . 12.11 3.39 -32.76
O1 GOL BA . 12.60 3.56 -34.06
C2 GOL BA . 13.15 2.68 -31.91
O2 GOL BA . 12.83 1.31 -31.80
C3 GOL BA . 13.24 3.30 -30.52
O3 GOL BA . 12.15 2.88 -29.74
H11 GOL BA . 11.89 4.36 -32.32
H12 GOL BA . 11.19 2.81 -32.77
HO1 GOL BA . 11.90 3.97 -34.63
H2 GOL BA . 14.12 2.78 -32.40
HO2 GOL BA . 13.51 0.85 -31.27
H31 GOL BA . 14.18 2.99 -30.04
H32 GOL BA . 13.25 4.39 -30.61
HO3 GOL BA . 11.36 2.80 -30.31
CA CA CA . 1.70 37.75 -30.73
CA CA DA . -10.21 34.19 -38.24
CA CA EA . -11.08 29.54 -50.39
CA CA FA . -0.07 25.15 -58.33
C1 NAG GA . 9.16 -4.72 -50.53
C2 NAG GA . 8.86 -5.34 -51.89
C3 NAG GA . 7.50 -6.04 -51.89
C4 NAG GA . 7.36 -6.99 -50.71
C5 NAG GA . 7.78 -6.31 -49.41
C6 NAG GA . 7.80 -7.30 -48.26
C7 NAG GA . 9.75 -4.46 -53.97
C8 NAG GA . 9.29 -3.96 -55.31
N2 NAG GA . 8.91 -4.35 -52.94
O3 NAG GA . 7.34 -6.76 -53.09
O4 NAG GA . 6.04 -7.45 -50.61
O5 NAG GA . 9.05 -5.72 -49.53
O6 NAG GA . 8.51 -6.73 -47.17
O7 NAG GA . 10.89 -4.95 -53.85
H2 NAG GA . 9.59 -6.11 -52.09
H3 NAG GA . 6.72 -5.28 -51.82
H4 NAG GA . 8.03 -7.84 -50.88
H5 NAG GA . 7.04 -5.54 -49.18
H61 NAG GA . 6.79 -7.53 -47.94
H62 NAG GA . 8.27 -8.23 -48.59
H81 NAG GA . 8.28 -3.57 -55.20
H82 NAG GA . 9.96 -3.17 -55.65
H83 NAG GA . 9.29 -4.78 -56.02
HN2 NAG GA . 8.29 -3.55 -52.89
HO3 NAG GA . 8.14 -6.65 -53.65
HO4 NAG GA . 5.50 -7.04 -51.31
HO6 NAG GA . 8.82 -5.84 -47.41
MN MN HA . 2.94 -0.26 -12.91
MN MN IA . 0.84 -0.48 -6.22
MN MN JA . 4.66 1.43 -18.41
C1 GOL KA . -44.36 -43.64 2.84
O1 GOL KA . -45.56 -43.02 2.45
C2 GOL KA . -44.21 -43.59 4.37
O2 GOL KA . -43.58 -44.77 4.83
C3 GOL KA . -45.58 -43.46 5.03
O3 GOL KA . -45.92 -42.10 5.13
H11 GOL KA . -44.36 -44.67 2.50
H12 GOL KA . -43.52 -43.12 2.38
HO1 GOL KA . -45.61 -42.99 1.48
H2 GOL KA . -43.62 -42.72 4.63
HO2 GOL KA . -43.46 -44.72 5.80
H31 GOL KA . -46.33 -44.00 4.45
H32 GOL KA . -45.55 -43.91 6.03
HO3 GOL KA . -45.83 -41.81 6.06
C1 GOL LA . -52.05 -23.52 24.00
O1 GOL LA . -52.56 -22.20 23.86
C2 GOL LA . -53.19 -24.49 24.21
O2 GOL LA . -54.01 -24.53 23.06
C3 GOL LA . -54.04 -24.08 25.41
O3 GOL LA . -54.32 -25.21 26.20
H11 GOL LA . -51.49 -23.78 23.11
H12 GOL LA . -51.37 -23.55 24.86
HO1 GOL LA . -51.82 -21.57 23.80
H2 GOL LA . -52.77 -25.49 24.40
HO2 GOL LA . -54.74 -25.18 23.20
H31 GOL LA . -53.50 -23.34 26.01
H32 GOL LA . -54.96 -23.63 25.07
HO3 GOL LA . -55.20 -25.56 25.97
C1 GOL MA . -44.86 -18.10 29.47
O1 GOL MA . -46.23 -18.12 29.19
C2 GOL MA . -44.45 -19.43 30.11
O2 GOL MA . -43.18 -19.82 29.61
C3 GOL MA . -45.48 -20.49 29.78
O3 GOL MA . -46.73 -20.16 30.35
H11 GOL MA . -44.29 -17.95 28.55
H12 GOL MA . -44.64 -17.28 30.16
HO1 GOL MA . -46.51 -17.24 28.84
H2 GOL MA . -44.41 -19.30 31.18
HO2 GOL MA . -42.92 -20.68 30.03
H31 GOL MA . -45.59 -20.60 28.70
H32 GOL MA . -45.16 -21.46 30.18
HO3 GOL MA . -47.32 -20.93 30.32
C1 GOL NA . 10.65 5.67 -11.43
O1 GOL NA . 11.45 4.76 -10.70
C2 GOL NA . 10.02 6.68 -10.48
O2 GOL NA . 8.81 6.17 -9.95
C3 GOL NA . 9.75 7.98 -11.22
O3 GOL NA . 9.18 8.94 -10.35
H11 GOL NA . 11.26 6.18 -12.16
H12 GOL NA . 9.87 5.12 -11.95
HO1 GOL NA . 11.81 4.07 -11.31
H2 GOL NA . 10.71 6.87 -9.66
HO2 GOL NA . 8.41 6.83 -9.35
H31 GOL NA . 10.69 8.37 -11.62
H32 GOL NA . 9.09 7.80 -12.05
HO3 GOL NA . 9.33 9.84 -10.70
#